data_9G72
#
_entry.id   9G72
#
_cell.length_a   94.922
_cell.length_b   123.522
_cell.length_c   127.029
_cell.angle_alpha   90.00
_cell.angle_beta   91.47
_cell.angle_gamma   90.00
#
_symmetry.space_group_name_H-M   'P 1 21 1'
#
loop_
_entity.id
_entity.type
_entity.pdbx_description
1 polymer 'ATP-dependent Clp protease proteolytic subunit'
2 non-polymer 'ACETATE ION'
3 non-polymer 3-fluoranyl-7-oxidanyl-8-oxa-7$l^{4}-borabicyclo[4.3.0]nona-1(9),2,4,6-tetraene
4 water water
#
_entity_poly.entity_id   1
_entity_poly.type   'polypeptide(L)'
_entity_poly.pdbx_seq_one_letter_code
;MNLIPTVIETTNRGERAYDIYSRLLKDRIIMLGSQIDDNVANSIVSQLLFLQAQDSEKDIYLYINSPGGSVTAGFAIYDT
IQHIKPDVQTICIGMAASMGSFLLAAGAKGKRFALPNAEVMIHQPLGGAQGQATEIEIAANHILKTREKLNRILSERTGQ
SIEKIQQDTDRDNFLTAAEAKEYGLIDEVMEPEHHHHHH
;
_entity_poly.pdbx_strand_id   A,B,C,D,E,F,G,H,I,J,K,L,M,N
#
loop_
_chem_comp.id
_chem_comp.type
_chem_comp.name
_chem_comp.formula
A1II0 non-polymer 3-fluoranyl-7-oxidanyl-8-oxa-7$l^{4}-borabicyclo[4.3.0]nona-1(9),2,4,6-tetraene 'C7 H5 B F O2'
ACT non-polymer 'ACETATE ION' 'C2 H3 O2 -1'
#
# COMPACT_ATOMS: atom_id res chain seq x y z
N ILE A 4 -0.89 6.18 33.48
CA ILE A 4 0.52 6.42 33.24
C ILE A 4 1.34 6.70 34.55
N PRO A 5 0.95 7.66 35.41
CA PRO A 5 1.86 8.05 36.50
C PRO A 5 1.95 6.99 37.60
N THR A 6 3.04 7.06 38.35
CA THR A 6 3.33 6.16 39.45
C THR A 6 3.14 6.90 40.78
N VAL A 7 2.83 6.12 41.82
CA VAL A 7 2.53 6.65 43.14
C VAL A 7 3.40 5.97 44.20
N TYR A 18 2.95 1.84 42.68
CA TYR A 18 1.76 1.55 41.92
C TYR A 18 1.66 2.50 40.72
N ASP A 19 1.14 2.01 39.59
CA ASP A 19 0.55 2.97 38.65
C ASP A 19 -0.74 3.54 39.26
N ILE A 20 -1.27 4.63 38.66
CA ILE A 20 -2.41 5.31 39.29
C ILE A 20 -3.61 4.37 39.40
N TYR A 21 -3.81 3.48 38.41
CA TYR A 21 -5.00 2.61 38.46
C TYR A 21 -4.86 1.55 39.55
N SER A 22 -3.64 1.02 39.71
CA SER A 22 -3.40 0.06 40.78
C SER A 22 -3.62 0.71 42.14
N ARG A 23 -3.23 1.98 42.26
CA ARG A 23 -3.44 2.70 43.52
C ARG A 23 -4.94 2.84 43.81
N LEU A 24 -5.75 3.18 42.80
CA LEU A 24 -7.19 3.27 43.01
C LEU A 24 -7.79 1.90 43.33
N LEU A 25 -7.28 0.84 42.70
CA LEU A 25 -7.83 -0.49 42.97
C LEU A 25 -7.65 -0.89 44.43
N LYS A 26 -6.57 -0.42 45.07
CA LYS A 26 -6.40 -0.63 46.51
C LYS A 26 -7.56 -0.06 47.32
N ASP A 27 -8.23 0.99 46.83
CA ASP A 27 -9.42 1.55 47.45
C ASP A 27 -10.72 1.03 46.83
N ARG A 28 -10.65 -0.09 46.13
CA ARG A 28 -11.80 -0.80 45.56
C ARG A 28 -12.46 -0.01 44.43
N ILE A 29 -11.66 0.76 43.69
CA ILE A 29 -12.15 1.53 42.55
C ILE A 29 -11.61 0.87 41.28
N ILE A 30 -12.51 0.58 40.35
CA ILE A 30 -12.15 0.01 39.04
C ILE A 30 -12.51 1.05 37.98
N MET A 31 -11.59 1.31 37.05
CA MET A 31 -11.80 2.37 36.07
C MET A 31 -12.04 1.70 34.72
N LEU A 32 -13.25 1.79 34.19
CA LEU A 32 -13.54 1.29 32.84
C LEU A 32 -13.56 2.51 31.92
N GLY A 33 -12.49 2.70 31.16
CA GLY A 33 -12.32 3.92 30.41
C GLY A 33 -11.98 3.66 28.94
N SER A 34 -12.53 2.60 28.35
CA SER A 34 -12.19 2.27 26.97
C SER A 34 -13.32 1.49 26.36
N GLN A 35 -13.16 1.13 25.08
CA GLN A 35 -14.00 0.13 24.45
C GLN A 35 -13.91 -1.19 25.22
N ILE A 36 -15.00 -1.94 25.23
CA ILE A 36 -15.08 -3.20 25.96
C ILE A 36 -14.75 -4.32 24.99
N ASP A 37 -13.56 -4.90 25.08
CA ASP A 37 -13.23 -6.08 24.31
C ASP A 37 -12.89 -7.20 25.29
N ASP A 38 -12.47 -8.34 24.77
CA ASP A 38 -12.22 -9.49 25.64
C ASP A 38 -11.09 -9.22 26.63
N ASN A 39 -10.06 -8.48 26.21
CA ASN A 39 -8.95 -8.18 27.14
C ASN A 39 -9.41 -7.28 28.27
N VAL A 40 -10.19 -6.25 27.94
CA VAL A 40 -10.71 -5.36 28.97
C VAL A 40 -11.63 -6.12 29.93
N ALA A 41 -12.53 -6.95 29.38
CA ALA A 41 -13.43 -7.72 30.25
C ALA A 41 -12.64 -8.67 31.12
N ASN A 42 -11.59 -9.27 30.59
CA ASN A 42 -10.81 -10.20 31.39
C ASN A 42 -10.21 -9.47 32.56
N SER A 43 -9.70 -8.30 32.33
CA SER A 43 -9.08 -7.52 33.39
C SER A 43 -10.11 -7.05 34.42
N ILE A 44 -11.27 -6.57 33.96
CA ILE A 44 -12.30 -6.08 34.89
C ILE A 44 -12.84 -7.23 35.72
N VAL A 45 -13.12 -8.37 35.09
CA VAL A 45 -13.60 -9.53 35.84
C VAL A 45 -12.57 -9.95 36.90
N SER A 46 -11.30 -9.99 36.51
CA SER A 46 -10.26 -10.38 37.45
C SER A 46 -10.18 -9.40 38.63
N GLN A 47 -10.34 -8.10 38.36
CA GLN A 47 -10.34 -7.12 39.44
C GLN A 47 -11.55 -7.31 40.36
N LEU A 48 -12.72 -7.59 39.79
CA LEU A 48 -13.91 -7.83 40.62
C LEU A 48 -13.73 -9.07 41.50
N LEU A 49 -13.19 -10.16 40.95
CA LEU A 49 -12.99 -11.36 41.75
C LEU A 49 -11.95 -11.12 42.84
N PHE A 50 -10.89 -10.41 42.49
CA PHE A 50 -9.87 -10.07 43.48
C PHE A 50 -10.46 -9.24 44.61
N LEU A 51 -11.26 -8.23 44.28
CA LEU A 51 -11.82 -7.37 45.33
C LEU A 51 -12.78 -8.16 46.24
N GLN A 52 -13.60 -9.04 45.63
CA GLN A 52 -14.47 -9.87 46.46
C GLN A 52 -13.67 -10.77 47.40
N ALA A 53 -12.57 -11.34 46.92
CA ALA A 53 -11.73 -12.19 47.75
C ALA A 53 -11.06 -11.40 48.87
N GLN A 54 -10.72 -10.12 48.63
CA GLN A 54 -10.16 -9.29 49.70
C GLN A 54 -11.19 -8.96 50.76
N ASP A 55 -12.43 -8.67 50.35
CA ASP A 55 -13.47 -8.32 51.33
C ASP A 55 -14.81 -8.52 50.65
N SER A 56 -15.59 -9.46 51.15
CA SER A 56 -16.82 -9.79 50.45
C SER A 56 -17.97 -8.89 50.82
N GLU A 57 -17.79 -7.95 51.75
CA GLU A 57 -18.87 -7.08 52.18
C GLU A 57 -18.77 -5.64 51.72
N LYS A 58 -17.56 -5.11 51.53
CA LYS A 58 -17.40 -3.69 51.22
C LYS A 58 -17.76 -3.44 49.76
N ASP A 59 -18.39 -2.30 49.47
CA ASP A 59 -18.75 -2.32 48.07
C ASP A 59 -17.59 -1.83 47.20
N ILE A 60 -17.81 -1.93 45.91
CA ILE A 60 -16.84 -1.69 44.85
C ILE A 60 -17.39 -0.54 44.03
N TYR A 61 -16.49 0.28 43.48
CA TYR A 61 -16.88 1.44 42.68
C TYR A 61 -16.37 1.23 41.26
N LEU A 62 -17.28 1.20 40.29
CA LEU A 62 -16.92 1.00 38.88
C LEU A 62 -17.22 2.28 38.12
N TYR A 63 -16.18 3.01 37.75
CA TYR A 63 -16.34 4.19 36.90
C TYR A 63 -16.42 3.76 35.45
N ILE A 64 -17.36 4.36 34.71
CA ILE A 64 -17.60 3.95 33.32
C ILE A 64 -17.53 5.17 32.42
N ASN A 65 -16.57 5.14 31.50
CA ASN A 65 -16.51 6.08 30.39
C ASN A 65 -16.21 5.18 29.18
N SER A 66 -17.22 4.76 28.45
CA SER A 66 -16.96 3.68 27.47
C SER A 66 -17.95 3.83 26.32
N PRO A 67 -17.50 3.72 25.08
CA PRO A 67 -18.42 3.70 23.93
C PRO A 67 -19.09 2.36 23.73
N GLY A 68 -18.79 1.36 24.54
CA GLY A 68 -19.37 0.04 24.33
C GLY A 68 -18.32 -0.92 23.80
N GLY A 69 -18.74 -1.95 23.10
CA GLY A 69 -17.80 -2.91 22.55
C GLY A 69 -18.47 -4.26 22.34
N SER A 70 -17.76 -5.34 22.67
CA SER A 70 -18.26 -6.68 22.40
C SER A 70 -19.41 -7.04 23.34
N VAL A 71 -20.50 -7.59 22.80
CA VAL A 71 -21.62 -7.92 23.67
C VAL A 71 -21.24 -9.06 24.63
N THR A 72 -20.47 -10.05 24.16
CA THR A 72 -20.15 -11.16 25.06
C THR A 72 -19.13 -10.72 26.10
N ALA A 73 -18.18 -9.84 25.73
CA ALA A 73 -17.28 -9.29 26.73
C ALA A 73 -18.07 -8.49 27.77
N GLY A 74 -19.05 -7.70 27.30
CA GLY A 74 -19.90 -6.97 28.24
C GLY A 74 -20.67 -7.89 29.17
N PHE A 75 -21.18 -9.01 28.65
CA PHE A 75 -21.90 -9.93 29.53
C PHE A 75 -20.99 -10.65 30.50
N ALA A 76 -19.71 -10.87 30.14
CA ALA A 76 -18.79 -11.41 31.13
C ALA A 76 -18.70 -10.49 32.34
N ILE A 77 -18.61 -9.19 32.10
CA ILE A 77 -18.57 -8.23 33.21
C ILE A 77 -19.91 -8.19 33.93
N TYR A 78 -21.01 -8.11 33.16
CA TYR A 78 -22.34 -8.04 33.75
C TYR A 78 -22.59 -9.21 34.72
N ASP A 79 -22.35 -10.45 34.25
CA ASP A 79 -22.63 -11.62 35.09
C ASP A 79 -21.71 -11.67 36.30
N THR A 80 -20.47 -11.20 36.16
CA THR A 80 -19.57 -11.20 37.32
C THR A 80 -20.07 -10.22 38.37
N ILE A 81 -20.51 -9.03 37.95
CA ILE A 81 -21.11 -8.07 38.87
C ILE A 81 -22.28 -8.72 39.62
N GLN A 82 -23.17 -9.38 38.88
CA GLN A 82 -24.33 -9.96 39.57
C GLN A 82 -23.94 -11.14 40.44
N HIS A 83 -22.84 -11.80 40.12
CA HIS A 83 -22.48 -13.01 40.84
C HIS A 83 -21.85 -12.72 42.20
N ILE A 84 -20.99 -11.72 42.29
CA ILE A 84 -20.18 -11.54 43.48
C ILE A 84 -21.04 -10.97 44.61
N LYS A 85 -20.56 -11.14 45.85
CA LYS A 85 -21.31 -10.68 47.02
C LYS A 85 -21.32 -9.16 47.21
N PRO A 86 -20.19 -8.45 47.08
CA PRO A 86 -20.24 -6.98 47.27
C PRO A 86 -21.18 -6.29 46.28
N ASP A 87 -21.80 -5.20 46.74
CA ASP A 87 -22.45 -4.27 45.83
C ASP A 87 -21.42 -3.62 44.92
N VAL A 88 -21.78 -3.41 43.65
CA VAL A 88 -20.93 -2.67 42.73
C VAL A 88 -21.67 -1.38 42.39
N GLN A 89 -21.14 -0.25 42.85
CA GLN A 89 -21.71 1.03 42.45
C GLN A 89 -21.19 1.34 41.05
N THR A 90 -22.02 1.96 40.22
CA THR A 90 -21.56 2.35 38.90
C THR A 90 -21.68 3.86 38.76
N ILE A 91 -20.67 4.49 38.17
CA ILE A 91 -20.62 5.95 38.07
C ILE A 91 -20.23 6.28 36.64
N CYS A 92 -21.15 6.88 35.90
CA CYS A 92 -20.86 7.27 34.52
C CYS A 92 -20.23 8.65 34.49
N ILE A 93 -19.05 8.77 33.88
CA ILE A 93 -18.43 10.04 33.57
C ILE A 93 -18.17 10.08 32.06
N GLY A 94 -18.45 11.21 31.42
CA GLY A 94 -18.19 11.30 29.99
C GLY A 94 -19.31 10.68 29.19
N MET A 95 -19.23 9.37 28.94
CA MET A 95 -20.22 8.71 28.09
C MET A 95 -20.32 7.25 28.50
N ALA A 96 -21.54 6.71 28.53
CA ALA A 96 -21.73 5.26 28.63
C ALA A 96 -22.66 4.93 27.48
N ALA A 97 -22.15 4.27 26.45
CA ALA A 97 -22.93 4.00 25.24
C ALA A 97 -22.98 2.51 25.02
N SER A 98 -24.11 2.01 24.51
CA SER A 98 -24.18 0.60 24.06
C SER A 98 -23.90 -0.30 25.25
N MET A 99 -22.98 -1.27 25.17
CA MET A 99 -22.74 -2.12 26.35
C MET A 99 -22.22 -1.31 27.54
N GLY A 100 -21.66 -0.13 27.31
CA GLY A 100 -21.33 0.74 28.44
C GLY A 100 -22.54 1.18 29.23
N SER A 101 -23.63 1.58 28.53
CA SER A 101 -24.84 1.97 29.27
C SER A 101 -25.51 0.74 29.87
N PHE A 102 -25.36 -0.42 29.24
CA PHE A 102 -25.88 -1.64 29.84
C PHE A 102 -25.18 -1.93 31.17
N LEU A 103 -23.85 -1.77 31.22
CA LEU A 103 -23.15 -2.01 32.49
C LEU A 103 -23.47 -0.92 33.52
N LEU A 104 -23.65 0.32 33.07
CA LEU A 104 -24.08 1.37 33.99
C LEU A 104 -25.39 0.98 34.70
N ALA A 105 -26.37 0.52 33.93
CA ALA A 105 -27.66 0.11 34.49
C ALA A 105 -27.56 -1.15 35.34
N ALA A 106 -26.45 -1.87 35.26
CA ALA A 106 -26.26 -3.12 35.98
C ALA A 106 -25.75 -2.94 37.41
N GLY A 107 -25.39 -1.72 37.81
CA GLY A 107 -24.88 -1.50 39.16
C GLY A 107 -25.94 -1.81 40.22
N ALA A 108 -25.49 -1.90 41.47
CA ALA A 108 -26.41 -2.18 42.57
C ALA A 108 -27.54 -1.15 42.61
N LYS A 109 -28.76 -1.63 42.76
CA LYS A 109 -29.92 -0.75 42.74
C LYS A 109 -29.81 0.28 43.87
N GLY A 110 -30.05 1.56 43.54
CA GLY A 110 -29.77 2.67 44.43
C GLY A 110 -28.35 3.20 44.35
N LYS A 111 -27.43 2.50 43.70
CA LYS A 111 -26.04 2.95 43.65
C LYS A 111 -25.54 3.10 42.21
N ARG A 112 -26.41 3.51 41.30
CA ARG A 112 -26.06 3.81 39.91
C ARG A 112 -26.14 5.31 39.72
N PHE A 113 -25.04 5.91 39.27
CA PHE A 113 -24.91 7.36 39.21
C PHE A 113 -24.38 7.81 37.86
N ALA A 114 -24.67 9.06 37.53
CA ALA A 114 -23.96 9.75 36.45
C ALA A 114 -23.65 11.16 36.90
N LEU A 115 -22.51 11.68 36.45
CA LEU A 115 -22.20 13.08 36.67
C LEU A 115 -23.07 13.93 35.74
N PRO A 116 -23.26 15.21 36.07
CA PRO A 116 -24.36 15.99 35.44
C PRO A 116 -24.23 16.16 33.93
N ASN A 117 -23.01 16.21 33.40
CA ASN A 117 -22.84 16.40 31.96
C ASN A 117 -22.47 15.11 31.25
N ALA A 118 -22.51 13.98 31.95
CA ALA A 118 -22.25 12.70 31.31
C ALA A 118 -23.38 12.36 30.35
N GLU A 119 -23.06 11.61 29.31
CA GLU A 119 -24.06 11.19 28.34
C GLU A 119 -24.26 9.70 28.41
N VAL A 120 -25.50 9.27 28.16
CA VAL A 120 -25.85 7.86 28.14
C VAL A 120 -26.52 7.60 26.80
N MET A 121 -26.06 6.56 26.09
CA MET A 121 -26.66 6.23 24.80
C MET A 121 -27.08 4.76 24.78
N ILE A 122 -28.30 4.50 24.33
CA ILE A 122 -28.80 3.14 24.22
C ILE A 122 -29.15 2.87 22.76
N HIS A 123 -29.00 1.62 22.33
CA HIS A 123 -29.23 1.32 20.91
C HIS A 123 -29.44 -0.19 20.78
N GLN A 124 -29.66 -0.65 19.57
CA GLN A 124 -29.77 -2.08 19.40
C GLN A 124 -28.43 -2.67 18.99
N PRO A 125 -28.26 -4.00 19.11
CA PRO A 125 -26.99 -4.61 18.73
C PRO A 125 -26.65 -4.38 17.26
N LEU A 126 -25.34 -4.39 16.97
CA LEU A 126 -24.76 -4.29 15.64
C LEU A 126 -23.96 -5.55 15.37
N GLY A 127 -23.91 -5.96 14.12
CA GLY A 127 -23.12 -7.14 13.82
C GLY A 127 -23.02 -7.31 12.32
N GLY A 128 -22.65 -8.51 11.92
CA GLY A 128 -22.48 -8.74 10.49
C GLY A 128 -22.57 -10.21 10.24
N ALA A 129 -22.81 -10.56 8.98
CA ALA A 129 -22.86 -11.96 8.60
C ALA A 129 -22.59 -12.06 7.11
N GLN A 130 -21.83 -13.08 6.69
CA GLN A 130 -21.56 -13.32 5.29
C GLN A 130 -21.59 -14.83 5.06
N GLY A 131 -22.03 -15.25 3.88
CA GLY A 131 -21.96 -16.66 3.58
C GLY A 131 -23.25 -17.16 2.94
N GLN A 132 -23.53 -18.44 3.12
CA GLN A 132 -24.75 -19.00 2.52
C GLN A 132 -25.99 -18.45 3.22
N ALA A 133 -27.11 -18.53 2.52
CA ALA A 133 -28.40 -18.12 3.11
C ALA A 133 -28.61 -18.76 4.49
N THR A 134 -28.33 -20.06 4.60
CA THR A 134 -28.48 -20.77 5.89
C THR A 134 -27.63 -20.13 6.99
N GLU A 135 -26.41 -19.74 6.66
CA GLU A 135 -25.51 -19.12 7.65
C GLU A 135 -25.97 -17.72 8.01
N ILE A 136 -26.47 -16.97 7.04
CA ILE A 136 -27.00 -15.64 7.34
C ILE A 136 -28.20 -15.74 8.27
N GLU A 137 -29.06 -16.75 8.03
CA GLU A 137 -30.21 -16.98 8.90
C GLU A 137 -29.78 -17.30 10.33
N ILE A 138 -28.77 -18.16 10.48
CA ILE A 138 -28.25 -18.48 11.82
C ILE A 138 -27.74 -17.22 12.51
N ALA A 139 -26.99 -16.39 11.77
CA ALA A 139 -26.46 -15.16 12.38
C ALA A 139 -27.58 -14.19 12.73
N ALA A 140 -28.59 -14.07 11.88
CA ALA A 140 -29.71 -13.18 12.17
C ALA A 140 -30.47 -13.64 13.40
N ASN A 141 -30.77 -14.94 13.49
CA ASN A 141 -31.46 -15.47 14.66
C ASN A 141 -30.65 -15.22 15.92
N HIS A 142 -29.33 -15.39 15.84
CA HIS A 142 -28.49 -15.17 17.01
C HIS A 142 -28.52 -13.72 17.47
N ILE A 143 -28.38 -12.77 16.53
CA ILE A 143 -28.34 -11.38 16.99
C ILE A 143 -29.72 -10.93 17.45
N LEU A 144 -30.80 -11.50 16.87
CA LEU A 144 -32.13 -11.16 17.37
C LEU A 144 -32.35 -11.70 18.78
N LYS A 145 -31.90 -12.93 19.05
CA LYS A 145 -31.97 -13.46 20.42
C LYS A 145 -31.13 -12.64 21.39
N THR A 146 -29.95 -12.20 20.95
CA THR A 146 -29.13 -11.31 21.78
C THR A 146 -29.87 -10.02 22.11
N ARG A 147 -30.53 -9.41 21.12
CA ARG A 147 -31.29 -8.20 21.43
C ARG A 147 -32.40 -8.48 22.44
N GLU A 148 -33.11 -9.60 22.29
CA GLU A 148 -34.19 -9.89 23.26
C GLU A 148 -33.63 -10.08 24.67
N LYS A 149 -32.47 -10.75 24.78
CA LYS A 149 -31.82 -10.92 26.08
C LYS A 149 -31.46 -9.57 26.70
N LEU A 150 -30.83 -8.68 25.91
CA LEU A 150 -30.50 -7.34 26.42
C LEU A 150 -31.75 -6.58 26.84
N ASN A 151 -32.81 -6.63 26.03
CA ASN A 151 -33.99 -5.83 26.33
C ASN A 151 -34.68 -6.31 27.59
N ARG A 152 -34.72 -7.62 27.76
CA ARG A 152 -35.33 -8.20 28.94
C ARG A 152 -34.60 -7.76 30.21
N ILE A 153 -33.27 -7.81 30.20
CA ILE A 153 -32.52 -7.35 31.36
C ILE A 153 -32.68 -5.85 31.57
N LEU A 154 -32.61 -5.05 30.49
CA LEU A 154 -32.81 -3.61 30.67
C LEU A 154 -34.18 -3.31 31.24
N SER A 155 -35.19 -4.08 30.81
CA SER A 155 -36.53 -3.91 31.37
C SER A 155 -36.54 -4.14 32.87
N GLU A 156 -35.91 -5.24 33.31
CA GLU A 156 -35.82 -5.53 34.74
C GLU A 156 -35.04 -4.46 35.48
N ARG A 157 -33.96 -3.95 34.91
CA ARG A 157 -33.15 -3.01 35.68
C ARG A 157 -33.68 -1.58 35.65
N THR A 158 -34.49 -1.21 34.66
CA THR A 158 -35.00 0.15 34.57
C THR A 158 -36.45 0.26 35.02
N GLY A 159 -37.19 -0.84 35.05
CA GLY A 159 -38.63 -0.78 35.23
C GLY A 159 -39.43 -0.41 33.99
N GLN A 160 -38.80 -0.18 32.84
CA GLN A 160 -39.56 0.06 31.61
C GLN A 160 -40.01 -1.27 31.01
N SER A 161 -41.11 -1.23 30.24
CA SER A 161 -41.54 -2.46 29.59
C SER A 161 -40.58 -2.84 28.46
N ILE A 162 -40.58 -4.12 28.10
CA ILE A 162 -39.73 -4.57 26.99
C ILE A 162 -40.14 -3.87 25.70
N GLU A 163 -41.44 -3.62 25.51
CA GLU A 163 -41.89 -2.95 24.28
C GLU A 163 -41.36 -1.53 24.20
N LYS A 164 -41.32 -0.83 25.33
CA LYS A 164 -40.78 0.52 25.31
C LYS A 164 -39.27 0.52 25.04
N ILE A 165 -38.54 -0.41 25.66
CA ILE A 165 -37.10 -0.49 25.41
C ILE A 165 -36.84 -0.80 23.93
N GLN A 166 -37.61 -1.73 23.35
CA GLN A 166 -37.48 -2.03 21.92
C GLN A 166 -37.70 -0.79 21.08
N GLN A 167 -38.77 -0.04 21.35
CA GLN A 167 -39.02 1.18 20.58
C GLN A 167 -37.90 2.19 20.77
N ASP A 168 -37.43 2.34 22.01
CA ASP A 168 -36.45 3.39 22.31
C ASP A 168 -35.03 3.05 21.88
N THR A 169 -34.77 1.80 21.48
CA THR A 169 -33.44 1.43 21.01
C THR A 169 -33.41 1.15 19.52
N ASP A 170 -34.54 1.32 18.82
CA ASP A 170 -34.57 1.03 17.38
C ASP A 170 -33.52 1.85 16.63
N ARG A 171 -33.37 3.11 17.00
CA ARG A 171 -32.32 4.01 16.53
C ARG A 171 -31.50 4.44 17.74
N ASP A 172 -30.28 4.94 17.49
CA ASP A 172 -29.44 5.44 18.58
C ASP A 172 -30.20 6.50 19.37
N ASN A 173 -30.15 6.38 20.70
CA ASN A 173 -30.96 7.24 21.56
C ASN A 173 -30.01 7.84 22.60
N PHE A 174 -29.73 9.16 22.49
CA PHE A 174 -28.80 9.83 23.41
C PHE A 174 -29.59 10.46 24.55
N LEU A 175 -29.18 10.19 25.79
CA LEU A 175 -29.87 10.72 26.97
C LEU A 175 -28.91 11.57 27.77
N THR A 176 -29.42 12.67 28.33
CA THR A 176 -28.66 13.37 29.37
C THR A 176 -28.68 12.55 30.66
N ALA A 177 -27.83 12.95 31.61
CA ALA A 177 -27.86 12.27 32.91
C ALA A 177 -29.24 12.36 33.55
N ALA A 178 -29.86 13.55 33.51
CA ALA A 178 -31.20 13.69 34.08
C ALA A 178 -32.21 12.80 33.38
N GLU A 179 -32.14 12.69 32.04
CA GLU A 179 -33.04 11.79 31.33
C GLU A 179 -32.75 10.33 31.67
N ALA A 180 -31.47 9.98 31.83
CA ALA A 180 -31.15 8.61 32.19
C ALA A 180 -31.74 8.26 33.56
N LYS A 181 -31.75 9.22 34.48
CA LYS A 181 -32.37 8.97 35.79
C LYS A 181 -33.88 8.78 35.63
N GLU A 182 -34.53 9.67 34.86
CA GLU A 182 -35.96 9.52 34.64
C GLU A 182 -36.27 8.19 33.97
N TYR A 183 -35.37 7.71 33.12
CA TYR A 183 -35.59 6.46 32.40
C TYR A 183 -35.43 5.24 33.31
N GLY A 184 -34.68 5.37 34.41
CA GLY A 184 -34.38 4.24 35.26
C GLY A 184 -33.04 3.58 35.00
N LEU A 185 -32.20 4.14 34.10
CA LEU A 185 -30.86 3.58 33.88
C LEU A 185 -29.91 3.87 35.03
N ILE A 186 -30.11 5.00 35.72
CA ILE A 186 -29.34 5.33 36.91
C ILE A 186 -30.35 5.73 37.99
N ASP A 187 -29.87 5.79 39.22
CA ASP A 187 -30.68 6.20 40.36
C ASP A 187 -30.53 7.66 40.72
N GLU A 188 -29.37 8.28 40.48
CA GLU A 188 -29.16 9.65 40.92
C GLU A 188 -28.17 10.32 39.98
N VAL A 189 -28.38 11.60 39.72
CA VAL A 189 -27.34 12.46 39.14
C VAL A 189 -26.49 12.96 40.30
N MET A 190 -25.19 12.70 40.26
CA MET A 190 -24.31 13.09 41.35
C MET A 190 -23.99 14.57 41.26
N GLU A 191 -24.40 15.32 42.26
CA GLU A 191 -24.14 16.76 42.26
C GLU A 191 -22.89 17.08 43.07
N PRO A 192 -22.29 18.26 42.83
CA PRO A 192 -20.95 18.55 43.36
C PRO A 192 -20.81 18.53 44.89
N ILE B 4 -3.64 -5.54 33.38
CA ILE B 4 -2.92 -4.28 33.44
C ILE B 4 -2.51 -3.86 34.90
N PRO B 5 -3.44 -3.80 35.86
CA PRO B 5 -3.08 -3.18 37.16
C PRO B 5 -2.16 -4.07 38.00
N THR B 6 -1.45 -3.42 38.91
CA THR B 6 -0.53 -4.06 39.83
C THR B 6 -1.13 -4.12 41.24
N VAL B 7 -0.71 -5.12 42.00
CA VAL B 7 -1.28 -5.34 43.33
C VAL B 7 -0.18 -5.36 44.39
N ALA B 17 5.21 -7.22 44.31
CA ALA B 17 4.37 -6.69 43.21
C ALA B 17 3.98 -7.68 42.09
N TYR B 18 2.68 -7.88 41.92
CA TYR B 18 2.07 -8.74 40.91
C TYR B 18 1.23 -7.91 39.94
N ASP B 19 1.19 -8.28 38.66
CA ASP B 19 0.03 -7.86 37.88
C ASP B 19 -1.21 -8.64 38.36
N ILE B 20 -2.41 -8.19 37.94
CA ILE B 20 -3.64 -8.78 38.50
C ILE B 20 -3.70 -10.29 38.20
N TYR B 21 -3.22 -10.71 37.02
CA TYR B 21 -3.33 -12.14 36.67
C TYR B 21 -2.38 -12.97 37.50
N SER B 22 -1.18 -12.46 37.74
CA SER B 22 -0.23 -13.16 38.60
C SER B 22 -0.78 -13.29 40.01
N ARG B 23 -1.49 -12.26 40.47
CA ARG B 23 -2.10 -12.32 41.80
C ARG B 23 -3.16 -13.41 41.87
N LEU B 24 -4.00 -13.52 40.82
CA LEU B 24 -5.00 -14.59 40.81
C LEU B 24 -4.33 -15.96 40.71
N LEU B 25 -3.24 -16.07 39.96
CA LEU B 25 -2.57 -17.36 39.82
C LEU B 25 -2.07 -17.89 41.17
N LYS B 26 -1.69 -16.97 42.07
CA LYS B 26 -1.33 -17.37 43.44
C LYS B 26 -2.48 -18.10 44.13
N ASP B 27 -3.73 -17.81 43.78
CA ASP B 27 -4.90 -18.52 44.30
C ASP B 27 -5.40 -19.63 43.37
N ARG B 28 -4.53 -20.07 42.46
CA ARG B 28 -4.79 -21.20 41.56
C ARG B 28 -5.88 -20.89 40.54
N ILE B 29 -5.99 -19.63 40.13
CA ILE B 29 -6.94 -19.20 39.12
C ILE B 29 -6.17 -18.86 37.85
N ILE B 30 -6.58 -19.45 36.74
CA ILE B 30 -6.00 -19.17 35.42
C ILE B 30 -7.08 -18.50 34.57
N MET B 31 -6.73 -17.41 33.89
CA MET B 31 -7.74 -16.65 33.15
C MET B 31 -7.45 -16.86 31.67
N LEU B 32 -8.35 -17.56 30.98
CA LEU B 32 -8.23 -17.71 29.51
C LEU B 32 -9.22 -16.73 28.90
N GLY B 33 -8.70 -15.61 28.38
CA GLY B 33 -9.57 -14.53 27.97
C GLY B 33 -9.23 -14.04 26.55
N SER B 34 -8.82 -14.93 25.67
CA SER B 34 -8.44 -14.49 24.33
C SER B 34 -8.61 -15.67 23.37
N GLN B 35 -8.31 -15.40 22.09
CA GLN B 35 -8.15 -16.47 21.13
C GLN B 35 -7.04 -17.42 21.58
N ILE B 36 -7.19 -18.70 21.24
CA ILE B 36 -6.24 -19.73 21.65
C ILE B 36 -5.23 -19.92 20.52
N ASP B 37 -4.02 -19.42 20.70
CA ASP B 37 -2.95 -19.70 19.75
C ASP B 37 -1.83 -20.39 20.49
N ASP B 38 -0.72 -20.65 19.81
CA ASP B 38 0.36 -21.42 20.44
C ASP B 38 0.94 -20.68 21.64
N ASN B 39 1.04 -19.35 21.58
CA ASN B 39 1.58 -18.60 22.72
C ASN B 39 0.67 -18.69 23.94
N VAL B 40 -0.63 -18.55 23.72
CA VAL B 40 -1.58 -18.66 24.82
C VAL B 40 -1.55 -20.07 25.41
N ALA B 41 -1.55 -21.10 24.54
CA ALA B 41 -1.49 -22.47 25.05
C ALA B 41 -0.22 -22.72 25.82
N ASN B 42 0.91 -22.27 25.32
CA ASN B 42 2.17 -22.48 26.04
C ASN B 42 2.09 -21.86 27.46
N SER B 43 1.49 -20.65 27.56
CA SER B 43 1.37 -20.00 28.86
C SER B 43 0.41 -20.76 29.77
N ILE B 44 -0.76 -21.19 29.24
CA ILE B 44 -1.73 -21.90 30.06
C ILE B 44 -1.16 -23.24 30.52
N VAL B 45 -0.53 -23.97 29.61
CA VAL B 45 0.08 -25.25 29.99
C VAL B 45 1.12 -25.04 31.08
N SER B 46 1.97 -24.02 30.92
CA SER B 46 3.00 -23.75 31.92
C SER B 46 2.37 -23.41 33.28
N GLN B 47 1.27 -22.65 33.28
CA GLN B 47 0.59 -22.35 34.54
C GLN B 47 0.00 -23.60 35.18
N LEU B 48 -0.59 -24.49 34.36
CA LEU B 48 -1.13 -25.74 34.89
C LEU B 48 -0.02 -26.60 35.50
N LEU B 49 1.11 -26.73 34.82
CA LEU B 49 2.21 -27.54 35.36
C LEU B 49 2.76 -26.93 36.63
N PHE B 50 2.90 -25.61 36.64
CA PHE B 50 3.36 -24.92 37.84
C PHE B 50 2.42 -25.16 39.01
N LEU B 51 1.11 -25.03 38.79
CA LEU B 51 0.16 -25.21 39.90
C LEU B 51 0.18 -26.65 40.41
N GLN B 52 0.27 -27.63 39.51
CA GLN B 52 0.39 -29.02 39.95
C GLN B 52 1.64 -29.22 40.80
N ALA B 53 2.76 -28.63 40.39
CA ALA B 53 4.00 -28.77 41.16
C ALA B 53 3.90 -28.09 42.52
N GLN B 54 3.15 -27.00 42.63
CA GLN B 54 2.95 -26.36 43.94
C GLN B 54 2.08 -27.21 44.85
N ASP B 55 1.03 -27.83 44.31
CA ASP B 55 0.15 -28.64 45.15
C ASP B 55 -0.62 -29.57 44.23
N SER B 56 -0.39 -30.87 44.36
CA SER B 56 -0.98 -31.78 43.39
C SER B 56 -2.40 -32.19 43.76
N GLU B 57 -2.93 -31.72 44.89
CA GLU B 57 -4.27 -32.11 45.31
C GLU B 57 -5.31 -31.01 45.20
N LYS B 58 -4.94 -29.75 45.35
CA LYS B 58 -5.92 -28.67 45.39
C LYS B 58 -6.43 -28.38 43.99
N ASP B 59 -7.72 -28.06 43.85
CA ASP B 59 -8.02 -27.95 42.44
C ASP B 59 -7.68 -26.56 41.92
N ILE B 60 -7.83 -26.44 40.62
CA ILE B 60 -7.44 -25.28 39.82
C ILE B 60 -8.72 -24.74 39.19
N TYR B 61 -8.77 -23.42 38.99
CA TYR B 61 -9.96 -22.78 38.42
C TYR B 61 -9.55 -22.14 37.10
N LEU B 62 -10.18 -22.57 36.00
CA LEU B 62 -9.86 -22.05 34.67
C LEU B 62 -11.08 -21.27 34.17
N TYR B 63 -10.97 -19.94 34.15
CA TYR B 63 -12.01 -19.11 33.58
C TYR B 63 -11.83 -19.04 32.07
N ILE B 64 -12.94 -19.15 31.34
CA ILE B 64 -12.86 -19.21 29.87
C ILE B 64 -13.77 -18.15 29.28
N ASN B 65 -13.19 -17.21 28.56
CA ASN B 65 -13.92 -16.28 27.71
C ASN B 65 -13.12 -16.28 26.40
N SER B 66 -13.51 -17.10 25.43
CA SER B 66 -12.58 -17.30 24.30
C SER B 66 -13.40 -17.63 23.06
N PRO B 67 -13.09 -17.01 21.91
CA PRO B 67 -13.76 -17.39 20.66
C PRO B 67 -13.19 -18.67 20.04
N GLY B 68 -12.19 -19.27 20.66
CA GLY B 68 -11.58 -20.45 20.07
C GLY B 68 -10.20 -20.13 19.53
N GLY B 69 -9.73 -20.89 18.55
CA GLY B 69 -8.42 -20.63 17.98
C GLY B 69 -7.85 -21.90 17.36
N SER B 70 -6.56 -22.12 17.56
CA SER B 70 -5.88 -23.25 16.92
C SER B 70 -6.31 -24.58 17.55
N VAL B 71 -6.63 -25.57 16.72
CA VAL B 71 -7.07 -26.85 17.28
C VAL B 71 -5.91 -27.54 18.02
N THR B 72 -4.69 -27.44 17.48
CA THR B 72 -3.58 -28.13 18.15
C THR B 72 -3.19 -27.40 19.43
N ALA B 73 -3.25 -26.06 19.43
CA ALA B 73 -3.02 -25.33 20.68
C ALA B 73 -4.09 -25.69 21.70
N GLY B 74 -5.35 -25.81 21.26
CA GLY B 74 -6.40 -26.24 22.17
C GLY B 74 -6.15 -27.63 22.74
N PHE B 75 -5.67 -28.56 21.90
CA PHE B 75 -5.39 -29.90 22.42
C PHE B 75 -4.20 -29.93 23.35
N ALA B 76 -3.23 -29.02 23.17
CA ALA B 76 -2.15 -28.95 24.16
C ALA B 76 -2.72 -28.65 25.54
N ILE B 77 -3.67 -27.72 25.62
CA ILE B 77 -4.30 -27.40 26.91
C ILE B 77 -5.16 -28.57 27.37
N TYR B 78 -5.99 -29.12 26.46
CA TYR B 78 -6.87 -30.22 26.82
C TYR B 78 -6.09 -31.38 27.44
N ASP B 79 -5.02 -31.84 26.76
CA ASP B 79 -4.28 -33.00 27.26
C ASP B 79 -3.57 -32.68 28.57
N THR B 80 -3.13 -31.44 28.75
CA THR B 80 -2.47 -31.09 30.02
C THR B 80 -3.47 -31.15 31.17
N ILE B 81 -4.69 -30.62 30.93
CA ILE B 81 -5.75 -30.73 31.93
C ILE B 81 -5.98 -32.18 32.30
N GLN B 82 -6.10 -33.06 31.30
CA GLN B 82 -6.38 -34.46 31.64
C GLN B 82 -5.18 -35.14 32.27
N HIS B 83 -3.98 -34.65 32.01
CA HIS B 83 -2.78 -35.32 32.50
C HIS B 83 -2.51 -35.05 33.97
N ILE B 84 -2.72 -33.82 34.42
CA ILE B 84 -2.25 -33.43 35.75
C ILE B 84 -3.18 -34.03 36.82
N LYS B 85 -2.67 -34.12 38.06
CA LYS B 85 -3.44 -34.71 39.15
C LYS B 85 -4.57 -33.84 39.66
N PRO B 86 -4.40 -32.52 39.90
CA PRO B 86 -5.52 -31.71 40.39
C PRO B 86 -6.70 -31.71 39.44
N ASP B 87 -7.91 -31.61 40.01
CA ASP B 87 -9.09 -31.28 39.22
C ASP B 87 -8.96 -29.86 38.67
N VAL B 88 -9.43 -29.66 37.44
CA VAL B 88 -9.49 -28.32 36.85
C VAL B 88 -10.96 -27.98 36.69
N GLN B 89 -11.45 -27.02 37.48
CA GLN B 89 -12.80 -26.55 37.28
C GLN B 89 -12.79 -25.57 36.10
N THR B 90 -13.84 -25.59 35.30
CA THR B 90 -13.92 -24.64 34.18
C THR B 90 -15.14 -23.77 34.38
N ILE B 91 -14.99 -22.47 34.11
CA ILE B 91 -16.07 -21.50 34.35
C ILE B 91 -16.15 -20.62 33.12
N CYS B 92 -17.24 -20.73 32.38
CA CYS B 92 -17.44 -19.90 31.19
C CYS B 92 -18.07 -18.57 31.58
N ILE B 93 -17.41 -17.46 31.22
CA ILE B 93 -17.99 -16.13 31.31
C ILE B 93 -17.95 -15.50 29.92
N GLY B 94 -19.01 -14.84 29.52
CA GLY B 94 -18.99 -14.20 28.20
C GLY B 94 -19.30 -15.20 27.10
N MET B 95 -18.28 -15.86 26.58
CA MET B 95 -18.48 -16.77 25.45
C MET B 95 -17.40 -17.86 25.50
N ALA B 96 -17.79 -19.10 25.20
CA ALA B 96 -16.82 -20.16 24.94
C ALA B 96 -17.23 -20.74 23.61
N ALA B 97 -16.47 -20.48 22.56
CA ALA B 97 -16.85 -20.89 21.21
C ALA B 97 -15.76 -21.79 20.66
N SER B 98 -16.15 -22.79 19.86
CA SER B 98 -15.16 -23.59 19.11
C SER B 98 -14.23 -24.27 20.11
N MET B 99 -12.89 -24.16 19.96
CA MET B 99 -12.02 -24.82 20.94
C MET B 99 -12.24 -24.28 22.36
N GLY B 100 -12.77 -23.08 22.50
CA GLY B 100 -13.15 -22.59 23.83
C GLY B 100 -14.24 -23.44 24.48
N SER B 101 -15.27 -23.80 23.71
CA SER B 101 -16.31 -24.66 24.30
C SER B 101 -15.79 -26.08 24.49
N PHE B 102 -14.85 -26.51 23.65
CA PHE B 102 -14.24 -27.81 23.87
C PHE B 102 -13.49 -27.84 25.20
N LEU B 103 -12.74 -26.78 25.51
CA LEU B 103 -12.02 -26.74 26.80
C LEU B 103 -12.99 -26.59 27.97
N LEU B 104 -14.08 -25.85 27.79
CA LEU B 104 -15.10 -25.77 28.84
C LEU B 104 -15.61 -27.16 29.20
N ALA B 105 -15.95 -27.96 28.19
CA ALA B 105 -16.45 -29.32 28.41
C ALA B 105 -15.39 -30.26 28.97
N ALA B 106 -14.12 -29.85 28.93
CA ALA B 106 -13.01 -30.69 29.37
C ALA B 106 -12.73 -30.58 30.88
N GLY B 107 -13.40 -29.68 31.59
CA GLY B 107 -13.16 -29.53 33.02
C GLY B 107 -13.55 -30.79 33.78
N ALA B 108 -13.11 -30.86 35.04
CA ALA B 108 -13.44 -32.01 35.89
C ALA B 108 -14.96 -32.23 35.96
N LYS B 109 -15.37 -33.47 35.78
CA LYS B 109 -16.80 -33.77 35.76
C LYS B 109 -17.45 -33.37 37.09
N GLY B 110 -18.59 -32.66 37.01
CA GLY B 110 -19.19 -32.01 38.17
C GLY B 110 -18.68 -30.62 38.45
N LYS B 111 -17.58 -30.19 37.83
CA LYS B 111 -17.02 -28.88 38.12
C LYS B 111 -16.89 -28.02 36.85
N ARG B 112 -17.82 -28.17 35.92
CA ARG B 112 -17.89 -27.34 34.72
C ARG B 112 -19.09 -26.42 34.84
N PHE B 113 -18.85 -25.11 34.74
CA PHE B 113 -19.87 -24.11 35.03
C PHE B 113 -19.94 -23.08 33.92
N ALA B 114 -21.08 -22.42 33.83
CA ALA B 114 -21.21 -21.19 33.06
C ALA B 114 -22.05 -20.20 33.87
N LEU B 115 -21.72 -18.93 33.73
CA LEU B 115 -22.56 -17.89 34.31
C LEU B 115 -23.82 -17.75 33.46
N PRO B 116 -24.91 -17.20 34.03
CA PRO B 116 -26.24 -17.35 33.40
C PRO B 116 -26.37 -16.74 32.02
N ASN B 117 -25.66 -15.66 31.72
CA ASN B 117 -25.76 -15.02 30.42
C ASN B 117 -24.60 -15.35 29.51
N ALA B 118 -23.73 -16.27 29.93
CA ALA B 118 -22.61 -16.69 29.08
C ALA B 118 -23.16 -17.48 27.89
N GLU B 119 -22.44 -17.42 26.78
CA GLU B 119 -22.84 -18.14 25.57
C GLU B 119 -21.83 -19.25 25.28
N VAL B 120 -22.33 -20.34 24.73
CA VAL B 120 -21.50 -21.46 24.35
C VAL B 120 -21.81 -21.75 22.88
N MET B 121 -20.77 -21.87 22.05
CA MET B 121 -20.99 -22.16 20.64
C MET B 121 -20.16 -23.37 20.23
N ILE B 122 -20.78 -24.32 19.52
CA ILE B 122 -20.08 -25.48 19.03
C ILE B 122 -20.20 -25.51 17.51
N HIS B 123 -19.17 -26.04 16.84
CA HIS B 123 -19.17 -26.01 15.37
C HIS B 123 -18.18 -27.06 14.89
N GLN B 124 -18.05 -27.18 13.58
CA GLN B 124 -17.05 -28.10 13.08
C GLN B 124 -15.75 -27.35 12.79
N PRO B 125 -14.63 -28.07 12.63
CA PRO B 125 -13.35 -27.41 12.36
C PRO B 125 -13.39 -26.62 11.05
N LEU B 126 -12.55 -25.59 11.00
CA LEU B 126 -12.33 -24.73 9.84
C LEU B 126 -10.87 -24.84 9.45
N GLY B 127 -10.60 -24.72 8.16
CA GLY B 127 -9.21 -24.77 7.74
C GLY B 127 -9.10 -24.41 6.28
N GLY B 128 -7.98 -24.75 5.69
CA GLY B 128 -7.78 -24.37 4.31
C GLY B 128 -6.73 -25.28 3.73
N ALA B 129 -6.69 -25.32 2.40
CA ALA B 129 -5.70 -26.13 1.71
C ALA B 129 -5.53 -25.58 0.31
N GLN B 130 -4.30 -25.54 -0.18
CA GLN B 130 -4.01 -25.10 -1.54
C GLN B 130 -2.90 -25.99 -2.10
N GLY B 131 -2.94 -26.25 -3.40
CA GLY B 131 -1.84 -26.99 -3.99
C GLY B 131 -2.34 -28.06 -4.94
N GLN B 132 -1.56 -29.12 -5.10
CA GLN B 132 -1.95 -30.19 -6.00
C GLN B 132 -3.14 -30.96 -5.42
N ALA B 133 -3.86 -31.65 -6.31
CA ALA B 133 -4.96 -32.51 -5.87
C ALA B 133 -4.54 -33.43 -4.72
N THR B 134 -3.37 -34.06 -4.85
CA THR B 134 -2.86 -34.96 -3.81
C THR B 134 -2.73 -34.25 -2.46
N GLU B 135 -2.25 -33.01 -2.48
CA GLU B 135 -2.07 -32.24 -1.24
C GLU B 135 -3.40 -31.82 -0.66
N ILE B 136 -4.35 -31.46 -1.52
CA ILE B 136 -5.68 -31.10 -1.02
C ILE B 136 -6.34 -32.31 -0.36
N GLU B 137 -6.15 -33.49 -0.95
CA GLU B 137 -6.68 -34.73 -0.37
C GLU B 137 -6.07 -35.00 1.01
N ILE B 138 -4.75 -34.83 1.14
CA ILE B 138 -4.10 -35.01 2.44
C ILE B 138 -4.67 -34.04 3.46
N ALA B 139 -4.86 -32.77 3.08
CA ALA B 139 -5.41 -31.79 4.03
C ALA B 139 -6.85 -32.12 4.38
N ALA B 140 -7.65 -32.55 3.40
CA ALA B 140 -9.04 -32.91 3.69
C ALA B 140 -9.10 -34.09 4.65
N ASN B 141 -8.31 -35.14 4.39
CA ASN B 141 -8.30 -36.30 5.28
C ASN B 141 -7.89 -35.89 6.69
N HIS B 142 -6.91 -35.00 6.80
CA HIS B 142 -6.45 -34.56 8.12
C HIS B 142 -7.54 -33.81 8.87
N ILE B 143 -8.22 -32.87 8.21
CA ILE B 143 -9.23 -32.11 8.95
C ILE B 143 -10.44 -32.98 9.25
N LEU B 144 -10.74 -33.96 8.40
CA LEU B 144 -11.84 -34.88 8.72
C LEU B 144 -11.49 -35.77 9.93
N LYS B 145 -10.25 -36.26 9.98
CA LYS B 145 -9.82 -37.02 11.17
C LYS B 145 -9.84 -36.15 12.43
N THR B 146 -9.44 -34.89 12.30
CA THR B 146 -9.52 -33.97 13.43
C THR B 146 -10.95 -33.80 13.92
N ARG B 147 -11.91 -33.65 12.99
CA ARG B 147 -13.30 -33.54 13.41
C ARG B 147 -13.75 -34.81 14.14
N GLU B 148 -13.38 -35.99 13.63
CA GLU B 148 -13.80 -37.23 14.30
C GLU B 148 -13.22 -37.32 15.70
N LYS B 149 -11.96 -36.90 15.87
CA LYS B 149 -11.32 -36.89 17.18
C LYS B 149 -12.07 -35.96 18.15
N LEU B 150 -12.37 -34.73 17.69
CA LEU B 150 -13.14 -33.80 18.53
C LEU B 150 -14.51 -34.36 18.89
N ASN B 151 -15.20 -34.96 17.92
CA ASN B 151 -16.57 -35.42 18.19
C ASN B 151 -16.58 -36.57 19.17
N ARG B 152 -15.60 -37.46 19.03
CA ARG B 152 -15.50 -38.58 19.93
C ARG B 152 -15.28 -38.12 21.37
N ILE B 153 -14.38 -37.17 21.58
CA ILE B 153 -14.17 -36.65 22.93
C ILE B 153 -15.39 -35.90 23.44
N LEU B 154 -16.01 -35.05 22.59
CA LEU B 154 -17.21 -34.36 23.05
C LEU B 154 -18.31 -35.35 23.42
N SER B 155 -18.42 -36.45 22.67
CA SER B 155 -19.39 -37.49 23.01
C SER B 155 -19.12 -38.05 24.41
N GLU B 156 -17.86 -38.38 24.69
CA GLU B 156 -17.49 -38.89 26.01
C GLU B 156 -17.75 -37.86 27.09
N ARG B 157 -17.48 -36.58 26.84
CA ARG B 157 -17.62 -35.61 27.93
C ARG B 157 -19.04 -35.12 28.13
N THR B 158 -19.90 -35.23 27.11
CA THR B 158 -21.27 -34.74 27.24
C THR B 158 -22.28 -35.85 27.46
N GLY B 159 -21.92 -37.10 27.12
CA GLY B 159 -22.90 -38.17 27.05
C GLY B 159 -23.77 -38.19 25.80
N GLN B 160 -23.59 -37.27 24.86
CA GLN B 160 -24.35 -37.35 23.60
C GLN B 160 -23.67 -38.33 22.65
N SER B 161 -24.45 -38.91 21.74
CA SER B 161 -23.85 -39.81 20.76
C SER B 161 -23.00 -39.02 19.77
N ILE B 162 -22.04 -39.71 19.13
CA ILE B 162 -21.22 -39.06 18.11
C ILE B 162 -22.09 -38.58 16.95
N GLU B 163 -23.14 -39.33 16.60
CA GLU B 163 -24.01 -38.91 15.49
C GLU B 163 -24.74 -37.63 15.83
N LYS B 164 -25.18 -37.48 17.07
CA LYS B 164 -25.86 -36.23 17.45
C LYS B 164 -24.88 -35.05 17.44
N ILE B 165 -23.67 -35.26 17.95
CA ILE B 165 -22.68 -34.18 17.95
C ILE B 165 -22.36 -33.77 16.51
N GLN B 166 -22.21 -34.75 15.62
CA GLN B 166 -21.97 -34.46 14.20
C GLN B 166 -23.10 -33.62 13.63
N GLN B 167 -24.35 -34.02 13.87
CA GLN B 167 -25.48 -33.24 13.34
C GLN B 167 -25.50 -31.84 13.95
N ASP B 168 -25.23 -31.74 15.25
CA ASP B 168 -25.37 -30.45 15.94
C ASP B 168 -24.21 -29.50 15.69
N THR B 169 -23.13 -29.95 15.08
CA THR B 169 -22.00 -29.08 14.78
C THR B 169 -21.86 -28.82 13.29
N ASP B 170 -22.76 -29.35 12.46
CA ASP B 170 -22.65 -29.17 11.02
C ASP B 170 -22.61 -27.69 10.65
N ARG B 171 -23.46 -26.89 11.30
CA ARG B 171 -23.48 -25.43 11.23
C ARG B 171 -23.19 -24.90 12.63
N ASP B 172 -22.80 -23.62 12.72
CA ASP B 172 -22.57 -23.00 14.02
C ASP B 172 -23.81 -23.11 14.88
N ASN B 173 -23.62 -23.51 16.14
CA ASN B 173 -24.74 -23.82 17.03
C ASN B 173 -24.52 -23.03 18.31
N PHE B 174 -25.33 -21.99 18.55
CA PHE B 174 -25.18 -21.13 19.73
C PHE B 174 -26.10 -21.64 20.83
N LEU B 175 -25.56 -21.86 22.03
CA LEU B 175 -26.34 -22.36 23.16
C LEU B 175 -26.32 -21.34 24.28
N THR B 176 -27.46 -21.19 24.98
CA THR B 176 -27.42 -20.48 26.26
C THR B 176 -26.74 -21.36 27.31
N ALA B 177 -26.43 -20.75 28.47
CA ALA B 177 -25.86 -21.54 29.56
C ALA B 177 -26.80 -22.68 29.95
N ALA B 178 -28.11 -22.39 30.07
CA ALA B 178 -29.06 -23.45 30.42
C ALA B 178 -29.07 -24.56 29.37
N GLU B 179 -29.02 -24.19 28.08
CA GLU B 179 -28.98 -25.22 27.04
C GLU B 179 -27.67 -26.00 27.09
N ALA B 180 -26.56 -25.32 27.39
CA ALA B 180 -25.29 -26.03 27.49
C ALA B 180 -25.32 -27.05 28.63
N LYS B 181 -26.01 -26.72 29.72
CA LYS B 181 -26.15 -27.70 30.81
C LYS B 181 -27.01 -28.87 30.36
N GLU B 182 -28.14 -28.60 29.71
CA GLU B 182 -28.97 -29.68 29.21
C GLU B 182 -28.21 -30.56 28.22
N TYR B 183 -27.30 -29.95 27.46
CA TYR B 183 -26.54 -30.69 26.46
C TYR B 183 -25.47 -31.57 27.09
N GLY B 184 -25.02 -31.24 28.30
CA GLY B 184 -23.91 -31.95 28.92
C GLY B 184 -22.56 -31.29 28.75
N LEU B 185 -22.49 -30.08 28.16
CA LEU B 185 -21.20 -29.38 28.04
C LEU B 185 -20.74 -28.82 29.38
N ILE B 186 -21.68 -28.45 30.26
CA ILE B 186 -21.35 -28.01 31.61
C ILE B 186 -22.25 -28.80 32.56
N ASP B 187 -21.91 -28.74 33.83
CA ASP B 187 -22.69 -29.40 34.88
C ASP B 187 -23.67 -28.49 35.58
N GLU B 188 -23.39 -27.19 35.69
CA GLU B 188 -24.28 -26.30 36.44
C GLU B 188 -24.18 -24.90 35.86
N VAL B 189 -25.31 -24.20 35.87
CA VAL B 189 -25.30 -22.75 35.67
C VAL B 189 -25.07 -22.13 37.03
N MET B 190 -24.02 -21.31 37.16
CA MET B 190 -23.68 -20.72 38.45
C MET B 190 -24.60 -19.55 38.75
N GLU B 191 -25.38 -19.66 39.80
CA GLU B 191 -26.29 -18.59 40.15
C GLU B 191 -25.67 -17.68 41.22
N PRO B 192 -26.19 -16.45 41.36
CA PRO B 192 -25.50 -15.43 42.16
C PRO B 192 -25.31 -15.76 43.64
N ILE C 4 3.72 -14.96 30.19
CA ILE C 4 3.28 -13.66 30.66
C ILE C 4 3.30 -13.50 32.20
N PRO C 5 2.66 -14.39 32.99
CA PRO C 5 2.51 -14.10 34.43
C PRO C 5 3.82 -14.22 35.20
N THR C 6 3.85 -13.55 36.34
CA THR C 6 4.99 -13.55 37.25
C THR C 6 4.69 -14.40 38.49
N VAL C 7 5.70 -15.04 39.05
CA VAL C 7 5.54 -15.90 40.22
C VAL C 7 6.44 -15.39 41.34
N ILE C 8 5.91 -15.37 42.59
CA ILE C 8 6.64 -14.98 43.81
C ILE C 8 7.65 -16.06 44.19
N GLU C 9 8.72 -15.65 44.86
CA GLU C 9 9.68 -16.61 45.39
C GLU C 9 10.50 -15.98 46.52
N ALA C 17 11.18 -12.62 41.88
CA ALA C 17 10.24 -12.61 40.75
C ALA C 17 10.78 -13.21 39.45
N TYR C 18 10.07 -14.22 39.00
CA TYR C 18 10.25 -14.92 37.74
C TYR C 18 9.02 -14.75 36.85
N ASP C 19 9.22 -14.65 35.53
CA ASP C 19 8.10 -15.01 34.66
C ASP C 19 7.86 -16.53 34.74
N ILE C 20 6.71 -17.01 34.23
CA ILE C 20 6.36 -18.42 34.42
C ILE C 20 7.41 -19.34 33.79
N TYR C 21 8.00 -18.94 32.65
CA TYR C 21 8.97 -19.83 31.99
C TYR C 21 10.27 -19.90 32.78
N SER C 22 10.71 -18.76 33.33
CA SER C 22 11.90 -18.76 34.17
C SER C 22 11.68 -19.63 35.40
N ARG C 23 10.46 -19.61 35.94
CA ARG C 23 10.16 -20.45 37.09
C ARG C 23 10.25 -21.94 36.73
N LEU C 24 9.74 -22.33 35.56
CA LEU C 24 9.87 -23.72 35.14
C LEU C 24 11.33 -24.09 34.87
N LEU C 25 12.10 -23.15 34.32
CA LEU C 25 13.50 -23.45 34.03
C LEU C 25 14.28 -23.78 35.30
N LYS C 26 13.90 -23.19 36.43
CA LYS C 26 14.49 -23.55 37.71
C LYS C 26 14.31 -25.04 38.03
N ASP C 27 13.23 -25.66 37.54
CA ASP C 27 13.00 -27.09 37.68
C ASP C 27 13.45 -27.90 36.45
N ARG C 28 14.32 -27.32 35.63
CA ARG C 28 14.95 -27.96 34.48
C ARG C 28 13.95 -28.28 33.37
N ILE C 29 12.92 -27.44 33.24
CA ILE C 29 11.91 -27.58 32.19
C ILE C 29 12.12 -26.46 31.19
N ILE C 30 12.23 -26.83 29.90
CA ILE C 30 12.36 -25.87 28.80
C ILE C 30 11.11 -26.00 27.95
N MET C 31 10.49 -24.86 27.59
CA MET C 31 9.23 -24.90 26.87
C MET C 31 9.51 -24.43 25.43
N LEU C 32 9.40 -25.33 24.46
CA LEU C 32 9.53 -24.94 23.05
C LEU C 32 8.11 -24.87 22.50
N GLY C 33 7.59 -23.64 22.34
CA GLY C 33 6.20 -23.45 22.02
C GLY C 33 6.00 -22.53 20.83
N SER C 34 6.90 -22.54 19.85
CA SER C 34 6.77 -21.62 18.73
C SER C 34 7.48 -22.22 17.52
N GLN C 35 7.42 -21.50 16.41
CA GLN C 35 8.29 -21.79 15.28
C GLN C 35 9.75 -21.72 15.71
N ILE C 36 10.59 -22.54 15.08
CA ILE C 36 12.01 -22.63 15.41
C ILE C 36 12.78 -21.71 14.47
N ASP C 37 13.21 -20.56 14.96
CA ASP C 37 14.09 -19.70 14.16
C ASP C 37 15.39 -19.54 14.94
N ASP C 38 16.30 -18.71 14.42
CA ASP C 38 17.62 -18.59 15.05
C ASP C 38 17.51 -18.02 16.47
N ASN C 39 16.58 -17.10 16.71
CA ASN C 39 16.44 -16.54 18.06
C ASN C 39 15.96 -17.59 19.05
N VAL C 40 14.96 -18.39 18.64
CA VAL C 40 14.46 -19.46 19.50
C VAL C 40 15.55 -20.48 19.77
N ALA C 41 16.29 -20.89 18.72
CA ALA C 41 17.36 -21.86 18.92
C ALA C 41 18.44 -21.31 19.84
N ASN C 42 18.81 -20.04 19.64
CA ASN C 42 19.84 -19.44 20.49
C ASN C 42 19.41 -19.52 21.96
N SER C 43 18.11 -19.24 22.25
CA SER C 43 17.60 -19.27 23.62
C SER C 43 17.56 -20.70 24.16
N ILE C 44 17.09 -21.67 23.36
CA ILE C 44 17.00 -23.05 23.83
C ILE C 44 18.40 -23.61 24.07
N VAL C 45 19.33 -23.37 23.15
CA VAL C 45 20.70 -23.84 23.35
C VAL C 45 21.28 -23.26 24.63
N SER C 46 21.08 -21.95 24.84
CA SER C 46 21.61 -21.31 26.04
C SER C 46 21.01 -21.92 27.31
N GLN C 47 19.70 -22.24 27.28
CA GLN C 47 19.07 -22.88 28.44
C GLN C 47 19.65 -24.27 28.67
N LEU C 48 19.88 -25.04 27.59
CA LEU C 48 20.47 -26.37 27.75
C LEU C 48 21.88 -26.29 28.33
N LEU C 49 22.70 -25.36 27.85
CA LEU C 49 24.06 -25.23 28.38
C LEU C 49 24.03 -24.79 29.84
N PHE C 50 23.15 -23.86 30.16
CA PHE C 50 22.98 -23.41 31.54
C PHE C 50 22.59 -24.57 32.45
N LEU C 51 21.60 -25.38 32.02
CA LEU C 51 21.15 -26.48 32.88
C LEU C 51 22.25 -27.51 33.08
N GLN C 52 23.01 -27.82 32.01
CA GLN C 52 24.14 -28.75 32.16
C GLN C 52 25.16 -28.20 33.16
N ALA C 53 25.46 -26.90 33.09
CA ALA C 53 26.42 -26.30 34.01
C ALA C 53 25.92 -26.32 35.44
N GLN C 54 24.60 -26.21 35.65
CA GLN C 54 24.05 -26.30 37.01
C GLN C 54 24.14 -27.71 37.55
N ASP C 55 23.89 -28.71 36.73
CA ASP C 55 23.93 -30.10 37.20
C ASP C 55 24.07 -30.99 35.97
N SER C 56 25.18 -31.68 35.87
CA SER C 56 25.43 -32.42 34.64
C SER C 56 24.80 -33.80 34.64
N GLU C 57 24.15 -34.20 35.74
CA GLU C 57 23.57 -35.53 35.83
C GLU C 57 22.05 -35.57 35.78
N LYS C 58 21.36 -34.53 36.26
CA LYS C 58 19.90 -34.57 36.36
C LYS C 58 19.28 -34.37 34.98
N ASP C 59 18.20 -35.06 34.69
CA ASP C 59 17.84 -34.83 33.31
C ASP C 59 17.00 -33.56 33.17
N ILE C 60 16.76 -33.23 31.91
CA ILE C 60 16.13 -31.99 31.46
C ILE C 60 14.85 -32.40 30.75
N TYR C 61 13.82 -31.56 30.83
CA TYR C 61 12.53 -31.85 30.22
C TYR C 61 12.26 -30.79 29.15
N LEU C 62 12.12 -31.21 27.91
CA LEU C 62 11.88 -30.28 26.77
C LEU C 62 10.46 -30.53 26.27
N TYR C 63 9.55 -29.61 26.55
CA TYR C 63 8.21 -29.68 26.00
C TYR C 63 8.21 -29.08 24.59
N ILE C 64 7.52 -29.75 23.67
CA ILE C 64 7.56 -29.34 22.26
C ILE C 64 6.13 -29.17 21.77
N ASN C 65 5.79 -27.94 21.38
CA ASN C 65 4.57 -27.65 20.63
C ASN C 65 5.05 -26.72 19.52
N SER C 66 5.35 -27.24 18.34
CA SER C 66 6.08 -26.40 17.36
C SER C 66 5.72 -26.86 15.97
N PRO C 67 5.42 -25.92 15.05
CA PRO C 67 5.20 -26.31 13.64
C PRO C 67 6.50 -26.53 12.88
N GLY C 68 7.65 -26.36 13.52
CA GLY C 68 8.91 -26.51 12.80
C GLY C 68 9.56 -25.16 12.59
N GLY C 69 10.40 -25.04 11.57
CA GLY C 69 11.05 -23.77 11.31
C GLY C 69 12.34 -23.99 10.54
N SER C 70 13.39 -23.25 10.91
CA SER C 70 14.65 -23.30 10.18
C SER C 70 15.37 -24.63 10.42
N VAL C 71 15.86 -25.27 9.35
CA VAL C 71 16.55 -26.55 9.55
C VAL C 71 17.86 -26.34 10.31
N THR C 72 18.58 -25.25 10.02
CA THR C 72 19.87 -25.07 10.71
C THR C 72 19.64 -24.68 12.17
N ALA C 73 18.60 -23.87 12.44
CA ALA C 73 18.27 -23.58 13.84
C ALA C 73 17.87 -24.86 14.56
N GLY C 74 17.10 -25.73 13.89
CA GLY C 74 16.76 -27.02 14.49
C GLY C 74 17.98 -27.87 14.78
N PHE C 75 18.95 -27.88 13.85
CA PHE C 75 20.15 -28.67 14.11
C PHE C 75 21.02 -28.08 15.21
N ALA C 76 20.99 -26.76 15.40
CA ALA C 76 21.70 -26.20 16.56
C ALA C 76 21.15 -26.81 17.86
N ILE C 77 19.83 -26.92 17.96
CA ILE C 77 19.23 -27.53 19.15
C ILE C 77 19.53 -29.02 19.20
N TYR C 78 19.35 -29.70 18.07
CA TYR C 78 19.60 -31.14 18.01
C TYR C 78 21.03 -31.49 18.50
N ASP C 79 22.04 -30.83 17.93
CA ASP C 79 23.42 -31.16 18.30
C ASP C 79 23.71 -30.81 19.75
N THR C 80 23.10 -29.75 20.27
CA THR C 80 23.34 -29.40 21.67
C THR C 80 22.75 -30.47 22.58
N ILE C 81 21.54 -30.95 22.27
CA ILE C 81 20.95 -32.06 23.01
C ILE C 81 21.90 -33.26 23.01
N GLN C 82 22.42 -33.62 21.84
CA GLN C 82 23.29 -34.81 21.82
C GLN C 82 24.62 -34.54 22.50
N HIS C 83 25.05 -33.29 22.56
CA HIS C 83 26.37 -32.99 23.09
C HIS C 83 26.41 -33.03 24.62
N ILE C 84 25.38 -32.52 25.28
CA ILE C 84 25.47 -32.30 26.72
C ILE C 84 25.34 -33.64 27.45
N LYS C 85 25.80 -33.67 28.70
CA LYS C 85 25.78 -34.90 29.50
C LYS C 85 24.38 -35.30 29.98
N PRO C 86 23.54 -34.41 30.51
CA PRO C 86 22.21 -34.83 30.97
C PRO C 86 21.37 -35.43 29.85
N ASP C 87 20.53 -36.40 30.20
CA ASP C 87 19.45 -36.83 29.31
C ASP C 87 18.46 -35.68 29.10
N VAL C 88 17.95 -35.56 27.89
CA VAL C 88 16.88 -34.59 27.61
C VAL C 88 15.64 -35.40 27.26
N GLN C 89 14.63 -35.34 28.14
CA GLN C 89 13.36 -35.97 27.81
C GLN C 89 12.61 -35.02 26.89
N THR C 90 11.88 -35.58 25.93
CA THR C 90 11.07 -34.73 25.06
C THR C 90 9.61 -35.11 25.21
N ILE C 91 8.74 -34.10 25.27
CA ILE C 91 7.32 -34.33 25.51
C ILE C 91 6.55 -33.49 24.50
N CYS C 92 5.87 -34.14 23.58
CA CYS C 92 5.08 -33.44 22.58
C CYS C 92 3.68 -33.16 23.12
N ILE C 93 3.28 -31.89 23.14
CA ILE C 93 1.90 -31.48 23.41
C ILE C 93 1.42 -30.67 22.21
N GLY C 94 0.19 -30.91 21.78
CA GLY C 94 -0.34 -30.13 20.66
C GLY C 94 0.15 -30.69 19.33
N MET C 95 1.31 -30.23 18.87
CA MET C 95 1.80 -30.63 17.56
C MET C 95 3.33 -30.56 17.55
N ALA C 96 3.97 -31.55 16.93
CA ALA C 96 5.40 -31.45 16.63
C ALA C 96 5.49 -31.76 15.15
N ALA C 97 5.77 -30.74 14.33
CA ALA C 97 5.76 -30.91 12.88
C ALA C 97 7.14 -30.54 12.35
N SER C 98 7.57 -31.24 11.30
CA SER C 98 8.81 -30.82 10.57
C SER C 98 9.97 -30.85 11.56
N MET C 99 10.77 -29.78 11.67
CA MET C 99 11.89 -29.85 12.63
C MET C 99 11.40 -30.04 14.07
N GLY C 100 10.16 -29.70 14.36
CA GLY C 100 9.61 -30.03 15.69
C GLY C 100 9.54 -31.54 15.93
N SER C 101 9.08 -32.30 14.93
CA SER C 101 9.05 -33.76 15.13
C SER C 101 10.46 -34.34 15.11
N PHE C 102 11.37 -33.70 14.36
CA PHE C 102 12.76 -34.14 14.41
C PHE C 102 13.33 -33.99 15.81
N LEU C 103 13.07 -32.85 16.47
CA LEU C 103 13.57 -32.66 17.83
C LEU C 103 12.86 -33.60 18.83
N LEU C 104 11.58 -33.85 18.63
CA LEU C 104 10.88 -34.83 19.46
C LEU C 104 11.58 -36.18 19.42
N ALA C 105 11.91 -36.66 18.22
CA ALA C 105 12.60 -37.94 18.05
C ALA C 105 14.03 -37.91 18.58
N ALA C 106 14.58 -36.73 18.85
CA ALA C 106 15.95 -36.59 19.29
C ALA C 106 16.13 -36.74 20.81
N GLY C 107 15.05 -36.83 21.56
CA GLY C 107 15.16 -36.95 23.01
C GLY C 107 15.87 -38.26 23.41
N ALA C 108 16.27 -38.33 24.68
CA ALA C 108 16.94 -39.53 25.18
C ALA C 108 16.09 -40.77 24.93
N LYS C 109 16.73 -41.81 24.44
CA LYS C 109 16.00 -43.03 24.10
C LYS C 109 15.32 -43.61 25.34
N GLY C 110 14.04 -43.96 25.22
CA GLY C 110 13.21 -44.30 26.37
C GLY C 110 12.52 -43.13 27.03
N LYS C 111 12.91 -41.89 26.72
CA LYS C 111 12.33 -40.73 27.38
C LYS C 111 11.72 -39.75 26.38
N ARG C 112 11.16 -40.25 25.28
CA ARG C 112 10.45 -39.45 24.29
C ARG C 112 8.97 -39.77 24.40
N PHE C 113 8.15 -38.75 24.62
CA PHE C 113 6.74 -38.93 24.93
C PHE C 113 5.88 -38.01 24.08
N ALA C 114 4.62 -38.41 23.93
CA ALA C 114 3.59 -37.50 23.43
C ALA C 114 2.33 -37.70 24.27
N LEU C 115 1.60 -36.62 24.48
CA LEU C 115 0.29 -36.73 25.12
C LEU C 115 -0.69 -37.32 24.09
N PRO C 116 -1.80 -37.91 24.58
CA PRO C 116 -2.61 -38.81 23.71
C PRO C 116 -3.21 -38.13 22.48
N ASN C 117 -3.55 -36.84 22.56
CA ASN C 117 -4.16 -36.16 21.42
C ASN C 117 -3.16 -35.28 20.69
N ALA C 118 -1.88 -35.35 21.04
CA ALA C 118 -0.87 -34.57 20.33
C ALA C 118 -0.69 -35.13 18.92
N GLU C 119 -0.31 -34.27 18.00
CA GLU C 119 -0.09 -34.70 16.62
C GLU C 119 1.39 -34.58 16.27
N VAL C 120 1.84 -35.50 15.42
CA VAL C 120 3.22 -35.50 14.95
C VAL C 120 3.16 -35.50 13.43
N MET C 121 3.90 -34.59 12.79
CA MET C 121 3.91 -34.55 11.33
C MET C 121 5.35 -34.60 10.83
N ILE C 122 5.60 -35.46 9.84
CA ILE C 122 6.92 -35.55 9.24
C ILE C 122 6.79 -35.24 7.74
N HIS C 123 7.84 -34.66 7.17
CA HIS C 123 7.76 -34.24 5.77
C HIS C 123 9.18 -34.05 5.25
N GLN C 124 9.29 -33.68 3.98
CA GLN C 124 10.62 -33.40 3.48
C GLN C 124 10.92 -31.90 3.60
N PRO C 125 12.19 -31.52 3.49
CA PRO C 125 12.55 -30.09 3.58
C PRO C 125 11.88 -29.26 2.49
N LEU C 126 11.68 -27.99 2.81
CA LEU C 126 11.13 -26.96 1.92
C LEU C 126 12.16 -25.87 1.78
N GLY C 127 12.21 -25.24 0.62
CA GLY C 127 13.15 -24.16 0.45
C GLY C 127 12.89 -23.44 -0.85
N GLY C 128 13.87 -22.69 -1.30
CA GLY C 128 13.66 -21.92 -2.51
C GLY C 128 15.00 -21.58 -3.09
N ALA C 129 15.00 -21.22 -4.37
CA ALA C 129 16.24 -20.83 -5.02
C ALA C 129 15.87 -19.97 -6.21
N GLN C 130 16.65 -18.92 -6.47
CA GLN C 130 16.46 -18.06 -7.63
C GLN C 130 17.83 -17.67 -8.17
N GLY C 131 17.93 -17.51 -9.48
CA GLY C 131 19.20 -17.02 -10.01
C GLY C 131 19.62 -17.80 -11.23
N GLN C 132 20.92 -17.86 -11.47
CA GLN C 132 21.42 -18.58 -12.65
C GLN C 132 21.23 -20.08 -12.46
N ALA C 133 21.21 -20.81 -13.59
CA ALA C 133 21.13 -22.27 -13.54
C ALA C 133 22.15 -22.86 -12.57
N THR C 134 23.40 -22.37 -12.63
CA THR C 134 24.45 -22.86 -11.72
C THR C 134 24.07 -22.68 -10.25
N GLU C 135 23.47 -21.54 -9.92
CA GLU C 135 23.08 -21.27 -8.53
C GLU C 135 21.89 -22.13 -8.11
N ILE C 136 20.95 -22.35 -9.04
CA ILE C 136 19.82 -23.22 -8.71
C ILE C 136 20.32 -24.64 -8.46
N GLU C 137 21.28 -25.09 -9.25
CA GLU C 137 21.88 -26.42 -9.04
C GLU C 137 22.54 -26.53 -7.67
N ILE C 138 23.30 -25.50 -7.28
CA ILE C 138 23.93 -25.50 -5.95
C ILE C 138 22.87 -25.58 -4.85
N ALA C 139 21.79 -24.81 -4.99
CA ALA C 139 20.74 -24.84 -3.97
C ALA C 139 20.03 -26.19 -3.95
N ALA C 140 19.78 -26.78 -5.12
CA ALA C 140 19.13 -28.09 -5.16
C ALA C 140 20.01 -29.15 -4.50
N ASN C 141 21.30 -29.16 -4.85
CA ASN C 141 22.20 -30.13 -4.24
C ASN C 141 22.24 -29.97 -2.72
N HIS C 142 22.24 -28.72 -2.25
CA HIS C 142 22.28 -28.47 -0.81
C HIS C 142 21.02 -29.00 -0.12
N ILE C 143 19.85 -28.71 -0.67
CA ILE C 143 18.64 -29.16 0.02
C ILE C 143 18.50 -30.67 -0.08
N LEU C 144 18.98 -31.27 -1.16
CA LEU C 144 18.94 -32.73 -1.24
C LEU C 144 19.89 -33.38 -0.22
N LYS C 145 21.09 -32.81 -0.05
CA LYS C 145 21.99 -33.31 1.01
C LYS C 145 21.38 -33.11 2.39
N THR C 146 20.72 -31.98 2.62
CA THR C 146 20.03 -31.77 3.88
C THR C 146 18.97 -32.84 4.12
N ARG C 147 18.17 -33.18 3.10
CA ARG C 147 17.18 -34.23 3.28
C ARG C 147 17.85 -35.56 3.64
N GLU C 148 18.96 -35.90 2.95
CA GLU C 148 19.62 -37.17 3.26
C GLU C 148 20.14 -37.20 4.70
N LYS C 149 20.68 -36.06 5.17
CA LYS C 149 21.15 -35.96 6.54
C LYS C 149 20.01 -36.16 7.53
N LEU C 150 18.87 -35.49 7.31
CA LEU C 150 17.71 -35.68 8.18
C LEU C 150 17.22 -37.12 8.16
N ASN C 151 17.16 -37.74 6.98
CA ASN C 151 16.60 -39.09 6.90
C ASN C 151 17.49 -40.09 7.59
N ARG C 152 18.80 -39.91 7.45
CA ARG C 152 19.74 -40.81 8.08
C ARG C 152 19.61 -40.75 9.60
N ILE C 153 19.51 -39.55 10.17
CA ILE C 153 19.33 -39.43 11.62
C ILE C 153 17.98 -39.99 12.04
N LEU C 154 16.90 -39.67 11.30
CA LEU C 154 15.60 -40.22 11.68
C LEU C 154 15.62 -41.74 11.64
N SER C 155 16.33 -42.31 10.66
CA SER C 155 16.47 -43.77 10.59
C SER C 155 17.13 -44.32 11.86
N GLU C 156 18.22 -43.69 12.28
CA GLU C 156 18.90 -44.11 13.50
C GLU C 156 18.01 -43.94 14.72
N ARG C 157 17.24 -42.87 14.81
CA ARG C 157 16.48 -42.64 16.04
C ARG C 157 15.16 -43.41 16.08
N THR C 158 14.62 -43.83 14.94
CA THR C 158 13.35 -44.55 14.92
C THR C 158 13.52 -46.04 14.70
N GLY C 159 14.66 -46.47 14.17
CA GLY C 159 14.80 -47.84 13.71
C GLY C 159 14.18 -48.15 12.35
N GLN C 160 13.57 -47.17 11.68
CA GLN C 160 13.08 -47.43 10.32
C GLN C 160 14.22 -47.30 9.32
N SER C 161 14.09 -47.98 8.17
CA SER C 161 15.12 -47.84 7.15
C SER C 161 15.05 -46.46 6.51
N ILE C 162 16.17 -46.04 5.92
CA ILE C 162 16.19 -44.75 5.22
C ILE C 162 15.20 -44.75 4.06
N GLU C 163 15.04 -45.90 3.39
CA GLU C 163 14.10 -45.95 2.26
C GLU C 163 12.66 -45.76 2.72
N LYS C 164 12.32 -46.31 3.88
CA LYS C 164 10.96 -46.12 4.38
C LYS C 164 10.74 -44.67 4.80
N ILE C 165 11.73 -44.06 5.47
CA ILE C 165 11.58 -42.66 5.86
C ILE C 165 11.43 -41.77 4.62
N GLN C 166 12.22 -42.04 3.59
CA GLN C 166 12.10 -41.29 2.33
C GLN C 166 10.69 -41.42 1.75
N GLN C 167 10.17 -42.65 1.68
CA GLN C 167 8.81 -42.82 1.15
C GLN C 167 7.79 -42.12 2.03
N ASP C 168 7.94 -42.22 3.35
CA ASP C 168 6.93 -41.69 4.26
C ASP C 168 6.99 -40.18 4.43
N THR C 169 8.03 -39.52 3.94
CA THR C 169 8.11 -38.06 4.04
C THR C 169 7.95 -37.39 2.68
N ASP C 170 7.71 -38.16 1.61
CA ASP C 170 7.58 -37.56 0.29
C ASP C 170 6.49 -36.49 0.26
N ARG C 171 5.36 -36.78 0.91
CA ARG C 171 4.27 -35.85 1.16
C ARG C 171 4.12 -35.69 2.66
N ASP C 172 3.43 -34.61 3.09
CA ASP C 172 3.19 -34.41 4.52
C ASP C 172 2.48 -35.62 5.10
N ASN C 173 2.96 -36.08 6.25
CA ASN C 173 2.49 -37.32 6.84
C ASN C 173 2.10 -37.01 8.28
N PHE C 174 0.79 -37.01 8.59
CA PHE C 174 0.30 -36.68 9.94
C PHE C 174 0.11 -37.97 10.73
N LEU C 175 0.69 -38.04 11.93
CA LEU C 175 0.58 -39.24 12.77
C LEU C 175 -0.10 -38.88 14.07
N THR C 176 -0.94 -39.80 14.57
CA THR C 176 -1.39 -39.68 15.96
C THR C 176 -0.24 -40.03 16.91
N ALA C 177 -0.43 -39.73 18.20
CA ALA C 177 0.58 -40.13 19.17
C ALA C 177 0.82 -41.63 19.15
N ALA C 178 -0.26 -42.43 19.10
CA ALA C 178 -0.09 -43.89 19.04
C ALA C 178 0.67 -44.31 17.79
N GLU C 179 0.37 -43.69 16.63
CA GLU C 179 1.13 -44.03 15.42
C GLU C 179 2.58 -43.59 15.53
N ALA C 180 2.83 -42.44 16.17
CA ALA C 180 4.21 -41.99 16.32
C ALA C 180 5.00 -42.98 17.18
N LYS C 181 4.34 -43.55 18.20
CA LYS C 181 5.01 -44.58 19.00
C LYS C 181 5.31 -45.82 18.17
N GLU C 182 4.31 -46.29 17.41
CA GLU C 182 4.54 -47.45 16.55
C GLU C 182 5.66 -47.17 15.55
N TYR C 183 5.77 -45.93 15.09
CA TYR C 183 6.80 -45.57 14.11
C TYR C 183 8.18 -45.53 14.72
N GLY C 184 8.30 -45.32 16.03
CA GLY C 184 9.59 -45.14 16.67
C GLY C 184 10.01 -43.69 16.88
N LEU C 185 9.12 -42.72 16.59
CA LEU C 185 9.46 -41.31 16.86
C LEU C 185 9.40 -40.98 18.34
N ILE C 186 8.55 -41.67 19.10
CA ILE C 186 8.50 -41.53 20.55
C ILE C 186 8.52 -42.94 21.13
N ASP C 187 8.76 -43.01 22.43
CA ASP C 187 8.79 -44.28 23.16
C ASP C 187 7.47 -44.61 23.85
N GLU C 188 6.71 -43.61 24.28
CA GLU C 188 5.49 -43.88 25.04
C GLU C 188 4.48 -42.78 24.81
N VAL C 189 3.21 -43.14 24.76
CA VAL C 189 2.12 -42.16 24.88
C VAL C 189 1.88 -41.98 26.37
N MET C 190 1.98 -40.74 26.85
CA MET C 190 1.83 -40.46 28.28
C MET C 190 0.36 -40.47 28.65
N GLU C 191 -0.03 -41.40 29.51
CA GLU C 191 -1.42 -41.47 29.92
C GLU C 191 -1.64 -40.75 31.25
N PRO C 192 -2.89 -40.37 31.55
CA PRO C 192 -3.16 -39.45 32.66
C PRO C 192 -2.71 -39.92 34.05
N ILE D 4 15.43 -14.90 26.20
CA ILE D 4 14.19 -14.53 26.85
C ILE D 4 14.16 -14.83 28.39
N PRO D 5 14.45 -16.07 28.84
CA PRO D 5 14.20 -16.39 30.25
C PRO D 5 15.20 -15.72 31.20
N THR D 6 14.77 -15.58 32.44
CA THR D 6 15.57 -14.99 33.52
C THR D 6 16.06 -16.09 34.47
N VAL D 7 17.22 -15.84 35.12
CA VAL D 7 17.88 -16.81 36.00
C VAL D 7 18.21 -16.17 37.35
N ILE D 8 17.90 -16.88 38.44
CA ILE D 8 18.08 -16.41 39.84
C ILE D 8 19.52 -16.23 40.29
N ARG D 16 21.53 -11.34 41.89
CA ARG D 16 20.36 -10.74 41.27
C ARG D 16 19.76 -11.57 40.14
N ALA D 17 19.36 -10.85 39.10
CA ALA D 17 18.62 -11.39 37.98
C ALA D 17 19.41 -11.15 36.71
N TYR D 18 19.53 -12.20 35.92
CA TYR D 18 20.12 -12.16 34.59
C TYR D 18 19.12 -12.71 33.56
N ASP D 19 19.12 -12.15 32.34
CA ASP D 19 18.60 -12.95 31.23
C ASP D 19 19.58 -14.11 30.94
N ILE D 20 19.14 -15.10 30.16
CA ILE D 20 19.97 -16.31 29.97
C ILE D 20 21.33 -15.94 29.35
N TYR D 21 21.36 -14.95 28.44
CA TYR D 21 22.64 -14.62 27.79
C TYR D 21 23.59 -13.95 28.74
N SER D 22 23.06 -13.05 29.60
CA SER D 22 23.89 -12.43 30.61
C SER D 22 24.46 -13.46 31.57
N ARG D 23 23.67 -14.48 31.88
CA ARG D 23 24.14 -15.54 32.76
C ARG D 23 25.30 -16.31 32.11
N LEU D 24 25.19 -16.62 30.82
CA LEU D 24 26.29 -17.28 30.13
C LEU D 24 27.52 -16.38 30.04
N LEU D 25 27.31 -15.08 29.84
CA LEU D 25 28.45 -14.17 29.74
C LEU D 25 29.28 -14.16 31.02
N LYS D 26 28.63 -14.36 32.17
CA LYS D 26 29.36 -14.51 33.43
C LYS D 26 30.36 -15.66 33.38
N ASP D 27 30.09 -16.71 32.59
CA ASP D 27 31.02 -17.82 32.37
C ASP D 27 31.87 -17.67 31.10
N ARG D 28 31.95 -16.44 30.58
CA ARG D 28 32.81 -16.08 29.45
C ARG D 28 32.32 -16.71 28.14
N ILE D 29 31.00 -16.90 28.02
CA ILE D 29 30.39 -17.43 26.81
C ILE D 29 29.64 -16.30 26.12
N ILE D 30 29.93 -16.11 24.84
CA ILE D 30 29.24 -15.11 23.99
C ILE D 30 28.46 -15.87 22.93
N MET D 31 27.19 -15.50 22.73
CA MET D 31 26.34 -16.26 21.81
C MET D 31 26.11 -15.37 20.59
N LEU D 32 26.66 -15.74 19.44
CA LEU D 32 26.39 -15.03 18.19
C LEU D 32 25.36 -15.86 17.43
N GLY D 33 24.10 -15.42 17.45
CA GLY D 33 23.02 -16.24 16.94
C GLY D 33 22.14 -15.47 15.97
N SER D 34 22.70 -14.56 15.18
CA SER D 34 21.87 -13.77 14.27
C SER D 34 22.73 -13.31 13.10
N GLN D 35 22.09 -12.59 12.18
CA GLN D 35 22.83 -11.84 11.18
C GLN D 35 23.77 -10.85 11.86
N ILE D 36 24.91 -10.58 11.22
CA ILE D 36 25.93 -9.70 11.77
C ILE D 36 25.71 -8.31 11.19
N ASP D 37 25.17 -7.39 11.97
CA ASP D 37 25.07 -6.01 11.55
C ASP D 37 25.86 -5.16 12.55
N ASP D 38 25.82 -3.83 12.38
CA ASP D 38 26.62 -2.97 13.24
C ASP D 38 26.22 -3.08 14.71
N ASN D 39 24.91 -3.24 14.98
CA ASN D 39 24.47 -3.35 16.38
C ASN D 39 24.98 -4.63 17.02
N VAL D 40 24.90 -5.75 16.29
CA VAL D 40 25.39 -7.02 16.80
C VAL D 40 26.90 -6.93 17.03
N ALA D 41 27.64 -6.38 16.05
CA ALA D 41 29.08 -6.27 16.22
C ALA D 41 29.43 -5.38 17.40
N ASN D 42 28.65 -4.28 17.60
CA ASN D 42 28.89 -3.38 18.76
C ASN D 42 28.78 -4.16 20.06
N SER D 43 27.80 -4.97 20.11
CA SER D 43 27.55 -5.73 21.34
C SER D 43 28.62 -6.81 21.54
N ILE D 44 28.97 -7.54 20.48
CA ILE D 44 29.98 -8.61 20.61
C ILE D 44 31.34 -8.01 20.97
N VAL D 45 31.72 -6.94 20.30
CA VAL D 45 33.00 -6.28 20.62
C VAL D 45 33.01 -5.84 22.08
N SER D 46 31.92 -5.22 22.53
CA SER D 46 31.85 -4.76 23.91
C SER D 46 31.97 -5.92 24.89
N GLN D 47 31.33 -7.05 24.58
CA GLN D 47 31.46 -8.24 25.45
C GLN D 47 32.88 -8.77 25.47
N LEU D 48 33.55 -8.79 24.31
CA LEU D 48 34.95 -9.23 24.27
C LEU D 48 35.85 -8.32 25.09
N LEU D 49 35.68 -7.00 24.97
CA LEU D 49 36.52 -6.08 25.74
C LEU D 49 36.23 -6.22 27.23
N PHE D 50 34.97 -6.36 27.58
CA PHE D 50 34.60 -6.56 28.98
C PHE D 50 35.24 -7.84 29.53
N LEU D 51 35.17 -8.94 28.79
CA LEU D 51 35.73 -10.20 29.30
C LEU D 51 37.24 -10.10 29.44
N GLN D 52 37.92 -9.45 28.49
CA GLN D 52 39.37 -9.26 28.62
C GLN D 52 39.70 -8.44 29.88
N ALA D 53 38.92 -7.39 30.14
CA ALA D 53 39.15 -6.56 31.32
C ALA D 53 38.91 -7.33 32.61
N GLN D 54 37.95 -8.27 32.61
CA GLN D 54 37.72 -9.09 33.79
C GLN D 54 38.87 -10.06 34.04
N ASP D 55 39.40 -10.66 32.98
CA ASP D 55 40.50 -11.63 33.13
C ASP D 55 41.19 -11.76 31.79
N SER D 56 42.44 -11.35 31.73
CA SER D 56 43.10 -11.31 30.43
C SER D 56 43.71 -12.64 30.05
N GLU D 57 43.63 -13.66 30.89
CA GLU D 57 44.24 -14.95 30.59
C GLU D 57 43.25 -16.06 30.27
N LYS D 58 42.04 -16.03 30.84
CA LYS D 58 41.11 -17.15 30.68
C LYS D 58 40.49 -17.10 29.28
N ASP D 59 40.26 -18.25 28.68
CA ASP D 59 39.79 -17.99 27.34
C ASP D 59 38.27 -17.75 27.33
N ILE D 60 37.81 -17.38 26.16
CA ILE D 60 36.45 -16.94 25.88
C ILE D 60 35.87 -17.94 24.89
N TYR D 61 34.56 -18.18 24.98
CA TYR D 61 33.88 -19.13 24.10
C TYR D 61 32.86 -18.37 23.26
N LEU D 62 33.02 -18.41 21.94
CA LEU D 62 32.12 -17.69 21.02
C LEU D 62 31.34 -18.74 20.23
N TYR D 63 30.05 -18.90 20.55
CA TYR D 63 29.19 -19.77 19.77
C TYR D 63 28.68 -19.01 18.55
N ILE D 64 28.68 -19.69 17.40
CA ILE D 64 28.32 -19.02 16.14
C ILE D 64 27.22 -19.81 15.46
N ASN D 65 26.06 -19.18 15.29
CA ASN D 65 25.01 -19.68 14.41
C ASN D 65 24.57 -18.44 13.64
N SER D 66 25.10 -18.23 12.44
CA SER D 66 24.91 -16.92 11.82
C SER D 66 24.94 -17.09 10.31
N PRO D 67 24.00 -16.47 9.57
CA PRO D 67 24.07 -16.49 8.11
C PRO D 67 25.06 -15.48 7.54
N GLY D 68 25.73 -14.71 8.39
CA GLY D 68 26.64 -13.69 7.88
C GLY D 68 26.07 -12.32 8.09
N GLY D 69 26.47 -11.35 7.28
CA GLY D 69 25.95 -10.00 7.41
C GLY D 69 26.94 -8.99 6.85
N SER D 70 27.09 -7.87 7.53
CA SER D 70 27.94 -6.78 7.04
C SER D 70 29.41 -7.15 7.11
N VAL D 71 30.16 -6.91 6.03
CA VAL D 71 31.58 -7.28 6.06
C VAL D 71 32.34 -6.39 7.06
N THR D 72 32.00 -5.11 7.15
CA THR D 72 32.75 -4.25 8.07
C THR D 72 32.36 -4.56 9.51
N ALA D 73 31.09 -4.87 9.77
CA ALA D 73 30.73 -5.31 11.12
C ALA D 73 31.46 -6.61 11.47
N GLY D 74 31.56 -7.53 10.51
CA GLY D 74 32.32 -8.76 10.75
C GLY D 74 33.78 -8.48 11.04
N PHE D 75 34.39 -7.53 10.32
CA PHE D 75 35.79 -7.23 10.60
C PHE D 75 35.98 -6.52 11.94
N ALA D 76 34.97 -5.77 12.40
CA ALA D 76 35.09 -5.21 13.76
C ALA D 76 35.25 -6.34 14.78
N ILE D 77 34.46 -7.39 14.63
CA ILE D 77 34.56 -8.54 15.54
C ILE D 77 35.88 -9.27 15.32
N TYR D 78 36.23 -9.53 14.04
CA TYR D 78 37.46 -10.25 13.73
C TYR D 78 38.68 -9.56 14.36
N ASP D 79 38.84 -8.25 14.13
CA ASP D 79 40.02 -7.55 14.65
C ASP D 79 40.02 -7.50 16.18
N THR D 80 38.85 -7.42 16.80
CA THR D 80 38.81 -7.41 18.26
C THR D 80 39.27 -8.77 18.81
N ILE D 81 38.81 -9.86 18.19
CA ILE D 81 39.28 -11.19 18.57
C ILE D 81 40.80 -11.25 18.47
N GLN D 82 41.37 -10.78 17.36
CA GLN D 82 42.82 -10.90 17.23
C GLN D 82 43.55 -9.93 18.16
N HIS D 83 42.89 -8.85 18.57
CA HIS D 83 43.58 -7.85 19.37
C HIS D 83 43.71 -8.25 20.84
N ILE D 84 42.68 -8.86 21.41
CA ILE D 84 42.65 -9.05 22.85
C ILE D 84 43.59 -10.19 23.25
N LYS D 85 43.98 -10.21 24.52
CA LYS D 85 44.93 -11.22 25.02
C LYS D 85 44.32 -12.62 25.15
N PRO D 86 43.12 -12.80 25.72
CA PRO D 86 42.58 -14.18 25.83
C PRO D 86 42.42 -14.85 24.48
N ASP D 87 42.59 -16.18 24.47
CA ASP D 87 42.15 -17.00 23.34
C ASP D 87 40.63 -16.94 23.22
N VAL D 88 40.14 -16.90 21.99
CA VAL D 88 38.69 -16.99 21.75
C VAL D 88 38.45 -18.31 21.03
N GLN D 89 37.79 -19.25 21.71
CA GLN D 89 37.40 -20.47 21.04
C GLN D 89 36.14 -20.18 20.24
N THR D 90 36.03 -20.80 19.06
CA THR D 90 34.81 -20.61 18.27
C THR D 90 34.13 -21.96 18.09
N ILE D 91 32.81 -21.98 18.20
CA ILE D 91 32.05 -23.22 18.15
C ILE D 91 30.87 -22.98 17.23
N CYS D 92 30.85 -23.63 16.08
CA CYS D 92 29.75 -23.50 15.14
C CYS D 92 28.64 -24.49 15.48
N ILE D 93 27.42 -23.98 15.70
CA ILE D 93 26.22 -24.80 15.81
C ILE D 93 25.24 -24.32 14.75
N GLY D 94 24.58 -25.25 14.07
CA GLY D 94 23.59 -24.83 13.07
C GLY D 94 24.26 -24.46 11.76
N MET D 95 24.66 -23.21 11.62
CA MET D 95 25.23 -22.75 10.35
C MET D 95 26.19 -21.60 10.62
N ALA D 96 27.33 -21.58 9.93
CA ALA D 96 28.18 -20.39 9.90
C ALA D 96 28.41 -20.11 8.42
N ALA D 97 27.79 -19.06 7.90
CA ALA D 97 27.84 -18.77 6.48
C ALA D 97 28.45 -17.40 6.28
N SER D 98 29.21 -17.23 5.20
CA SER D 98 29.68 -15.89 4.80
C SER D 98 30.52 -15.31 5.94
N MET D 99 30.27 -14.09 6.41
CA MET D 99 31.10 -13.58 7.51
C MET D 99 30.99 -14.44 8.77
N GLY D 100 29.93 -15.22 8.91
CA GLY D 100 29.88 -16.17 10.02
C GLY D 100 30.97 -17.25 9.92
N SER D 101 31.18 -17.79 8.72
CA SER D 101 32.26 -18.78 8.59
C SER D 101 33.62 -18.11 8.68
N PHE D 102 33.72 -16.86 8.26
CA PHE D 102 34.97 -16.13 8.44
C PHE D 102 35.31 -15.99 9.92
N LEU D 103 34.32 -15.65 10.76
CA LEU D 103 34.58 -15.53 12.20
C LEU D 103 34.85 -16.90 12.83
N LEU D 104 34.18 -17.95 12.35
CA LEU D 104 34.49 -19.31 12.84
C LEU D 104 35.96 -19.63 12.63
N ALA D 105 36.48 -19.37 11.42
CA ALA D 105 37.88 -19.63 11.10
C ALA D 105 38.84 -18.72 11.86
N ALA D 106 38.34 -17.65 12.47
CA ALA D 106 39.16 -16.67 13.16
C ALA D 106 39.46 -17.04 14.61
N GLY D 107 38.85 -18.10 15.14
CA GLY D 107 39.10 -18.48 16.53
C GLY D 107 40.55 -18.90 16.74
N ALA D 108 40.93 -19.00 18.01
CA ALA D 108 42.29 -19.40 18.36
C ALA D 108 42.65 -20.73 17.71
N LYS D 109 43.83 -20.79 17.12
CA LYS D 109 44.24 -21.99 16.40
C LYS D 109 44.28 -23.19 17.36
N GLY D 110 43.68 -24.32 16.95
CA GLY D 110 43.44 -25.45 17.83
C GLY D 110 42.13 -25.38 18.60
N LYS D 111 41.46 -24.23 18.63
CA LYS D 111 40.24 -24.12 19.42
C LYS D 111 39.06 -23.66 18.56
N ARG D 112 39.01 -24.09 17.31
CA ARG D 112 37.89 -23.83 16.40
C ARG D 112 37.16 -25.15 16.19
N PHE D 113 35.85 -25.15 16.48
CA PHE D 113 35.06 -26.37 16.50
C PHE D 113 33.76 -26.19 15.73
N ALA D 114 33.21 -27.32 15.28
CA ALA D 114 31.83 -27.37 14.83
C ALA D 114 31.19 -28.63 15.37
N LEU D 115 29.90 -28.55 15.67
CA LEU D 115 29.15 -29.74 16.05
C LEU D 115 28.89 -30.56 14.78
N PRO D 116 28.62 -31.86 14.91
CA PRO D 116 28.70 -32.77 13.75
C PRO D 116 27.74 -32.45 12.62
N ASN D 117 26.56 -31.90 12.91
CA ASN D 117 25.60 -31.61 11.86
C ASN D 117 25.55 -30.13 11.52
N ALA D 118 26.48 -29.34 12.06
CA ALA D 118 26.54 -27.93 11.71
C ALA D 118 27.00 -27.77 10.27
N GLU D 119 26.57 -26.69 9.62
CA GLU D 119 26.96 -26.43 8.25
C GLU D 119 27.84 -25.19 8.19
N VAL D 120 28.78 -25.20 7.26
CA VAL D 120 29.67 -24.07 7.04
C VAL D 120 29.56 -23.70 5.57
N MET D 121 29.35 -22.43 5.27
CA MET D 121 29.25 -21.99 3.88
C MET D 121 30.22 -20.85 3.63
N ILE D 122 30.98 -20.94 2.55
CA ILE D 122 31.89 -19.87 2.17
C ILE D 122 31.50 -19.37 0.78
N HIS D 123 31.74 -18.08 0.53
CA HIS D 123 31.30 -17.50 -0.74
C HIS D 123 32.07 -16.21 -0.96
N GLN D 124 31.82 -15.54 -2.07
CA GLN D 124 32.46 -14.26 -2.26
C GLN D 124 31.55 -13.14 -1.79
N PRO D 125 32.10 -11.93 -1.58
CA PRO D 125 31.28 -10.80 -1.12
C PRO D 125 30.17 -10.48 -2.11
N LEU D 126 29.09 -9.90 -1.55
CA LEU D 126 27.92 -9.41 -2.29
C LEU D 126 27.78 -7.93 -2.01
N GLY D 127 27.28 -7.19 -2.99
CA GLY D 127 27.10 -5.77 -2.76
C GLY D 127 26.32 -5.17 -3.90
N GLY D 128 26.39 -3.86 -3.99
CA GLY D 128 25.63 -3.20 -5.03
C GLY D 128 26.24 -1.85 -5.28
N ALA D 129 25.91 -1.28 -6.44
CA ALA D 129 26.41 0.05 -6.76
C ALA D 129 25.45 0.65 -7.80
N GLN D 130 25.18 1.95 -7.67
CA GLN D 130 24.35 2.67 -8.64
C GLN D 130 24.95 4.05 -8.83
N GLY D 131 24.83 4.59 -10.05
CA GLY D 131 25.28 5.95 -10.24
C GLY D 131 26.08 6.10 -11.51
N GLN D 132 26.98 7.08 -11.54
CA GLN D 132 27.79 7.30 -12.73
C GLN D 132 28.79 6.16 -12.91
N ALA D 133 29.26 6.01 -14.15
CA ALA D 133 30.30 5.02 -14.44
C ALA D 133 31.47 5.12 -13.45
N THR D 134 31.93 6.35 -13.19
CA THR D 134 33.03 6.56 -12.25
C THR D 134 32.73 6.00 -10.86
N GLU D 135 31.49 6.19 -10.39
CA GLU D 135 31.09 5.70 -9.07
C GLU D 135 30.97 4.19 -9.06
N ILE D 136 30.46 3.61 -10.14
CA ILE D 136 30.38 2.16 -10.22
C ILE D 136 31.78 1.54 -10.20
N GLU D 137 32.73 2.18 -10.89
CA GLU D 137 34.12 1.72 -10.88
C GLU D 137 34.71 1.77 -9.47
N ILE D 138 34.46 2.86 -8.73
CA ILE D 138 34.95 2.95 -7.35
C ILE D 138 34.36 1.84 -6.50
N ALA D 139 33.06 1.57 -6.65
CA ALA D 139 32.43 0.51 -5.85
C ALA D 139 32.97 -0.85 -6.24
N ALA D 140 33.19 -1.09 -7.54
CA ALA D 140 33.73 -2.38 -7.97
C ALA D 140 35.14 -2.59 -7.42
N ASN D 141 35.99 -1.56 -7.53
CA ASN D 141 37.34 -1.68 -7.00
C ASN D 141 37.32 -1.96 -5.50
N HIS D 142 36.41 -1.30 -4.78
CA HIS D 142 36.33 -1.50 -3.33
C HIS D 142 35.92 -2.94 -3.00
N ILE D 143 34.89 -3.47 -3.68
CA ILE D 143 34.45 -4.81 -3.30
C ILE D 143 35.48 -5.84 -3.76
N LEU D 144 36.20 -5.58 -4.84
CA LEU D 144 37.25 -6.50 -5.25
C LEU D 144 38.42 -6.50 -4.23
N LYS D 145 38.80 -5.32 -3.74
CA LYS D 145 39.82 -5.26 -2.68
C LYS D 145 39.34 -5.96 -1.41
N THR D 146 38.07 -5.78 -1.07
CA THR D 146 37.52 -6.49 0.08
C THR D 146 37.62 -8.01 -0.10
N ARG D 147 37.29 -8.52 -1.29
CA ARG D 147 37.43 -9.95 -1.51
C ARG D 147 38.88 -10.40 -1.35
N GLU D 148 39.84 -9.63 -1.88
CA GLU D 148 41.25 -10.03 -1.75
C GLU D 148 41.67 -10.05 -0.29
N LYS D 149 41.21 -9.07 0.50
CA LYS D 149 41.51 -9.04 1.93
C LYS D 149 40.96 -10.27 2.65
N LEU D 150 39.69 -10.61 2.37
CA LEU D 150 39.11 -11.81 2.97
C LEU D 150 39.85 -13.07 2.56
N ASN D 151 40.21 -13.19 1.28
CA ASN D 151 40.86 -14.43 0.82
C ASN D 151 42.22 -14.59 1.42
N ARG D 152 42.95 -13.49 1.54
CA ARG D 152 44.27 -13.53 2.13
C ARG D 152 44.22 -14.01 3.57
N ILE D 153 43.28 -13.47 4.36
CA ILE D 153 43.15 -13.93 5.74
C ILE D 153 42.67 -15.38 5.81
N LEU D 154 41.69 -15.76 4.98
CA LEU D 154 41.26 -17.15 5.00
C LEU D 154 42.41 -18.08 4.63
N SER D 155 43.26 -17.66 3.70
CA SER D 155 44.43 -18.47 3.34
C SER D 155 45.34 -18.67 4.55
N GLU D 156 45.62 -17.60 5.28
CA GLU D 156 46.45 -17.68 6.48
C GLU D 156 45.79 -18.57 7.54
N ARG D 157 44.47 -18.47 7.71
CA ARG D 157 43.86 -19.22 8.82
C ARG D 157 43.56 -20.67 8.47
N THR D 158 43.46 -21.02 7.18
CA THR D 158 43.15 -22.39 6.81
C THR D 158 44.37 -23.15 6.30
N GLY D 159 45.43 -22.45 5.89
CA GLY D 159 46.52 -23.08 5.17
C GLY D 159 46.27 -23.36 3.70
N GLN D 160 45.11 -23.01 3.14
CA GLN D 160 44.90 -23.15 1.71
C GLN D 160 45.51 -21.98 0.97
N SER D 161 45.87 -22.20 -0.30
CA SER D 161 46.41 -21.09 -1.08
C SER D 161 45.29 -20.09 -1.40
N ILE D 162 45.71 -18.84 -1.69
CA ILE D 162 44.72 -17.83 -2.09
C ILE D 162 44.00 -18.24 -3.36
N GLU D 163 44.71 -18.89 -4.30
CA GLU D 163 44.08 -19.30 -5.55
C GLU D 163 43.01 -20.35 -5.30
N LYS D 164 43.25 -21.27 -4.37
CA LYS D 164 42.22 -22.27 -4.08
C LYS D 164 41.01 -21.63 -3.40
N ILE D 165 41.25 -20.71 -2.46
CA ILE D 165 40.12 -20.04 -1.81
C ILE D 165 39.31 -19.26 -2.84
N GLN D 166 39.98 -18.57 -3.75
CA GLN D 166 39.27 -17.85 -4.82
C GLN D 166 38.41 -18.79 -5.64
N GLN D 167 38.98 -19.93 -6.07
CA GLN D 167 38.18 -20.88 -6.85
C GLN D 167 37.02 -21.43 -6.03
N ASP D 168 37.26 -21.72 -4.75
CA ASP D 168 36.24 -22.39 -3.94
C ASP D 168 35.16 -21.44 -3.43
N THR D 169 35.33 -20.13 -3.59
CA THR D 169 34.31 -19.18 -3.17
C THR D 169 33.63 -18.51 -4.35
N ASP D 170 33.98 -18.88 -5.58
CA ASP D 170 33.39 -18.23 -6.76
C ASP D 170 31.87 -18.35 -6.74
N ARG D 171 31.37 -19.53 -6.37
CA ARG D 171 29.96 -19.80 -6.11
C ARG D 171 29.81 -20.22 -4.66
N ASP D 172 28.58 -20.15 -4.13
CA ASP D 172 28.33 -20.59 -2.77
C ASP D 172 28.79 -22.02 -2.58
N ASN D 173 29.51 -22.27 -1.49
CA ASN D 173 30.15 -23.57 -1.27
C ASN D 173 29.74 -24.04 0.11
N PHE D 174 28.87 -25.07 0.18
CA PHE D 174 28.37 -25.58 1.47
C PHE D 174 29.25 -26.75 1.92
N LEU D 175 29.75 -26.70 3.16
CA LEU D 175 30.61 -27.76 3.69
C LEU D 175 29.96 -28.39 4.90
N THR D 176 30.10 -29.71 5.05
CA THR D 176 29.79 -30.34 6.33
C THR D 176 30.86 -29.98 7.35
N ALA D 177 30.57 -30.29 8.62
CA ALA D 177 31.59 -30.05 9.66
C ALA D 177 32.87 -30.83 9.35
N ALA D 178 32.74 -32.10 8.94
CA ALA D 178 33.93 -32.88 8.60
C ALA D 178 34.70 -32.24 7.43
N GLU D 179 33.99 -31.77 6.41
CA GLU D 179 34.68 -31.09 5.30
C GLU D 179 35.31 -29.79 5.75
N ALA D 180 34.65 -29.06 6.65
CA ALA D 180 35.25 -27.81 7.14
C ALA D 180 36.56 -28.10 7.89
N LYS D 181 36.59 -29.21 8.62
CA LYS D 181 37.84 -29.59 9.30
C LYS D 181 38.92 -29.93 8.27
N GLU D 182 38.57 -30.74 7.27
CA GLU D 182 39.55 -31.07 6.23
C GLU D 182 40.04 -29.82 5.51
N TYR D 183 39.16 -28.83 5.38
CA TYR D 183 39.52 -27.60 4.68
C TYR D 183 40.44 -26.72 5.51
N GLY D 184 40.43 -26.86 6.83
CA GLY D 184 41.19 -25.98 7.70
C GLY D 184 40.39 -24.83 8.30
N LEU D 185 39.07 -24.77 8.07
CA LEU D 185 38.25 -23.72 8.69
C LEU D 185 38.04 -23.95 10.18
N ILE D 186 38.03 -25.21 10.61
CA ILE D 186 37.96 -25.55 12.03
C ILE D 186 39.06 -26.58 12.29
N ASP D 187 39.32 -26.80 13.56
CA ASP D 187 40.32 -27.78 14.00
C ASP D 187 39.73 -29.13 14.36
N GLU D 188 38.49 -29.17 14.86
CA GLU D 188 37.93 -30.44 15.32
C GLU D 188 36.43 -30.41 15.16
N VAL D 189 35.86 -31.55 14.83
CA VAL D 189 34.41 -31.76 14.96
C VAL D 189 34.18 -32.22 16.39
N MET D 190 33.35 -31.50 17.14
CA MET D 190 33.11 -31.83 18.55
C MET D 190 32.16 -33.01 18.65
N GLU D 191 32.62 -34.10 19.21
CA GLU D 191 31.78 -35.28 19.35
C GLU D 191 31.17 -35.33 20.75
N PRO D 192 30.07 -36.09 20.90
CA PRO D 192 29.26 -35.99 22.13
C PRO D 192 29.97 -36.36 23.44
N ILE E 4 22.93 -5.61 24.45
CA ILE E 4 21.87 -6.48 24.93
C ILE E 4 22.16 -7.12 26.32
N PRO E 5 23.30 -7.80 26.53
CA PRO E 5 23.45 -8.58 27.78
C PRO E 5 23.65 -7.71 29.01
N THR E 6 23.33 -8.29 30.16
CA THR E 6 23.46 -7.65 31.46
C THR E 6 24.66 -8.23 32.22
N TYR E 18 24.05 -3.69 35.10
CA TYR E 18 24.34 -2.86 33.94
C TYR E 18 24.05 -3.63 32.65
N ASP E 19 23.57 -2.95 31.62
CA ASP E 19 23.78 -3.51 30.28
C ASP E 19 25.28 -3.41 29.92
N ILE E 20 25.71 -4.13 28.87
CA ILE E 20 27.14 -4.20 28.58
C ILE E 20 27.72 -2.81 28.31
N TYR E 21 26.95 -1.92 27.66
CA TYR E 21 27.51 -0.59 27.34
C TYR E 21 27.66 0.25 28.59
N SER E 22 26.69 0.18 29.50
CA SER E 22 26.79 0.89 30.76
C SER E 22 28.00 0.39 31.55
N ARG E 23 28.27 -0.90 31.48
CA ARG E 23 29.44 -1.45 32.18
C ARG E 23 30.73 -0.89 31.60
N LEU E 24 30.82 -0.80 30.27
CA LEU E 24 32.01 -0.21 29.66
C LEU E 24 32.13 1.28 30.00
N LEU E 25 31.00 1.98 30.06
CA LEU E 25 31.05 3.42 30.37
C LEU E 25 31.65 3.67 31.76
N LYS E 26 31.44 2.74 32.70
CA LYS E 26 32.09 2.83 34.00
C LYS E 26 33.61 2.87 33.88
N ASP E 27 34.18 2.25 32.84
CA ASP E 27 35.62 2.31 32.55
C ASP E 27 35.99 3.38 31.53
N ARG E 28 35.09 4.35 31.32
CA ARG E 28 35.32 5.51 30.47
C ARG E 28 35.41 5.14 28.99
N ILE E 29 34.69 4.10 28.58
CA ILE E 29 34.64 3.66 27.20
C ILE E 29 33.25 4.00 26.65
N ILE E 30 33.22 4.68 25.51
CA ILE E 30 31.98 5.03 24.81
C ILE E 30 32.00 4.30 23.48
N MET E 31 30.88 3.65 23.13
CA MET E 31 30.86 2.82 21.93
C MET E 31 29.96 3.54 20.91
N LEU E 32 30.55 4.04 19.83
CA LEU E 32 29.76 4.62 18.74
C LEU E 32 29.69 3.57 17.64
N GLY E 33 28.53 2.92 17.53
CA GLY E 33 28.42 1.77 16.67
C GLY E 33 27.21 1.85 15.74
N SER E 34 26.86 3.05 15.29
CA SER E 34 25.67 3.19 14.44
C SER E 34 25.83 4.43 13.59
N GLN E 35 24.82 4.68 12.74
CA GLN E 35 24.68 5.96 12.08
C GLN E 35 24.58 7.07 13.13
N ILE E 36 25.09 8.25 12.79
CA ILE E 36 25.12 9.39 13.70
C ILE E 36 23.89 10.25 13.40
N ASP E 37 22.88 10.19 14.26
CA ASP E 37 21.75 11.10 14.15
C ASP E 37 21.67 11.91 15.43
N ASP E 38 20.63 12.74 15.56
CA ASP E 38 20.56 13.63 16.72
C ASP E 38 20.44 12.84 18.03
N ASN E 39 19.73 11.71 18.02
CA ASN E 39 19.60 10.92 19.25
C ASN E 39 20.93 10.33 19.68
N VAL E 40 21.68 9.79 18.70
CA VAL E 40 22.99 9.23 19.01
C VAL E 40 23.93 10.31 19.52
N ALA E 41 23.94 11.48 18.84
CA ALA E 41 24.81 12.56 19.29
C ALA E 41 24.43 13.03 20.69
N ASN E 42 23.15 13.17 20.97
CA ASN E 42 22.75 13.61 22.30
C ASN E 42 23.26 12.64 23.36
N SER E 43 23.18 11.32 23.07
CA SER E 43 23.66 10.32 24.03
C SER E 43 25.18 10.38 24.19
N ILE E 44 25.92 10.49 23.07
CA ILE E 44 27.37 10.54 23.14
C ILE E 44 27.84 11.80 23.86
N VAL E 45 27.24 12.94 23.53
CA VAL E 45 27.59 14.19 24.22
C VAL E 45 27.34 14.06 25.71
N SER E 46 26.18 13.51 26.08
CA SER E 46 25.85 13.35 27.50
C SER E 46 26.87 12.45 28.20
N GLN E 47 27.29 11.37 27.54
CA GLN E 47 28.30 10.50 28.13
C GLN E 47 29.64 11.21 28.29
N LEU E 48 30.03 12.01 27.29
CA LEU E 48 31.28 12.78 27.41
C LEU E 48 31.22 13.77 28.56
N LEU E 49 30.10 14.49 28.71
CA LEU E 49 29.99 15.45 29.81
C LEU E 49 29.99 14.74 31.16
N PHE E 50 29.29 13.62 31.23
CA PHE E 50 29.28 12.83 32.45
C PHE E 50 30.68 12.36 32.82
N LEU E 51 31.44 11.84 31.85
CA LEU E 51 32.77 11.33 32.16
C LEU E 51 33.70 12.47 32.61
N GLN E 52 33.60 13.64 31.96
CA GLN E 52 34.41 14.78 32.39
C GLN E 52 34.07 15.17 33.83
N ALA E 53 32.77 15.17 34.17
CA ALA E 53 32.36 15.52 35.53
C ALA E 53 32.85 14.50 36.55
N GLN E 54 32.93 13.22 36.17
CA GLN E 54 33.47 12.21 37.07
C GLN E 54 34.96 12.39 37.30
N ASP E 55 35.71 12.71 36.25
CA ASP E 55 37.16 12.87 36.39
C ASP E 55 37.64 13.68 35.20
N SER E 56 38.15 14.87 35.45
CA SER E 56 38.48 15.75 34.35
C SER E 56 39.87 15.49 33.79
N GLU E 57 40.62 14.56 34.36
CA GLU E 57 41.99 14.30 33.90
C GLU E 57 42.17 12.98 33.16
N LYS E 58 41.38 11.95 33.49
CA LYS E 58 41.61 10.62 32.93
C LYS E 58 41.09 10.59 31.49
N ASP E 59 41.80 9.88 30.60
CA ASP E 59 41.21 10.08 29.29
C ASP E 59 40.05 9.11 29.07
N ILE E 60 39.40 9.32 27.93
CA ILE E 60 38.17 8.68 27.52
C ILE E 60 38.49 7.91 26.25
N TYR E 61 37.83 6.78 26.04
CA TYR E 61 38.06 5.94 24.86
C TYR E 61 36.78 5.90 24.05
N LEU E 62 36.84 6.37 22.80
CA LEU E 62 35.66 6.40 21.91
C LEU E 62 35.91 5.41 20.78
N TYR E 63 35.20 4.28 20.81
CA TYR E 63 35.26 3.32 19.72
C TYR E 63 34.29 3.76 18.61
N ILE E 64 34.74 3.67 17.37
CA ILE E 64 33.94 4.17 16.25
C ILE E 64 33.79 3.07 15.21
N ASN E 65 32.55 2.65 14.98
CA ASN E 65 32.19 1.82 13.84
C ASN E 65 30.93 2.47 13.30
N SER E 66 31.07 3.33 12.29
CA SER E 66 29.90 4.18 11.95
C SER E 66 29.97 4.53 10.47
N PRO E 67 28.87 4.42 9.74
CA PRO E 67 28.85 4.89 8.34
C PRO E 67 28.70 6.39 8.21
N GLY E 68 28.60 7.11 9.31
CA GLY E 68 28.39 8.56 9.22
C GLY E 68 26.99 8.92 9.62
N GLY E 69 26.48 10.04 9.13
CA GLY E 69 25.13 10.46 9.46
C GLY E 69 24.98 11.95 9.32
N SER E 70 24.27 12.58 10.26
CA SER E 70 23.98 14.00 10.18
C SER E 70 25.23 14.84 10.43
N VAL E 71 25.48 15.85 9.59
CA VAL E 71 26.68 16.66 9.79
C VAL E 71 26.56 17.47 11.07
N THR E 72 25.37 17.99 11.39
CA THR E 72 25.25 18.80 12.60
C THR E 72 25.31 17.94 13.85
N ALA E 73 24.73 16.73 13.79
CA ALA E 73 24.90 15.81 14.91
C ALA E 73 26.37 15.44 15.10
N GLY E 74 27.08 15.22 13.99
CA GLY E 74 28.51 14.96 14.08
C GLY E 74 29.28 16.11 14.70
N PHE E 75 28.92 17.36 14.33
CA PHE E 75 29.62 18.50 14.93
C PHE E 75 29.28 18.69 16.39
N ALA E 76 28.08 18.29 16.82
CA ALA E 76 27.80 18.33 18.26
C ALA E 76 28.80 17.46 19.02
N ILE E 77 29.08 16.27 18.49
CA ILE E 77 30.06 15.39 19.14
C ILE E 77 31.47 15.97 19.00
N TYR E 78 31.82 16.43 17.78
CA TYR E 78 33.15 16.98 17.56
C TYR E 78 33.46 18.12 18.53
N ASP E 79 32.56 19.10 18.64
CA ASP E 79 32.83 20.26 19.50
C ASP E 79 32.87 19.86 20.96
N THR E 80 32.08 18.86 21.37
CA THR E 80 32.13 18.44 22.77
C THR E 80 33.47 17.79 23.07
N ILE E 81 33.96 16.94 22.16
CA ILE E 81 35.30 16.37 22.31
C ILE E 81 36.33 17.48 22.49
N GLN E 82 36.29 18.50 21.63
CA GLN E 82 37.32 19.54 21.74
C GLN E 82 37.11 20.40 22.99
N HIS E 83 35.90 20.47 23.49
CA HIS E 83 35.62 21.36 24.60
C HIS E 83 36.09 20.79 25.95
N ILE E 84 35.90 19.50 26.17
CA ILE E 84 36.10 18.95 27.51
C ILE E 84 37.59 18.83 27.80
N LYS E 85 37.92 18.75 29.09
CA LYS E 85 39.34 18.67 29.51
C LYS E 85 40.01 17.34 29.22
N PRO E 86 39.40 16.17 29.50
CA PRO E 86 40.07 14.90 29.21
C PRO E 86 40.41 14.74 27.73
N ASP E 87 41.52 14.06 27.46
CA ASP E 87 41.80 13.56 26.12
C ASP E 87 40.76 12.51 25.74
N VAL E 88 40.35 12.52 24.48
CA VAL E 88 39.46 11.47 23.95
C VAL E 88 40.27 10.68 22.94
N GLN E 89 40.58 9.43 23.26
CA GLN E 89 41.22 8.57 22.28
C GLN E 89 40.13 8.06 21.33
N THR E 90 40.46 7.92 20.06
CA THR E 90 39.49 7.36 19.12
C THR E 90 40.05 6.09 18.51
N ILE E 91 39.20 5.07 18.38
CA ILE E 91 39.65 3.76 17.92
C ILE E 91 38.65 3.30 16.87
N CYS E 92 39.07 3.21 15.63
CA CYS E 92 38.20 2.75 14.56
C CYS E 92 38.25 1.23 14.46
N ILE E 93 37.08 0.58 14.56
CA ILE E 93 36.92 -0.84 14.26
C ILE E 93 35.86 -0.97 13.18
N GLY E 94 36.10 -1.83 12.20
CA GLY E 94 35.09 -2.02 11.17
C GLY E 94 35.18 -0.93 10.11
N MET E 95 34.49 0.18 10.32
CA MET E 95 34.46 1.24 9.32
C MET E 95 34.22 2.58 10.01
N ALA E 96 34.92 3.62 9.55
CA ALA E 96 34.57 4.99 9.94
C ALA E 96 34.44 5.75 8.63
N ALA E 97 33.21 6.09 8.26
CA ALA E 97 32.95 6.71 6.95
C ALA E 97 32.30 8.06 7.18
N SER E 98 32.61 9.03 6.32
CA SER E 98 31.88 10.31 6.33
C SER E 98 32.07 10.96 7.70
N MET E 99 30.99 11.39 8.38
CA MET E 99 31.21 12.02 9.69
C MET E 99 31.85 11.05 10.70
N GLY E 100 31.74 9.74 10.46
CA GLY E 100 32.50 8.80 11.30
C GLY E 100 34.01 8.97 11.17
N SER E 101 34.51 9.14 9.93
CA SER E 101 35.95 9.35 9.79
C SER E 101 36.34 10.74 10.27
N PHE E 102 35.43 11.70 10.17
CA PHE E 102 35.71 13.02 10.73
C PHE E 102 35.89 12.93 12.25
N LEU E 103 35.04 12.18 12.94
CA LEU E 103 35.20 12.04 14.38
C LEU E 103 36.43 11.21 14.74
N LEU E 104 36.77 10.21 13.93
CA LEU E 104 38.02 9.47 14.14
C LEU E 104 39.22 10.41 14.14
N ALA E 105 39.28 11.30 13.14
CA ALA E 105 40.39 12.25 13.04
C ALA E 105 40.36 13.31 14.14
N ALA E 106 39.25 13.43 14.87
CA ALA E 106 39.09 14.44 15.90
C ALA E 106 39.64 14.02 17.26
N GLY E 107 40.07 12.77 17.42
CA GLY E 107 40.58 12.32 18.70
C GLY E 107 41.86 13.07 19.08
N ALA E 108 42.24 12.93 20.35
CA ALA E 108 43.46 13.59 20.84
C ALA E 108 44.67 13.21 19.98
N LYS E 109 45.45 14.21 19.61
CA LYS E 109 46.59 13.97 18.74
C LYS E 109 47.57 12.99 19.40
N GLY E 110 48.02 11.98 18.65
CA GLY E 110 48.75 10.86 19.20
C GLY E 110 47.90 9.72 19.71
N LYS E 111 46.59 9.92 19.87
CA LYS E 111 45.73 8.88 20.44
C LYS E 111 44.58 8.52 19.50
N ARG E 112 44.81 8.57 18.19
CA ARG E 112 43.84 8.17 17.18
C ARG E 112 44.34 6.88 16.55
N PHE E 113 43.51 5.83 16.59
CA PHE E 113 43.92 4.50 16.19
C PHE E 113 42.90 3.88 15.26
N ALA E 114 43.36 2.90 14.49
CA ALA E 114 42.48 1.99 13.78
C ALA E 114 43.05 0.58 13.90
N LEU E 115 42.15 -0.40 13.98
CA LEU E 115 42.58 -1.79 13.93
C LEU E 115 42.96 -2.13 12.49
N PRO E 116 43.77 -3.17 12.28
CA PRO E 116 44.46 -3.34 10.98
C PRO E 116 43.54 -3.54 9.79
N ASN E 117 42.37 -4.14 9.97
CA ASN E 117 41.46 -4.38 8.85
C ASN E 117 40.30 -3.40 8.85
N ALA E 118 40.33 -2.38 9.71
CA ALA E 118 39.28 -1.37 9.70
C ALA E 118 39.40 -0.53 8.44
N GLU E 119 38.27 0.00 7.99
CA GLU E 119 38.26 0.84 6.80
C GLU E 119 37.89 2.27 7.18
N VAL E 120 38.47 3.22 6.45
CA VAL E 120 38.18 4.63 6.67
C VAL E 120 37.77 5.19 5.31
N MET E 121 36.64 5.91 5.27
CA MET E 121 36.18 6.49 4.01
C MET E 121 35.92 7.98 4.21
N ILE E 122 36.43 8.79 3.29
CA ILE E 122 36.21 10.23 3.33
C ILE E 122 35.50 10.63 2.04
N HIS E 123 34.67 11.68 2.13
CA HIS E 123 33.87 12.08 0.96
C HIS E 123 33.39 13.50 1.19
N GLN E 124 32.66 14.03 0.22
CA GLN E 124 32.11 15.35 0.44
C GLN E 124 30.69 15.24 0.98
N PRO E 125 30.16 16.33 1.53
CA PRO E 125 28.78 16.30 2.08
C PRO E 125 27.76 15.95 1.00
N LEU E 126 26.65 15.36 1.46
CA LEU E 126 25.49 15.00 0.66
C LEU E 126 24.29 15.74 1.22
N GLY E 127 23.35 16.10 0.36
CA GLY E 127 22.18 16.77 0.87
C GLY E 127 21.16 16.90 -0.24
N GLY E 128 20.20 17.79 -0.02
CA GLY E 128 19.15 17.93 -1.01
C GLY E 128 18.51 19.27 -0.84
N ALA E 129 17.80 19.71 -1.88
CA ALA E 129 17.11 20.98 -1.81
C ALA E 129 15.99 20.95 -2.84
N GLN E 130 14.83 21.51 -2.49
CA GLN E 130 13.70 21.62 -3.40
C GLN E 130 13.03 22.96 -3.17
N GLY E 131 12.49 23.55 -4.23
CA GLY E 131 11.74 24.77 -4.04
C GLY E 131 12.08 25.82 -5.08
N GLN E 132 11.94 27.08 -4.72
CA GLN E 132 12.24 28.15 -5.66
C GLN E 132 13.73 28.25 -5.90
N ALA E 133 14.10 28.85 -7.04
CA ALA E 133 15.52 29.07 -7.34
C ALA E 133 16.25 29.73 -6.17
N THR E 134 15.64 30.75 -5.56
CA THR E 134 16.25 31.42 -4.40
C THR E 134 16.53 30.45 -3.26
N GLU E 135 15.60 29.54 -2.99
CA GLU E 135 15.79 28.57 -1.91
C GLU E 135 16.85 27.53 -2.26
N ILE E 136 16.90 27.12 -3.52
CA ILE E 136 17.95 26.18 -3.93
C ILE E 136 19.32 26.83 -3.79
N GLU E 137 19.42 28.11 -4.13
CA GLU E 137 20.67 28.84 -3.97
C GLU E 137 21.10 28.91 -2.50
N ILE E 138 20.15 29.20 -1.60
CA ILE E 138 20.46 29.23 -0.17
C ILE E 138 20.96 27.86 0.30
N ALA E 139 20.31 26.78 -0.14
CA ALA E 139 20.74 25.45 0.27
C ALA E 139 22.11 25.11 -0.31
N ALA E 140 22.37 25.49 -1.57
CA ALA E 140 23.66 25.22 -2.17
C ALA E 140 24.77 25.97 -1.43
N ASN E 141 24.55 27.25 -1.15
CA ASN E 141 25.54 28.03 -0.42
C ASN E 141 25.82 27.42 0.95
N HIS E 142 24.76 26.94 1.61
CA HIS E 142 24.93 26.35 2.94
C HIS E 142 25.77 25.07 2.87
N ILE E 143 25.46 24.18 1.92
CA ILE E 143 26.22 22.92 1.90
C ILE E 143 27.65 23.18 1.43
N LEU E 144 27.86 24.18 0.57
CA LEU E 144 29.23 24.50 0.17
C LEU E 144 30.03 25.07 1.35
N LYS E 145 29.41 25.94 2.16
CA LYS E 145 30.09 26.43 3.37
C LYS E 145 30.36 25.29 4.34
N THR E 146 29.42 24.36 4.48
CA THR E 146 29.66 23.18 5.32
C THR E 146 30.86 22.38 4.84
N ARG E 147 30.98 22.17 3.52
CA ARG E 147 32.14 21.45 3.01
C ARG E 147 33.43 22.19 3.34
N GLU E 148 33.44 23.52 3.17
CA GLU E 148 34.67 24.28 3.47
C GLU E 148 35.05 24.16 4.94
N LYS E 149 34.04 24.20 5.83
CA LYS E 149 34.28 24.04 7.26
C LYS E 149 34.88 22.67 7.57
N LEU E 150 34.30 21.60 7.00
CA LEU E 150 34.87 20.27 7.20
C LEU E 150 36.28 20.16 6.67
N ASN E 151 36.54 20.72 5.48
CA ASN E 151 37.86 20.55 4.88
C ASN E 151 38.92 21.29 5.67
N ARG E 152 38.56 22.46 6.16
CA ARG E 152 39.50 23.24 6.95
C ARG E 152 39.90 22.51 8.23
N ILE E 153 38.92 21.92 8.93
CA ILE E 153 39.24 21.16 10.13
C ILE E 153 40.04 19.90 9.78
N LEU E 154 39.64 19.17 8.73
CA LEU E 154 40.41 17.99 8.36
C LEU E 154 41.84 18.36 8.00
N SER E 155 42.04 19.52 7.36
CA SER E 155 43.39 19.98 7.05
C SER E 155 44.20 20.18 8.32
N GLU E 156 43.60 20.84 9.32
CA GLU E 156 44.27 21.06 10.60
C GLU E 156 44.56 19.73 11.30
N ARG E 157 43.64 18.78 11.25
CA ARG E 157 43.86 17.56 12.03
C ARG E 157 44.75 16.54 11.32
N THR E 158 44.88 16.61 9.99
CA THR E 158 45.70 15.64 9.26
C THR E 158 47.04 16.22 8.83
N GLY E 159 47.18 17.53 8.80
CA GLY E 159 48.33 18.15 8.16
C GLY E 159 48.30 18.22 6.64
N GLN E 160 47.25 17.73 5.99
CA GLN E 160 47.16 17.89 4.53
C GLN E 160 46.62 19.29 4.20
N SER E 161 46.97 19.77 2.99
CA SER E 161 46.44 21.07 2.60
C SER E 161 44.94 20.96 2.30
N ILE E 162 44.25 22.11 2.38
CA ILE E 162 42.81 22.12 2.04
C ILE E 162 42.60 21.70 0.59
N GLU E 163 43.51 22.09 -0.31
CA GLU E 163 43.34 21.72 -1.71
C GLU E 163 43.45 20.22 -1.91
N LYS E 164 44.34 19.56 -1.17
CA LYS E 164 44.45 18.11 -1.30
C LYS E 164 43.21 17.43 -0.73
N ILE E 165 42.71 17.90 0.42
CA ILE E 165 41.50 17.31 0.98
C ILE E 165 40.33 17.47 0.03
N GLN E 166 40.20 18.66 -0.58
CA GLN E 166 39.14 18.88 -1.57
C GLN E 166 39.26 17.90 -2.72
N GLN E 167 40.46 17.73 -3.28
CA GLN E 167 40.61 16.77 -4.38
C GLN E 167 40.31 15.36 -3.93
N ASP E 168 40.76 14.99 -2.73
CA ASP E 168 40.63 13.61 -2.28
C ASP E 168 39.24 13.25 -1.79
N THR E 169 38.35 14.22 -1.62
CA THR E 169 36.99 13.94 -1.19
C THR E 169 35.98 14.19 -2.29
N ASP E 170 36.43 14.57 -3.49
CA ASP E 170 35.49 14.86 -4.58
C ASP E 170 34.59 13.66 -4.86
N ARG E 171 35.16 12.47 -4.86
CA ARG E 171 34.48 11.18 -4.94
C ARG E 171 34.77 10.41 -3.66
N ASP E 172 33.95 9.40 -3.37
CA ASP E 172 34.18 8.55 -2.21
C ASP E 172 35.57 7.96 -2.27
N ASN E 173 36.29 8.03 -1.15
CA ASN E 173 37.69 7.64 -1.11
C ASN E 173 37.86 6.65 0.04
N PHE E 174 38.07 5.37 -0.28
CA PHE E 174 38.20 4.32 0.75
C PHE E 174 39.68 4.12 1.09
N LEU E 175 40.02 4.16 2.36
CA LEU E 175 41.41 4.00 2.80
C LEU E 175 41.52 2.78 3.71
N THR E 176 42.63 2.03 3.58
CA THR E 176 42.96 1.06 4.60
C THR E 176 43.44 1.78 5.86
N ALA E 177 43.55 1.02 6.97
CA ALA E 177 44.09 1.62 8.18
C ALA E 177 45.49 2.17 7.96
N ALA E 178 46.35 1.41 7.25
CA ALA E 178 47.70 1.90 6.97
C ALA E 178 47.67 3.17 6.14
N GLU E 179 46.78 3.24 5.13
CA GLU E 179 46.67 4.47 4.35
C GLU E 179 46.12 5.62 5.18
N ALA E 180 45.18 5.33 6.09
CA ALA E 180 44.66 6.39 6.94
C ALA E 180 45.76 6.97 7.83
N LYS E 181 46.67 6.10 8.29
CA LYS E 181 47.80 6.60 9.08
C LYS E 181 48.72 7.47 8.22
N GLU E 182 49.04 7.00 7.02
CA GLU E 182 49.88 7.80 6.13
C GLU E 182 49.21 9.13 5.81
N TYR E 183 47.88 9.15 5.74
CA TYR E 183 47.15 10.37 5.42
C TYR E 183 47.13 11.35 6.57
N GLY E 184 47.30 10.88 7.81
CA GLY E 184 47.17 11.73 8.97
C GLY E 184 45.81 11.70 9.64
N LEU E 185 44.90 10.81 9.20
CA LEU E 185 43.59 10.69 9.88
C LEU E 185 43.71 9.97 11.22
N ILE E 186 44.68 9.06 11.35
CA ILE E 186 44.96 8.40 12.62
C ILE E 186 46.47 8.50 12.83
N ASP E 187 46.88 8.20 14.06
CA ASP E 187 48.29 8.21 14.44
C ASP E 187 48.94 6.84 14.38
N GLU E 188 48.19 5.76 14.63
CA GLU E 188 48.81 4.44 14.69
C GLU E 188 47.79 3.39 14.27
N VAL E 189 48.27 2.36 13.58
CA VAL E 189 47.50 1.13 13.41
C VAL E 189 47.76 0.27 14.64
N MET E 190 46.71 -0.10 15.36
CA MET E 190 46.87 -0.87 16.59
C MET E 190 47.15 -2.33 16.25
N GLU E 191 48.31 -2.82 16.62
CA GLU E 191 48.65 -4.20 16.35
C GLU E 191 48.36 -5.08 17.56
N PRO E 192 48.23 -6.40 17.34
CA PRO E 192 47.69 -7.29 18.38
C PRO E 192 48.49 -7.35 19.69
N GLU E 193 47.79 -7.71 20.76
CA GLU E 193 48.37 -7.84 22.09
C GLU E 193 48.43 -9.28 22.58
N ILE F 4 20.48 6.27 26.51
CA ILE F 4 20.46 4.81 26.60
C ILE F 4 21.20 4.25 27.86
N PRO F 5 22.47 4.61 28.11
CA PRO F 5 23.22 3.89 29.17
C PRO F 5 22.75 4.25 30.58
N THR F 6 23.03 3.35 31.50
CA THR F 6 22.69 3.50 32.91
C THR F 6 23.94 3.81 33.72
N VAL F 7 23.78 4.54 34.80
CA VAL F 7 24.90 4.89 35.64
C VAL F 7 24.67 4.34 37.04
N ARG F 16 20.92 4.67 43.39
CA ARG F 16 20.46 3.48 42.69
C ARG F 16 20.92 3.44 41.22
N ALA F 17 20.00 3.68 40.30
CA ALA F 17 20.30 3.56 38.88
C ALA F 17 19.53 4.60 38.07
N TYR F 18 20.28 5.43 37.35
CA TYR F 18 19.79 6.47 36.46
C TYR F 18 20.12 6.11 35.01
N ASP F 19 19.24 6.48 34.07
CA ASP F 19 19.73 6.64 32.70
C ASP F 19 20.64 7.89 32.64
N ILE F 20 21.40 8.04 31.55
CA ILE F 20 22.40 9.12 31.50
C ILE F 20 21.72 10.48 31.64
N TYR F 21 20.51 10.65 31.07
CA TYR F 21 19.87 11.98 31.13
C TYR F 21 19.39 12.29 32.54
N SER F 22 18.86 11.28 33.23
CA SER F 22 18.45 11.47 34.62
C SER F 22 19.64 11.83 35.48
N ARG F 23 20.80 11.22 35.19
CA ARG F 23 22.01 11.54 35.94
C ARG F 23 22.42 13.00 35.73
N LEU F 24 22.35 13.49 34.48
CA LEU F 24 22.67 14.90 34.23
C LEU F 24 21.63 15.82 34.89
N LEU F 25 20.36 15.41 34.90
CA LEU F 25 19.34 16.26 35.51
C LEU F 25 19.61 16.49 37.00
N LYS F 26 20.21 15.50 37.67
CA LYS F 26 20.63 15.69 39.06
C LYS F 26 21.59 16.86 39.21
N ASP F 27 22.39 17.17 38.18
CA ASP F 27 23.29 18.33 38.17
C ASP F 27 22.67 19.55 37.47
N ARG F 28 21.35 19.55 37.32
CA ARG F 28 20.58 20.68 36.79
C ARG F 28 20.85 20.91 35.30
N ILE F 29 21.15 19.84 34.57
CA ILE F 29 21.37 19.89 33.13
C ILE F 29 20.18 19.25 32.44
N ILE F 30 19.59 19.97 31.49
CA ILE F 30 18.47 19.46 30.67
C ILE F 30 18.97 19.37 29.23
N MET F 31 18.72 18.24 28.57
CA MET F 31 19.26 18.02 27.23
C MET F 31 18.08 18.10 26.25
N LEU F 32 18.05 19.12 25.41
CA LEU F 32 17.04 19.21 24.36
C LEU F 32 17.73 18.79 23.06
N GLY F 33 17.45 17.57 22.62
CA GLY F 33 18.21 17.00 21.52
C GLY F 33 17.30 16.42 20.45
N SER F 34 16.14 17.03 20.20
CA SER F 34 15.22 16.48 19.21
C SER F 34 14.35 17.59 18.67
N GLN F 35 13.47 17.24 17.75
CA GLN F 35 12.38 18.12 17.36
C GLN F 35 11.53 18.46 18.58
N ILE F 36 10.96 19.66 18.59
CA ILE F 36 10.16 20.16 19.70
C ILE F 36 8.69 19.87 19.40
N ASP F 37 8.12 18.87 20.03
CA ASP F 37 6.69 18.63 19.93
C ASP F 37 6.09 18.74 21.32
N ASP F 38 4.79 18.47 21.43
CA ASP F 38 4.12 18.65 22.72
C ASP F 38 4.69 17.73 23.80
N ASN F 39 5.07 16.49 23.43
CA ASN F 39 5.63 15.57 24.42
C ASN F 39 6.99 16.06 24.93
N VAL F 40 7.84 16.53 24.01
CA VAL F 40 9.14 17.06 24.42
C VAL F 40 8.95 18.30 25.29
N ALA F 41 8.06 19.21 24.89
CA ALA F 41 7.84 20.41 25.71
C ALA F 41 7.30 20.04 27.09
N ASN F 42 6.36 19.08 27.15
N ASN F 42 6.38 19.07 27.15
CA ASN F 42 5.81 18.70 28.46
CA ASN F 42 5.85 18.73 28.48
C ASN F 42 6.92 18.17 29.38
C ASN F 42 6.95 18.18 29.39
N SER F 43 7.88 17.42 28.80
CA SER F 43 8.98 16.88 29.59
C SER F 43 9.94 18.00 30.02
N ILE F 44 10.30 18.90 29.09
CA ILE F 44 11.23 19.98 29.43
C ILE F 44 10.62 20.92 30.46
N VAL F 45 9.35 21.28 30.28
CA VAL F 45 8.69 22.14 31.27
C VAL F 45 8.68 21.47 32.64
N SER F 46 8.35 20.17 32.68
CA SER F 46 8.32 19.46 33.95
C SER F 46 9.70 19.44 34.61
N GLN F 47 10.76 19.26 33.81
CA GLN F 47 12.11 19.29 34.37
C GLN F 47 12.46 20.68 34.91
N LEU F 48 12.07 21.73 34.20
CA LEU F 48 12.32 23.10 34.68
C LEU F 48 11.59 23.36 35.99
N LEU F 49 10.32 22.95 36.09
CA LEU F 49 9.57 23.17 37.33
C LEU F 49 10.17 22.37 38.47
N PHE F 50 10.55 21.13 38.19
CA PHE F 50 11.20 20.31 39.20
C PHE F 50 12.49 20.94 39.70
N LEU F 51 13.33 21.42 38.78
CA LEU F 51 14.60 22.01 39.20
C LEU F 51 14.39 23.27 40.03
N GLN F 52 13.43 24.10 39.63
CA GLN F 52 13.11 25.29 40.43
C GLN F 52 12.66 24.91 41.84
N ALA F 53 11.82 23.86 41.96
CA ALA F 53 11.35 23.41 43.25
C ALA F 53 12.48 22.86 44.10
N GLN F 54 13.49 22.23 43.48
CA GLN F 54 14.64 21.74 44.24
C GLN F 54 15.50 22.88 44.75
N ASP F 55 15.70 23.91 43.94
CA ASP F 55 16.54 25.04 44.36
C ASP F 55 16.19 26.22 43.47
N SER F 56 15.65 27.27 44.06
CA SER F 56 15.15 28.36 43.23
C SER F 56 16.24 29.36 42.87
N GLU F 57 17.47 29.18 43.36
CA GLU F 57 18.53 30.13 43.10
C GLU F 57 19.61 29.64 42.14
N LYS F 58 19.89 28.33 42.10
CA LYS F 58 21.00 27.82 41.31
C LYS F 58 20.63 27.81 39.84
N ASP F 59 21.58 28.11 38.96
CA ASP F 59 20.98 28.16 37.64
C ASP F 59 20.93 26.76 37.01
N ILE F 60 20.29 26.74 35.86
CA ILE F 60 19.95 25.54 35.11
C ILE F 60 20.67 25.63 33.78
N TYR F 61 21.07 24.49 33.23
CA TYR F 61 21.81 24.46 31.95
C TYR F 61 20.96 23.71 30.94
N LEU F 62 20.58 24.39 29.85
CA LEU F 62 19.74 23.78 28.80
C LEU F 62 20.59 23.65 27.55
N TYR F 63 20.98 22.42 27.21
CA TYR F 63 21.69 22.16 25.97
C TYR F 63 20.67 22.02 24.83
N ILE F 64 20.97 22.63 23.70
CA ILE F 64 20.02 22.66 22.58
C ILE F 64 20.70 22.14 21.33
N ASN F 65 20.18 21.03 20.81
CA ASN F 65 20.52 20.55 19.48
C ASN F 65 19.17 20.19 18.87
N SER F 66 18.57 21.09 18.10
CA SER F 66 17.15 20.86 17.75
C SER F 66 16.87 21.53 16.42
N PRO F 67 16.18 20.85 15.50
CA PRO F 67 15.76 21.50 14.24
C PRO F 67 14.53 22.37 14.42
N GLY F 68 13.97 22.46 15.61
CA GLY F 68 12.75 23.23 15.79
C GLY F 68 11.56 22.32 16.00
N GLY F 69 10.37 22.79 15.68
CA GLY F 69 9.18 21.97 15.85
C GLY F 69 7.95 22.84 16.02
N SER F 70 7.06 22.46 16.92
CA SER F 70 5.79 23.15 17.09
C SER F 70 6.00 24.52 17.74
N VAL F 71 5.37 25.57 17.18
CA VAL F 71 5.56 26.89 17.76
C VAL F 71 4.93 26.97 19.15
N THR F 72 3.77 26.33 19.34
CA THR F 72 3.13 26.44 20.66
C THR F 72 3.89 25.61 21.69
N ALA F 73 4.41 24.44 21.28
CA ALA F 73 5.27 23.68 22.19
C ALA F 73 6.51 24.48 22.55
N GLY F 74 7.10 25.17 21.56
CA GLY F 74 8.25 26.02 21.85
C GLY F 74 7.91 27.13 22.81
N PHE F 75 6.72 27.75 22.66
CA PHE F 75 6.36 28.82 23.59
C PHE F 75 6.05 28.29 24.99
N ALA F 76 5.57 27.05 25.11
CA ALA F 76 5.44 26.48 26.46
C ALA F 76 6.79 26.47 27.18
N ILE F 77 7.84 26.06 26.46
CA ILE F 77 9.18 26.06 27.06
C ILE F 77 9.66 27.49 27.30
N TYR F 78 9.49 28.35 26.28
CA TYR F 78 9.94 29.75 26.41
C TYR F 78 9.34 30.43 27.65
N ASP F 79 8.01 30.35 27.80
CA ASP F 79 7.35 31.03 28.92
C ASP F 79 7.76 30.43 30.25
N THR F 80 8.00 29.12 30.29
CA THR F 80 8.42 28.50 31.56
C THR F 80 9.80 29.00 31.94
N ILE F 81 10.71 29.08 30.98
CA ILE F 81 12.04 29.65 31.23
C ILE F 81 11.90 31.06 31.82
N GLN F 82 11.06 31.90 31.20
CA GLN F 82 10.96 33.27 31.70
C GLN F 82 10.25 33.32 33.04
N HIS F 83 9.41 32.34 33.33
CA HIS F 83 8.61 32.39 34.55
C HIS F 83 9.41 32.02 35.80
N ILE F 84 10.26 31.02 35.71
CA ILE F 84 10.87 30.45 36.91
C ILE F 84 11.96 31.40 37.43
N LYS F 85 12.30 31.24 38.71
CA LYS F 85 13.30 32.11 39.34
C LYS F 85 14.74 31.84 38.89
N PRO F 86 15.21 30.60 38.82
CA PRO F 86 16.60 30.38 38.38
C PRO F 86 16.87 30.93 36.99
N ASP F 87 18.11 31.39 36.78
CA ASP F 87 18.61 31.63 35.43
C ASP F 87 18.69 30.31 34.65
N VAL F 88 18.36 30.35 33.37
CA VAL F 88 18.54 29.18 32.50
C VAL F 88 19.60 29.56 31.49
N GLN F 89 20.77 28.92 31.59
CA GLN F 89 21.79 29.11 30.57
C GLN F 89 21.42 28.25 29.37
N THR F 90 21.68 28.75 28.17
CA THR F 90 21.41 27.95 26.98
C THR F 90 22.71 27.73 26.23
N ILE F 91 22.92 26.50 25.75
CA ILE F 91 24.17 26.13 25.10
C ILE F 91 23.80 25.38 23.82
N CYS F 92 24.10 25.98 22.68
CA CYS F 92 23.82 25.34 21.40
C CYS F 92 24.99 24.44 20.99
N ILE F 93 24.70 23.16 20.75
CA ILE F 93 25.66 22.24 20.14
C ILE F 93 25.00 21.67 18.88
N GLY F 94 25.76 21.57 17.81
CA GLY F 94 25.19 20.99 16.59
C GLY F 94 24.38 22.03 15.81
N MET F 95 23.10 22.16 16.14
CA MET F 95 22.24 23.06 15.39
C MET F 95 21.11 23.55 16.29
N ALA F 96 20.76 24.83 16.19
CA ALA F 96 19.52 25.33 16.80
C ALA F 96 18.81 26.05 15.67
N ALA F 97 17.73 25.47 15.17
CA ALA F 97 17.03 26.02 14.01
C ALA F 97 15.60 26.32 14.41
N SER F 98 15.05 27.40 13.83
CA SER F 98 13.60 27.67 13.98
C SER F 98 13.28 27.84 15.47
N MET F 99 12.29 27.14 16.03
CA MET F 99 12.02 27.32 17.46
C MET F 99 13.22 26.92 18.33
N GLY F 100 14.12 26.10 17.82
CA GLY F 100 15.36 25.84 18.56
C GLY F 100 16.22 27.08 18.72
N SER F 101 16.37 27.88 17.66
CA SER F 101 17.16 29.11 17.81
C SER F 101 16.40 30.13 18.64
N PHE F 102 15.06 30.10 18.58
CA PHE F 102 14.28 30.97 19.45
C PHE F 102 14.54 30.65 20.93
N LEU F 103 14.57 29.36 21.28
CA LEU F 103 14.86 29.00 22.68
C LEU F 103 16.31 29.30 23.05
N LEU F 104 17.23 29.12 22.12
CA LEU F 104 18.62 29.52 22.39
C LEU F 104 18.71 30.99 22.79
N ALA F 105 18.05 31.86 22.03
CA ALA F 105 18.04 33.29 22.32
C ALA F 105 17.29 33.64 23.60
N ALA F 106 16.51 32.71 24.13
CA ALA F 106 15.69 32.94 25.31
C ALA F 106 16.43 32.72 26.62
N GLY F 107 17.66 32.20 26.59
CA GLY F 107 18.39 31.96 27.81
C GLY F 107 18.69 33.26 28.57
N ALA F 108 19.10 33.11 29.81
CA ALA F 108 19.44 34.28 30.64
C ALA F 108 20.48 35.16 29.95
N LYS F 109 20.22 36.47 29.93
CA LYS F 109 21.11 37.38 29.24
C LYS F 109 22.52 37.30 29.84
N GLY F 110 23.54 37.20 28.98
CA GLY F 110 24.90 36.88 29.40
C GLY F 110 25.21 35.41 29.51
N LYS F 111 24.21 34.53 29.48
CA LYS F 111 24.45 33.11 29.65
C LYS F 111 23.91 32.29 28.47
N ARG F 112 23.96 32.85 27.26
CA ARG F 112 23.58 32.15 26.03
C ARG F 112 24.85 31.88 25.24
N PHE F 113 25.09 30.62 24.92
CA PHE F 113 26.34 30.18 24.32
C PHE F 113 26.09 29.30 23.11
N ALA F 114 27.10 29.23 22.25
CA ALA F 114 27.17 28.21 21.23
C ALA F 114 28.61 27.71 21.15
N LEU F 115 28.76 26.41 20.87
CA LEU F 115 30.08 25.87 20.59
C LEU F 115 30.52 26.33 19.20
N PRO F 116 31.83 26.33 18.91
CA PRO F 116 32.34 27.08 17.75
C PRO F 116 31.83 26.60 16.40
N ASN F 117 31.52 25.31 16.25
CA ASN F 117 31.05 24.80 14.97
C ASN F 117 29.55 24.56 14.96
N ALA F 118 28.85 24.99 16.01
CA ALA F 118 27.39 24.86 16.05
C ALA F 118 26.79 25.81 15.02
N GLU F 119 25.62 25.43 14.51
CA GLU F 119 24.92 26.28 13.54
C GLU F 119 23.63 26.80 14.14
N VAL F 120 23.27 28.01 13.75
CA VAL F 120 22.03 28.63 14.20
C VAL F 120 21.26 29.03 12.94
N MET F 121 19.99 28.67 12.86
CA MET F 121 19.18 29.03 11.69
C MET F 121 17.91 29.73 12.15
N ILE F 122 17.60 30.86 11.52
CA ILE F 122 16.37 31.59 11.83
C ILE F 122 15.53 31.66 10.55
N HIS F 123 14.21 31.69 10.71
CA HIS F 123 13.33 31.67 9.53
C HIS F 123 11.96 32.15 9.97
N GLN F 124 11.04 32.21 9.03
CA GLN F 124 9.68 32.57 9.42
C GLN F 124 8.86 31.31 9.67
N PRO F 125 7.71 31.46 10.34
CA PRO F 125 6.86 30.28 10.62
C PRO F 125 6.40 29.61 9.34
N LEU F 126 6.14 28.30 9.46
CA LEU F 126 5.59 27.44 8.42
C LEU F 126 4.28 26.88 8.90
N GLY F 127 3.34 26.65 7.99
CA GLY F 127 2.09 26.07 8.41
C GLY F 127 1.27 25.70 7.20
N GLY F 128 -0.01 25.50 7.43
CA GLY F 128 -0.86 25.08 6.32
C GLY F 128 -2.28 25.42 6.67
N ALA F 129 -3.12 25.45 5.63
CA ALA F 129 -4.54 25.71 5.86
C ALA F 129 -5.29 25.15 4.67
N GLN F 130 -6.46 24.56 4.92
CA GLN F 130 -7.33 24.04 3.87
C GLN F 130 -8.76 24.33 4.26
N GLY F 131 -9.61 24.60 3.26
CA GLY F 131 -11.02 24.76 3.59
C GLY F 131 -11.62 25.94 2.87
N GLN F 132 -12.66 26.53 3.45
CA GLN F 132 -13.31 27.67 2.83
C GLN F 132 -12.40 28.89 2.86
N ALA F 133 -12.66 29.84 1.96
CA ALA F 133 -11.92 31.10 1.97
C ALA F 133 -11.87 31.72 3.36
N THR F 134 -13.00 31.76 4.06
CA THR F 134 -13.06 32.32 5.41
C THR F 134 -12.08 31.61 6.36
N GLU F 135 -11.99 30.29 6.26
CA GLU F 135 -11.10 29.52 7.13
C GLU F 135 -9.64 29.75 6.76
N ILE F 136 -9.35 29.86 5.48
CA ILE F 136 -7.98 30.15 5.06
C ILE F 136 -7.56 31.52 5.58
N GLU F 137 -8.47 32.49 5.53
CA GLU F 137 -8.18 33.83 6.05
C GLU F 137 -7.89 33.78 7.55
N ILE F 138 -8.68 33.03 8.31
CA ILE F 138 -8.44 32.89 9.75
C ILE F 138 -7.07 32.28 10.00
N ALA F 139 -6.70 31.24 9.23
CA ALA F 139 -5.39 30.61 9.42
C ALA F 139 -4.26 31.55 9.03
N ALA F 140 -4.44 32.32 7.94
CA ALA F 140 -3.41 33.26 7.54
C ALA F 140 -3.20 34.35 8.59
N ASN F 141 -4.31 34.90 9.10
CA ASN F 141 -4.20 35.93 10.14
C ASN F 141 -3.50 35.38 11.36
N HIS F 142 -3.81 34.13 11.73
CA HIS F 142 -3.19 33.53 12.91
C HIS F 142 -1.68 33.35 12.71
N ILE F 143 -1.25 32.83 11.55
CA ILE F 143 0.19 32.60 11.41
C ILE F 143 0.91 33.93 11.26
N LEU F 144 0.26 34.94 10.68
CA LEU F 144 0.91 36.25 10.60
C LEU F 144 1.05 36.89 11.99
N LYS F 145 0.05 36.76 12.84
CA LYS F 145 0.18 37.23 14.23
C LYS F 145 1.25 36.46 14.98
N THR F 146 1.35 35.15 14.75
CA THR F 146 2.41 34.36 15.35
C THR F 146 3.79 34.87 14.92
N ARG F 147 3.97 35.17 13.63
CA ARG F 147 5.25 35.70 13.19
C ARG F 147 5.56 37.03 13.88
N GLU F 148 4.56 37.93 14.01
CA GLU F 148 4.82 39.21 14.67
C GLU F 148 5.21 39.01 16.12
N LYS F 149 4.57 38.07 16.81
CA LYS F 149 4.92 37.76 18.19
C LYS F 149 6.35 37.26 18.31
N LEU F 150 6.74 36.32 17.44
CA LEU F 150 8.13 35.83 17.44
C LEU F 150 9.12 36.95 17.15
N ASN F 151 8.81 37.81 16.17
CA ASN F 151 9.78 38.84 15.78
C ASN F 151 9.96 39.86 16.88
N ARG F 152 8.86 40.20 17.55
CA ARG F 152 8.93 41.17 18.63
C ARG F 152 9.80 40.65 19.78
N ILE F 153 9.63 39.38 20.15
CA ILE F 153 10.48 38.81 21.21
C ILE F 153 11.93 38.70 20.74
N LEU F 154 12.17 38.24 19.49
CA LEU F 154 13.54 38.17 19.03
C LEU F 154 14.19 39.54 19.02
N SER F 155 13.42 40.57 18.67
CA SER F 155 13.95 41.94 18.71
C SER F 155 14.40 42.32 20.12
N GLU F 156 13.55 42.03 21.11
CA GLU F 156 13.89 42.31 22.50
C GLU F 156 15.11 41.51 22.95
N ARG F 157 15.22 40.24 22.54
CA ARG F 157 16.32 39.43 23.07
C ARG F 157 17.64 39.64 22.32
N THR F 158 17.60 40.14 21.09
CA THR F 158 18.83 40.32 20.32
C THR F 158 19.27 41.78 20.26
N GLY F 159 18.36 42.72 20.52
CA GLY F 159 18.63 44.12 20.24
C GLY F 159 18.49 44.54 18.80
N GLN F 160 18.13 43.65 17.87
CA GLN F 160 17.87 44.07 16.49
C GLN F 160 16.47 44.65 16.37
N SER F 161 16.27 45.51 15.38
CA SER F 161 14.93 46.05 15.18
C SER F 161 14.01 44.96 14.62
N ILE F 162 12.70 45.16 14.81
CA ILE F 162 11.74 44.20 14.25
C ILE F 162 11.83 44.17 12.73
N GLU F 163 12.10 45.33 12.10
CA GLU F 163 12.20 45.36 10.64
C GLU F 163 13.39 44.54 10.15
N LYS F 164 14.51 44.60 10.88
CA LYS F 164 15.66 43.80 10.46
C LYS F 164 15.39 42.30 10.66
N ILE F 165 14.75 41.92 11.77
CA ILE F 165 14.43 40.52 11.98
C ILE F 165 13.50 40.02 10.89
N GLN F 166 12.49 40.83 10.54
CA GLN F 166 11.57 40.47 9.45
C GLN F 166 12.33 40.24 8.15
N GLN F 167 13.22 41.17 7.79
CA GLN F 167 14.00 40.98 6.56
C GLN F 167 14.88 39.75 6.63
N ASP F 168 15.52 39.52 7.79
CA ASP F 168 16.49 38.45 7.91
C ASP F 168 15.86 37.07 8.07
N THR F 169 14.55 36.99 8.29
CA THR F 169 13.88 35.69 8.40
C THR F 169 12.98 35.41 7.21
N ASP F 170 12.93 36.29 6.22
CA ASP F 170 12.05 36.08 5.07
C ASP F 170 12.34 34.75 4.40
N ARG F 171 13.62 34.43 4.24
CA ARG F 171 14.12 33.13 3.77
C ARG F 171 14.95 32.52 4.89
N ASP F 172 15.18 31.21 4.82
CA ASP F 172 16.02 30.54 5.80
C ASP F 172 17.39 31.20 5.86
N ASN F 173 17.86 31.47 7.07
CA ASN F 173 19.07 32.24 7.27
C ASN F 173 19.99 31.43 8.19
N PHE F 174 21.08 30.87 7.66
CA PHE F 174 22.00 30.03 8.44
C PHE F 174 23.13 30.90 8.98
N LEU F 175 23.39 30.84 10.28
CA LEU F 175 24.45 31.64 10.90
C LEU F 175 25.47 30.71 11.53
N THR F 176 26.75 31.09 11.44
CA THR F 176 27.76 30.44 12.28
C THR F 176 27.60 30.91 13.73
N ALA F 177 28.28 30.22 14.65
CA ALA F 177 28.24 30.66 16.04
C ALA F 177 28.75 32.09 16.17
N ALA F 178 29.85 32.43 15.50
CA ALA F 178 30.36 33.80 15.56
C ALA F 178 29.34 34.80 15.02
N GLU F 179 28.66 34.46 13.91
CA GLU F 179 27.63 35.37 13.40
C GLU F 179 26.44 35.46 14.35
N ALA F 180 26.09 34.34 15.00
CA ALA F 180 24.98 34.40 15.95
C ALA F 180 25.32 35.32 17.13
N LYS F 181 26.59 35.33 17.54
CA LYS F 181 27.00 36.25 18.61
C LYS F 181 26.90 37.70 18.12
N GLU F 182 27.42 37.97 16.92
CA GLU F 182 27.33 39.32 16.37
C GLU F 182 25.87 39.75 16.24
N TYR F 183 24.98 38.81 15.94
CA TYR F 183 23.57 39.13 15.75
C TYR F 183 22.87 39.42 17.07
N GLY F 184 23.39 38.91 18.19
CA GLY F 184 22.73 39.03 19.48
C GLY F 184 21.89 37.83 19.88
N LEU F 185 21.93 36.73 19.11
CA LEU F 185 21.19 35.51 19.51
C LEU F 185 21.87 34.79 20.66
N ILE F 186 23.20 34.89 20.76
CA ILE F 186 23.94 34.34 21.89
C ILE F 186 24.87 35.45 22.38
N ASP F 187 25.42 35.24 23.57
CA ASP F 187 26.36 36.17 24.18
C ASP F 187 27.81 35.81 23.95
N GLU F 188 28.14 34.52 23.83
CA GLU F 188 29.54 34.13 23.72
C GLU F 188 29.64 32.84 22.91
N VAL F 189 30.69 32.73 22.11
CA VAL F 189 31.09 31.44 21.56
C VAL F 189 31.98 30.77 22.61
N MET F 190 31.60 29.57 23.03
CA MET F 190 32.34 28.87 24.08
C MET F 190 33.60 28.25 23.50
N GLU F 191 34.75 28.70 23.96
CA GLU F 191 36.01 28.16 23.46
C GLU F 191 36.53 27.06 24.39
N PRO F 192 37.42 26.21 23.88
CA PRO F 192 37.78 24.97 24.60
C PRO F 192 38.42 25.18 25.98
N ILE G 4 9.79 11.27 30.42
CA ILE G 4 10.85 10.29 30.19
C ILE G 4 11.82 10.13 31.41
N PRO G 5 12.42 11.21 31.96
CA PRO G 5 13.50 11.00 32.93
C PRO G 5 12.98 10.52 34.29
N THR G 6 13.88 9.89 35.03
CA THR G 6 13.61 9.36 36.37
C THR G 6 14.27 10.24 37.43
N VAL G 7 13.63 10.36 38.60
CA VAL G 7 14.18 11.20 39.70
C VAL G 7 14.55 10.40 40.98
N ARG G 16 12.35 6.02 46.60
CA ARG G 16 12.54 5.12 45.47
C ARG G 16 12.65 5.93 44.17
N ALA G 17 12.03 5.46 43.10
CA ALA G 17 12.16 6.08 41.79
C ALA G 17 10.81 6.46 41.22
N TYR G 18 10.77 7.65 40.63
CA TYR G 18 9.63 8.20 39.92
C TYR G 18 10.04 8.60 38.50
N ASP G 19 9.14 8.45 37.53
CA ASP G 19 9.29 9.28 36.34
C ASP G 19 8.97 10.75 36.70
N ILE G 20 9.32 11.69 35.81
CA ILE G 20 9.18 13.11 36.17
C ILE G 20 7.72 13.46 36.47
N TYR G 21 6.76 12.84 35.76
CA TYR G 21 5.36 13.20 36.00
C TYR G 21 4.87 12.68 37.33
N SER G 22 5.29 11.46 37.69
CA SER G 22 4.94 10.91 39.00
C SER G 22 5.52 11.77 40.11
N ARG G 23 6.72 12.30 39.89
CA ARG G 23 7.33 13.18 40.89
C ARG G 23 6.51 14.46 41.06
N LEU G 24 6.05 15.05 39.96
CA LEU G 24 5.20 16.24 40.08
C LEU G 24 3.87 15.91 40.73
N LEU G 25 3.31 14.74 40.44
CA LEU G 25 2.03 14.37 41.03
C LEU G 25 2.11 14.31 42.56
N LYS G 26 3.27 13.93 43.09
CA LYS G 26 3.49 13.97 44.53
C LYS G 26 3.28 15.38 45.10
N ASP G 27 3.53 16.43 44.32
CA ASP G 27 3.27 17.82 44.71
C ASP G 27 1.92 18.33 44.19
N ARG G 28 1.02 17.42 43.82
CA ARG G 28 -0.35 17.74 43.42
C ARG G 28 -0.41 18.48 42.09
N ILE G 29 0.55 18.20 41.20
CA ILE G 29 0.60 18.80 39.87
C ILE G 29 0.24 17.70 38.86
N ILE G 30 -0.73 17.99 38.00
CA ILE G 30 -1.15 17.09 36.91
C ILE G 30 -0.80 17.78 35.60
N MET G 31 -0.16 17.05 34.68
CA MET G 31 0.29 17.67 33.44
C MET G 31 -0.60 17.13 32.31
N LEU G 32 -1.42 17.99 31.72
CA LEU G 32 -2.21 17.60 30.54
C LEU G 32 -1.50 18.18 29.33
N GLY G 33 -0.79 17.33 28.59
CA GLY G 33 0.09 17.80 27.54
C GLY G 33 -0.15 17.08 26.22
N SER G 34 -1.38 16.69 25.92
CA SER G 34 -1.63 15.94 24.70
C SER G 34 -3.08 16.17 24.28
N GLN G 35 -3.44 15.55 23.15
CA GLN G 35 -4.85 15.43 22.78
C GLN G 35 -5.62 14.71 23.88
N ILE G 36 -6.88 15.06 24.05
CA ILE G 36 -7.73 14.50 25.10
C ILE G 36 -8.52 13.34 24.49
N ASP G 37 -8.13 12.11 24.79
CA ASP G 37 -8.93 10.96 24.38
C ASP G 37 -9.34 10.22 25.64
N ASP G 38 -10.01 9.07 25.48
CA ASP G 38 -10.53 8.36 26.65
C ASP G 38 -9.41 7.89 27.57
N ASN G 39 -8.27 7.49 27.02
CA ASN G 39 -7.16 7.03 27.88
C ASN G 39 -6.60 8.19 28.70
N VAL G 40 -6.41 9.34 28.06
CA VAL G 40 -5.92 10.51 28.79
C VAL G 40 -6.90 10.93 29.87
N ALA G 41 -8.21 10.98 29.53
CA ALA G 41 -9.21 11.36 30.52
C ALA G 41 -9.23 10.37 31.68
N ASN G 42 -9.17 9.04 31.38
CA ASN G 42 -9.13 8.03 32.45
C ASN G 42 -7.95 8.28 33.42
N SER G 43 -6.81 8.65 32.86
CA SER G 43 -5.64 8.89 33.70
C SER G 43 -5.81 10.17 34.52
N ILE G 44 -6.28 11.26 33.88
CA ILE G 44 -6.44 12.53 34.60
C ILE G 44 -7.49 12.40 35.68
N VAL G 45 -8.63 11.77 35.37
CA VAL G 45 -9.66 11.57 36.39
C VAL G 45 -9.10 10.76 37.57
N SER G 46 -8.37 9.69 37.27
CA SER G 46 -7.79 8.87 38.33
C SER G 46 -6.83 9.67 39.19
N GLN G 47 -6.02 10.54 38.57
CA GLN G 47 -5.11 11.39 39.34
C GLN G 47 -5.87 12.37 40.22
N LEU G 48 -6.95 12.96 39.69
CA LEU G 48 -7.77 13.88 40.49
C LEU G 48 -8.40 13.16 41.70
N LEU G 49 -8.95 11.96 41.48
CA LEU G 49 -9.56 11.23 42.59
C LEU G 49 -8.50 10.84 43.62
N PHE G 50 -7.35 10.40 43.15
CA PHE G 50 -6.25 10.06 44.06
C PHE G 50 -5.83 11.26 44.89
N LEU G 51 -5.68 12.43 44.26
CA LEU G 51 -5.23 13.61 45.01
C LEU G 51 -6.28 14.03 46.03
N GLN G 52 -7.56 13.97 45.67
CA GLN G 52 -8.61 14.28 46.64
C GLN G 52 -8.56 13.34 47.83
N ALA G 53 -8.35 12.03 47.57
CA ALA G 53 -8.27 11.05 48.64
C ALA G 53 -7.06 11.30 49.54
N GLN G 54 -5.95 11.78 48.97
CA GLN G 54 -4.77 12.10 49.80
C GLN G 54 -5.03 13.31 50.68
N ASP G 55 -5.69 14.33 50.15
CA ASP G 55 -5.94 15.55 50.94
C ASP G 55 -7.09 16.29 50.28
N SER G 56 -8.20 16.41 50.98
CA SER G 56 -9.37 16.96 50.33
C SER G 56 -9.41 18.48 50.39
N GLU G 57 -8.44 19.12 51.03
CA GLU G 57 -8.44 20.57 51.16
C GLU G 57 -7.39 21.29 50.32
N LYS G 58 -6.23 20.67 50.06
CA LYS G 58 -5.15 21.36 49.37
C LYS G 58 -5.46 21.48 47.89
N ASP G 59 -5.09 22.60 47.28
CA ASP G 59 -5.58 22.55 45.91
C ASP G 59 -4.61 21.80 45.00
N ILE G 60 -5.07 21.63 43.77
CA ILE G 60 -4.45 20.82 42.74
C ILE G 60 -4.10 21.77 41.61
N TYR G 61 -3.01 21.48 40.90
CA TYR G 61 -2.56 22.34 39.80
C TYR G 61 -2.62 21.52 38.51
N LEU G 62 -3.42 21.97 37.55
CA LEU G 62 -3.58 21.27 36.26
C LEU G 62 -2.97 22.13 35.18
N TYR G 63 -1.81 21.71 34.66
CA TYR G 63 -1.21 22.40 33.52
C TYR G 63 -1.83 21.88 32.24
N ILE G 64 -2.14 22.79 31.31
CA ILE G 64 -2.86 22.42 30.09
C ILE G 64 -2.06 22.92 28.89
N ASN G 65 -1.61 21.99 28.07
CA ASN G 65 -1.09 22.30 26.73
C ASN G 65 -1.75 21.25 25.84
N SER G 66 -2.86 21.60 25.20
CA SER G 66 -3.66 20.52 24.56
C SER G 66 -4.40 21.11 23.38
N PRO G 67 -4.40 20.42 22.23
CA PRO G 67 -5.22 20.88 21.10
C PRO G 67 -6.69 20.49 21.23
N GLY G 68 -7.07 19.82 22.31
CA GLY G 68 -8.46 19.39 22.43
C GLY G 68 -8.57 17.90 22.24
N GLY G 69 -9.73 17.41 21.83
CA GLY G 69 -9.91 15.99 21.62
C GLY G 69 -11.37 15.60 21.75
N SER G 70 -11.64 14.47 22.38
CA SER G 70 -13.00 13.96 22.49
C SER G 70 -13.84 14.81 23.43
N VAL G 71 -15.07 15.16 23.01
CA VAL G 71 -15.90 15.99 23.88
C VAL G 71 -16.31 15.21 25.12
N THR G 72 -16.61 13.91 24.98
CA THR G 72 -17.05 13.17 26.16
C THR G 72 -15.88 12.90 27.11
N ALA G 73 -14.68 12.64 26.55
CA ALA G 73 -13.51 12.53 27.41
C ALA G 73 -13.25 13.84 28.13
N GLY G 74 -13.41 14.98 27.43
CA GLY G 74 -13.26 16.27 28.09
C GLY G 74 -14.27 16.47 29.19
N PHE G 75 -15.53 16.06 28.97
CA PHE G 75 -16.51 16.22 30.05
C PHE G 75 -16.27 15.28 31.21
N ALA G 76 -15.66 14.11 30.98
CA ALA G 76 -15.28 13.29 32.14
C ALA G 76 -14.33 14.06 33.05
N ILE G 77 -13.36 14.76 32.47
CA ILE G 77 -12.43 15.56 33.28
C ILE G 77 -13.15 16.75 33.89
N TYR G 78 -13.95 17.45 33.08
CA TYR G 78 -14.68 18.63 33.57
C TYR G 78 -15.52 18.29 34.80
N ASP G 79 -16.36 17.24 34.70
CA ASP G 79 -17.25 16.90 35.81
C ASP G 79 -16.47 16.44 37.03
N THR G 80 -15.33 15.77 36.83
CA THR G 80 -14.55 15.34 37.98
C THR G 80 -13.96 16.55 38.71
N ILE G 81 -13.45 17.53 37.94
CA ILE G 81 -12.98 18.77 38.54
C ILE G 81 -14.10 19.42 39.38
N GLN G 82 -15.30 19.52 38.82
CA GLN G 82 -16.36 20.19 39.58
C GLN G 82 -16.81 19.34 40.76
N HIS G 83 -16.63 18.03 40.68
CA HIS G 83 -17.16 17.16 41.73
C HIS G 83 -16.28 17.15 42.99
N ILE G 84 -14.98 17.16 42.83
CA ILE G 84 -14.09 16.91 43.98
C ILE G 84 -14.04 18.15 44.86
N LYS G 85 -13.63 17.96 46.11
CA LYS G 85 -13.58 19.06 47.08
C LYS G 85 -12.44 20.05 46.84
N PRO G 86 -11.20 19.62 46.58
CA PRO G 86 -10.12 20.60 46.35
C PRO G 86 -10.41 21.53 45.17
N ASP G 87 -9.94 22.77 45.28
CA ASP G 87 -9.84 23.65 44.12
C ASP G 87 -8.84 23.08 43.12
N VAL G 88 -9.16 23.21 41.83
CA VAL G 88 -8.22 22.84 40.77
C VAL G 88 -7.82 24.11 40.06
N GLN G 89 -6.56 24.52 40.22
CA GLN G 89 -6.07 25.66 39.46
C GLN G 89 -5.74 25.16 38.06
N THR G 90 -5.99 25.99 37.05
CA THR G 90 -5.62 25.61 35.69
C THR G 90 -4.62 26.62 35.14
N ILE G 91 -3.60 26.11 34.44
CA ILE G 91 -2.52 26.95 33.96
C ILE G 91 -2.27 26.57 32.51
N CYS G 92 -2.57 27.47 31.59
CA CYS G 92 -2.34 27.20 30.17
C CYS G 92 -0.91 27.58 29.79
N ILE G 93 -0.16 26.62 29.23
CA ILE G 93 1.13 26.89 28.61
C ILE G 93 1.05 26.41 27.17
N GLY G 94 1.59 27.18 26.24
CA GLY G 94 1.57 26.72 24.85
C GLY G 94 0.24 27.01 24.19
N MET G 95 -0.71 26.08 24.32
CA MET G 95 -2.00 26.25 23.63
C MET G 95 -3.06 25.49 24.42
N ALA G 96 -4.24 26.07 24.53
CA ALA G 96 -5.42 25.34 25.02
C ALA G 96 -6.48 25.59 23.97
N ALA G 97 -6.80 24.56 23.18
CA ALA G 97 -7.74 24.73 22.05
C ALA G 97 -8.90 23.78 22.26
N SER G 98 -10.10 24.22 21.84
CA SER G 98 -11.26 23.30 21.79
C SER G 98 -11.52 22.79 23.20
N MET G 99 -11.65 21.47 23.43
CA MET G 99 -11.89 21.01 24.81
C MET G 99 -10.76 21.38 25.76
N GLY G 100 -9.56 21.65 25.24
CA GLY G 100 -8.50 22.18 26.10
C GLY G 100 -8.84 23.55 26.68
N SER G 101 -9.38 24.46 25.85
CA SER G 101 -9.77 25.77 26.40
C SER G 101 -10.99 25.64 27.27
N PHE G 102 -11.86 24.67 26.99
CA PHE G 102 -12.99 24.43 27.88
C PHE G 102 -12.52 24.01 29.27
N LEU G 103 -11.52 23.12 29.34
CA LEU G 103 -11.00 22.71 30.65
C LEU G 103 -10.23 23.85 31.33
N LEU G 104 -9.52 24.66 30.55
CA LEU G 104 -8.87 25.85 31.14
C LEU G 104 -9.88 26.73 31.85
N ALA G 105 -11.01 27.01 31.19
CA ALA G 105 -12.06 27.85 31.78
C ALA G 105 -12.77 27.18 32.95
N ALA G 106 -12.57 25.87 33.13
CA ALA G 106 -13.24 25.11 34.16
C ALA G 106 -12.52 25.15 35.52
N GLY G 107 -11.32 25.72 35.58
CA GLY G 107 -10.58 25.76 36.84
C GLY G 107 -11.31 26.60 37.89
N ALA G 108 -10.86 26.47 39.14
CA ALA G 108 -11.48 27.23 40.23
C ALA G 108 -11.47 28.73 39.93
N LYS G 109 -12.60 29.38 40.15
CA LYS G 109 -12.70 30.79 39.83
C LYS G 109 -11.68 31.60 40.64
N GLY G 110 -10.96 32.50 39.96
CA GLY G 110 -9.80 33.16 40.53
C GLY G 110 -8.50 32.42 40.37
N LYS G 111 -8.52 31.15 39.98
CA LYS G 111 -7.28 30.37 39.88
C LYS G 111 -7.10 29.78 38.48
N ARG G 112 -7.53 30.49 37.45
CA ARG G 112 -7.33 30.11 36.05
C ARG G 112 -6.32 31.07 35.46
N PHE G 113 -5.23 30.53 34.91
CA PHE G 113 -4.10 31.32 34.46
C PHE G 113 -3.66 30.90 33.06
N ALA G 114 -2.98 31.83 32.39
CA ALA G 114 -2.22 31.49 31.20
C ALA G 114 -0.89 32.23 31.26
N LEU G 115 0.15 31.59 30.73
CA LEU G 115 1.43 32.28 30.59
C LEU G 115 1.32 33.27 29.42
N PRO G 116 2.19 34.29 29.37
CA PRO G 116 1.92 35.45 28.50
C PRO G 116 1.87 35.13 27.01
N ASN G 117 2.61 34.14 26.54
CA ASN G 117 2.60 33.82 25.11
C ASN G 117 1.78 32.58 24.81
N ALA G 118 1.05 32.07 25.79
CA ALA G 118 0.17 30.92 25.54
C ALA G 118 -0.99 31.37 24.65
N GLU G 119 -1.52 30.43 23.88
CA GLU G 119 -2.65 30.72 23.00
C GLU G 119 -3.88 29.95 23.47
N VAL G 120 -5.04 30.57 23.30
CA VAL G 120 -6.30 29.95 23.65
C VAL G 120 -7.17 30.00 22.39
N MET G 121 -7.77 28.86 22.02
CA MET G 121 -8.63 28.84 20.85
C MET G 121 -9.98 28.23 21.22
N ILE G 122 -11.05 28.89 20.80
CA ILE G 122 -12.40 28.39 21.03
C ILE G 122 -13.08 28.18 19.69
N HIS G 123 -13.98 27.19 19.62
CA HIS G 123 -14.60 26.87 18.33
C HIS G 123 -15.86 26.06 18.61
N GLN G 124 -16.56 25.69 17.56
CA GLN G 124 -17.72 24.84 17.79
C GLN G 124 -17.33 23.38 17.62
N PRO G 125 -18.18 22.45 18.10
CA PRO G 125 -17.86 21.02 17.97
C PRO G 125 -17.73 20.60 16.51
N LEU G 126 -16.94 19.55 16.31
CA LEU G 126 -16.71 18.89 15.01
C LEU G 126 -17.15 17.45 15.14
N GLY G 127 -17.65 16.88 14.06
CA GLY G 127 -18.04 15.49 14.13
C GLY G 127 -18.38 14.98 12.74
N GLY G 128 -19.07 13.88 12.70
CA GLY G 128 -19.38 13.30 11.40
C GLY G 128 -20.57 12.39 11.56
N ALA G 129 -21.21 12.09 10.43
CA ALA G 129 -22.34 11.17 10.45
C ALA G 129 -22.49 10.59 9.06
N GLN G 130 -22.82 9.30 8.98
CA GLN G 130 -23.06 8.63 7.71
C GLN G 130 -24.23 7.68 7.90
N GLY G 131 -25.04 7.50 6.85
CA GLY G 131 -26.08 6.49 6.96
C GLY G 131 -27.40 7.01 6.41
N GLN G 132 -28.50 6.48 6.93
CA GLN G 132 -29.81 6.91 6.46
C GLN G 132 -30.10 8.33 6.92
N ALA G 133 -31.02 8.99 6.22
CA ALA G 133 -31.46 10.33 6.61
C ALA G 133 -31.82 10.39 8.10
N THR G 134 -32.57 9.39 8.57
CA THR G 134 -32.96 9.34 9.99
C THR G 134 -31.74 9.34 10.92
N GLU G 135 -30.71 8.59 10.55
CA GLU G 135 -29.50 8.51 11.37
C GLU G 135 -28.71 9.81 11.32
N ILE G 136 -28.66 10.44 10.15
CA ILE G 136 -27.97 11.73 10.06
C ILE G 136 -28.68 12.76 10.91
N GLU G 137 -30.01 12.74 10.92
CA GLU G 137 -30.79 13.65 11.77
C GLU G 137 -30.49 13.43 13.24
N ILE G 138 -30.42 12.17 13.68
CA ILE G 138 -30.09 11.87 15.07
C ILE G 138 -28.70 12.41 15.42
N ALA G 139 -27.72 12.21 14.52
CA ALA G 139 -26.38 12.71 14.80
C ALA G 139 -26.33 14.22 14.81
N ALA G 140 -27.07 14.88 13.90
CA ALA G 140 -27.10 16.35 13.89
C ALA G 140 -27.71 16.89 15.17
N ASN G 141 -28.84 16.32 15.59
CA ASN G 141 -29.48 16.76 16.82
C ASN G 141 -28.54 16.58 18.01
N HIS G 142 -27.81 15.47 18.04
CA HIS G 142 -26.90 15.22 19.15
C HIS G 142 -25.77 16.25 19.18
N ILE G 143 -25.15 16.54 18.03
CA ILE G 143 -24.02 17.47 18.08
C ILE G 143 -24.52 18.89 18.34
N LEU G 144 -25.74 19.21 17.90
CA LEU G 144 -26.28 20.54 18.22
C LEU G 144 -26.58 20.66 19.71
N LYS G 145 -27.13 19.62 20.33
CA LYS G 145 -27.33 19.64 21.79
C LYS G 145 -25.99 19.73 22.53
N THR G 146 -24.98 19.02 22.04
CA THR G 146 -23.65 19.13 22.63
C THR G 146 -23.12 20.56 22.57
N ARG G 147 -23.29 21.23 21.41
CA ARG G 147 -22.84 22.62 21.33
C ARG G 147 -23.59 23.50 22.33
N GLU G 148 -24.91 23.30 22.47
CA GLU G 148 -25.67 24.13 23.42
C GLU G 148 -25.18 23.90 24.86
N LYS G 149 -24.89 22.65 25.20
CA LYS G 149 -24.36 22.32 26.53
C LYS G 149 -23.02 23.02 26.77
N LEU G 150 -22.10 22.94 25.81
CA LEU G 150 -20.82 23.63 25.94
C LEU G 150 -20.99 25.13 26.07
N ASN G 151 -21.88 25.72 25.25
CA ASN G 151 -22.01 27.18 25.28
C ASN G 151 -22.60 27.67 26.58
N ARG G 152 -23.55 26.91 27.10
CA ARG G 152 -24.17 27.27 28.36
C ARG G 152 -23.15 27.27 29.50
N ILE G 153 -22.31 26.24 29.56
CA ILE G 153 -21.27 26.21 30.59
C ILE G 153 -20.23 27.30 30.37
N LEU G 154 -19.79 27.51 29.12
CA LEU G 154 -18.84 28.59 28.89
C LEU G 154 -19.42 29.94 29.29
N SER G 155 -20.72 30.13 29.05
CA SER G 155 -21.38 31.37 29.47
C SER G 155 -21.29 31.55 30.97
N GLU G 156 -21.59 30.49 31.72
CA GLU G 156 -21.51 30.54 33.18
C GLU G 156 -20.08 30.79 33.64
N ARG G 157 -19.09 30.17 32.99
CA ARG G 157 -17.73 30.31 33.52
C ARG G 157 -17.03 31.59 33.07
N THR G 158 -17.48 32.22 31.99
CA THR G 158 -16.84 33.43 31.50
C THR G 158 -17.62 34.70 31.83
N GLY G 159 -18.91 34.56 32.13
CA GLY G 159 -19.78 35.73 32.21
C GLY G 159 -20.26 36.28 30.88
N GLN G 160 -19.87 35.71 29.75
CA GLN G 160 -20.42 36.17 28.47
C GLN G 160 -21.79 35.55 28.23
N SER G 161 -22.62 36.23 27.43
CA SER G 161 -23.92 35.65 27.12
C SER G 161 -23.76 34.46 26.19
N ILE G 162 -24.77 33.57 26.20
CA ILE G 162 -24.75 32.43 25.28
C ILE G 162 -24.72 32.89 23.83
N GLU G 163 -25.42 33.98 23.52
CA GLU G 163 -25.44 34.48 22.14
C GLU G 163 -24.07 34.95 21.70
N LYS G 164 -23.33 35.59 22.59
CA LYS G 164 -21.98 36.02 22.22
C LYS G 164 -21.04 34.82 22.04
N ILE G 165 -21.14 33.83 22.92
CA ILE G 165 -20.31 32.64 22.78
C ILE G 165 -20.62 31.93 21.46
N GLN G 166 -21.90 31.83 21.12
CA GLN G 166 -22.30 31.23 19.84
C GLN G 166 -21.68 31.98 18.67
N GLN G 167 -21.79 33.31 18.67
CA GLN G 167 -21.19 34.09 17.59
C GLN G 167 -19.68 33.92 17.54
N ASP G 168 -19.04 33.92 18.71
CA ASP G 168 -17.57 33.90 18.76
C ASP G 168 -16.97 32.53 18.52
N THR G 169 -17.78 31.47 18.48
CA THR G 169 -17.26 30.14 18.20
C THR G 169 -17.71 29.62 16.84
N ASP G 170 -18.45 30.43 16.07
CA ASP G 170 -18.93 29.96 14.77
C ASP G 170 -17.78 29.51 13.87
N ARG G 171 -16.70 30.27 13.88
CA ARG G 171 -15.42 29.93 13.24
C ARG G 171 -14.37 29.84 14.32
N ASP G 172 -13.24 29.19 14.01
CA ASP G 172 -12.13 29.11 14.96
C ASP G 172 -11.70 30.50 15.39
N ASN G 173 -11.53 30.68 16.69
CA ASN G 173 -11.28 32.00 17.27
C ASN G 173 -10.03 31.88 18.13
N PHE G 174 -8.91 32.47 17.68
CA PHE G 174 -7.63 32.38 18.42
C PHE G 174 -7.48 33.61 19.31
N LEU G 175 -7.21 33.41 20.59
CA LEU G 175 -7.07 34.50 21.54
C LEU G 175 -5.66 34.49 22.12
N THR G 176 -5.09 35.68 22.34
CA THR G 176 -3.90 35.77 23.18
C THR G 176 -4.28 35.55 24.64
N ALA G 177 -3.27 35.35 25.49
CA ALA G 177 -3.55 35.23 26.92
C ALA G 177 -4.27 36.47 27.44
N ALA G 178 -3.81 37.67 27.05
CA ALA G 178 -4.49 38.89 27.50
C ALA G 178 -5.94 38.94 27.02
N GLU G 179 -6.20 38.54 25.77
CA GLU G 179 -7.58 38.50 25.29
C GLU G 179 -8.40 37.45 26.02
N ALA G 180 -7.78 36.30 26.34
CA ALA G 180 -8.52 35.28 27.07
C ALA G 180 -8.93 35.80 28.46
N LYS G 181 -8.06 36.60 29.08
CA LYS G 181 -8.42 37.19 30.37
C LYS G 181 -9.58 38.18 30.19
N GLU G 182 -9.48 39.05 29.19
CA GLU G 182 -10.58 40.00 28.94
C GLU G 182 -11.88 39.26 28.66
N TYR G 183 -11.78 38.10 28.01
CA TYR G 183 -12.98 37.32 27.67
C TYR G 183 -13.60 36.65 28.87
N GLY G 184 -12.82 36.40 29.93
CA GLY G 184 -13.30 35.66 31.07
C GLY G 184 -12.96 34.18 31.07
N LEU G 185 -12.15 33.71 30.09
CA LEU G 185 -11.72 32.29 30.08
C LEU G 185 -10.68 32.01 31.16
N ILE G 186 -9.86 33.00 31.51
CA ILE G 186 -8.91 32.90 32.60
C ILE G 186 -9.08 34.13 33.47
N ASP G 187 -8.49 34.06 34.66
CA ASP G 187 -8.53 35.18 35.61
C ASP G 187 -7.30 36.06 35.55
N GLU G 188 -6.13 35.51 35.21
CA GLU G 188 -4.90 36.31 35.26
C GLU G 188 -3.92 35.77 34.23
N VAL G 189 -3.17 36.68 33.62
CA VAL G 189 -1.97 36.29 32.89
C VAL G 189 -0.84 36.22 33.89
N MET G 190 -0.18 35.07 33.99
CA MET G 190 0.89 34.88 34.98
C MET G 190 2.16 35.55 34.49
N GLU G 191 2.62 36.54 35.23
CA GLU G 191 3.83 37.24 34.85
C GLU G 191 5.04 36.67 35.59
N PRO G 192 6.25 36.90 35.07
CA PRO G 192 7.44 36.19 35.57
C PRO G 192 7.78 36.39 37.05
N ILE H 4 4.02 4.06 -33.30
CA ILE H 4 2.99 5.08 -33.07
C ILE H 4 2.46 5.73 -34.39
N PRO H 5 3.32 6.27 -35.29
CA PRO H 5 2.78 7.08 -36.39
C PRO H 5 2.09 6.23 -37.46
N THR H 6 1.21 6.88 -38.20
CA THR H 6 0.45 6.29 -39.29
C THR H 6 1.00 6.74 -40.64
N TYR H 18 -1.75 2.43 -42.37
CA TYR H 18 -0.93 1.53 -41.59
C TYR H 18 -0.29 2.28 -40.43
N ASP H 19 -0.13 1.62 -39.28
CA ASP H 19 0.92 2.10 -38.36
C ASP H 19 2.30 1.81 -38.98
N ILE H 20 3.35 2.42 -38.43
CA ILE H 20 4.67 2.31 -39.07
C ILE H 20 5.12 0.85 -39.14
N TYR H 21 4.80 0.02 -38.13
CA TYR H 21 5.27 -1.37 -38.15
C TYR H 21 4.54 -2.18 -39.20
N SER H 22 3.23 -1.93 -39.35
CA SER H 22 2.47 -2.61 -40.39
C SER H 22 3.00 -2.24 -41.76
N ARG H 23 3.41 -0.99 -41.93
CA ARG H 23 3.97 -0.55 -43.21
C ARG H 23 5.28 -1.29 -43.49
N LEU H 24 6.15 -1.45 -42.48
CA LEU H 24 7.38 -2.21 -42.70
C LEU H 24 7.09 -3.68 -42.97
N LEU H 25 6.08 -4.23 -42.31
CA LEU H 25 5.75 -5.65 -42.53
C LEU H 25 5.35 -5.92 -43.98
N LYS H 26 4.73 -4.94 -44.64
CA LYS H 26 4.45 -5.06 -46.07
C LYS H 26 5.72 -5.29 -46.89
N ASP H 27 6.87 -4.78 -46.44
CA ASP H 27 8.16 -5.03 -47.07
C ASP H 27 8.95 -6.18 -46.43
N ARG H 28 8.25 -7.04 -45.69
CA ARG H 28 8.80 -8.25 -45.09
C ARG H 28 9.81 -7.95 -43.98
N ILE H 29 9.61 -6.85 -43.27
CA ILE H 29 10.47 -6.46 -42.15
C ILE H 29 9.66 -6.65 -40.87
N ILE H 30 10.24 -7.37 -39.92
CA ILE H 30 9.65 -7.60 -38.60
C ILE H 30 10.55 -6.91 -37.57
N MET H 31 9.96 -6.15 -36.66
CA MET H 31 10.76 -5.38 -35.71
C MET H 31 10.58 -6.02 -34.33
N LEU H 32 11.64 -6.62 -33.80
CA LEU H 32 11.61 -7.15 -32.43
C LEU H 32 12.34 -6.14 -31.56
N GLY H 33 11.58 -5.36 -30.81
CA GLY H 33 12.15 -4.23 -30.10
C GLY H 33 11.74 -4.21 -28.63
N SER H 34 11.59 -5.37 -28.00
CA SER H 34 11.15 -5.40 -26.61
C SER H 34 11.63 -6.69 -25.96
N GLN H 35 11.32 -6.83 -24.68
CA GLN H 35 11.46 -8.12 -24.02
C GLN H 35 10.61 -9.17 -24.74
N ILE H 36 11.08 -10.41 -24.72
CA ILE H 36 10.41 -11.51 -25.41
C ILE H 36 9.51 -12.22 -24.40
N ASP H 37 8.22 -12.01 -24.48
CA ASP H 37 7.28 -12.78 -23.67
C ASP H 37 6.35 -13.52 -24.61
N ASP H 38 5.36 -14.21 -24.05
CA ASP H 38 4.48 -15.03 -24.90
C ASP H 38 3.69 -14.19 -25.90
N ASN H 39 3.27 -12.98 -25.51
CA ASN H 39 2.52 -12.13 -26.44
C ASN H 39 3.39 -11.69 -27.60
N VAL H 40 4.63 -11.29 -27.31
CA VAL H 40 5.55 -10.88 -28.37
C VAL H 40 5.84 -12.05 -29.30
N ALA H 41 6.13 -13.24 -28.71
CA ALA H 41 6.40 -14.40 -29.55
C ALA H 41 5.21 -14.76 -30.41
N ASN H 42 4.00 -14.69 -29.87
CA ASN H 42 2.86 -15.05 -30.71
C ASN H 42 2.73 -14.10 -31.89
N SER H 43 2.99 -12.81 -31.63
CA SER H 43 2.91 -11.84 -32.72
C SER H 43 4.01 -12.09 -33.76
N ILE H 44 5.25 -12.33 -33.31
CA ILE H 44 6.35 -12.55 -34.25
C ILE H 44 6.12 -13.83 -35.05
N VAL H 45 5.72 -14.91 -34.37
CA VAL H 45 5.43 -16.16 -35.08
C VAL H 45 4.34 -15.94 -36.12
N SER H 46 3.27 -15.25 -35.74
CA SER H 46 2.18 -14.99 -36.68
C SER H 46 2.66 -14.18 -37.89
N GLN H 47 3.54 -13.19 -37.66
CA GLN H 47 4.08 -12.42 -38.78
C GLN H 47 4.95 -13.29 -39.69
N LEU H 48 5.76 -14.17 -39.10
CA LEU H 48 6.58 -15.08 -39.90
C LEU H 48 5.71 -16.01 -40.76
N LEU H 49 4.66 -16.59 -40.16
CA LEU H 49 3.79 -17.49 -40.92
C LEU H 49 3.07 -16.73 -42.03
N PHE H 50 2.61 -15.53 -41.71
CA PHE H 50 1.95 -14.69 -42.71
C PHE H 50 2.89 -14.39 -43.88
N LEU H 51 4.14 -14.00 -43.58
CA LEU H 51 5.07 -13.66 -44.66
C LEU H 51 5.39 -14.87 -45.52
N GLN H 52 5.57 -16.04 -44.89
CA GLN H 52 5.79 -17.25 -45.68
C GLN H 52 4.61 -17.55 -46.60
N ALA H 53 3.39 -17.38 -46.09
CA ALA H 53 2.19 -17.62 -46.91
C ALA H 53 2.09 -16.63 -48.06
N GLN H 54 2.55 -15.38 -47.86
CA GLN H 54 2.54 -14.40 -48.95
C GLN H 54 3.56 -14.76 -50.03
N ASP H 55 4.74 -15.22 -49.62
CA ASP H 55 5.79 -15.55 -50.60
C ASP H 55 6.78 -16.45 -49.91
N SER H 56 6.89 -17.69 -50.37
CA SER H 56 7.71 -18.64 -49.65
C SER H 56 9.18 -18.58 -50.05
N GLU H 57 9.54 -17.72 -51.01
CA GLU H 57 10.92 -17.65 -51.47
C GLU H 57 11.66 -16.39 -51.05
N LYS H 58 10.98 -15.25 -50.89
CA LYS H 58 11.66 -14.00 -50.63
C LYS H 58 12.12 -13.95 -49.17
N ASP H 59 13.28 -13.37 -48.92
CA ASP H 59 13.60 -13.55 -47.52
C ASP H 59 12.93 -12.45 -46.67
N ILE H 60 13.09 -12.63 -45.37
CA ILE H 60 12.44 -11.85 -44.33
C ILE H 60 13.56 -11.19 -43.55
N TYR H 61 13.29 -9.99 -43.02
CA TYR H 61 14.30 -9.23 -42.26
C TYR H 61 13.78 -9.07 -40.84
N LEU H 62 14.52 -9.58 -39.86
CA LEU H 62 14.13 -9.51 -38.45
C LEU H 62 15.13 -8.60 -37.74
N TYR H 63 14.69 -7.40 -37.38
CA TYR H 63 15.51 -6.50 -36.59
C TYR H 63 15.36 -6.86 -35.11
N ILE H 64 16.47 -6.87 -34.39
CA ILE H 64 16.46 -7.32 -32.99
C ILE H 64 17.10 -6.25 -32.12
N ASN H 65 16.31 -5.69 -31.22
CA ASN H 65 16.81 -4.86 -30.13
C ASN H 65 16.07 -5.38 -28.90
N SER H 66 16.68 -6.29 -28.14
CA SER H 66 15.87 -7.00 -27.14
C SER H 66 16.78 -7.40 -25.98
N PRO H 67 16.36 -7.20 -24.74
CA PRO H 67 17.13 -7.71 -23.60
C PRO H 67 16.91 -9.19 -23.34
N GLY H 68 16.08 -9.86 -24.12
CA GLY H 68 15.80 -11.26 -23.87
C GLY H 68 14.41 -11.43 -23.31
N GLY H 69 14.17 -12.50 -22.57
CA GLY H 69 12.86 -12.74 -22.00
C GLY H 69 12.63 -14.21 -21.74
N SER H 70 11.43 -14.70 -22.03
CA SER H 70 11.08 -16.09 -21.73
C SER H 70 11.81 -17.05 -22.65
N VAL H 71 12.40 -18.12 -22.08
CA VAL H 71 13.11 -19.06 -22.93
C VAL H 71 12.15 -19.80 -23.86
N THR H 72 10.95 -20.16 -23.36
CA THR H 72 10.04 -20.91 -24.22
C THR H 72 9.44 -20.01 -25.29
N ALA H 73 9.16 -18.73 -24.94
CA ALA H 73 8.72 -17.80 -25.98
C ALA H 73 9.82 -17.62 -27.03
N GLY H 74 11.08 -17.52 -26.58
CA GLY H 74 12.18 -17.43 -27.53
C GLY H 74 12.27 -18.65 -28.44
N PHE H 75 12.06 -19.85 -27.88
CA PHE H 75 12.12 -21.05 -28.72
C PHE H 75 10.94 -21.13 -29.67
N ALA H 76 9.78 -20.58 -29.31
CA ALA H 76 8.68 -20.52 -30.29
C ALA H 76 9.13 -19.76 -31.53
N ILE H 77 9.81 -18.63 -31.33
CA ILE H 77 10.30 -17.84 -32.48
C ILE H 77 11.42 -18.60 -33.18
N TYR H 78 12.37 -19.15 -32.42
CA TYR H 78 13.49 -19.87 -33.01
C TYR H 78 13.01 -21.00 -33.93
N ASP H 79 12.11 -21.86 -33.42
CA ASP H 79 11.66 -23.01 -34.22
C ASP H 79 10.86 -22.55 -35.44
N THR H 80 10.11 -21.46 -35.32
CA THR H 80 9.36 -20.98 -36.48
C THR H 80 10.32 -20.49 -37.57
N ILE H 81 11.36 -19.75 -37.16
CA ILE H 81 12.39 -19.34 -38.13
C ILE H 81 12.97 -20.56 -38.84
N GLN H 82 13.33 -21.60 -38.09
CA GLN H 82 13.95 -22.75 -38.75
C GLN H 82 12.93 -23.52 -39.58
N HIS H 83 11.65 -23.42 -39.24
CA HIS H 83 10.65 -24.24 -39.92
C HIS H 83 10.28 -23.67 -41.29
N ILE H 84 10.15 -22.36 -41.42
CA ILE H 84 9.57 -21.79 -42.63
C ILE H 84 10.58 -21.85 -43.77
N LYS H 85 10.08 -21.74 -45.00
CA LYS H 85 10.94 -21.84 -46.19
C LYS H 85 11.81 -20.60 -46.42
N PRO H 86 11.29 -19.36 -46.33
CA PRO H 86 12.17 -18.19 -46.55
C PRO H 86 13.35 -18.14 -45.59
N ASP H 87 14.47 -17.60 -46.08
CA ASP H 87 15.55 -17.19 -45.19
C ASP H 87 15.09 -16.04 -44.31
N VAL H 88 15.53 -16.04 -43.06
CA VAL H 88 15.27 -14.92 -42.16
C VAL H 88 16.62 -14.28 -41.85
N GLN H 89 16.82 -13.06 -42.36
CA GLN H 89 18.02 -12.33 -42.00
C GLN H 89 17.80 -11.73 -40.62
N THR H 90 18.84 -11.67 -39.81
CA THR H 90 18.71 -11.05 -38.49
C THR H 90 19.67 -9.87 -38.41
N ILE H 91 19.21 -8.76 -37.83
CA ILE H 91 20.00 -7.54 -37.79
C ILE H 91 19.90 -7.00 -36.37
N CYS H 92 21.00 -7.01 -35.64
CA CYS H 92 21.01 -6.49 -34.28
C CYS H 92 21.28 -4.99 -34.30
N ILE H 93 20.38 -4.20 -33.70
CA ILE H 93 20.62 -2.79 -33.43
C ILE H 93 20.45 -2.57 -31.93
N GLY H 94 21.33 -1.78 -31.34
CA GLY H 94 21.19 -1.52 -29.91
C GLY H 94 21.77 -2.66 -29.07
N MET H 95 20.95 -3.66 -28.78
CA MET H 95 21.41 -4.74 -27.91
C MET H 95 20.65 -6.01 -28.26
N ALA H 96 21.34 -7.15 -28.27
CA ALA H 96 20.66 -8.46 -28.32
C ALA H 96 21.25 -9.24 -27.15
N ALA H 97 20.48 -9.44 -26.10
CA ALA H 97 20.98 -10.07 -24.89
C ALA H 97 20.16 -11.32 -24.62
N SER H 98 20.82 -12.35 -24.08
CA SER H 98 20.08 -13.55 -23.59
C SER H 98 19.32 -14.16 -24.76
N MET H 99 18.01 -14.42 -24.64
CA MET H 99 17.31 -15.02 -25.79
C MET H 99 17.33 -14.10 -27.02
N GLY H 100 17.54 -12.79 -26.83
CA GLY H 100 17.75 -11.92 -27.99
C GLY H 100 19.00 -12.28 -28.78
N SER H 101 20.11 -12.56 -28.09
CA SER H 101 21.32 -12.95 -28.85
C SER H 101 21.17 -14.36 -29.40
N PHE H 102 20.39 -15.21 -28.73
CA PHE H 102 20.12 -16.52 -29.29
C PHE H 102 19.35 -16.40 -30.62
N LEU H 103 18.34 -15.52 -30.67
CA LEU H 103 17.61 -15.34 -31.93
C LEU H 103 18.49 -14.66 -32.99
N LEU H 104 19.35 -13.74 -32.59
CA LEU H 104 20.29 -13.15 -33.55
C LEU H 104 21.13 -14.23 -34.24
N ALA H 105 21.68 -15.15 -33.44
CA ALA H 105 22.49 -16.24 -33.98
C ALA H 105 21.68 -17.24 -34.80
N ALA H 106 20.36 -17.19 -34.70
CA ALA H 106 19.48 -18.14 -35.37
C ALA H 106 19.14 -17.73 -36.82
N GLY H 107 19.54 -16.54 -37.26
CA GLY H 107 19.23 -16.11 -38.60
C GLY H 107 19.91 -17.00 -39.65
N ALA H 108 19.47 -16.85 -40.90
CA ALA H 108 20.05 -17.64 -41.99
C ALA H 108 21.56 -17.44 -42.06
N LYS H 109 22.28 -18.55 -42.19
CA LYS H 109 23.73 -18.48 -42.19
C LYS H 109 24.23 -17.60 -43.36
N GLY H 110 25.15 -16.68 -43.06
CA GLY H 110 25.54 -15.64 -43.98
C GLY H 110 24.69 -14.40 -43.94
N LYS H 111 23.54 -14.42 -43.27
CA LYS H 111 22.65 -13.26 -43.24
C LYS H 111 22.35 -12.81 -41.82
N ARG H 112 23.32 -12.94 -40.92
CA ARG H 112 23.22 -12.45 -39.53
C ARG H 112 24.14 -11.27 -39.39
N PHE H 113 23.60 -10.12 -38.97
CA PHE H 113 24.32 -8.87 -38.96
C PHE H 113 24.15 -8.16 -37.62
N ALA H 114 25.10 -7.28 -37.33
CA ALA H 114 24.94 -6.29 -36.27
C ALA H 114 25.49 -4.96 -36.78
N LEU H 115 24.85 -3.87 -36.35
CA LEU H 115 25.39 -2.55 -36.61
C LEU H 115 26.60 -2.32 -35.72
N PRO H 116 27.50 -1.39 -36.09
CA PRO H 116 28.85 -1.37 -35.47
C PRO H 116 28.86 -1.11 -33.97
N ASN H 117 27.90 -0.35 -33.44
CA ASN H 117 27.88 -0.05 -32.01
C ASN H 117 26.86 -0.88 -31.26
N ALA H 118 26.24 -1.85 -31.93
CA ALA H 118 25.29 -2.73 -31.25
C ALA H 118 26.05 -3.63 -30.27
N GLU H 119 25.36 -4.03 -29.21
CA GLU H 119 25.96 -4.91 -28.22
C GLU H 119 25.28 -6.27 -28.23
N VAL H 120 26.05 -7.31 -27.96
CA VAL H 120 25.53 -8.67 -27.90
C VAL H 120 25.95 -9.22 -26.54
N MET H 121 25.00 -9.80 -25.80
CA MET H 121 25.33 -10.37 -24.50
C MET H 121 24.82 -11.81 -24.44
N ILE H 122 25.69 -12.72 -23.98
CA ILE H 122 25.31 -14.10 -23.81
C ILE H 122 25.48 -14.48 -22.34
N HIS H 123 24.64 -15.41 -21.87
CA HIS H 123 24.68 -15.75 -20.44
C HIS H 123 23.99 -17.10 -20.27
N GLN H 124 23.93 -17.57 -19.03
CA GLN H 124 23.20 -18.80 -18.82
C GLN H 124 21.77 -18.50 -18.39
N PRO H 125 20.88 -19.49 -18.47
CA PRO H 125 19.48 -19.27 -18.07
C PRO H 125 19.36 -18.84 -16.61
N LEU H 126 18.29 -18.10 -16.34
CA LEU H 126 17.89 -17.64 -15.01
C LEU H 126 16.52 -18.20 -14.71
N GLY H 127 16.25 -18.49 -13.44
CA GLY H 127 14.94 -18.98 -13.11
C GLY H 127 14.79 -19.02 -11.60
N GLY H 128 13.80 -19.77 -11.16
CA GLY H 128 13.55 -19.83 -9.73
C GLY H 128 12.78 -21.08 -9.43
N ALA H 129 12.80 -21.46 -8.15
CA ALA H 129 12.06 -22.64 -7.73
C ALA H 129 11.79 -22.51 -6.25
N GLN H 130 10.61 -22.91 -5.80
CA GLN H 130 10.25 -22.91 -4.39
C GLN H 130 9.43 -24.15 -4.11
N GLY H 131 9.56 -24.71 -2.91
CA GLY H 131 8.70 -25.82 -2.56
C GLY H 131 9.48 -26.94 -1.90
N GLN H 132 8.99 -28.17 -2.04
CA GLN H 132 9.67 -29.30 -1.42
C GLN H 132 10.98 -29.58 -2.13
N ALA H 133 11.88 -30.27 -1.42
CA ALA H 133 13.16 -30.69 -2.02
C ALA H 133 12.94 -31.37 -3.37
N THR H 134 11.97 -32.28 -3.45
CA THR H 134 11.67 -32.99 -4.70
C THR H 134 11.33 -32.01 -5.83
N GLU H 135 10.55 -30.98 -5.52
CA GLU H 135 10.16 -30.00 -6.53
C GLU H 135 11.33 -29.12 -6.95
N ILE H 136 12.18 -28.76 -5.99
CA ILE H 136 13.36 -27.97 -6.33
C ILE H 136 14.28 -28.78 -7.25
N GLU H 137 14.41 -30.08 -6.98
CA GLU H 137 15.21 -30.96 -7.84
C GLU H 137 14.65 -31.02 -9.26
N ILE H 138 13.33 -31.14 -9.38
CA ILE H 138 12.70 -31.15 -10.71
C ILE H 138 12.98 -29.85 -11.45
N ALA H 139 12.87 -28.71 -10.74
CA ALA H 139 13.13 -27.42 -11.40
C ALA H 139 14.58 -27.28 -11.78
N ALA H 140 15.51 -27.74 -10.90
CA ALA H 140 16.93 -27.65 -11.23
C ALA H 140 17.26 -28.50 -12.45
N ASN H 141 16.76 -29.74 -12.48
CA ASN H 141 17.01 -30.61 -13.63
C ASN H 141 16.48 -29.98 -14.91
N HIS H 142 15.30 -29.36 -14.83
CA HIS H 142 14.70 -28.73 -16.01
C HIS H 142 15.56 -27.57 -16.51
N ILE H 143 16.00 -26.68 -15.61
CA ILE H 143 16.76 -25.53 -16.11
C ILE H 143 18.14 -25.98 -16.57
N LEU H 144 18.70 -27.04 -15.98
CA LEU H 144 19.98 -27.53 -16.48
C LEU H 144 19.83 -28.14 -17.87
N LYS H 145 18.75 -28.90 -18.11
CA LYS H 145 18.49 -29.42 -19.45
C LYS H 145 18.26 -28.29 -20.45
N THR H 146 17.56 -27.24 -20.04
CA THR H 146 17.38 -26.08 -20.90
C THR H 146 18.71 -25.45 -21.27
N ARG H 147 19.62 -25.29 -20.30
CA ARG H 147 20.93 -24.74 -20.63
C ARG H 147 21.66 -25.64 -21.63
N GLU H 148 21.61 -26.96 -21.45
CA GLU H 148 22.31 -27.85 -22.40
C GLU H 148 21.72 -27.72 -23.80
N LYS H 149 20.40 -27.60 -23.90
CA LYS H 149 19.74 -27.41 -25.19
C LYS H 149 20.20 -26.11 -25.86
N LEU H 150 20.21 -25.01 -25.11
CA LEU H 150 20.69 -23.75 -25.66
C LEU H 150 22.15 -23.84 -26.09
N ASN H 151 23.00 -24.46 -25.28
CA ASN H 151 24.43 -24.49 -25.60
C ASN H 151 24.70 -25.32 -26.84
N ARG H 152 23.97 -26.42 -26.97
CA ARG H 152 24.13 -27.28 -28.12
C ARG H 152 23.76 -26.55 -29.41
N ILE H 153 22.65 -25.82 -29.40
CA ILE H 153 22.27 -25.05 -30.58
C ILE H 153 23.26 -23.91 -30.84
N LEU H 154 23.67 -23.19 -29.79
CA LEU H 154 24.65 -22.12 -30.02
C LEU H 154 25.94 -22.68 -30.60
N SER H 155 26.35 -23.87 -30.14
CA SER H 155 27.53 -24.51 -30.69
C SER H 155 27.38 -24.76 -32.19
N GLU H 156 26.23 -25.30 -32.58
CA GLU H 156 25.97 -25.55 -34.00
C GLU H 156 25.93 -24.23 -34.80
N ARG H 157 25.35 -23.18 -34.23
CA ARG H 157 25.20 -21.96 -35.04
C ARG H 157 26.45 -21.09 -35.06
N THR H 158 27.35 -21.23 -34.08
CA THR H 158 28.54 -20.41 -34.03
C THR H 158 29.79 -21.15 -34.48
N GLY H 159 29.78 -22.49 -34.47
CA GLY H 159 30.99 -23.27 -34.64
C GLY H 159 31.87 -23.38 -33.41
N GLN H 160 31.49 -22.80 -32.27
CA GLN H 160 32.28 -23.00 -31.04
C GLN H 160 31.90 -24.33 -30.40
N SER H 161 32.83 -24.90 -29.63
CA SER H 161 32.49 -26.14 -28.93
C SER H 161 31.51 -25.87 -27.81
N ILE H 162 30.77 -26.91 -27.40
CA ILE H 162 29.85 -26.76 -26.27
C ILE H 162 30.60 -26.38 -25.01
N GLU H 163 31.82 -26.91 -24.82
CA GLU H 163 32.58 -26.58 -23.61
C GLU H 163 32.96 -25.11 -23.58
N LYS H 164 33.31 -24.54 -24.73
CA LYS H 164 33.64 -23.12 -24.75
C LYS H 164 32.40 -22.26 -24.49
N ILE H 165 31.26 -22.63 -25.09
CA ILE H 165 30.03 -21.86 -24.84
C ILE H 165 29.67 -21.93 -23.36
N GLN H 166 29.80 -23.10 -22.75
CA GLN H 166 29.52 -23.24 -21.31
C GLN H 166 30.43 -22.32 -20.51
N GLN H 167 31.73 -22.33 -20.79
CA GLN H 167 32.65 -21.45 -20.05
C GLN H 167 32.30 -19.98 -20.28
N ASP H 168 31.97 -19.62 -21.54
CA ASP H 168 31.77 -18.22 -21.87
C ASP H 168 30.41 -17.68 -21.44
N THR H 169 29.49 -18.53 -21.00
CA THR H 169 28.20 -18.06 -20.53
C THR H 169 28.04 -18.23 -19.02
N ASP H 170 29.08 -18.71 -18.33
CA ASP H 170 28.95 -18.93 -16.88
C ASP H 170 28.56 -17.64 -16.16
N ARG H 171 29.16 -16.52 -16.57
CA ARG H 171 28.82 -15.18 -16.14
C ARG H 171 28.37 -14.39 -17.36
N ASP H 172 27.67 -13.27 -17.15
CA ASP H 172 27.25 -12.42 -18.26
C ASP H 172 28.46 -12.00 -19.08
N ASN H 173 28.34 -12.11 -20.40
CA ASN H 173 29.47 -11.90 -21.28
C ASN H 173 29.02 -10.89 -22.35
N PHE H 174 29.54 -9.66 -22.28
CA PHE H 174 29.15 -8.59 -23.21
C PHE H 174 30.14 -8.56 -24.38
N LEU H 175 29.64 -8.59 -25.62
CA LEU H 175 30.48 -8.59 -26.80
C LEU H 175 30.18 -7.36 -27.63
N THR H 176 31.21 -6.76 -28.23
CA THR H 176 30.98 -5.79 -29.29
C THR H 176 30.51 -6.51 -30.56
N ALA H 177 30.01 -5.73 -31.53
CA ALA H 177 29.63 -6.34 -32.81
C ALA H 177 30.81 -7.07 -33.44
N ALA H 178 32.00 -6.44 -33.44
CA ALA H 178 33.18 -7.11 -34.00
C ALA H 178 33.50 -8.41 -33.26
N GLU H 179 33.40 -8.40 -31.93
CA GLU H 179 33.64 -9.64 -31.18
C GLU H 179 32.56 -10.68 -31.47
N ALA H 180 31.31 -10.25 -31.63
CA ALA H 180 30.25 -11.20 -31.95
C ALA H 180 30.51 -11.86 -33.30
N LYS H 181 31.05 -11.10 -34.25
CA LYS H 181 31.41 -11.71 -35.54
C LYS H 181 32.55 -12.71 -35.38
N GLU H 182 33.59 -12.33 -34.64
CA GLU H 182 34.69 -13.27 -34.40
C GLU H 182 34.19 -14.52 -33.68
N TYR H 183 33.18 -14.38 -32.82
CA TYR H 183 32.66 -15.50 -32.07
C TYR H 183 31.83 -16.44 -32.94
N GLY H 184 31.27 -15.94 -34.04
CA GLY H 184 30.36 -16.72 -34.86
C GLY H 184 28.89 -16.49 -34.58
N LEU H 185 28.54 -15.53 -33.71
CA LEU H 185 27.12 -15.21 -33.47
C LEU H 185 26.48 -14.47 -34.64
N ILE H 186 27.28 -13.67 -35.36
CA ILE H 186 26.82 -13.00 -36.57
C ILE H 186 27.86 -13.28 -37.64
N ASP H 187 27.48 -12.98 -38.88
CA ASP H 187 28.36 -13.16 -40.03
C ASP H 187 29.08 -11.87 -40.44
N GLU H 188 28.47 -10.70 -40.23
CA GLU H 188 29.09 -9.47 -40.71
C GLU H 188 28.66 -8.31 -39.81
N VAL H 189 29.58 -7.38 -39.59
CA VAL H 189 29.22 -6.08 -39.04
C VAL H 189 28.80 -5.21 -40.22
N MET H 190 27.58 -4.68 -40.17
CA MET H 190 27.06 -3.88 -41.28
C MET H 190 27.65 -2.48 -41.24
N GLU H 191 28.40 -2.13 -42.27
CA GLU H 191 29.01 -0.82 -42.31
C GLU H 191 28.15 0.14 -43.13
N PRO H 192 28.34 1.46 -42.94
CA PRO H 192 27.39 2.44 -43.49
C PRO H 192 27.24 2.46 -45.01
N GLU H 193 26.04 2.79 -45.48
CA GLU H 193 25.79 2.96 -46.91
C GLU H 193 25.63 4.43 -47.34
N ILE I 4 -0.88 -7.35 -32.88
CA ILE I 4 -0.80 -5.89 -32.99
C ILE I 4 -0.91 -5.37 -34.46
N PRO I 5 -0.11 -5.85 -35.42
CA PRO I 5 -0.08 -5.18 -36.73
C PRO I 5 -1.34 -5.43 -37.56
N THR I 6 -1.57 -4.52 -38.50
CA THR I 6 -2.71 -4.58 -39.40
C THR I 6 -2.24 -5.00 -40.80
N VAL I 7 -3.05 -5.74 -41.55
CA VAL I 7 -2.66 -6.17 -42.90
C VAL I 7 -3.68 -5.64 -43.90
N ILE I 8 -3.20 -5.16 -45.06
CA ILE I 8 -4.02 -4.66 -46.19
C ILE I 8 -4.86 -5.74 -46.88
N ALA I 17 -9.09 -4.13 -43.87
CA ALA I 17 -8.05 -4.22 -42.84
C ALA I 17 -8.41 -5.14 -41.65
N TYR I 18 -7.51 -6.07 -41.42
CA TYR I 18 -7.47 -7.10 -40.38
C TYR I 18 -6.29 -6.84 -39.44
N ASP I 19 -6.46 -7.12 -38.14
CA ASP I 19 -5.26 -7.39 -37.35
C ASP I 19 -4.64 -8.74 -37.80
N ILE I 20 -3.39 -9.01 -37.39
CA ILE I 20 -2.71 -10.19 -37.92
C ILE I 20 -3.47 -11.47 -37.56
N TYR I 21 -4.11 -11.54 -36.38
CA TYR I 21 -4.79 -12.77 -35.99
C TYR I 21 -6.05 -12.98 -36.81
N SER I 22 -6.77 -11.89 -37.08
CA SER I 22 -7.96 -11.98 -37.93
C SER I 22 -7.57 -12.44 -39.33
N ARG I 23 -6.43 -11.97 -39.81
CA ARG I 23 -5.96 -12.40 -41.13
C ARG I 23 -5.66 -13.90 -41.15
N LEU I 24 -5.01 -14.42 -40.10
CA LEU I 24 -4.77 -15.87 -40.04
C LEU I 24 -6.07 -16.64 -39.92
N LEU I 25 -7.05 -16.11 -39.17
CA LEU I 25 -8.32 -16.81 -39.01
C LEU I 25 -9.02 -17.00 -40.35
N LYS I 26 -8.85 -16.07 -41.28
CA LYS I 26 -9.38 -16.24 -42.63
C LYS I 26 -8.83 -17.50 -43.30
N ASP I 27 -7.61 -17.93 -42.95
CA ASP I 27 -7.04 -19.18 -43.43
C ASP I 27 -7.23 -20.36 -42.46
N ARG I 28 -8.18 -20.23 -41.55
CA ARG I 28 -8.59 -21.29 -40.62
C ARG I 28 -7.50 -21.60 -39.60
N ILE I 29 -6.71 -20.59 -39.22
CA ILE I 29 -5.67 -20.73 -38.21
C ILE I 29 -6.12 -19.98 -36.96
N ILE I 30 -6.09 -20.67 -35.82
CA ILE I 30 -6.42 -20.08 -34.52
C ILE I 30 -5.14 -20.10 -33.68
N MET I 31 -4.83 -18.97 -33.04
CA MET I 31 -3.57 -18.86 -32.30
C MET I 31 -3.92 -18.85 -30.81
N LEU I 32 -3.55 -19.89 -30.09
CA LEU I 32 -3.72 -19.91 -28.63
C LEU I 32 -2.34 -19.62 -28.03
N GLY I 33 -2.15 -18.40 -27.56
CA GLY I 33 -0.84 -17.95 -27.16
C GLY I 33 -0.84 -17.32 -25.77
N SER I 34 -1.67 -17.81 -24.86
CA SER I 34 -1.75 -17.20 -23.54
C SER I 34 -2.24 -18.23 -22.55
N GLN I 35 -2.33 -17.82 -21.28
CA GLN I 35 -3.05 -18.59 -20.28
C GLN I 35 -4.49 -18.79 -20.73
N ILE I 36 -5.08 -19.92 -20.35
CA ILE I 36 -6.44 -20.29 -20.74
C ILE I 36 -7.37 -19.85 -19.62
N ASP I 37 -8.11 -18.78 -19.82
CA ASP I 37 -9.15 -18.39 -18.87
C ASP I 37 -10.47 -18.38 -19.61
N ASP I 38 -11.55 -17.96 -18.93
CA ASP I 38 -12.87 -18.03 -19.55
C ASP I 38 -12.97 -17.13 -20.79
N ASN I 39 -12.30 -15.96 -20.76
CA ASN I 39 -12.36 -15.06 -21.93
C ASN I 39 -11.66 -15.68 -23.12
N VAL I 40 -10.49 -16.28 -22.90
CA VAL I 40 -9.75 -16.93 -23.99
C VAL I 40 -10.56 -18.10 -24.53
N ALA I 41 -11.13 -18.93 -23.64
CA ALA I 41 -11.93 -20.06 -24.11
C ALA I 41 -13.14 -19.59 -24.89
N ASN I 42 -13.83 -18.52 -24.42
CA ASN I 42 -15.02 -18.00 -25.14
C ASN I 42 -14.63 -17.55 -26.56
N SER I 43 -13.44 -16.97 -26.70
CA SER I 43 -12.99 -16.54 -28.01
C SER I 43 -12.60 -17.73 -28.90
N ILE I 44 -11.87 -18.70 -28.35
CA ILE I 44 -11.45 -19.86 -29.14
C ILE I 44 -12.67 -20.68 -29.57
N VAL I 45 -13.59 -20.91 -28.63
CA VAL I 45 -14.81 -21.66 -29.00
C VAL I 45 -15.56 -20.94 -30.10
N SER I 46 -15.70 -19.62 -29.97
CA SER I 46 -16.42 -18.85 -30.99
C SER I 46 -15.73 -18.96 -32.35
N GLN I 47 -14.39 -18.93 -32.36
CA GLN I 47 -13.65 -19.08 -33.62
C GLN I 47 -13.86 -20.47 -34.22
N LEU I 48 -13.85 -21.51 -33.37
CA LEU I 48 -14.09 -22.86 -33.87
C LEU I 48 -15.49 -23.00 -34.46
N LEU I 49 -16.52 -22.46 -33.79
CA LEU I 49 -17.88 -22.56 -34.31
C LEU I 49 -18.01 -21.78 -35.62
N PHE I 50 -17.40 -20.59 -35.67
CA PHE I 50 -17.42 -19.80 -36.89
C PHE I 50 -16.76 -20.56 -38.04
N LEU I 51 -15.59 -21.17 -37.80
CA LEU I 51 -14.91 -21.86 -38.89
C LEU I 51 -15.72 -23.07 -39.37
N GLN I 52 -16.33 -23.80 -38.44
CA GLN I 52 -17.19 -24.91 -38.85
C GLN I 52 -18.35 -24.42 -39.71
N ALA I 53 -18.97 -23.31 -39.33
CA ALA I 53 -20.08 -22.75 -40.10
C ALA I 53 -19.64 -22.30 -41.48
N GLN I 54 -18.40 -21.80 -41.61
CA GLN I 54 -17.89 -21.41 -42.93
C GLN I 54 -17.65 -22.62 -43.82
N ASP I 55 -17.11 -23.70 -43.25
CA ASP I 55 -16.81 -24.89 -44.05
C ASP I 55 -16.68 -26.06 -43.09
N SER I 56 -17.59 -27.01 -43.20
CA SER I 56 -17.60 -28.07 -42.20
C SER I 56 -16.64 -29.21 -42.54
N GLU I 57 -15.94 -29.14 -43.68
CA GLU I 57 -15.04 -30.22 -44.08
C GLU I 57 -13.55 -29.87 -43.99
N LYS I 58 -13.18 -28.61 -44.17
CA LYS I 58 -11.76 -28.25 -44.23
C LYS I 58 -11.17 -28.25 -42.82
N ASP I 59 -9.92 -28.69 -42.69
CA ASP I 59 -9.60 -28.73 -41.28
C ASP I 59 -9.11 -27.36 -40.80
N ILE I 60 -8.91 -27.30 -39.49
CA ILE I 60 -8.60 -26.10 -38.74
C ILE I 60 -7.23 -26.33 -38.11
N TYR I 61 -6.45 -25.26 -37.94
CA TYR I 61 -5.12 -25.36 -37.38
C TYR I 61 -5.10 -24.56 -36.08
N LEU I 62 -4.80 -25.23 -34.97
CA LEU I 62 -4.76 -24.59 -33.65
C LEU I 62 -3.31 -24.59 -33.17
N TYR I 63 -2.68 -23.42 -33.18
CA TYR I 63 -1.34 -23.28 -32.63
C TYR I 63 -1.45 -23.08 -31.11
N ILE I 64 -0.58 -23.75 -30.36
CA ILE I 64 -0.67 -23.73 -28.90
C ILE I 64 0.69 -23.33 -28.33
N ASN I 65 0.72 -22.19 -27.64
CA ASN I 65 1.84 -21.81 -26.81
C ASN I 65 1.18 -21.31 -25.51
N SER I 66 1.06 -22.19 -24.51
CA SER I 66 0.18 -21.81 -23.39
C SER I 66 0.69 -22.50 -22.13
N PRO I 67 0.77 -21.79 -21.01
CA PRO I 67 1.13 -22.43 -19.74
C PRO I 67 -0.04 -23.16 -19.09
N GLY I 68 -1.21 -23.14 -19.70
CA GLY I 68 -2.37 -23.77 -19.08
C GLY I 68 -3.33 -22.73 -18.57
N GLY I 69 -4.13 -23.08 -17.58
CA GLY I 69 -5.09 -22.13 -17.02
C GLY I 69 -6.25 -22.85 -16.38
N SER I 70 -7.46 -22.34 -16.57
CA SER I 70 -8.64 -22.89 -15.92
C SER I 70 -9.01 -24.25 -16.50
N VAL I 71 -9.28 -25.23 -15.65
CA VAL I 71 -9.63 -26.56 -16.17
C VAL I 71 -10.97 -26.52 -16.90
N THR I 72 -11.94 -25.75 -16.38
CA THR I 72 -13.25 -25.73 -17.04
C THR I 72 -13.18 -24.95 -18.34
N ALA I 73 -12.40 -23.86 -18.37
CA ALA I 73 -12.19 -23.16 -19.64
C ALA I 73 -11.51 -24.09 -20.65
N GLY I 74 -10.52 -24.86 -20.19
CA GLY I 74 -9.88 -25.82 -21.08
C GLY I 74 -10.86 -26.86 -21.61
N PHE I 75 -11.77 -27.35 -20.75
CA PHE I 75 -12.73 -28.34 -21.23
C PHE I 75 -13.76 -27.73 -22.18
N ALA I 76 -14.07 -26.43 -22.03
CA ALA I 76 -14.94 -25.80 -23.04
C ALA I 76 -14.30 -25.91 -24.43
N ILE I 77 -13.00 -25.65 -24.52
CA ILE I 77 -12.30 -25.77 -25.80
C ILE I 77 -12.23 -27.23 -26.22
N TYR I 78 -11.83 -28.11 -25.30
CA TYR I 78 -11.71 -29.53 -25.62
C TYR I 78 -13.02 -30.10 -26.21
N ASP I 79 -14.14 -29.88 -25.53
CA ASP I 79 -15.41 -30.44 -26.00
C ASP I 79 -15.83 -29.82 -27.33
N THR I 80 -15.52 -28.55 -27.55
CA THR I 80 -15.89 -27.94 -28.82
C THR I 80 -15.08 -28.57 -29.96
N ILE I 81 -13.78 -28.78 -29.73
CA ILE I 81 -12.96 -29.49 -30.72
C ILE I 81 -13.56 -30.85 -31.04
N GLN I 82 -13.95 -31.62 -30.02
CA GLN I 82 -14.48 -32.95 -30.32
C GLN I 82 -15.86 -32.87 -30.95
N HIS I 83 -16.58 -31.79 -30.71
CA HIS I 83 -17.95 -31.71 -31.19
C HIS I 83 -18.05 -31.38 -32.68
N ILE I 84 -17.20 -30.48 -33.15
CA ILE I 84 -17.39 -29.94 -34.51
C ILE I 84 -16.95 -30.98 -35.54
N LYS I 85 -17.43 -30.81 -36.77
CA LYS I 85 -17.13 -31.76 -37.85
C LYS I 85 -15.69 -31.66 -38.38
N PRO I 86 -15.13 -30.48 -38.65
CA PRO I 86 -13.74 -30.42 -39.14
C PRO I 86 -12.75 -31.05 -38.18
N ASP I 87 -11.69 -31.65 -38.74
CA ASP I 87 -10.51 -31.99 -37.96
C ASP I 87 -9.84 -30.73 -37.44
N VAL I 88 -9.33 -30.78 -36.22
CA VAL I 88 -8.54 -29.68 -35.67
C VAL I 88 -7.12 -30.20 -35.50
N GLN I 89 -6.19 -29.68 -36.30
CA GLN I 89 -4.79 -30.02 -36.11
C GLN I 89 -4.27 -29.18 -34.95
N THR I 90 -3.40 -29.74 -34.14
CA THR I 90 -2.80 -28.96 -33.06
C THR I 90 -1.30 -28.91 -33.25
N ILE I 91 -0.70 -27.73 -33.04
CA ILE I 91 0.71 -27.53 -33.29
C ILE I 91 1.27 -26.80 -32.08
N CYS I 92 2.14 -27.47 -31.32
CA CYS I 92 2.76 -26.85 -30.16
C CYS I 92 4.02 -26.09 -30.57
N ILE I 93 4.08 -24.80 -30.25
CA ILE I 93 5.30 -24.01 -30.37
C ILE I 93 5.61 -23.43 -29.00
N GLY I 94 6.87 -23.44 -28.60
CA GLY I 94 7.21 -22.86 -27.30
C GLY I 94 6.93 -23.83 -26.17
N MET I 95 5.71 -23.81 -25.65
CA MET I 95 5.38 -24.65 -24.50
C MET I 95 3.90 -24.97 -24.52
N ALA I 96 3.54 -26.20 -24.19
CA ALA I 96 2.14 -26.54 -23.90
C ALA I 96 2.18 -27.23 -22.55
N ALA I 97 1.69 -26.55 -21.52
CA ALA I 97 1.78 -27.07 -20.15
C ALA I 97 0.38 -27.21 -19.59
N SER I 98 0.17 -28.24 -18.76
CA SER I 98 -1.09 -28.34 -17.99
C SER I 98 -2.25 -28.42 -18.99
N MET I 99 -3.31 -27.59 -18.86
CA MET I 99 -4.40 -27.70 -19.84
C MET I 99 -3.94 -27.40 -21.26
N GLY I 100 -2.81 -26.68 -21.43
CA GLY I 100 -2.25 -26.53 -22.77
C GLY I 100 -1.82 -27.86 -23.39
N SER I 101 -1.13 -28.71 -22.60
CA SER I 101 -0.75 -30.01 -23.15
C SER I 101 -1.96 -30.92 -23.30
N PHE I 102 -2.98 -30.73 -22.46
CA PHE I 102 -4.21 -31.49 -22.65
C PHE I 102 -4.86 -31.14 -23.99
N LEU I 103 -4.91 -29.85 -24.34
CA LEU I 103 -5.49 -29.47 -25.63
C LEU I 103 -4.61 -29.91 -26.80
N LEU I 104 -3.29 -29.87 -26.63
CA LEU I 104 -2.39 -30.40 -27.67
C LEU I 104 -2.73 -31.85 -27.99
N ALA I 105 -2.88 -32.68 -26.94
CA ALA I 105 -3.22 -34.09 -27.12
C ALA I 105 -4.62 -34.30 -27.68
N ALA I 106 -5.47 -33.28 -27.65
CA ALA I 106 -6.84 -33.37 -28.09
C ALA I 106 -7.04 -33.17 -29.60
N GLY I 107 -5.99 -32.81 -30.32
CA GLY I 107 -6.12 -32.59 -31.76
C GLY I 107 -6.49 -33.88 -32.49
N ALA I 108 -6.89 -33.74 -33.74
CA ALA I 108 -7.26 -34.91 -34.55
C ALA I 108 -6.12 -35.91 -34.60
N LYS I 109 -6.45 -37.19 -34.40
CA LYS I 109 -5.42 -38.21 -34.34
C LYS I 109 -4.67 -38.27 -35.68
N GLY I 110 -3.33 -38.30 -35.61
CA GLY I 110 -2.48 -38.13 -36.77
C GLY I 110 -2.14 -36.69 -37.10
N LYS I 111 -2.81 -35.71 -36.50
CA LYS I 111 -2.57 -34.31 -36.84
C LYS I 111 -2.20 -33.50 -35.60
N ARG I 112 -1.50 -34.10 -34.65
CA ARG I 112 -0.97 -33.41 -33.46
C ARG I 112 0.53 -33.32 -33.61
N PHE I 113 1.06 -32.09 -33.54
CA PHE I 113 2.46 -31.82 -33.85
C PHE I 113 3.09 -30.95 -32.77
N ALA I 114 4.41 -31.04 -32.69
CA ALA I 114 5.20 -30.06 -31.95
C ALA I 114 6.43 -29.72 -32.77
N LEU I 115 6.86 -28.47 -32.68
CA LEU I 115 8.13 -28.08 -33.28
C LEU I 115 9.27 -28.64 -32.42
N PRO I 116 10.48 -28.79 -32.99
CA PRO I 116 11.50 -29.63 -32.34
C PRO I 116 11.95 -29.15 -30.98
N ASN I 117 11.96 -27.84 -30.72
CA ASN I 117 12.40 -27.34 -29.43
C ASN I 117 11.25 -26.93 -28.53
N ALA I 118 10.02 -27.24 -28.93
CA ALA I 118 8.87 -26.97 -28.07
C ALA I 118 8.90 -27.88 -26.86
N GLU I 119 8.34 -27.40 -25.76
CA GLU I 119 8.28 -28.20 -24.54
C GLU I 119 6.83 -28.55 -24.22
N VAL I 120 6.65 -29.73 -23.64
CA VAL I 120 5.33 -30.19 -23.23
C VAL I 120 5.44 -30.56 -21.75
N MET I 121 4.53 -30.07 -20.93
CA MET I 121 4.56 -30.39 -19.51
C MET I 121 3.19 -30.93 -19.07
N ILE I 122 3.20 -32.03 -18.34
CA ILE I 122 1.98 -32.62 -17.82
C ILE I 122 2.07 -32.65 -16.29
N HIS I 123 0.92 -32.52 -15.62
CA HIS I 123 0.95 -32.46 -14.16
C HIS I 123 -0.45 -32.76 -13.65
N GLN I 124 -0.61 -32.76 -12.34
CA GLN I 124 -1.96 -32.96 -11.83
C GLN I 124 -2.63 -31.61 -11.58
N PRO I 125 -3.96 -31.61 -11.41
CA PRO I 125 -4.66 -30.34 -11.16
C PRO I 125 -4.18 -29.66 -9.88
N LEU I 126 -4.32 -28.34 -9.87
CA LEU I 126 -4.03 -27.47 -8.73
C LEU I 126 -5.29 -26.74 -8.35
N GLY I 127 -5.46 -26.45 -7.08
CA GLY I 127 -6.64 -25.72 -6.67
C GLY I 127 -6.52 -25.31 -5.22
N GLY I 128 -7.64 -24.97 -4.64
CA GLY I 128 -7.60 -24.50 -3.26
C GLY I 128 -8.96 -24.67 -2.66
N ALA I 129 -9.00 -24.65 -1.33
CA ALA I 129 -10.28 -24.75 -0.64
C ALA I 129 -10.10 -24.16 0.75
N GLN I 130 -11.12 -23.43 1.23
CA GLN I 130 -11.10 -22.87 2.57
C GLN I 130 -12.51 -22.99 3.14
N GLY I 131 -12.61 -23.19 4.44
CA GLY I 131 -13.93 -23.18 5.05
C GLY I 131 -14.10 -24.32 6.02
N GLN I 132 -15.34 -24.78 6.21
CA GLN I 132 -15.60 -25.86 7.14
C GLN I 132 -15.04 -27.17 6.60
N ALA I 133 -14.80 -28.13 7.51
CA ALA I 133 -14.36 -29.46 7.10
C ALA I 133 -15.23 -30.03 5.98
N THR I 134 -16.55 -29.91 6.11
CA THR I 134 -17.47 -30.41 5.09
C THR I 134 -17.20 -29.78 3.72
N GLU I 135 -16.91 -28.48 3.70
CA GLU I 135 -16.65 -27.78 2.44
C GLU I 135 -15.31 -28.17 1.86
N ILE I 136 -14.31 -28.37 2.72
CA ILE I 136 -13.01 -28.81 2.22
C ILE I 136 -13.14 -30.21 1.61
N GLU I 137 -13.93 -31.08 2.23
CA GLU I 137 -14.17 -32.41 1.68
C GLU I 137 -14.84 -32.35 0.31
N ILE I 138 -15.84 -31.47 0.16
CA ILE I 138 -16.50 -31.31 -1.14
C ILE I 138 -15.50 -30.84 -2.19
N ALA I 139 -14.64 -29.87 -1.83
CA ALA I 139 -13.65 -29.39 -2.80
C ALA I 139 -12.63 -30.46 -3.13
N ALA I 140 -12.19 -31.24 -2.13
CA ALA I 140 -11.23 -32.30 -2.40
C ALA I 140 -11.83 -33.36 -3.33
N ASN I 141 -13.07 -33.79 -3.03
CA ASN I 141 -13.72 -34.77 -3.90
C ASN I 141 -13.85 -34.25 -5.32
N HIS I 142 -14.18 -32.97 -5.47
CA HIS I 142 -14.33 -32.39 -6.81
C HIS I 142 -13.00 -32.39 -7.56
N ILE I 143 -11.92 -31.96 -6.92
CA ILE I 143 -10.66 -31.90 -7.68
C ILE I 143 -10.14 -33.31 -7.94
N LEU I 144 -10.41 -34.26 -7.06
CA LEU I 144 -10.00 -35.63 -7.34
C LEU I 144 -10.80 -36.22 -8.52
N LYS I 145 -12.10 -35.95 -8.59
CA LYS I 145 -12.88 -36.38 -9.75
C LYS I 145 -12.40 -35.70 -11.03
N THR I 146 -12.04 -34.42 -10.95
CA THR I 146 -11.47 -33.73 -12.10
C THR I 146 -10.19 -34.41 -12.57
N ARG I 147 -9.30 -34.77 -11.63
CA ARG I 147 -8.08 -35.45 -12.04
C ARG I 147 -8.40 -36.78 -12.74
N GLU I 148 -9.36 -37.56 -12.20
CA GLU I 148 -9.70 -38.84 -12.83
C GLU I 148 -10.24 -38.63 -14.25
N LYS I 149 -11.07 -37.60 -14.43
CA LYS I 149 -11.59 -37.27 -15.75
C LYS I 149 -10.47 -36.93 -16.73
N LEU I 150 -9.53 -36.07 -16.31
CA LEU I 150 -8.39 -35.74 -17.16
C LEU I 150 -7.55 -36.96 -17.49
N ASN I 151 -7.30 -37.82 -16.49
CA ASN I 151 -6.41 -38.96 -16.73
C ASN I 151 -7.04 -39.95 -17.68
N ARG I 152 -8.34 -40.15 -17.54
CA ARG I 152 -9.05 -41.06 -18.41
C ARG I 152 -9.00 -40.61 -19.86
N ILE I 153 -9.22 -39.31 -20.10
CA ILE I 153 -9.13 -38.80 -21.47
C ILE I 153 -7.69 -38.86 -21.99
N LEU I 154 -6.70 -38.48 -21.16
CA LEU I 154 -5.32 -38.58 -21.62
C LEU I 154 -4.95 -40.01 -21.95
N SER I 155 -5.47 -40.97 -21.17
CA SER I 155 -5.23 -42.38 -21.47
C SER I 155 -5.76 -42.74 -22.85
N GLU I 156 -6.99 -42.33 -23.14
CA GLU I 156 -7.60 -42.59 -24.45
C GLU I 156 -6.82 -41.91 -25.57
N ARG I 157 -6.34 -40.68 -25.35
CA ARG I 157 -5.71 -39.97 -26.47
C ARG I 157 -4.24 -40.35 -26.66
N THR I 158 -3.58 -40.88 -25.63
CA THR I 158 -2.17 -41.23 -25.76
C THR I 158 -1.94 -42.73 -25.93
N GLY I 159 -2.91 -43.56 -25.55
CA GLY I 159 -2.69 -44.99 -25.45
C GLY I 159 -1.97 -45.45 -24.20
N GLN I 160 -1.60 -44.55 -23.28
CA GLN I 160 -1.01 -45.00 -22.01
C GLN I 160 -2.11 -45.42 -21.04
N SER I 161 -1.76 -46.31 -20.11
CA SER I 161 -2.76 -46.70 -19.11
C SER I 161 -3.03 -45.55 -18.15
N ILE I 162 -4.20 -45.58 -17.51
CA ILE I 162 -4.52 -44.57 -16.51
C ILE I 162 -3.52 -44.60 -15.36
N GLU I 163 -3.06 -45.79 -14.97
CA GLU I 163 -2.10 -45.89 -13.88
C GLU I 163 -0.78 -45.22 -14.23
N LYS I 164 -0.33 -45.37 -15.48
CA LYS I 164 0.90 -44.72 -15.87
C LYS I 164 0.74 -43.19 -15.92
N ILE I 165 -0.39 -42.71 -16.44
CA ILE I 165 -0.62 -41.27 -16.46
C ILE I 165 -0.65 -40.71 -15.05
N GLN I 166 -1.32 -41.42 -14.12
CA GLN I 166 -1.35 -41.01 -12.73
C GLN I 166 0.06 -40.91 -12.16
N GLN I 167 0.89 -41.95 -12.37
CA GLN I 167 2.27 -41.89 -11.86
C GLN I 167 3.05 -40.76 -12.50
N ASP I 168 2.88 -40.56 -13.81
CA ASP I 168 3.68 -39.59 -14.54
C ASP I 168 3.24 -38.15 -14.33
N THR I 169 2.09 -37.91 -13.71
CA THR I 169 1.64 -36.55 -13.45
C THR I 169 1.67 -36.21 -11.97
N ASP I 170 2.13 -37.14 -11.11
CA ASP I 170 2.15 -36.87 -9.68
C ASP I 170 2.94 -35.60 -9.35
N ARG I 171 4.08 -35.42 -10.02
CA ARG I 171 4.89 -34.22 -9.99
C ARG I 171 4.94 -33.66 -11.41
N ASP I 172 5.31 -32.38 -11.53
CA ASP I 172 5.46 -31.76 -12.85
C ASP I 172 6.42 -32.57 -13.70
N ASN I 173 6.03 -32.83 -14.94
CA ASN I 173 6.79 -33.73 -15.80
C ASN I 173 7.03 -32.99 -17.12
N PHE I 174 8.28 -32.57 -17.37
CA PHE I 174 8.62 -31.80 -18.58
C PHE I 174 9.11 -32.77 -19.65
N LEU I 175 8.53 -32.69 -20.86
CA LEU I 175 8.91 -33.58 -21.96
C LEU I 175 9.44 -32.74 -23.11
N THR I 176 10.46 -33.25 -23.81
CA THR I 176 10.82 -32.69 -25.10
C THR I 176 9.77 -33.07 -26.14
N ALA I 177 9.84 -32.43 -27.31
CA ALA I 177 8.91 -32.81 -28.38
C ALA I 177 9.07 -34.29 -28.75
N ALA I 178 10.32 -34.76 -28.85
CA ALA I 178 10.53 -36.19 -29.17
C ALA I 178 9.93 -37.09 -28.08
N GLU I 179 10.10 -36.72 -26.81
CA GLU I 179 9.50 -37.52 -25.74
C GLU I 179 7.98 -37.45 -25.77
N ALA I 180 7.42 -36.28 -26.12
CA ALA I 180 5.97 -36.18 -26.21
C ALA I 180 5.43 -37.09 -27.31
N LYS I 181 6.18 -37.21 -28.40
CA LYS I 181 5.76 -38.14 -29.47
C LYS I 181 5.83 -39.58 -28.98
N GLU I 182 6.93 -39.96 -28.32
CA GLU I 182 7.03 -41.31 -27.78
C GLU I 182 5.93 -41.58 -26.79
N TYR I 183 5.51 -40.56 -26.04
CA TYR I 183 4.47 -40.73 -25.04
C TYR I 183 3.09 -40.89 -25.65
N GLY I 184 2.88 -40.40 -26.88
CA GLY I 184 1.57 -40.41 -27.48
C GLY I 184 0.79 -39.10 -27.34
N LEU I 185 1.41 -38.04 -26.79
CA LEU I 185 0.72 -36.74 -26.71
C LEU I 185 0.63 -36.06 -28.07
N ILE I 186 1.60 -36.30 -28.94
CA ILE I 186 1.57 -35.79 -30.30
C ILE I 186 1.89 -36.97 -31.23
N ASP I 187 1.63 -36.76 -32.50
CA ASP I 187 1.90 -37.77 -33.53
C ASP I 187 3.23 -37.59 -34.23
N GLU I 188 3.70 -36.34 -34.38
CA GLU I 188 4.91 -36.11 -35.15
C GLU I 188 5.63 -34.87 -34.62
N VAL I 189 6.95 -34.90 -34.62
CA VAL I 189 7.74 -33.69 -34.47
C VAL I 189 7.88 -33.07 -35.86
N MET I 190 7.46 -31.83 -36.02
CA MET I 190 7.48 -31.17 -37.32
C MET I 190 8.89 -30.71 -37.64
N GLU I 191 9.48 -31.26 -38.69
CA GLU I 191 10.83 -30.89 -39.06
C GLU I 191 10.79 -29.82 -40.15
N PRO I 192 11.90 -29.08 -40.32
CA PRO I 192 11.88 -27.87 -41.16
C PRO I 192 11.53 -28.08 -42.64
N ILE J 4 -12.06 -11.43 -29.47
CA ILE J 4 -10.98 -10.61 -29.97
C ILE J 4 -10.92 -10.51 -31.53
N PRO J 5 -10.90 -11.62 -32.28
CA PRO J 5 -10.63 -11.52 -33.73
C PRO J 5 -11.79 -10.91 -34.51
N THR J 6 -11.46 -10.37 -35.66
CA THR J 6 -12.41 -9.75 -36.59
C THR J 6 -12.65 -10.66 -37.79
N VAL J 7 -13.84 -10.54 -38.39
CA VAL J 7 -14.30 -11.37 -39.50
C VAL J 7 -14.81 -10.49 -40.64
N ILE J 8 -14.35 -10.81 -41.88
CA ILE J 8 -14.79 -10.17 -43.12
C ILE J 8 -16.23 -10.52 -43.43
N GLU J 9 -16.93 -9.57 -44.05
CA GLU J 9 -18.27 -9.78 -44.60
C GLU J 9 -18.58 -8.76 -45.72
N ARG J 16 -19.19 -5.63 -44.28
CA ARG J 16 -18.38 -4.95 -43.28
C ARG J 16 -17.71 -5.90 -42.29
N ALA J 17 -17.46 -5.36 -41.11
CA ALA J 17 -16.58 -6.02 -40.15
C ALA J 17 -17.31 -6.33 -38.87
N TYR J 18 -17.02 -7.54 -38.35
CA TYR J 18 -17.55 -7.97 -37.06
C TYR J 18 -16.42 -8.48 -36.17
N ASP J 19 -16.52 -8.27 -34.85
CA ASP J 19 -15.79 -9.16 -33.96
C ASP J 19 -16.43 -10.56 -34.00
N ILE J 20 -15.74 -11.57 -33.46
CA ILE J 20 -16.23 -12.95 -33.61
C ILE J 20 -17.61 -13.10 -32.96
N TYR J 21 -17.87 -12.41 -31.83
CA TYR J 21 -19.15 -12.59 -31.15
C TYR J 21 -20.28 -11.95 -31.95
N SER J 22 -20.02 -10.78 -32.54
CA SER J 22 -21.01 -10.14 -33.39
C SER J 22 -21.34 -11.02 -34.59
N ARG J 23 -20.32 -11.70 -35.12
CA ARG J 23 -20.56 -12.59 -36.25
C ARG J 23 -21.45 -13.77 -35.84
N LEU J 24 -21.22 -14.34 -34.66
CA LEU J 24 -22.11 -15.42 -34.19
C LEU J 24 -23.51 -14.90 -33.92
N LEU J 25 -23.63 -13.67 -33.40
CA LEU J 25 -24.96 -13.13 -33.11
C LEU J 25 -25.81 -13.02 -34.38
N LYS J 26 -25.18 -12.76 -35.52
CA LYS J 26 -25.88 -12.77 -36.80
C LYS J 26 -26.56 -14.11 -37.07
N ASP J 27 -26.01 -15.23 -36.55
CA ASP J 27 -26.62 -16.55 -36.65
C ASP J 27 -27.43 -16.93 -35.40
N ARG J 28 -27.81 -15.93 -34.60
CA ARG J 28 -28.68 -16.09 -33.44
C ARG J 28 -28.01 -16.87 -32.31
N ILE J 29 -26.69 -16.75 -32.20
CA ILE J 29 -25.93 -17.40 -31.14
C ILE J 29 -25.46 -16.32 -30.17
N ILE J 30 -25.74 -16.52 -28.88
CA ILE J 30 -25.30 -15.63 -27.80
C ILE J 30 -24.31 -16.40 -26.94
N MET J 31 -23.18 -15.80 -26.62
CA MET J 31 -22.15 -16.52 -25.88
C MET J 31 -22.09 -15.92 -24.47
N LEU J 32 -22.49 -16.69 -23.47
CA LEU J 32 -22.37 -16.26 -22.07
C LEU J 32 -21.14 -16.98 -21.51
N GLY J 33 -20.03 -16.24 -21.38
CA GLY J 33 -18.76 -16.86 -21.06
C GLY J 33 -18.06 -16.16 -19.90
N SER J 34 -18.81 -15.65 -18.93
CA SER J 34 -18.18 -14.92 -17.83
C SER J 34 -19.09 -14.99 -16.61
N GLN J 35 -18.63 -14.39 -15.53
CA GLN J 35 -19.49 -14.11 -14.39
C GLN J 35 -20.68 -13.26 -14.84
N ILE J 36 -21.82 -13.44 -14.18
CA ILE J 36 -23.05 -12.74 -14.54
C ILE J 36 -23.17 -11.52 -13.62
N ASP J 37 -22.89 -10.34 -14.14
CA ASP J 37 -23.14 -9.12 -13.38
C ASP J 37 -24.13 -8.27 -14.17
N ASP J 38 -24.42 -7.07 -13.67
CA ASP J 38 -25.45 -6.26 -14.33
C ASP J 38 -25.07 -5.89 -15.76
N ASN J 39 -23.79 -5.64 -16.02
CA ASN J 39 -23.37 -5.30 -17.39
C ASN J 39 -23.57 -6.47 -18.33
N VAL J 40 -23.18 -7.67 -17.90
CA VAL J 40 -23.36 -8.86 -18.73
C VAL J 40 -24.85 -9.11 -18.98
N ALA J 41 -25.67 -9.02 -17.91
CA ALA J 41 -27.11 -9.23 -18.09
C ALA J 41 -27.71 -8.19 -19.03
N ASN J 42 -27.27 -6.93 -18.92
CA ASN J 42 -27.77 -5.89 -19.80
C ASN J 42 -27.50 -6.25 -21.25
N SER J 43 -26.31 -6.72 -21.51
CA SER J 43 -25.92 -7.07 -22.87
C SER J 43 -26.69 -8.30 -23.36
N ILE J 44 -26.82 -9.34 -22.53
CA ILE J 44 -27.53 -10.56 -22.95
C ILE J 44 -29.00 -10.25 -23.19
N VAL J 45 -29.63 -9.50 -22.28
CA VAL J 45 -31.03 -9.13 -22.47
C VAL J 45 -31.21 -8.36 -23.78
N SER J 46 -30.32 -7.39 -24.03
CA SER J 46 -30.42 -6.61 -25.25
C SER J 46 -30.27 -7.49 -26.50
N GLN J 47 -29.36 -8.47 -26.45
CA GLN J 47 -29.21 -9.39 -27.58
C GLN J 47 -30.46 -10.24 -27.78
N LEU J 48 -31.07 -10.71 -26.68
CA LEU J 48 -32.30 -11.49 -26.80
C LEU J 48 -33.43 -10.65 -27.40
N LEU J 49 -33.59 -9.41 -26.94
CA LEU J 49 -34.65 -8.56 -27.49
C LEU J 49 -34.40 -8.27 -28.96
N PHE J 50 -33.15 -7.98 -29.30
CA PHE J 50 -32.79 -7.75 -30.69
C PHE J 50 -33.11 -8.96 -31.56
N LEU J 51 -32.74 -10.16 -31.11
CA LEU J 51 -32.99 -11.35 -31.93
C LEU J 51 -34.48 -11.60 -32.10
N GLN J 52 -35.27 -11.40 -31.03
CA GLN J 52 -36.72 -11.54 -31.16
C GLN J 52 -37.28 -10.56 -32.18
N ALA J 53 -36.80 -9.31 -32.15
CA ALA J 53 -37.28 -8.29 -33.10
C ALA J 53 -36.88 -8.64 -34.53
N GLN J 54 -35.73 -9.28 -34.73
CA GLN J 54 -35.34 -9.71 -36.08
C GLN J 54 -36.21 -10.84 -36.58
N ASP J 55 -36.54 -11.80 -35.72
CA ASP J 55 -37.36 -12.93 -36.15
C ASP J 55 -37.96 -13.56 -34.90
N SER J 56 -39.27 -13.51 -34.77
CA SER J 56 -39.87 -13.95 -33.53
C SER J 56 -40.12 -15.45 -33.49
N GLU J 57 -39.81 -16.18 -34.58
CA GLU J 57 -40.08 -17.61 -34.62
C GLU J 57 -38.83 -18.48 -34.55
N LYS J 58 -37.69 -18.02 -35.06
CA LYS J 58 -36.50 -18.87 -35.14
C LYS J 58 -35.87 -19.00 -33.77
N ASP J 59 -35.33 -20.18 -33.45
CA ASP J 59 -34.90 -20.14 -32.08
C ASP J 59 -33.49 -19.54 -31.97
N ILE J 60 -33.09 -19.37 -30.72
CA ILE J 60 -31.88 -18.68 -30.31
C ILE J 60 -31.03 -19.71 -29.58
N TYR J 61 -29.71 -19.59 -29.67
CA TYR J 61 -28.79 -20.53 -29.04
C TYR J 61 -27.97 -19.77 -28.01
N LEU J 62 -28.06 -20.16 -26.75
CA LEU J 62 -27.34 -19.50 -25.66
C LEU J 62 -26.30 -20.48 -25.11
N TYR J 63 -25.03 -20.22 -25.42
CA TYR J 63 -23.95 -21.02 -24.86
C TYR J 63 -23.60 -20.49 -23.47
N ILE J 64 -23.39 -21.39 -22.53
CA ILE J 64 -23.17 -20.99 -21.13
C ILE J 64 -21.89 -21.62 -20.63
N ASN J 65 -20.92 -20.79 -20.28
CA ASN J 65 -19.74 -21.20 -19.53
C ASN J 65 -19.59 -20.13 -18.45
N SER J 66 -20.14 -20.37 -17.26
CA SER J 66 -20.25 -19.22 -16.33
C SER J 66 -20.19 -19.77 -14.91
N PRO J 67 -19.42 -19.13 -14.01
CA PRO J 67 -19.43 -19.53 -12.60
C PRO J 67 -20.63 -18.97 -11.84
N GLY J 68 -21.49 -18.21 -12.49
CA GLY J 68 -22.61 -17.61 -11.77
C GLY J 68 -22.40 -16.13 -11.61
N GLY J 69 -23.00 -15.53 -10.60
CA GLY J 69 -22.85 -14.10 -10.38
C GLY J 69 -24.04 -13.54 -9.62
N SER J 70 -24.50 -12.36 -10.02
CA SER J 70 -25.57 -11.68 -9.29
C SER J 70 -26.90 -12.38 -9.49
N VAL J 71 -27.65 -12.60 -8.41
CA VAL J 71 -28.93 -13.29 -8.57
C VAL J 71 -29.92 -12.41 -9.34
N THR J 72 -29.91 -11.10 -9.11
CA THR J 72 -30.89 -10.25 -9.81
C THR J 72 -30.49 -10.09 -11.27
N ALA J 73 -29.19 -10.00 -11.56
CA ALA J 73 -28.77 -10.00 -12.96
C ALA J 73 -29.16 -11.31 -13.64
N GLY J 74 -28.99 -12.43 -12.94
CA GLY J 74 -29.43 -13.71 -13.50
C GLY J 74 -30.93 -13.74 -13.77
N PHE J 75 -31.72 -13.19 -12.85
CA PHE J 75 -33.17 -13.19 -13.10
C PHE J 75 -33.57 -12.23 -14.22
N ALA J 76 -32.81 -11.16 -14.45
CA ALA J 76 -33.10 -10.34 -15.63
C ALA J 76 -33.00 -11.19 -16.89
N ILE J 77 -31.96 -12.02 -16.99
CA ILE J 77 -31.81 -12.89 -18.16
C ILE J 77 -32.91 -13.96 -18.16
N TYR J 78 -33.13 -14.60 -17.00
CA TYR J 78 -34.14 -15.65 -16.91
C TYR J 78 -35.51 -15.16 -17.40
N ASP J 79 -35.98 -14.03 -16.86
CA ASP J 79 -37.31 -13.54 -17.22
C ASP J 79 -37.38 -13.12 -18.68
N THR J 80 -36.28 -12.60 -19.23
CA THR J 80 -36.30 -12.23 -20.64
C THR J 80 -36.42 -13.47 -21.53
N ILE J 81 -35.68 -14.53 -21.19
CA ILE J 81 -35.82 -15.81 -21.89
C ILE J 81 -37.28 -16.27 -21.86
N GLN J 82 -37.90 -16.25 -20.69
CA GLN J 82 -39.28 -16.74 -20.63
C GLN J 82 -40.25 -15.80 -21.33
N HIS J 83 -39.90 -14.54 -21.43
CA HIS J 83 -40.84 -13.56 -21.97
C HIS J 83 -40.91 -13.62 -23.50
N ILE J 84 -39.78 -13.78 -24.17
CA ILE J 84 -39.75 -13.59 -25.62
C ILE J 84 -40.39 -14.80 -26.31
N LYS J 85 -40.80 -14.59 -27.56
CA LYS J 85 -41.48 -15.66 -28.32
C LYS J 85 -40.56 -16.79 -28.78
N PRO J 86 -39.37 -16.52 -29.33
CA PRO J 86 -38.51 -17.64 -29.77
C PRO J 86 -38.13 -18.57 -28.61
N ASP J 87 -37.96 -19.85 -28.94
CA ASP J 87 -37.30 -20.79 -28.04
C ASP J 87 -35.84 -20.38 -27.86
N VAL J 88 -35.33 -20.52 -26.64
CA VAL J 88 -33.90 -20.31 -26.38
C VAL J 88 -33.31 -21.66 -26.00
N GLN J 89 -32.46 -22.21 -26.88
CA GLN J 89 -31.75 -23.42 -26.51
C GLN J 89 -30.59 -23.03 -25.62
N THR J 90 -30.28 -23.86 -24.64
CA THR J 90 -29.12 -23.58 -23.79
C THR J 90 -28.13 -24.72 -23.92
N ILE J 91 -26.85 -24.38 -24.00
CA ILE J 91 -25.79 -25.37 -24.23
C ILE J 91 -24.68 -25.06 -23.24
N CYS J 92 -24.47 -25.96 -22.29
CA CYS J 92 -23.40 -25.79 -21.31
C CYS J 92 -22.08 -26.34 -21.85
N ILE J 93 -21.05 -25.51 -21.89
CA ILE J 93 -19.69 -25.95 -22.17
C ILE J 93 -18.81 -25.52 -21.00
N GLY J 94 -17.93 -26.39 -20.55
CA GLY J 94 -17.04 -26.00 -19.45
C GLY J 94 -17.74 -26.15 -18.11
N MET J 95 -18.43 -25.11 -17.67
CA MET J 95 -19.07 -25.14 -16.35
C MET J 95 -20.29 -24.23 -16.36
N ALA J 96 -21.36 -24.66 -15.71
CA ALA J 96 -22.49 -23.78 -15.42
C ALA J 96 -22.72 -23.94 -13.93
N ALA J 97 -22.38 -22.91 -13.15
CA ALA J 97 -22.45 -23.02 -11.69
C ALA J 97 -23.38 -21.93 -11.18
N SER J 98 -24.12 -22.24 -10.12
CA SER J 98 -24.90 -21.18 -9.41
C SER J 98 -25.90 -20.59 -10.40
N MET J 99 -25.97 -19.25 -10.56
CA MET J 99 -26.95 -18.71 -11.51
C MET J 99 -26.67 -19.19 -12.95
N GLY J 100 -25.44 -19.61 -13.24
CA GLY J 100 -25.19 -20.23 -14.55
C GLY J 100 -25.97 -21.52 -14.76
N SER J 101 -26.01 -22.39 -13.73
CA SER J 101 -26.80 -23.62 -13.88
C SER J 101 -28.29 -23.31 -13.85
N PHE J 102 -28.68 -22.26 -13.13
CA PHE J 102 -30.08 -21.85 -13.17
C PHE J 102 -30.49 -21.43 -14.58
N LEU J 103 -29.64 -20.66 -15.28
CA LEU J 103 -29.97 -20.27 -16.65
C LEU J 103 -29.91 -21.46 -17.60
N LEU J 104 -28.99 -22.39 -17.39
CA LEU J 104 -28.96 -23.61 -18.19
C LEU J 104 -30.30 -24.34 -18.11
N ALA J 105 -30.82 -24.51 -16.90
CA ALA J 105 -32.10 -25.19 -16.70
C ALA J 105 -33.29 -24.39 -17.24
N ALA J 106 -33.09 -23.12 -17.54
CA ALA J 106 -34.15 -22.23 -18.00
C ALA J 106 -34.40 -22.31 -19.50
N GLY J 107 -33.56 -23.01 -20.26
CA GLY J 107 -33.74 -23.09 -21.70
C GLY J 107 -35.06 -23.78 -22.06
N ALA J 108 -35.43 -23.66 -23.33
CA ALA J 108 -36.67 -24.30 -23.80
C ALA J 108 -36.66 -25.80 -23.52
N LYS J 109 -37.76 -26.29 -22.99
CA LYS J 109 -37.83 -27.70 -22.60
C LYS J 109 -37.61 -28.59 -23.83
N GLY J 110 -36.74 -29.60 -23.69
CA GLY J 110 -36.24 -30.38 -24.81
C GLY J 110 -35.03 -29.80 -25.50
N LYS J 111 -34.66 -28.55 -25.23
CA LYS J 111 -33.54 -27.94 -25.93
C LYS J 111 -32.47 -27.43 -24.95
N ARG J 112 -32.28 -28.13 -23.84
CA ARG J 112 -31.23 -27.82 -22.87
C ARG J 112 -30.18 -28.93 -22.96
N PHE J 113 -28.93 -28.54 -23.21
CA PHE J 113 -27.86 -29.47 -23.49
C PHE J 113 -26.63 -29.18 -22.67
N ALA J 114 -25.81 -30.20 -22.51
CA ALA J 114 -24.44 -30.00 -22.03
C ALA J 114 -23.52 -30.90 -22.85
N LEU J 115 -22.30 -30.42 -23.09
CA LEU J 115 -21.29 -31.26 -23.71
C LEU J 115 -20.79 -32.26 -22.67
N PRO J 116 -20.21 -33.39 -23.12
CA PRO J 116 -20.02 -34.54 -22.21
C PRO J 116 -19.14 -34.29 -21.02
N ASN J 117 -18.14 -33.41 -21.13
CA ASN J 117 -17.24 -33.15 -20.00
C ASN J 117 -17.56 -31.84 -19.31
N ALA J 118 -18.67 -31.20 -19.66
CA ALA J 118 -19.07 -29.97 -18.99
C ALA J 118 -19.51 -30.30 -17.56
N GLU J 119 -19.34 -29.34 -16.66
CA GLU J 119 -19.74 -29.53 -15.27
C GLU J 119 -20.90 -28.61 -14.94
N VAL J 120 -21.78 -29.08 -14.06
CA VAL J 120 -22.92 -28.30 -13.61
C VAL J 120 -22.86 -28.29 -12.08
N MET J 121 -22.97 -27.11 -11.48
CA MET J 121 -22.93 -27.03 -10.01
C MET J 121 -24.14 -26.25 -9.52
N ILE J 122 -24.82 -26.80 -8.51
CA ILE J 122 -25.96 -26.12 -7.91
C ILE J 122 -25.65 -25.89 -6.43
N HIS J 123 -26.20 -24.80 -5.89
CA HIS J 123 -25.87 -24.46 -4.49
C HIS J 123 -26.94 -23.50 -3.99
N GLN J 124 -26.82 -23.09 -2.75
CA GLN J 124 -27.76 -22.10 -2.26
C GLN J 124 -27.18 -20.69 -2.42
N PRO J 125 -28.02 -19.66 -2.33
CA PRO J 125 -27.52 -18.29 -2.47
C PRO J 125 -26.49 -17.94 -1.41
N LEU J 126 -25.61 -17.00 -1.77
CA LEU J 126 -24.59 -16.43 -0.91
C LEU J 126 -24.83 -14.94 -0.80
N GLY J 127 -24.49 -14.36 0.34
CA GLY J 127 -24.68 -12.93 0.48
C GLY J 127 -24.05 -12.45 1.76
N GLY J 128 -24.44 -11.27 2.16
CA GLY J 128 -23.82 -10.71 3.36
C GLY J 128 -24.75 -9.66 3.91
N ALA J 129 -24.53 -9.33 5.18
CA ALA J 129 -25.33 -8.29 5.81
C ALA J 129 -24.53 -7.75 6.99
N GLN J 130 -24.59 -6.43 7.20
CA GLN J 130 -23.93 -5.80 8.33
C GLN J 130 -24.86 -4.69 8.84
N GLY J 131 -24.84 -4.46 10.16
CA GLY J 131 -25.61 -3.34 10.66
C GLY J 131 -26.38 -3.71 11.92
N GLN J 132 -27.49 -3.02 12.15
CA GLN J 132 -28.29 -3.31 13.33
C GLN J 132 -28.97 -4.67 13.20
N ALA J 133 -29.34 -5.25 14.34
CA ALA J 133 -30.09 -6.51 14.34
C ALA J 133 -31.29 -6.46 13.38
N THR J 134 -32.05 -5.36 13.42
CA THR J 134 -33.20 -5.21 12.52
C THR J 134 -32.81 -5.32 11.05
N GLU J 135 -31.67 -4.72 10.68
CA GLU J 135 -31.21 -4.75 9.30
C GLU J 135 -30.71 -6.12 8.91
N ILE J 136 -30.04 -6.81 9.84
CA ILE J 136 -29.59 -8.17 9.55
C ILE J 136 -30.79 -9.08 9.34
N GLU J 137 -31.84 -8.89 10.14
CA GLU J 137 -33.08 -9.67 9.97
C GLU J 137 -33.71 -9.43 8.60
N ILE J 138 -33.77 -8.17 8.17
CA ILE J 138 -34.31 -7.86 6.84
C ILE J 138 -33.49 -8.55 5.75
N ALA J 139 -32.15 -8.50 5.87
CA ALA J 139 -31.31 -9.14 4.85
C ALA J 139 -31.48 -10.66 4.87
N ALA J 140 -31.58 -11.25 6.07
CA ALA J 140 -31.78 -12.70 6.16
C ALA J 140 -33.10 -13.11 5.54
N ASN J 141 -34.18 -12.39 5.86
CA ASN J 141 -35.48 -12.71 5.28
C ASN J 141 -35.43 -12.59 3.76
N HIS J 142 -34.74 -11.58 3.25
CA HIS J 142 -34.66 -11.39 1.80
C HIS J 142 -33.91 -12.54 1.14
N ILE J 143 -32.76 -12.95 1.69
CA ILE J 143 -32.02 -14.01 1.01
C ILE J 143 -32.74 -15.35 1.16
N LEU J 144 -33.47 -15.55 2.27
CA LEU J 144 -34.25 -16.78 2.39
C LEU J 144 -35.40 -16.81 1.38
N LYS J 145 -36.08 -15.68 1.17
CA LYS J 145 -37.12 -15.62 0.14
C LYS J 145 -36.53 -15.84 -1.25
N THR J 146 -35.35 -15.27 -1.50
CA THR J 146 -34.67 -15.52 -2.77
C THR J 146 -34.39 -17.01 -2.98
N ARG J 147 -33.89 -17.69 -1.93
CA ARG J 147 -33.67 -19.12 -2.08
C ARG J 147 -34.98 -19.87 -2.40
N GLU J 148 -36.07 -19.52 -1.71
CA GLU J 148 -37.35 -20.20 -1.99
C GLU J 148 -37.80 -19.98 -3.42
N LYS J 149 -37.63 -18.75 -3.93
CA LYS J 149 -37.96 -18.45 -5.31
C LYS J 149 -37.15 -19.28 -6.29
N LEU J 150 -35.82 -19.35 -6.08
CA LEU J 150 -34.98 -20.19 -6.94
C LEU J 150 -35.37 -21.65 -6.86
N ASN J 151 -35.65 -22.17 -5.67
CA ASN J 151 -35.94 -23.59 -5.54
C ASN J 151 -37.25 -23.96 -6.21
N ARG J 152 -38.23 -23.07 -6.08
CA ARG J 152 -39.52 -23.30 -6.69
C ARG J 152 -39.40 -23.37 -8.21
N ILE J 153 -38.65 -22.45 -8.81
CA ILE J 153 -38.45 -22.50 -10.26
C ILE J 153 -37.63 -23.72 -10.67
N LEU J 154 -36.56 -24.03 -9.92
CA LEU J 154 -35.79 -25.23 -10.28
C LEU J 154 -36.66 -26.48 -10.19
N SER J 155 -37.56 -26.52 -9.21
CA SER J 155 -38.48 -27.66 -9.09
C SER J 155 -39.35 -27.78 -10.34
N GLU J 156 -39.91 -26.66 -10.79
CA GLU J 156 -40.72 -26.66 -12.00
C GLU J 156 -39.90 -27.06 -13.23
N ARG J 157 -38.66 -26.59 -13.33
CA ARG J 157 -37.92 -26.87 -14.56
C ARG J 157 -37.26 -28.25 -14.58
N THR J 158 -37.03 -28.86 -13.42
CA THR J 158 -36.37 -30.16 -13.37
C THR J 158 -37.35 -31.30 -13.11
N GLY J 159 -38.52 -31.01 -12.57
CA GLY J 159 -39.40 -32.06 -12.06
C GLY J 159 -39.05 -32.61 -10.70
N GLN J 160 -37.98 -32.12 -10.04
CA GLN J 160 -37.70 -32.58 -8.68
C GLN J 160 -38.56 -31.80 -7.68
N SER J 161 -38.81 -32.41 -6.52
CA SER J 161 -39.58 -31.69 -5.52
C SER J 161 -38.75 -30.56 -4.92
N ILE J 162 -39.45 -29.57 -4.35
CA ILE J 162 -38.74 -28.46 -3.68
C ILE J 162 -37.90 -28.99 -2.53
N GLU J 163 -38.40 -30.00 -1.80
CA GLU J 163 -37.64 -30.54 -0.67
C GLU J 163 -36.35 -31.19 -1.14
N LYS J 164 -36.38 -31.88 -2.28
CA LYS J 164 -35.15 -32.50 -2.77
C LYS J 164 -34.16 -31.42 -3.24
N ILE J 165 -34.64 -30.39 -3.93
CA ILE J 165 -33.75 -29.31 -4.36
C ILE J 165 -33.11 -28.64 -3.15
N GLN J 166 -33.91 -28.38 -2.10
CA GLN J 166 -33.38 -27.79 -0.88
C GLN J 166 -32.28 -28.67 -0.29
N GLN J 167 -32.52 -29.98 -0.18
CA GLN J 167 -31.49 -30.86 0.37
C GLN J 167 -30.25 -30.88 -0.52
N ASP J 168 -30.45 -30.90 -1.84
CA ASP J 168 -29.33 -31.06 -2.76
C ASP J 168 -28.54 -29.78 -2.98
N THR J 169 -29.03 -28.64 -2.52
CA THR J 169 -28.29 -27.39 -2.65
C THR J 169 -27.76 -26.88 -1.32
N ASP J 170 -27.97 -27.62 -0.23
CA ASP J 170 -27.51 -27.15 1.08
C ASP J 170 -26.01 -26.88 1.08
N ARG J 171 -25.25 -27.76 0.45
CA ARG J 171 -23.82 -27.60 0.18
C ARG J 171 -23.63 -27.60 -1.33
N ASP J 172 -22.47 -27.11 -1.78
CA ASP J 172 -22.17 -27.11 -3.21
C ASP J 172 -22.26 -28.52 -3.75
N ASN J 173 -22.92 -28.68 -4.89
CA ASN J 173 -23.23 -29.99 -5.44
C ASN J 173 -22.76 -30.00 -6.89
N PHE J 174 -21.67 -30.72 -7.19
CA PHE J 174 -21.10 -30.76 -8.54
C PHE J 174 -21.67 -31.96 -9.29
N LEU J 175 -22.20 -31.74 -10.49
CA LEU J 175 -22.80 -32.81 -11.29
C LEU J 175 -22.04 -32.94 -12.60
N THR J 176 -21.85 -34.18 -13.07
CA THR J 176 -21.44 -34.38 -14.46
C THR J 176 -22.59 -34.06 -15.40
N ALA J 177 -22.29 -33.95 -16.70
CA ALA J 177 -23.36 -33.73 -17.66
C ALA J 177 -24.39 -34.86 -17.60
N ALA J 178 -23.94 -36.11 -17.51
CA ALA J 178 -24.89 -37.23 -17.42
C ALA J 178 -25.75 -37.12 -16.15
N GLU J 179 -25.14 -36.74 -15.02
CA GLU J 179 -25.95 -36.55 -13.80
C GLU J 179 -26.91 -35.38 -13.93
N ALA J 180 -26.47 -34.31 -14.61
CA ALA J 180 -27.38 -33.18 -14.79
C ALA J 180 -28.59 -33.58 -15.63
N LYS J 181 -28.38 -34.46 -16.61
CA LYS J 181 -29.51 -34.96 -17.40
C LYS J 181 -30.44 -35.81 -16.53
N GLU J 182 -29.87 -36.72 -15.74
CA GLU J 182 -30.69 -37.53 -14.84
C GLU J 182 -31.45 -36.65 -13.86
N TYR J 183 -30.85 -35.54 -13.45
CA TYR J 183 -31.49 -34.65 -12.49
C TYR J 183 -32.63 -33.85 -13.10
N GLY J 184 -32.62 -33.65 -14.42
CA GLY J 184 -33.60 -32.80 -15.07
C GLY J 184 -33.14 -31.38 -15.33
N LEU J 185 -31.86 -31.06 -15.06
CA LEU J 185 -31.36 -29.71 -15.38
C LEU J 185 -31.15 -29.51 -16.87
N ILE J 186 -30.83 -30.58 -17.60
CA ILE J 186 -30.72 -30.53 -19.05
C ILE J 186 -31.54 -31.71 -19.59
N ASP J 187 -31.79 -31.67 -20.89
CA ASP J 187 -32.53 -32.72 -21.58
C ASP J 187 -31.62 -33.75 -22.25
N GLU J 188 -30.44 -33.36 -22.71
CA GLU J 188 -29.59 -34.29 -23.45
C GLU J 188 -28.13 -33.93 -23.25
N VAL J 189 -27.28 -34.94 -23.18
CA VAL J 189 -25.84 -34.74 -23.32
C VAL J 189 -25.55 -34.75 -24.82
N MET J 190 -24.95 -33.70 -25.34
CA MET J 190 -24.68 -33.59 -26.77
C MET J 190 -23.46 -34.43 -27.13
N GLU J 191 -23.66 -35.43 -27.96
CA GLU J 191 -22.57 -36.29 -28.35
C GLU J 191 -21.99 -35.84 -29.70
N PRO J 192 -20.75 -36.23 -30.00
CA PRO J 192 -20.03 -35.64 -31.15
C PRO J 192 -20.67 -35.84 -32.53
N ILE K 4 -21.52 -5.10 -25.68
CA ILE K 4 -20.29 -5.53 -26.32
C ILE K 4 -20.45 -5.85 -27.84
N PRO K 5 -21.39 -6.72 -28.26
CA PRO K 5 -21.38 -7.17 -29.66
C PRO K 5 -21.83 -6.09 -30.64
N THR K 6 -21.40 -6.27 -31.88
CA THR K 6 -21.74 -5.37 -32.99
C THR K 6 -22.77 -6.02 -33.91
N VAL K 7 -23.54 -5.18 -34.60
CA VAL K 7 -24.68 -5.62 -35.41
C VAL K 7 -24.57 -5.04 -36.81
N ILE K 8 -24.88 -5.87 -37.83
CA ILE K 8 -24.84 -5.41 -39.22
C ILE K 8 -26.03 -4.51 -39.52
N GLU K 9 -25.84 -3.65 -40.52
CA GLU K 9 -26.89 -2.76 -41.01
C GLU K 9 -26.63 -2.28 -42.44
N ARG K 16 -24.46 0.85 -41.82
CA ARG K 16 -23.14 0.54 -41.22
C ARG K 16 -23.08 -0.41 -39.97
N ALA K 17 -22.44 0.01 -38.86
CA ALA K 17 -22.29 -0.85 -37.69
C ALA K 17 -22.71 -0.15 -36.39
N TYR K 18 -23.40 -0.91 -35.54
CA TYR K 18 -23.85 -0.50 -34.22
C TYR K 18 -23.34 -1.47 -33.15
N ASP K 19 -23.01 -0.96 -31.97
CA ASP K 19 -23.03 -1.88 -30.82
C ASP K 19 -24.50 -2.25 -30.50
N ILE K 20 -24.70 -3.29 -29.68
CA ILE K 20 -26.07 -3.79 -29.46
C ILE K 20 -26.97 -2.69 -28.88
N TYR K 21 -26.42 -1.83 -28.00
CA TYR K 21 -27.27 -0.81 -27.37
C TYR K 21 -27.68 0.25 -28.38
N SER K 22 -26.74 0.65 -29.25
CA SER K 22 -27.07 1.61 -30.30
C SER K 22 -28.13 1.05 -31.23
N ARG K 23 -28.06 -0.26 -31.49
CA ARG K 23 -29.07 -0.88 -32.35
C ARG K 23 -30.46 -0.82 -31.68
N LEU K 24 -30.52 -1.10 -30.38
CA LEU K 24 -31.82 -0.99 -29.69
C LEU K 24 -32.31 0.46 -29.64
N LEU K 25 -31.39 1.42 -29.49
CA LEU K 25 -31.79 2.82 -29.44
C LEU K 25 -32.48 3.26 -30.73
N LYS K 26 -32.07 2.68 -31.86
CA LYS K 26 -32.76 2.93 -33.13
C LYS K 26 -34.25 2.55 -33.05
N ASP K 27 -34.61 1.57 -32.22
CA ASP K 27 -36.00 1.19 -31.98
C ASP K 27 -36.60 1.86 -30.73
N ARG K 28 -35.97 2.93 -30.26
CA ARG K 28 -36.46 3.75 -29.15
C ARG K 28 -36.41 3.00 -27.81
N ILE K 29 -35.44 2.11 -27.66
CA ILE K 29 -35.24 1.37 -26.42
C ILE K 29 -33.96 1.89 -25.76
N ILE K 30 -34.08 2.26 -24.49
CA ILE K 30 -32.94 2.71 -23.68
C ILE K 30 -32.73 1.68 -22.57
N MET K 31 -31.48 1.26 -22.37
CA MET K 31 -31.21 0.20 -21.40
C MET K 31 -30.50 0.84 -20.22
N LEU K 32 -31.15 0.89 -19.07
CA LEU K 32 -30.51 1.36 -17.83
C LEU K 32 -30.14 0.12 -17.03
N GLY K 33 -28.86 -0.24 -17.04
CA GLY K 33 -28.43 -1.51 -16.49
C GLY K 33 -27.26 -1.35 -15.53
N SER K 34 -27.20 -0.26 -14.78
CA SER K 34 -26.07 -0.05 -13.89
C SER K 34 -26.49 0.87 -12.75
N GLN K 35 -25.55 1.13 -11.85
CA GLN K 35 -25.73 2.21 -10.88
C GLN K 35 -25.93 3.53 -11.61
N ILE K 36 -26.71 4.42 -11.00
CA ILE K 36 -27.05 5.71 -11.59
C ILE K 36 -26.06 6.75 -11.06
N ASP K 37 -25.10 7.15 -11.87
CA ASP K 37 -24.22 8.26 -11.49
C ASP K 37 -24.39 9.35 -12.54
N ASP K 38 -23.60 10.42 -12.42
CA ASP K 38 -23.78 11.56 -13.31
C ASP K 38 -23.51 11.18 -14.77
N ASN K 39 -22.53 10.30 -15.02
CA ASN K 39 -22.24 9.90 -16.40
C ASN K 39 -23.40 9.12 -17.01
N VAL K 40 -23.97 8.18 -16.23
CA VAL K 40 -25.10 7.40 -16.71
C VAL K 40 -26.30 8.33 -16.96
N ALA K 41 -26.58 9.24 -16.01
CA ALA K 41 -27.70 10.16 -16.21
C ALA K 41 -27.49 11.04 -17.43
N ASN K 42 -26.29 11.55 -17.58
CA ASN K 42 -26.04 12.40 -18.76
C ASN K 42 -26.33 11.62 -20.06
N SER K 43 -25.92 10.34 -20.13
CA SER K 43 -26.17 9.52 -21.32
C SER K 43 -27.66 9.25 -21.50
N ILE K 44 -28.37 8.89 -20.42
CA ILE K 44 -29.80 8.59 -20.53
C ILE K 44 -30.58 9.83 -20.93
N VAL K 45 -30.27 10.97 -20.30
CA VAL K 45 -30.95 12.22 -20.66
C VAL K 45 -30.71 12.54 -22.14
N SER K 46 -29.47 12.40 -22.59
CA SER K 46 -29.16 12.69 -23.99
C SER K 46 -29.93 11.76 -24.93
N GLN K 47 -30.05 10.49 -24.57
CA GLN K 47 -30.83 9.56 -25.39
C GLN K 47 -32.31 9.94 -25.42
N LEU K 48 -32.86 10.35 -24.27
CA LEU K 48 -34.26 10.79 -24.24
C LEU K 48 -34.48 12.02 -25.10
N LEU K 49 -33.58 13.00 -25.02
CA LEU K 49 -33.74 14.21 -25.85
C LEU K 49 -33.61 13.89 -27.33
N PHE K 50 -32.66 13.02 -27.65
CA PHE K 50 -32.48 12.59 -29.04
C PHE K 50 -33.74 11.90 -29.56
N LEU K 51 -34.31 10.99 -28.77
CA LEU K 51 -35.49 10.25 -29.25
C LEU K 51 -36.68 11.20 -29.42
N GLN K 52 -36.86 12.15 -28.50
CA GLN K 52 -37.93 13.13 -28.67
C GLN K 52 -37.74 13.95 -29.95
N ALA K 53 -36.50 14.35 -30.24
CA ALA K 53 -36.23 15.12 -31.44
C ALA K 53 -36.47 14.30 -32.71
N GLN K 54 -36.23 12.98 -32.65
CA GLN K 54 -36.52 12.13 -33.81
C GLN K 54 -38.03 11.99 -34.04
N ASP K 55 -38.79 11.84 -32.96
CA ASP K 55 -40.24 11.66 -33.11
C ASP K 55 -40.87 12.01 -31.77
N SER K 56 -41.67 13.06 -31.75
CA SER K 56 -42.17 13.52 -30.46
C SER K 56 -43.44 12.79 -30.02
N GLU K 57 -43.95 11.88 -30.84
CA GLU K 57 -45.20 11.18 -30.51
C GLU K 57 -45.02 9.72 -30.13
N LYS K 58 -44.02 9.03 -30.68
CA LYS K 58 -43.89 7.58 -30.46
C LYS K 58 -43.34 7.32 -29.07
N ASP K 59 -43.81 6.27 -28.42
CA ASP K 59 -43.25 6.27 -27.08
C ASP K 59 -41.88 5.59 -27.06
N ILE K 60 -41.29 5.67 -25.89
CA ILE K 60 -39.92 5.26 -25.61
C ILE K 60 -40.00 4.15 -24.58
N TYR K 61 -39.06 3.20 -24.63
CA TYR K 61 -39.06 2.07 -23.71
C TYR K 61 -37.77 2.14 -22.89
N LEU K 62 -37.91 2.25 -21.57
CA LEU K 62 -36.75 2.35 -20.66
C LEU K 62 -36.71 1.08 -19.82
N TYR K 63 -35.75 0.20 -20.11
CA TYR K 63 -35.53 -0.98 -19.29
C TYR K 63 -34.67 -0.60 -18.09
N ILE K 64 -35.05 -1.11 -16.92
CA ILE K 64 -34.36 -0.72 -15.67
C ILE K 64 -33.92 -1.98 -14.94
N ASN K 65 -32.61 -2.13 -14.79
CA ASN K 65 -32.02 -3.10 -13.89
C ASN K 65 -30.94 -2.31 -13.15
N SER K 66 -31.26 -1.79 -11.96
CA SER K 66 -30.33 -0.79 -11.37
C SER K 66 -30.45 -0.87 -9.86
N PRO K 67 -29.33 -0.86 -9.14
CA PRO K 67 -29.38 -0.78 -7.68
C PRO K 67 -29.61 0.63 -7.16
N GLY K 68 -29.73 1.62 -8.05
CA GLY K 68 -29.88 2.99 -7.58
C GLY K 68 -28.62 3.78 -7.83
N GLY K 69 -28.40 4.83 -7.06
CA GLY K 69 -27.20 5.64 -7.23
C GLY K 69 -27.43 7.05 -6.72
N SER K 70 -26.92 8.04 -7.44
CA SER K 70 -26.99 9.43 -7.00
C SER K 70 -28.41 9.96 -7.08
N VAL K 71 -28.87 10.63 -6.02
CA VAL K 71 -30.25 11.14 -6.06
C VAL K 71 -30.38 12.26 -7.10
N THR K 72 -29.35 13.11 -7.22
CA THR K 72 -29.48 14.21 -8.19
C THR K 72 -29.37 13.69 -9.61
N ALA K 73 -28.50 12.69 -9.84
CA ALA K 73 -28.46 12.07 -11.16
C ALA K 73 -29.81 11.41 -11.49
N GLY K 74 -30.41 10.75 -10.49
CA GLY K 74 -31.74 10.17 -10.70
C GLY K 74 -32.78 11.22 -11.03
N PHE K 75 -32.73 12.37 -10.35
CA PHE K 75 -33.71 13.42 -10.67
C PHE K 75 -33.46 14.05 -12.03
N ALA K 76 -32.21 14.09 -12.51
CA ALA K 76 -32.01 14.55 -13.88
C ALA K 76 -32.78 13.68 -14.87
N ILE K 77 -32.73 12.37 -14.67
CA ILE K 77 -33.49 11.46 -15.54
C ILE K 77 -34.99 11.62 -15.31
N TYR K 78 -35.40 11.65 -14.03
CA TYR K 78 -36.83 11.78 -13.72
C TYR K 78 -37.44 13.03 -14.39
N ASP K 79 -36.81 14.19 -14.21
CA ASP K 79 -37.38 15.43 -14.76
C ASP K 79 -37.37 15.41 -16.29
N THR K 80 -36.37 14.78 -16.89
CA THR K 80 -36.35 14.71 -18.36
C THR K 80 -37.50 13.84 -18.87
N ILE K 81 -37.74 12.71 -18.21
CA ILE K 81 -38.89 11.88 -18.55
C ILE K 81 -40.18 12.70 -18.48
N GLN K 82 -40.37 13.45 -17.38
CA GLN K 82 -41.62 14.19 -17.26
C GLN K 82 -41.67 15.36 -18.25
N HIS K 83 -40.52 15.85 -18.68
CA HIS K 83 -40.52 17.03 -19.53
C HIS K 83 -40.86 16.73 -20.99
N ILE K 84 -40.37 15.62 -21.51
CA ILE K 84 -40.46 15.39 -22.95
C ILE K 84 -41.89 14.98 -23.32
N LYS K 85 -42.23 15.14 -24.61
CA LYS K 85 -43.58 14.83 -25.08
C LYS K 85 -43.90 13.34 -25.16
N PRO K 86 -43.02 12.48 -25.69
CA PRO K 86 -43.36 11.03 -25.75
C PRO K 86 -43.60 10.44 -24.37
N ASP K 87 -44.50 9.46 -24.32
CA ASP K 87 -44.59 8.58 -23.16
C ASP K 87 -43.32 7.76 -23.02
N VAL K 88 -42.88 7.55 -21.78
CA VAL K 88 -41.75 6.67 -21.51
C VAL K 88 -42.30 5.48 -20.74
N GLN K 89 -42.30 4.30 -21.38
CA GLN K 89 -42.68 3.10 -20.67
C GLN K 89 -41.47 2.65 -19.85
N THR K 90 -41.72 2.12 -18.66
CA THR K 90 -40.62 1.61 -17.85
C THR K 90 -40.83 0.12 -17.60
N ILE K 91 -39.75 -0.66 -17.71
CA ILE K 91 -39.84 -2.11 -17.60
C ILE K 91 -38.73 -2.55 -16.67
N CYS K 92 -39.08 -3.06 -15.49
CA CYS K 92 -38.09 -3.54 -14.54
C CYS K 92 -37.75 -4.99 -14.84
N ILE K 93 -36.47 -5.28 -15.05
CA ILE K 93 -35.95 -6.65 -15.12
C ILE K 93 -34.86 -6.78 -14.06
N GLY K 94 -34.85 -7.89 -13.34
CA GLY K 94 -33.79 -8.08 -12.35
C GLY K 94 -34.13 -7.34 -11.05
N MET K 95 -33.73 -6.08 -10.96
CA MET K 95 -33.93 -5.34 -9.72
C MET K 95 -34.06 -3.85 -10.05
N ALA K 96 -34.97 -3.16 -9.37
CA ALA K 96 -34.99 -1.69 -9.39
C ALA K 96 -35.01 -1.28 -7.94
N ALA K 97 -33.90 -0.75 -7.44
CA ALA K 97 -33.77 -0.43 -6.01
C ALA K 97 -33.48 1.05 -5.88
N SER K 98 -34.00 1.65 -4.82
CA SER K 98 -33.61 3.05 -4.47
C SER K 98 -33.98 3.95 -5.64
N MET K 99 -33.08 4.79 -6.16
CA MET K 99 -33.47 5.65 -7.29
C MET K 99 -33.89 4.84 -8.52
N GLY K 100 -33.46 3.58 -8.61
CA GLY K 100 -33.98 2.72 -9.68
C GLY K 100 -35.47 2.48 -9.57
N SER K 101 -35.96 2.19 -8.35
CA SER K 101 -37.41 2.00 -8.21
C SER K 101 -38.14 3.33 -8.34
N PHE K 102 -37.50 4.43 -7.96
CA PHE K 102 -38.11 5.74 -8.19
C PHE K 102 -38.32 5.99 -9.68
N LEU K 103 -37.32 5.67 -10.51
CA LEU K 103 -37.48 5.86 -11.95
C LEU K 103 -38.49 4.86 -12.54
N LEU K 104 -38.53 3.65 -12.03
CA LEU K 104 -39.57 2.70 -12.46
C LEU K 104 -40.96 3.28 -12.27
N ALA K 105 -41.22 3.84 -11.07
CA ALA K 105 -42.52 4.43 -10.77
C ALA K 105 -42.79 5.70 -11.57
N ALA K 106 -41.76 6.27 -12.21
CA ALA K 106 -41.89 7.52 -12.95
C ALA K 106 -42.36 7.33 -14.40
N GLY K 107 -42.47 6.09 -14.87
CA GLY K 107 -42.89 5.86 -16.24
C GLY K 107 -44.32 6.35 -16.47
N ALA K 108 -44.70 6.44 -17.75
CA ALA K 108 -46.06 6.87 -18.10
C ALA K 108 -47.11 6.01 -17.40
N LYS K 109 -48.10 6.66 -16.82
CA LYS K 109 -49.12 5.93 -16.08
C LYS K 109 -49.85 4.94 -17.00
N GLY K 110 -50.00 3.69 -16.54
CA GLY K 110 -50.46 2.59 -17.38
C GLY K 110 -49.36 1.88 -18.13
N LYS K 111 -48.14 2.43 -18.19
CA LYS K 111 -47.08 1.80 -18.96
C LYS K 111 -45.84 1.53 -18.11
N ARG K 112 -46.04 1.19 -16.84
CA ARG K 112 -44.97 0.79 -15.91
C ARG K 112 -45.12 -0.69 -15.65
N PHE K 113 -44.05 -1.45 -15.92
CA PHE K 113 -44.11 -2.90 -15.89
C PHE K 113 -42.94 -3.47 -15.10
N ALA K 114 -43.13 -4.70 -14.62
CA ALA K 114 -42.02 -5.50 -14.13
C ALA K 114 -42.22 -6.94 -14.62
N LEU K 115 -41.11 -7.60 -14.92
CA LEU K 115 -41.18 -9.03 -15.23
C LEU K 115 -41.42 -9.80 -13.92
N PRO K 116 -41.95 -11.03 -14.01
CA PRO K 116 -42.53 -11.68 -12.81
C PRO K 116 -41.56 -11.93 -11.68
N ASN K 117 -40.28 -12.17 -11.97
CA ASN K 117 -39.31 -12.44 -10.92
C ASN K 117 -38.42 -11.24 -10.63
N ALA K 118 -38.73 -10.09 -11.21
CA ALA K 118 -37.97 -8.87 -10.91
C ALA K 118 -38.26 -8.44 -9.48
N GLU K 119 -37.28 -7.77 -8.87
CA GLU K 119 -37.44 -7.29 -7.52
C GLU K 119 -37.45 -5.76 -7.51
N VAL K 120 -38.23 -5.20 -6.59
CA VAL K 120 -38.31 -3.76 -6.44
C VAL K 120 -37.99 -3.47 -4.97
N MET K 121 -37.08 -2.52 -4.72
CA MET K 121 -36.75 -2.17 -3.34
C MET K 121 -36.88 -0.66 -3.14
N ILE K 122 -37.54 -0.26 -2.06
CA ILE K 122 -37.69 1.15 -1.74
C ILE K 122 -37.06 1.38 -0.37
N HIS K 123 -36.52 2.58 -0.17
CA HIS K 123 -35.81 2.85 1.10
C HIS K 123 -35.70 4.37 1.25
N GLN K 124 -35.10 4.80 2.35
CA GLN K 124 -34.91 6.24 2.49
C GLN K 124 -33.52 6.62 1.97
N PRO K 125 -33.29 7.91 1.74
CA PRO K 125 -31.97 8.35 1.24
C PRO K 125 -30.85 8.01 2.23
N LEU K 126 -29.65 7.84 1.68
CA LEU K 126 -28.41 7.60 2.41
C LEU K 126 -27.46 8.73 2.09
N GLY K 127 -26.62 9.09 3.04
CA GLY K 127 -25.65 10.14 2.76
C GLY K 127 -24.67 10.23 3.90
N GLY K 128 -23.97 11.34 3.95
CA GLY K 128 -22.95 11.49 4.98
C GLY K 128 -22.68 12.96 5.17
N ALA K 129 -22.07 13.27 6.30
CA ALA K 129 -21.71 14.66 6.58
C ALA K 129 -20.59 14.65 7.61
N GLN K 130 -19.62 15.55 7.45
CA GLN K 130 -18.52 15.70 8.40
C GLN K 130 -18.22 17.18 8.53
N GLY K 131 -17.81 17.60 9.73
CA GLY K 131 -17.39 18.98 9.86
C GLY K 131 -17.96 19.61 11.12
N GLN K 132 -18.14 20.93 11.09
CA GLN K 132 -18.67 21.61 12.26
C GLN K 132 -20.14 21.27 12.47
N ALA K 133 -20.60 21.46 13.71
CA ALA K 133 -22.02 21.24 14.01
C ALA K 133 -22.93 21.95 13.01
N THR K 134 -22.61 23.22 12.69
CA THR K 134 -23.40 23.99 11.73
C THR K 134 -23.47 23.30 10.37
N GLU K 135 -22.35 22.73 9.91
CA GLU K 135 -22.31 22.05 8.62
C GLU K 135 -23.09 20.74 8.66
N ILE K 136 -22.99 20.02 9.77
CA ILE K 136 -23.75 18.79 9.89
C ILE K 136 -25.24 19.09 9.88
N GLU K 137 -25.65 20.17 10.53
CA GLU K 137 -27.06 20.59 10.51
C GLU K 137 -27.53 20.91 9.09
N ILE K 138 -26.70 21.64 8.32
CA ILE K 138 -27.05 21.95 6.94
C ILE K 138 -27.22 20.67 6.13
N ALA K 139 -26.30 19.70 6.30
CA ALA K 139 -26.41 18.45 5.55
C ALA K 139 -27.63 17.65 5.99
N ALA K 140 -27.93 17.62 7.29
CA ALA K 140 -29.11 16.90 7.76
C ALA K 140 -30.39 17.51 7.19
N ASN K 141 -30.49 18.85 7.25
CA ASN K 141 -31.68 19.50 6.71
C ASN K 141 -31.83 19.21 5.22
N HIS K 142 -30.72 19.20 4.49
CA HIS K 142 -30.77 18.93 3.05
C HIS K 142 -31.25 17.51 2.78
N ILE K 143 -30.71 16.51 3.48
CA ILE K 143 -31.13 15.15 3.16
C ILE K 143 -32.56 14.91 3.63
N LEU K 144 -32.99 15.58 4.70
CA LEU K 144 -34.39 15.44 5.12
C LEU K 144 -35.33 16.07 4.10
N LYS K 145 -34.98 17.24 3.56
CA LYS K 145 -35.78 17.83 2.48
C LYS K 145 -35.81 16.94 1.25
N THR K 146 -34.66 16.34 0.91
CA THR K 146 -34.63 15.40 -0.21
C THR K 146 -35.58 14.23 0.02
N ARG K 147 -35.59 13.66 1.24
CA ARG K 147 -36.53 12.58 1.50
C ARG K 147 -37.98 13.04 1.33
N GLU K 148 -38.31 14.23 1.82
CA GLU K 148 -39.70 14.71 1.69
C GLU K 148 -40.07 14.88 0.22
N LYS K 149 -39.14 15.39 -0.59
CA LYS K 149 -39.38 15.53 -2.03
C LYS K 149 -39.63 14.18 -2.69
N LEU K 150 -38.78 13.18 -2.39
CA LEU K 150 -38.99 11.84 -2.94
C LEU K 150 -40.33 11.25 -2.49
N ASN K 151 -40.67 11.41 -1.21
CA ASN K 151 -41.91 10.78 -0.72
C ASN K 151 -43.13 11.41 -1.33
N ARG K 152 -43.09 12.72 -1.50
CA ARG K 152 -44.22 13.42 -2.11
C ARG K 152 -44.45 12.95 -3.54
N ILE K 153 -43.38 12.83 -4.33
CA ILE K 153 -43.54 12.32 -5.69
C ILE K 153 -43.99 10.86 -5.70
N LEU K 154 -43.39 10.01 -4.84
CA LEU K 154 -43.83 8.62 -4.82
C LEU K 154 -45.31 8.53 -4.43
N SER K 155 -45.76 9.41 -3.52
CA SER K 155 -47.18 9.43 -3.15
C SER K 155 -48.04 9.73 -4.37
N GLU K 156 -47.66 10.75 -5.14
CA GLU K 156 -48.40 11.10 -6.35
C GLU K 156 -48.38 9.96 -7.37
N ARG K 157 -47.24 9.28 -7.53
CA ARG K 157 -47.18 8.28 -8.59
C ARG K 157 -47.77 6.93 -8.19
N THR K 158 -47.87 6.63 -6.89
CA THR K 158 -48.40 5.34 -6.46
C THR K 158 -49.82 5.44 -5.94
N GLY K 159 -50.28 6.62 -5.58
CA GLY K 159 -51.54 6.76 -4.85
C GLY K 159 -51.47 6.45 -3.37
N GLN K 160 -50.31 6.10 -2.82
CA GLN K 160 -50.23 5.90 -1.37
C GLN K 160 -50.04 7.25 -0.68
N SER K 161 -50.46 7.33 0.59
CA SER K 161 -50.26 8.57 1.33
C SER K 161 -48.78 8.77 1.63
N ILE K 162 -48.39 10.03 1.86
CA ILE K 162 -47.00 10.31 2.24
C ILE K 162 -46.64 9.61 3.54
N GLU K 163 -47.59 9.52 4.49
CA GLU K 163 -47.30 8.88 5.76
C GLU K 163 -47.02 7.39 5.57
N LYS K 164 -47.75 6.74 4.68
CA LYS K 164 -47.49 5.32 4.43
C LYS K 164 -46.13 5.13 3.74
N ILE K 165 -45.81 5.98 2.78
CA ILE K 165 -44.50 5.86 2.11
C ILE K 165 -43.37 6.07 3.12
N GLN K 166 -43.53 7.07 4.01
CA GLN K 166 -42.53 7.29 5.05
C GLN K 166 -42.36 6.05 5.92
N GLN K 167 -43.47 5.46 6.38
CA GLN K 167 -43.36 4.25 7.20
C GLN K 167 -42.72 3.11 6.43
N ASP K 168 -43.10 2.95 5.15
CA ASP K 168 -42.65 1.79 4.37
C ASP K 168 -41.22 1.94 3.86
N THR K 169 -40.61 3.11 3.97
CA THR K 169 -39.22 3.29 3.53
C THR K 169 -38.28 3.50 4.70
N ASP K 170 -38.78 3.44 5.94
CA ASP K 170 -37.90 3.68 7.09
C ASP K 170 -36.73 2.71 7.10
N ARG K 171 -36.99 1.44 6.78
CA ARG K 171 -36.00 0.40 6.56
C ARG K 171 -36.12 -0.08 5.12
N ASP K 172 -35.09 -0.74 4.62
CA ASP K 172 -35.14 -1.30 3.27
C ASP K 172 -36.34 -2.22 3.13
N ASN K 173 -37.08 -2.05 2.04
CA ASN K 173 -38.34 -2.75 1.86
C ASN K 173 -38.29 -3.43 0.49
N PHE K 174 -38.17 -4.77 0.46
CA PHE K 174 -38.06 -5.53 -0.79
C PHE K 174 -39.45 -6.00 -1.21
N LEU K 175 -39.85 -5.72 -2.45
CA LEU K 175 -41.16 -6.11 -2.96
C LEU K 175 -40.99 -7.05 -4.15
N THR K 176 -41.87 -8.05 -4.24
CA THR K 176 -41.98 -8.80 -5.50
C THR K 176 -42.67 -7.93 -6.56
N ALA K 177 -42.61 -8.38 -7.81
CA ALA K 177 -43.32 -7.65 -8.87
C ALA K 177 -44.80 -7.55 -8.54
N ALA K 178 -45.42 -8.65 -8.10
CA ALA K 178 -46.86 -8.59 -7.75
C ALA K 178 -47.11 -7.59 -6.62
N GLU K 179 -46.23 -7.56 -5.60
CA GLU K 179 -46.42 -6.58 -4.53
C GLU K 179 -46.20 -5.15 -5.02
N ALA K 180 -45.24 -4.98 -5.94
CA ALA K 180 -45.02 -3.64 -6.48
C ALA K 180 -46.26 -3.15 -7.25
N LYS K 181 -46.94 -4.07 -7.94
CA LYS K 181 -48.18 -3.68 -8.61
C LYS K 181 -49.25 -3.31 -7.60
N GLU K 182 -49.42 -4.14 -6.56
CA GLU K 182 -50.41 -3.81 -5.53
C GLU K 182 -50.08 -2.48 -4.87
N TYR K 183 -48.79 -2.16 -4.75
CA TYR K 183 -48.38 -0.92 -4.10
C TYR K 183 -48.64 0.30 -4.97
N GLY K 184 -48.71 0.13 -6.29
CA GLY K 184 -48.84 1.25 -7.21
C GLY K 184 -47.54 1.72 -7.82
N LEU K 185 -46.41 1.01 -7.58
CA LEU K 185 -45.15 1.38 -8.22
C LEU K 185 -45.12 1.02 -9.70
N ILE K 186 -45.83 -0.04 -10.09
CA ILE K 186 -45.98 -0.41 -11.48
C ILE K 186 -47.47 -0.63 -11.73
N ASP K 187 -47.82 -0.71 -13.00
CA ASP K 187 -49.20 -0.96 -13.42
C ASP K 187 -49.50 -2.41 -13.73
N GLU K 188 -48.51 -3.18 -14.20
CA GLU K 188 -48.79 -4.55 -14.62
C GLU K 188 -47.52 -5.39 -14.44
N VAL K 189 -47.71 -6.64 -14.05
CA VAL K 189 -46.65 -7.64 -14.16
C VAL K 189 -46.73 -8.20 -15.57
N MET K 190 -45.65 -8.11 -16.33
CA MET K 190 -45.64 -8.57 -17.71
C MET K 190 -45.53 -10.09 -17.76
N GLU K 191 -46.55 -10.74 -18.29
CA GLU K 191 -46.53 -12.18 -18.38
C GLU K 191 -46.07 -12.63 -19.76
N PRO K 192 -45.60 -13.88 -19.88
CA PRO K 192 -44.90 -14.32 -21.09
C PRO K 192 -45.70 -14.25 -22.39
N ILE L 4 -21.86 7.08 -24.53
CA ILE L 4 -21.47 5.75 -24.98
C ILE L 4 -22.06 5.34 -26.36
N PRO L 5 -23.39 5.41 -26.58
CA PRO L 5 -23.94 4.80 -27.81
C PRO L 5 -23.62 5.61 -29.06
N THR L 6 -23.68 4.92 -30.18
CA THR L 6 -23.42 5.49 -31.51
C THR L 6 -24.73 5.65 -32.27
N VAL L 7 -24.81 6.65 -33.15
CA VAL L 7 -26.04 6.92 -33.90
C VAL L 7 -25.73 6.89 -35.40
N ILE L 8 -26.69 6.45 -36.21
CA ILE L 8 -26.55 6.50 -37.69
C ILE L 8 -26.81 7.83 -38.35
N ARG L 16 -22.27 9.60 -41.21
CA ARG L 16 -21.50 8.40 -40.86
C ARG L 16 -21.86 7.81 -39.48
N ALA L 17 -21.00 8.04 -38.48
CA ALA L 17 -21.27 7.56 -37.13
C ALA L 17 -20.78 8.59 -36.12
N TYR L 18 -21.70 9.00 -35.24
CA TYR L 18 -21.48 9.88 -34.10
C TYR L 18 -21.66 9.11 -32.80
N ASP L 19 -20.88 9.43 -31.77
CA ASP L 19 -21.38 9.13 -30.42
C ASP L 19 -22.57 10.06 -30.09
N ILE L 20 -23.32 9.73 -29.03
CA ILE L 20 -24.56 10.48 -28.77
C ILE L 20 -24.26 11.96 -28.54
N TYR L 21 -23.12 12.30 -27.90
CA TYR L 21 -22.84 13.71 -27.61
C TYR L 21 -22.50 14.46 -28.88
N SER L 22 -21.73 13.83 -29.78
CA SER L 22 -21.42 14.44 -31.06
C SER L 22 -22.69 14.68 -31.86
N ARG L 23 -23.64 13.76 -31.77
CA ARG L 23 -24.91 13.94 -32.47
C ARG L 23 -25.67 15.14 -31.92
N LEU L 24 -25.70 15.31 -30.59
CA LEU L 24 -26.37 16.48 -30.02
C LEU L 24 -25.63 17.76 -30.39
N LEU L 25 -24.30 17.72 -30.45
CA LEU L 25 -23.54 18.92 -30.80
C LEU L 25 -23.89 19.43 -32.20
N LYS L 26 -24.23 18.52 -33.11
CA LYS L 26 -24.72 18.91 -34.43
C LYS L 26 -25.96 19.80 -34.34
N ASP L 27 -26.78 19.64 -33.29
CA ASP L 27 -27.94 20.50 -33.04
C ASP L 27 -27.65 21.63 -32.04
N ARG L 28 -26.37 21.93 -31.84
CA ARG L 28 -25.91 23.05 -31.01
C ARG L 28 -26.19 22.83 -29.53
N ILE L 29 -26.18 21.58 -29.10
CA ILE L 29 -26.38 21.22 -27.69
C ILE L 29 -25.04 20.74 -27.13
N ILE L 30 -24.64 21.34 -26.01
CA ILE L 30 -23.42 20.95 -25.29
C ILE L 30 -23.84 20.38 -23.94
N MET L 31 -23.29 19.23 -23.57
CA MET L 31 -23.72 18.56 -22.34
C MET L 31 -22.58 18.70 -21.33
N LEU L 32 -22.79 19.46 -20.26
CA LEU L 32 -21.82 19.54 -19.18
C LEU L 32 -22.34 18.65 -18.05
N GLY L 33 -21.75 17.48 -17.91
CA GLY L 33 -22.30 16.48 -17.02
C GLY L 33 -21.25 15.90 -16.07
N SER L 34 -20.30 16.71 -15.64
CA SER L 34 -19.23 16.19 -14.78
C SER L 34 -18.66 17.33 -13.95
N GLN L 35 -17.69 16.99 -13.10
CA GLN L 35 -16.86 18.00 -12.46
C GLN L 35 -16.16 18.83 -13.53
N ILE L 36 -15.92 20.10 -13.22
CA ILE L 36 -15.30 21.04 -14.16
C ILE L 36 -13.80 21.07 -13.87
N ASP L 37 -13.00 20.44 -14.71
CA ASP L 37 -11.55 20.56 -14.59
C ASP L 37 -11.04 21.15 -15.90
N ASP L 38 -9.71 21.26 -16.02
CA ASP L 38 -9.15 21.92 -17.20
C ASP L 38 -9.50 21.16 -18.49
N ASN L 39 -9.53 19.83 -18.44
CA ASN L 39 -9.86 19.06 -19.66
C ASN L 39 -11.30 19.30 -20.08
N VAL L 40 -12.23 19.30 -19.12
CA VAL L 40 -13.63 19.57 -19.43
C VAL L 40 -13.79 20.98 -19.98
N ALA L 41 -13.16 21.97 -19.33
CA ALA L 41 -13.26 23.34 -19.82
C ALA L 41 -12.68 23.47 -21.22
N ASN L 42 -11.51 22.89 -21.47
CA ASN L 42 -10.93 22.95 -22.82
C ASN L 42 -11.91 22.39 -23.87
N SER L 43 -12.60 21.29 -23.54
CA SER L 43 -13.55 20.70 -24.48
C SER L 43 -14.78 21.60 -24.67
N ILE L 44 -15.33 22.14 -23.58
CA ILE L 44 -16.52 22.99 -23.67
C ILE L 44 -16.19 24.27 -24.42
N VAL L 45 -15.06 24.88 -24.11
CA VAL L 45 -14.65 26.10 -24.83
C VAL L 45 -14.52 25.81 -26.32
N SER L 46 -13.86 24.69 -26.66
CA SER L 46 -13.68 24.34 -28.06
C SER L 46 -15.03 24.13 -28.75
N GLN L 47 -15.98 23.50 -28.07
CA GLN L 47 -17.31 23.32 -28.66
C GLN L 47 -18.01 24.66 -28.86
N LEU L 48 -17.89 25.57 -27.90
CA LEU L 48 -18.50 26.89 -28.05
C LEU L 48 -17.89 27.66 -29.23
N LEU L 49 -16.57 27.63 -29.37
CA LEU L 49 -15.93 28.33 -30.49
C LEU L 49 -16.32 27.70 -31.82
N PHE L 50 -16.37 26.38 -31.86
CA PHE L 50 -16.80 25.67 -33.07
C PHE L 50 -18.22 26.06 -33.45
N LEU L 51 -19.14 26.08 -32.48
CA LEU L 51 -20.54 26.41 -32.80
C LEU L 51 -20.66 27.85 -33.28
N GLN L 52 -19.94 28.78 -32.65
CA GLN L 52 -19.96 30.17 -33.13
C GLN L 52 -19.46 30.25 -34.58
N ALA L 53 -18.39 29.52 -34.89
CA ALA L 53 -17.83 29.55 -36.25
C ALA L 53 -18.81 28.94 -37.26
N GLN L 54 -19.60 27.94 -36.85
CA GLN L 54 -20.61 27.37 -37.75
C GLN L 54 -21.75 28.35 -37.99
N ASP L 55 -22.19 29.07 -36.96
CA ASP L 55 -23.30 30.00 -37.14
C ASP L 55 -23.25 30.98 -35.97
N SER L 56 -23.00 32.24 -36.27
CA SER L 56 -22.79 33.19 -35.18
C SER L 56 -24.09 33.76 -34.64
N GLU L 57 -25.24 33.40 -35.20
CA GLU L 57 -26.52 33.96 -34.76
C GLU L 57 -27.41 32.98 -34.00
N LYS L 58 -27.34 31.68 -34.29
CA LYS L 58 -28.26 30.73 -33.70
C LYS L 58 -27.85 30.45 -32.25
N ASP L 59 -28.83 30.28 -31.37
CA ASP L 59 -28.23 30.15 -30.05
C ASP L 59 -27.81 28.71 -29.78
N ILE L 60 -27.16 28.56 -28.64
CA ILE L 60 -26.50 27.35 -28.20
C ILE L 60 -27.20 26.93 -26.91
N TYR L 61 -27.28 25.62 -26.65
CA TYR L 61 -27.95 25.10 -25.47
C TYR L 61 -26.91 24.37 -24.63
N LEU L 62 -26.70 24.82 -23.40
CA LEU L 62 -25.71 24.22 -22.49
C LEU L 62 -26.47 23.56 -21.35
N TYR L 63 -26.52 22.23 -21.34
CA TYR L 63 -27.09 21.50 -20.22
C TYR L 63 -26.06 21.36 -19.12
N ILE L 64 -26.47 21.58 -17.87
CA ILE L 64 -25.53 21.57 -16.75
C ILE L 64 -26.02 20.60 -15.69
N ASN L 65 -25.24 19.57 -15.43
CA ASN L 65 -25.41 18.71 -14.26
C ASN L 65 -24.00 18.56 -13.71
N SER L 66 -23.63 19.38 -12.72
CA SER L 66 -22.19 19.45 -12.38
C SER L 66 -22.07 19.81 -10.91
N PRO L 67 -21.20 19.12 -10.16
CA PRO L 67 -20.93 19.53 -8.77
C PRO L 67 -19.97 20.71 -8.67
N GLY L 68 -19.48 21.22 -9.79
CA GLY L 68 -18.50 22.30 -9.73
C GLY L 68 -17.13 21.81 -10.10
N GLY L 69 -16.09 22.47 -9.63
CA GLY L 69 -14.73 22.05 -9.95
C GLY L 69 -13.77 23.22 -9.83
N SER L 70 -12.83 23.31 -10.78
CA SER L 70 -11.79 24.33 -10.72
C SER L 70 -12.36 25.71 -11.02
N VAL L 71 -12.00 26.71 -10.20
CA VAL L 71 -12.55 28.04 -10.45
C VAL L 71 -11.99 28.62 -11.75
N THR L 72 -10.71 28.37 -12.05
CA THR L 72 -10.15 28.95 -13.28
C THR L 72 -10.70 28.22 -14.50
N ALA L 73 -10.89 26.90 -14.41
CA ALA L 73 -11.53 26.20 -15.52
C ALA L 73 -12.96 26.71 -15.72
N GLY L 74 -13.68 26.96 -14.61
CA GLY L 74 -15.02 27.54 -14.73
C GLY L 74 -14.99 28.91 -15.39
N PHE L 75 -14.01 29.75 -15.04
CA PHE L 75 -13.96 31.07 -15.68
C PHE L 75 -13.55 30.99 -17.14
N ALA L 76 -12.78 29.98 -17.54
CA ALA L 76 -12.53 29.82 -18.98
C ALA L 76 -13.84 29.64 -19.73
N ILE L 77 -14.74 28.81 -19.19
CA ILE L 77 -16.04 28.62 -19.82
C ILE L 77 -16.88 29.89 -19.73
N TYR L 78 -16.92 30.50 -18.53
CA TYR L 78 -17.72 31.71 -18.33
C TYR L 78 -17.33 32.81 -19.34
N ASP L 79 -16.04 33.10 -19.45
CA ASP L 79 -15.61 34.19 -20.34
C ASP L 79 -15.87 33.84 -21.80
N THR L 80 -15.77 32.56 -22.17
CA THR L 80 -16.04 32.20 -23.56
C THR L 80 -17.52 32.40 -23.87
N ILE L 81 -18.40 32.00 -22.94
CA ILE L 81 -19.83 32.27 -23.11
C ILE L 81 -20.07 33.77 -23.33
N GLN L 82 -19.47 34.61 -22.49
CA GLN L 82 -19.73 36.03 -22.65
C GLN L 82 -19.08 36.60 -23.90
N HIS L 83 -18.04 35.96 -24.39
CA HIS L 83 -17.30 36.52 -25.52
C HIS L 83 -18.00 36.27 -26.85
N ILE L 84 -18.57 35.09 -27.04
CA ILE L 84 -19.04 34.70 -28.37
C ILE L 84 -20.35 35.43 -28.69
N LYS L 85 -20.66 35.51 -29.98
CA LYS L 85 -21.87 36.22 -30.43
C LYS L 85 -23.19 35.50 -30.12
N PRO L 86 -23.32 34.19 -30.36
CA PRO L 86 -24.60 33.52 -30.05
C PRO L 86 -24.97 33.62 -28.58
N ASP L 87 -26.27 33.69 -28.31
CA ASP L 87 -26.79 33.46 -26.96
C ASP L 87 -26.51 32.02 -26.54
N VAL L 88 -26.17 31.82 -25.27
CA VAL L 88 -26.02 30.48 -24.72
C VAL L 88 -27.12 30.30 -23.70
N GLN L 89 -28.09 29.44 -23.99
CA GLN L 89 -29.09 29.11 -23.01
C GLN L 89 -28.49 28.10 -22.03
N THR L 90 -28.84 28.20 -20.76
CA THR L 90 -28.34 27.23 -19.78
C THR L 90 -29.53 26.51 -19.17
N ILE L 91 -29.40 25.20 -19.00
CA ILE L 91 -30.50 24.37 -18.51
C ILE L 91 -29.92 23.46 -17.43
N CYS L 92 -30.33 23.66 -16.20
CA CYS L 92 -29.87 22.82 -15.10
C CYS L 92 -30.75 21.58 -14.97
N ILE L 93 -30.14 20.40 -15.04
CA ILE L 93 -30.82 19.14 -14.71
C ILE L 93 -30.01 18.47 -13.60
N GLY L 94 -30.69 17.92 -12.61
CA GLY L 94 -29.96 17.23 -11.55
C GLY L 94 -29.44 18.22 -10.52
N MET L 95 -28.23 18.75 -10.74
CA MET L 95 -27.62 19.63 -9.76
C MET L 95 -26.67 20.58 -10.48
N ALA L 96 -26.66 21.85 -10.05
CA ALA L 96 -25.62 22.79 -10.47
C ALA L 96 -25.08 23.36 -9.18
N ALA L 97 -23.87 22.98 -8.79
CA ALA L 97 -23.31 23.38 -7.50
C ALA L 97 -22.02 24.13 -7.75
N SER L 98 -21.74 25.14 -6.91
CA SER L 98 -20.41 25.79 -6.93
C SER L 98 -20.20 26.39 -8.32
N MET L 99 -19.07 26.13 -9.00
CA MET L 99 -18.90 26.73 -10.33
C MET L 99 -19.97 26.26 -11.32
N GLY L 100 -20.62 25.13 -11.05
CA GLY L 100 -21.77 24.74 -11.88
C GLY L 100 -22.92 25.73 -11.78
N SER L 101 -23.25 26.18 -10.55
CA SER L 101 -24.32 27.17 -10.44
C SER L 101 -23.86 28.52 -10.97
N PHE L 102 -22.57 28.82 -10.87
CA PHE L 102 -22.07 30.05 -11.47
C PHE L 102 -22.27 30.05 -12.98
N LEU L 103 -21.97 28.91 -13.63
CA LEU L 103 -22.18 28.84 -15.09
C LEU L 103 -23.68 28.85 -15.44
N LEU L 104 -24.50 28.22 -14.62
CA LEU L 104 -25.95 28.30 -14.83
C LEU L 104 -26.42 29.76 -14.88
N ALA L 105 -25.99 30.54 -13.90
CA ALA L 105 -26.37 31.96 -13.84
C ALA L 105 -25.75 32.79 -14.96
N ALA L 106 -24.77 32.24 -15.66
CA ALA L 106 -24.06 32.96 -16.72
C ALA L 106 -24.76 32.88 -18.08
N GLY L 107 -25.80 32.08 -18.21
CA GLY L 107 -26.48 31.96 -19.50
C GLY L 107 -27.12 33.29 -19.92
N ALA L 108 -27.52 33.35 -21.20
CA ALA L 108 -28.16 34.56 -21.72
C ALA L 108 -29.37 34.96 -20.88
N LYS L 109 -29.47 36.22 -20.54
CA LYS L 109 -30.54 36.69 -19.68
C LYS L 109 -31.90 36.41 -20.35
N GLY L 110 -32.84 35.83 -19.58
CA GLY L 110 -34.07 35.30 -20.11
C GLY L 110 -33.99 33.87 -20.59
N LYS L 111 -32.80 33.30 -20.73
CA LYS L 111 -32.67 31.94 -21.25
C LYS L 111 -31.91 31.03 -20.28
N ARG L 112 -32.08 31.24 -18.98
CA ARG L 112 -31.50 30.39 -17.94
C ARG L 112 -32.64 29.62 -17.29
N PHE L 113 -32.54 28.28 -17.29
CA PHE L 113 -33.62 27.42 -16.87
C PHE L 113 -33.13 26.36 -15.90
N ALA L 114 -34.06 25.83 -15.12
CA ALA L 114 -33.84 24.60 -14.38
C ALA L 114 -35.09 23.75 -14.48
N LEU L 115 -34.91 22.44 -14.53
CA LEU L 115 -36.04 21.52 -14.45
C LEU L 115 -36.55 21.50 -13.01
N PRO L 116 -37.81 21.10 -12.78
CA PRO L 116 -38.47 21.38 -11.49
C PRO L 116 -37.81 20.73 -10.29
N ASN L 117 -37.19 19.57 -10.43
CA ASN L 117 -36.57 18.90 -9.30
C ASN L 117 -35.06 19.06 -9.30
N ALA L 118 -34.52 19.89 -10.18
CA ALA L 118 -33.08 20.15 -10.18
C ALA L 118 -32.71 20.95 -8.93
N GLU L 119 -31.47 20.76 -8.47
CA GLU L 119 -31.00 21.49 -7.30
C GLU L 119 -29.90 22.46 -7.70
N VAL L 120 -29.85 23.59 -7.02
CA VAL L 120 -28.82 24.60 -7.25
C VAL L 120 -28.16 24.86 -5.90
N MET L 121 -26.82 24.83 -5.87
CA MET L 121 -26.12 25.09 -4.61
C MET L 121 -25.07 26.18 -4.84
N ILE L 122 -25.05 27.17 -3.93
CA ILE L 122 -24.06 28.23 -4.01
C ILE L 122 -23.24 28.20 -2.72
N HIS L 123 -21.96 28.61 -2.82
CA HIS L 123 -21.09 28.52 -1.64
C HIS L 123 -19.89 29.42 -1.89
N GLN L 124 -19.00 29.49 -0.92
CA GLN L 124 -17.80 30.26 -1.16
C GLN L 124 -16.68 29.37 -1.68
N PRO L 125 -15.62 29.95 -2.25
CA PRO L 125 -14.51 29.15 -2.76
C PRO L 125 -13.85 28.31 -1.66
N LEU L 126 -13.27 27.19 -2.09
CA LEU L 126 -12.49 26.26 -1.26
C LEU L 126 -11.09 26.20 -1.82
N GLY L 127 -10.12 26.00 -0.95
CA GLY L 127 -8.76 25.88 -1.45
C GLY L 127 -7.85 25.45 -0.33
N GLY L 128 -6.57 25.64 -0.55
CA GLY L 128 -5.61 25.19 0.46
C GLY L 128 -4.33 25.95 0.27
N ALA L 129 -3.50 25.94 1.31
CA ALA L 129 -2.21 26.61 1.22
C ALA L 129 -1.31 25.99 2.26
N GLN L 130 -0.03 25.80 1.93
CA GLN L 130 0.96 25.28 2.85
C GLN L 130 2.27 26.02 2.61
N GLY L 131 3.04 26.23 3.67
CA GLY L 131 4.35 26.81 3.45
C GLY L 131 4.64 27.91 4.46
N GLN L 132 5.48 28.86 4.07
CA GLN L 132 5.83 29.94 4.98
C GLN L 132 4.63 30.87 5.20
N ALA L 133 4.67 31.60 6.32
CA ALA L 133 3.62 32.59 6.60
C ALA L 133 3.38 33.50 5.39
N THR L 134 4.45 33.98 4.76
CA THR L 134 4.33 34.85 3.60
C THR L 134 3.55 34.18 2.46
N GLU L 135 3.81 32.89 2.23
CA GLU L 135 3.11 32.16 1.17
C GLU L 135 1.65 31.91 1.52
N ILE L 136 1.38 31.63 2.79
CA ILE L 136 -0.01 31.45 3.20
C ILE L 136 -0.78 32.75 3.01
N GLU L 137 -0.15 33.87 3.34
CA GLU L 137 -0.78 35.18 3.14
C GLU L 137 -1.09 35.44 1.67
N ILE L 138 -0.15 35.11 0.78
CA ILE L 138 -0.38 35.28 -0.67
C ILE L 138 -1.57 34.41 -1.11
N ALA L 139 -1.62 33.16 -0.64
CA ALA L 139 -2.73 32.28 -1.02
C ALA L 139 -4.05 32.78 -0.47
N ALA L 140 -4.06 33.27 0.79
CA ALA L 140 -5.30 33.80 1.36
C ALA L 140 -5.79 35.02 0.60
N ASN L 141 -4.87 35.95 0.29
CA ASN L 141 -5.28 37.13 -0.48
C ASN L 141 -5.83 36.73 -1.83
N HIS L 142 -5.22 35.73 -2.48
CA HIS L 142 -5.70 35.30 -3.78
C HIS L 142 -7.10 34.71 -3.70
N ILE L 143 -7.35 33.83 -2.72
CA ILE L 143 -8.68 33.21 -2.69
C ILE L 143 -9.72 34.23 -2.25
N LEU L 144 -9.33 35.20 -1.42
CA LEU L 144 -10.30 36.25 -1.05
C LEU L 144 -10.64 37.13 -2.26
N LYS L 145 -9.64 37.48 -3.08
CA LYS L 145 -9.92 38.23 -4.30
C LYS L 145 -10.79 37.41 -5.27
N THR L 146 -10.53 36.12 -5.36
CA THR L 146 -11.38 35.25 -6.18
C THR L 146 -12.83 35.27 -5.69
N ARG L 147 -13.04 35.19 -4.38
CA ARG L 147 -14.41 35.26 -3.88
C ARG L 147 -15.07 36.59 -4.24
N GLU L 148 -14.33 37.70 -4.10
CA GLU L 148 -14.93 39.01 -4.44
C GLU L 148 -15.30 39.08 -5.92
N LYS L 149 -14.44 38.52 -6.79
CA LYS L 149 -14.73 38.48 -8.22
C LYS L 149 -16.00 37.68 -8.51
N LEU L 150 -16.11 36.49 -7.90
CA LEU L 150 -17.32 35.67 -8.09
C LEU L 150 -18.56 36.40 -7.57
N ASN L 151 -18.46 37.04 -6.41
CA ASN L 151 -19.66 37.66 -5.82
C ASN L 151 -20.11 38.84 -6.64
N ARG L 152 -19.17 39.60 -7.16
CA ARG L 152 -19.49 40.75 -7.98
C ARG L 152 -20.23 40.33 -9.25
N ILE L 153 -19.75 39.27 -9.92
CA ILE L 153 -20.45 38.78 -11.11
C ILE L 153 -21.81 38.19 -10.74
N LEU L 154 -21.89 37.40 -9.66
CA LEU L 154 -23.19 36.86 -9.28
C LEU L 154 -24.18 37.99 -8.97
N SER L 155 -23.68 39.06 -8.35
CA SER L 155 -24.55 40.22 -8.08
C SER L 155 -25.11 40.79 -9.37
N GLU L 156 -24.24 40.98 -10.36
CA GLU L 156 -24.67 41.49 -11.66
C GLU L 156 -25.65 40.54 -12.33
N ARG L 157 -25.42 39.23 -12.25
CA ARG L 157 -26.29 38.32 -13.01
C ARG L 157 -27.60 38.00 -12.28
N THR L 158 -27.67 38.17 -10.96
CA THR L 158 -28.88 37.85 -10.23
C THR L 158 -29.68 39.08 -9.84
N GLY L 159 -29.05 40.25 -9.83
CA GLY L 159 -29.67 41.43 -9.23
C GLY L 159 -29.61 41.51 -7.71
N GLN L 160 -29.01 40.53 -7.03
CA GLN L 160 -28.85 40.66 -5.57
C GLN L 160 -27.63 41.53 -5.26
N SER L 161 -27.64 42.15 -4.08
CA SER L 161 -26.48 42.95 -3.70
C SER L 161 -25.29 42.03 -3.38
N ILE L 162 -24.08 42.59 -3.47
CA ILE L 162 -22.89 41.81 -3.11
C ILE L 162 -22.95 41.38 -1.65
N GLU L 163 -23.48 42.24 -0.77
CA GLU L 163 -23.55 41.88 0.65
C GLU L 163 -24.49 40.70 0.87
N LYS L 164 -25.59 40.64 0.14
CA LYS L 164 -26.48 39.50 0.30
C LYS L 164 -25.84 38.21 -0.23
N ILE L 165 -25.16 38.30 -1.38
CA ILE L 165 -24.49 37.12 -1.92
C ILE L 165 -23.42 36.63 -0.95
N GLN L 166 -22.67 37.55 -0.37
CA GLN L 166 -21.66 37.17 0.63
C GLN L 166 -22.31 36.45 1.81
N GLN L 167 -23.40 37.00 2.35
CA GLN L 167 -24.06 36.34 3.47
C GLN L 167 -24.60 34.97 3.06
N ASP L 168 -25.19 34.89 1.86
CA ASP L 168 -25.85 33.65 1.44
C ASP L 168 -24.89 32.56 0.98
N THR L 169 -23.60 32.88 0.80
CA THR L 169 -22.63 31.86 0.41
C THR L 169 -21.66 31.53 1.53
N ASP L 170 -21.82 32.14 2.70
CA ASP L 170 -20.89 31.89 3.80
C ASP L 170 -20.81 30.40 4.13
N ARG L 171 -21.96 29.73 4.15
CA ARG L 171 -22.09 28.28 4.27
C ARG L 171 -22.77 27.77 3.01
N ASP L 172 -22.66 26.46 2.75
CA ASP L 172 -23.32 25.86 1.59
C ASP L 172 -24.80 26.15 1.64
N ASN L 173 -25.36 26.57 0.51
CA ASN L 173 -26.74 27.03 0.46
C ASN L 173 -27.42 26.27 -0.67
N PHE L 174 -28.33 25.34 -0.34
CA PHE L 174 -29.01 24.51 -1.34
C PHE L 174 -30.35 25.16 -1.68
N LEU L 175 -30.62 25.36 -2.97
CA LEU L 175 -31.86 25.99 -3.43
C LEU L 175 -32.62 25.01 -4.31
N THR L 176 -33.96 25.02 -4.18
CA THR L 176 -34.78 24.36 -5.19
C THR L 176 -34.78 25.18 -6.48
N ALA L 177 -35.28 24.58 -7.56
CA ALA L 177 -35.39 25.35 -8.81
C ALA L 177 -36.25 26.59 -8.61
N ALA L 178 -37.39 26.46 -7.92
CA ALA L 178 -38.24 27.64 -7.67
C ALA L 178 -37.50 28.70 -6.85
N GLU L 179 -36.72 28.29 -5.84
CA GLU L 179 -35.95 29.28 -5.08
C GLU L 179 -34.84 29.90 -5.93
N ALA L 180 -34.22 29.10 -6.81
CA ALA L 180 -33.19 29.67 -7.68
C ALA L 180 -33.79 30.73 -8.61
N LYS L 181 -35.03 30.51 -9.06
CA LYS L 181 -35.68 31.54 -9.89
C LYS L 181 -35.95 32.79 -9.06
N GLU L 182 -36.50 32.62 -7.85
CA GLU L 182 -36.74 33.77 -6.99
C GLU L 182 -35.45 34.52 -6.70
N TYR L 183 -34.33 33.79 -6.59
CA TYR L 183 -33.05 34.40 -6.29
C TYR L 183 -32.48 35.17 -7.47
N GLY L 184 -32.88 34.83 -8.69
CA GLY L 184 -32.29 35.44 -9.88
C GLY L 184 -31.19 34.63 -10.53
N LEU L 185 -30.92 33.40 -10.05
CA LEU L 185 -29.91 32.55 -10.70
C LEU L 185 -30.41 31.97 -12.02
N ILE L 186 -31.71 31.75 -12.15
CA ILE L 186 -32.32 31.34 -13.40
C ILE L 186 -33.51 32.26 -13.66
N ASP L 187 -34.01 32.20 -14.88
CA ASP L 187 -35.18 32.99 -15.28
C ASP L 187 -36.48 32.22 -15.20
N GLU L 188 -36.47 30.90 -15.41
CA GLU L 188 -37.72 30.14 -15.46
C GLU L 188 -37.47 28.72 -15.00
N VAL L 189 -38.43 28.15 -14.29
CA VAL L 189 -38.48 26.71 -14.08
C VAL L 189 -39.18 26.11 -15.29
N MET L 190 -38.51 25.19 -15.99
CA MET L 190 -39.07 24.60 -17.20
C MET L 190 -40.12 23.56 -16.84
N GLU L 191 -41.36 23.80 -17.23
CA GLU L 191 -42.42 22.85 -16.92
C GLU L 191 -42.66 21.92 -18.11
N PRO L 192 -43.29 20.77 -17.85
CA PRO L 192 -43.34 19.69 -18.87
C PRO L 192 -44.04 20.05 -20.19
N ILE M 4 -13.12 15.64 -26.80
CA ILE M 4 -13.89 14.41 -26.86
C ILE M 4 -14.82 14.32 -28.11
N PRO M 5 -15.69 15.30 -28.39
CA PRO M 5 -16.71 15.08 -29.43
C PRO M 5 -16.13 15.10 -30.84
N THR M 6 -16.87 14.47 -31.75
CA THR M 6 -16.51 14.38 -33.16
C THR M 6 -17.40 15.30 -33.99
N VAL M 7 -16.82 15.86 -35.05
CA VAL M 7 -17.53 16.78 -35.94
C VAL M 7 -17.54 16.22 -37.36
N ILE M 8 -18.72 16.36 -38.07
CA ILE M 8 -18.93 15.92 -39.46
C ILE M 8 -18.29 16.92 -40.42
N GLU M 9 -17.88 16.41 -41.59
CA GLU M 9 -17.34 17.24 -42.68
C GLU M 9 -17.29 16.42 -43.99
N ARG M 16 -14.31 14.21 -43.79
CA ARG M 16 -14.50 13.03 -42.97
C ARG M 16 -14.80 13.42 -41.52
N ALA M 17 -14.00 12.90 -40.59
CA ALA M 17 -14.33 12.93 -39.17
C ALA M 17 -13.18 13.49 -38.34
N TYR M 18 -13.46 14.57 -37.62
CA TYR M 18 -12.48 15.19 -36.76
C TYR M 18 -12.94 15.11 -35.30
N ASP M 19 -12.01 14.95 -34.36
CA ASP M 19 -12.32 15.40 -33.01
C ASP M 19 -12.40 16.93 -32.98
N ILE M 20 -12.95 17.51 -31.90
CA ILE M 20 -13.18 18.95 -31.88
C ILE M 20 -11.87 19.73 -32.04
N TYR M 21 -10.76 19.22 -31.47
CA TYR M 21 -9.50 19.98 -31.56
C TYR M 21 -8.95 19.94 -32.97
N SER M 22 -9.06 18.79 -33.64
CA SER M 22 -8.62 18.68 -35.02
C SER M 22 -9.43 19.62 -35.90
N ARG M 23 -10.71 19.75 -35.60
CA ARG M 23 -11.56 20.67 -36.37
C ARG M 23 -11.10 22.12 -36.20
N LEU M 24 -10.77 22.51 -34.96
CA LEU M 24 -10.26 23.87 -34.74
C LEU M 24 -8.91 24.07 -35.42
N LEU M 25 -8.06 23.03 -35.41
CA LEU M 25 -6.75 23.17 -36.04
C LEU M 25 -6.85 23.46 -37.53
N LYS M 26 -7.90 22.95 -38.18
CA LYS M 26 -8.17 23.30 -39.58
C LYS M 26 -8.33 24.81 -39.77
N ASP M 27 -8.82 25.53 -38.75
CA ASP M 27 -8.93 26.98 -38.77
C ASP M 27 -7.75 27.69 -38.10
N ARG M 28 -6.63 26.98 -37.93
CA ARG M 28 -5.38 27.51 -37.43
C ARG M 28 -5.47 27.89 -35.94
N ILE M 29 -6.29 27.16 -35.19
CA ILE M 29 -6.45 27.38 -33.76
C ILE M 29 -5.80 26.20 -33.03
N ILE M 30 -4.91 26.49 -32.10
CA ILE M 30 -4.24 25.49 -31.26
C ILE M 30 -4.70 25.72 -29.82
N MET M 31 -5.11 24.64 -29.14
CA MET M 31 -5.66 24.79 -27.80
C MET M 31 -4.63 24.24 -26.81
N LEU M 32 -4.03 25.10 -26.00
CA LEU M 32 -3.13 24.65 -24.93
C LEU M 32 -3.94 24.70 -23.63
N GLY M 33 -4.37 23.54 -23.16
CA GLY M 33 -5.30 23.49 -22.06
C GLY M 33 -4.86 22.55 -20.95
N SER M 34 -3.56 22.43 -20.72
CA SER M 34 -3.08 21.48 -19.71
C SER M 34 -1.73 21.96 -19.20
N GLN M 35 -1.18 21.20 -18.25
CA GLN M 35 0.22 21.35 -17.88
C GLN M 35 1.10 21.14 -19.10
N ILE M 36 2.23 21.83 -19.13
CA ILE M 36 3.16 21.78 -20.25
C ILE M 36 4.24 20.75 -19.92
N ASP M 37 4.17 19.57 -20.53
CA ASP M 37 5.25 18.60 -20.41
C ASP M 37 5.80 18.33 -21.80
N ASP M 38 6.74 17.39 -21.90
CA ASP M 38 7.38 17.15 -23.19
C ASP M 38 6.39 16.66 -24.24
N ASN M 39 5.40 15.84 -23.84
CA ASN M 39 4.42 15.36 -24.82
C ASN M 39 3.56 16.50 -25.35
N VAL M 40 3.10 17.38 -24.46
CA VAL M 40 2.31 18.52 -24.88
C VAL M 40 3.12 19.44 -25.79
N ALA M 41 4.38 19.72 -25.40
CA ALA M 41 5.22 20.57 -26.24
C ALA M 41 5.46 19.95 -27.60
N ASN M 42 5.65 18.63 -27.65
CA ASN M 42 5.91 17.97 -28.92
C ASN M 42 4.71 18.15 -29.83
N SER M 43 3.52 18.02 -29.26
CA SER M 43 2.31 18.16 -30.05
C SER M 43 2.10 19.61 -30.51
N ILE M 44 2.31 20.58 -29.61
CA ILE M 44 2.12 22.00 -29.98
C ILE M 44 3.13 22.41 -31.03
N VAL M 45 4.40 22.03 -30.84
CA VAL M 45 5.42 22.36 -31.85
C VAL M 45 5.04 21.76 -33.20
N SER M 46 4.61 20.50 -33.21
CA SER M 46 4.24 19.85 -34.46
C SER M 46 3.07 20.57 -35.13
N GLN M 47 2.10 21.02 -34.34
CA GLN M 47 0.98 21.78 -34.90
C GLN M 47 1.43 23.11 -35.48
N LEU M 48 2.34 23.80 -34.79
CA LEU M 48 2.86 25.07 -35.31
C LEU M 48 3.62 24.85 -36.62
N LEU M 49 4.47 23.82 -36.70
CA LEU M 49 5.21 23.57 -37.94
C LEU M 49 4.25 23.20 -39.07
N PHE M 50 3.26 22.37 -38.76
CA PHE M 50 2.26 22.00 -39.76
C PHE M 50 1.53 23.23 -40.28
N LEU M 51 1.09 24.12 -39.37
CA LEU M 51 0.34 25.29 -39.83
C LEU M 51 1.20 26.21 -40.68
N GLN M 52 2.48 26.39 -40.29
CA GLN M 52 3.38 27.20 -41.12
C GLN M 52 3.54 26.59 -42.52
N ALA M 53 3.67 25.27 -42.59
CA ALA M 53 3.82 24.59 -43.88
C ALA M 53 2.54 24.73 -44.73
N GLN M 54 1.37 24.77 -44.10
CA GLN M 54 0.13 24.97 -44.85
C GLN M 54 0.03 26.38 -45.40
N ASP M 55 0.43 27.38 -44.61
CA ASP M 55 0.34 28.77 -45.06
C ASP M 55 1.28 29.58 -44.20
N SER M 56 2.31 30.15 -44.81
CA SER M 56 3.32 30.81 -44.00
C SER M 56 2.97 32.26 -43.68
N GLU M 57 1.84 32.76 -44.17
CA GLU M 57 1.47 34.15 -43.94
C GLU M 57 0.30 34.35 -42.98
N LYS M 58 -0.65 33.41 -42.92
CA LYS M 58 -1.85 33.61 -42.12
C LYS M 58 -1.53 33.43 -40.64
N ASP M 59 -2.16 34.22 -39.79
CA ASP M 59 -1.63 33.96 -38.45
C ASP M 59 -2.34 32.79 -37.79
N ILE M 60 -1.81 32.44 -36.64
CA ILE M 60 -2.17 31.26 -35.86
C ILE M 60 -2.72 31.78 -34.53
N TYR M 61 -3.68 31.06 -33.95
CA TYR M 61 -4.30 31.46 -32.69
C TYR M 61 -3.99 30.39 -31.66
N LEU M 62 -3.31 30.78 -30.57
CA LEU M 62 -2.93 29.85 -29.51
C LEU M 62 -3.71 30.23 -28.26
N TYR M 63 -4.70 29.41 -27.90
CA TYR M 63 -5.42 29.61 -26.66
C TYR M 63 -4.64 28.97 -25.51
N ILE M 64 -4.55 29.66 -24.39
CA ILE M 64 -3.73 29.20 -23.26
C ILE M 64 -4.58 29.17 -22.01
N ASN M 65 -4.75 27.97 -21.46
CA ASN M 65 -5.29 27.79 -20.11
C ASN M 65 -4.35 26.76 -19.48
N SER M 66 -3.34 27.21 -18.74
CA SER M 66 -2.28 26.24 -18.37
C SER M 66 -1.68 26.69 -17.05
N PRO M 67 -1.46 25.76 -16.12
CA PRO M 67 -0.75 26.10 -14.87
C PRO M 67 0.76 26.15 -15.05
N GLY M 68 1.27 25.89 -16.24
CA GLY M 68 2.71 25.87 -16.43
C GLY M 68 3.20 24.46 -16.61
N GLY M 69 4.46 24.20 -16.30
CA GLY M 69 5.01 22.86 -16.44
C GLY M 69 6.51 22.91 -16.61
N SER M 70 7.04 22.08 -17.50
CA SER M 70 8.49 21.96 -17.68
C SER M 70 9.06 23.22 -18.35
N VAL M 71 10.16 23.75 -17.81
CA VAL M 71 10.71 24.96 -18.43
C VAL M 71 11.28 24.64 -19.81
N THR M 72 11.91 23.47 -19.98
CA THR M 72 12.48 23.18 -21.30
C THR M 72 11.39 22.87 -22.32
N ALA M 73 10.31 22.18 -21.88
CA ALA M 73 9.18 22.00 -22.78
C ALA M 73 8.57 23.34 -23.17
N GLY M 74 8.46 24.25 -22.20
CA GLY M 74 7.97 25.59 -22.51
C GLY M 74 8.86 26.32 -23.51
N PHE M 75 10.18 26.19 -23.36
CA PHE M 75 11.07 26.86 -24.31
C PHE M 75 11.03 26.22 -25.70
N ALA M 76 10.74 24.92 -25.78
CA ALA M 76 10.54 24.33 -27.11
C ALA M 76 9.40 25.05 -27.84
N ILE M 77 8.30 25.30 -27.13
CA ILE M 77 7.17 26.01 -27.74
C ILE M 77 7.56 27.46 -28.01
N TYR M 78 8.17 28.13 -27.02
CA TYR M 78 8.56 29.52 -27.18
C TYR M 78 9.43 29.74 -28.43
N ASP M 79 10.50 28.94 -28.57
CA ASP M 79 11.41 29.13 -29.70
C ASP M 79 10.73 28.81 -31.03
N THR M 80 9.82 27.84 -31.03
CA THR M 80 9.12 27.53 -32.28
C THR M 80 8.23 28.69 -32.69
N ILE M 81 7.51 29.28 -31.73
CA ILE M 81 6.72 30.49 -32.01
C ILE M 81 7.60 31.57 -32.63
N GLN M 82 8.76 31.83 -32.01
CA GLN M 82 9.59 32.91 -32.56
C GLN M 82 10.21 32.53 -33.89
N HIS M 83 10.37 31.24 -34.15
CA HIS M 83 11.07 30.82 -35.36
C HIS M 83 10.19 30.91 -36.61
N ILE M 84 8.92 30.54 -36.50
CA ILE M 84 8.10 30.38 -37.70
C ILE M 84 7.71 31.75 -38.25
N LYS M 85 7.32 31.77 -39.53
CA LYS M 85 6.96 33.03 -40.19
C LYS M 85 5.62 33.60 -39.75
N PRO M 86 4.53 32.82 -39.64
CA PRO M 86 3.25 33.41 -39.21
C PRO M 86 3.32 34.05 -37.84
N ASP M 87 2.54 35.12 -37.64
CA ASP M 87 2.27 35.63 -36.30
C ASP M 87 1.48 34.59 -35.51
N VAL M 88 1.79 34.47 -34.22
CA VAL M 88 1.02 33.62 -33.32
C VAL M 88 0.33 34.53 -32.33
N GLN M 89 -1.00 34.64 -32.42
CA GLN M 89 -1.74 35.38 -31.42
C GLN M 89 -1.89 34.48 -30.19
N THR M 90 -1.83 35.07 -29.01
CA THR M 90 -2.04 34.28 -27.80
C THR M 90 -3.24 34.83 -27.05
N ILE M 91 -4.08 33.92 -26.53
CA ILE M 91 -5.33 34.31 -25.89
C ILE M 91 -5.42 33.52 -24.59
N CYS M 92 -5.33 34.21 -23.47
CA CYS M 92 -5.44 33.55 -22.16
C CYS M 92 -6.90 33.44 -21.75
N ILE M 93 -7.37 32.23 -21.48
CA ILE M 93 -8.66 31.99 -20.86
C ILE M 93 -8.42 31.18 -19.58
N GLY M 94 -9.10 31.54 -18.50
CA GLY M 94 -8.93 30.78 -17.27
C GLY M 94 -7.69 31.22 -16.51
N MET M 95 -6.55 30.62 -16.83
CA MET M 95 -5.32 30.93 -16.09
C MET M 95 -4.12 30.69 -17.01
N ALA M 96 -3.13 31.57 -16.94
CA ALA M 96 -1.82 31.30 -17.55
C ALA M 96 -0.82 31.55 -16.43
N ALA M 97 -0.23 30.48 -15.91
CA ALA M 97 0.67 30.58 -14.75
C ALA M 97 2.02 30.05 -15.14
N SER M 98 3.08 30.66 -14.59
CA SER M 98 4.44 30.08 -14.73
C SER M 98 4.78 30.03 -16.22
N MET M 99 5.22 28.88 -16.76
CA MET M 99 5.55 28.86 -18.20
C MET M 99 4.32 29.15 -19.07
N GLY M 100 3.12 28.97 -18.54
CA GLY M 100 1.92 29.41 -19.28
C GLY M 100 1.89 30.92 -19.49
N SER M 101 2.20 31.70 -18.43
CA SER M 101 2.22 33.15 -18.63
C SER M 101 3.42 33.57 -19.47
N PHE M 102 4.51 32.81 -19.41
CA PHE M 102 5.63 33.10 -20.28
C PHE M 102 5.23 32.93 -21.76
N LEU M 103 4.50 31.87 -22.08
CA LEU M 103 4.06 31.68 -23.46
C LEU M 103 3.00 32.71 -23.86
N LEU M 104 2.14 33.10 -22.94
CA LEU M 104 1.19 34.19 -23.22
C LEU M 104 1.91 35.46 -23.66
N ALA M 105 2.95 35.84 -22.91
CA ALA M 105 3.73 37.03 -23.24
C ALA M 105 4.55 36.87 -24.51
N ALA M 106 4.69 35.65 -25.02
CA ALA M 106 5.50 35.37 -26.19
C ALA M 106 4.74 35.56 -27.52
N GLY M 107 3.44 35.81 -27.47
CA GLY M 107 2.68 35.97 -28.70
C GLY M 107 3.14 37.20 -29.48
N ALA M 108 2.69 37.27 -30.74
CA ALA M 108 3.07 38.42 -31.59
C ALA M 108 2.68 39.74 -30.93
N LYS M 109 3.59 40.68 -30.94
CA LYS M 109 3.36 41.96 -30.27
C LYS M 109 2.14 42.65 -30.89
N GLY M 110 1.22 43.14 -30.03
CA GLY M 110 -0.08 43.61 -30.45
C GLY M 110 -1.15 42.54 -30.53
N LYS M 111 -0.79 41.27 -30.47
CA LYS M 111 -1.78 40.20 -30.61
C LYS M 111 -1.76 39.25 -29.40
N ARG M 112 -1.49 39.77 -28.22
CA ARG M 112 -1.55 39.01 -26.97
C ARG M 112 -2.75 39.50 -26.19
N PHE M 113 -3.64 38.58 -25.83
CA PHE M 113 -4.93 38.91 -25.23
C PHE M 113 -5.20 38.06 -24.00
N ALA M 114 -6.06 38.59 -23.14
CA ALA M 114 -6.68 37.78 -22.09
C ALA M 114 -8.15 38.16 -22.02
N LEU M 115 -8.98 37.16 -21.71
CA LEU M 115 -10.38 37.44 -21.43
C LEU M 115 -10.49 38.10 -20.05
N PRO M 116 -11.59 38.81 -19.78
CA PRO M 116 -11.60 39.75 -18.64
C PRO M 116 -11.43 39.10 -17.27
N ASN M 117 -11.88 37.86 -17.09
CA ASN M 117 -11.74 37.21 -15.80
C ASN M 117 -10.62 36.19 -15.77
N ALA M 118 -9.81 36.15 -16.82
CA ALA M 118 -8.66 35.24 -16.84
C ALA M 118 -7.62 35.72 -15.84
N GLU M 119 -6.85 34.79 -15.30
CA GLU M 119 -5.81 35.13 -14.35
C GLU M 119 -4.44 34.84 -14.95
N VAL M 120 -3.47 35.66 -14.58
CA VAL M 120 -2.10 35.50 -15.04
C VAL M 120 -1.23 35.45 -13.79
N MET M 121 -0.36 34.45 -13.69
CA MET M 121 0.52 34.35 -12.52
C MET M 121 1.96 34.21 -12.99
N ILE M 122 2.85 35.01 -12.38
CA ILE M 122 4.27 34.93 -12.70
C ILE M 122 5.03 34.57 -11.41
N HIS M 123 6.14 33.86 -11.56
CA HIS M 123 6.87 33.39 -10.38
C HIS M 123 8.29 33.03 -10.82
N GLN M 124 9.10 32.61 -9.86
CA GLN M 124 10.43 32.16 -10.25
C GLN M 124 10.43 30.65 -10.48
N PRO M 125 11.46 30.12 -11.14
CA PRO M 125 11.53 28.67 -11.39
C PRO M 125 11.56 27.88 -10.08
N LEU M 126 11.06 26.64 -10.18
CA LEU M 126 11.06 25.65 -9.10
C LEU M 126 11.84 24.45 -9.57
N GLY M 127 12.50 23.77 -8.64
CA GLY M 127 13.24 22.60 -9.04
C GLY M 127 13.73 21.86 -7.82
N GLY M 128 14.68 20.99 -8.03
CA GLY M 128 15.17 20.20 -6.90
C GLY M 128 16.55 19.70 -7.24
N ALA M 129 17.27 19.29 -6.21
CA ALA M 129 18.60 18.73 -6.42
C ALA M 129 18.94 17.87 -5.21
N GLN M 130 19.58 16.74 -5.44
CA GLN M 130 20.03 15.86 -4.37
C GLN M 130 21.40 15.31 -4.76
N GLY M 131 22.25 15.08 -3.77
CA GLY M 131 23.52 14.44 -4.08
C GLY M 131 24.67 15.12 -3.38
N GLN M 132 25.86 15.03 -3.97
CA GLN M 132 27.03 15.65 -3.37
C GLN M 132 26.94 17.16 -3.44
N ALA M 133 27.68 17.84 -2.56
CA ALA M 133 27.75 19.29 -2.60
C ALA M 133 28.03 19.82 -4.01
N THR M 134 29.01 19.20 -4.70
CA THR M 134 29.35 19.60 -6.07
C THR M 134 28.14 19.53 -7.01
N GLU M 135 27.34 18.47 -6.88
CA GLU M 135 26.17 18.30 -7.74
C GLU M 135 25.07 19.29 -7.39
N ILE M 136 24.91 19.58 -6.10
CA ILE M 136 23.91 20.58 -5.70
C ILE M 136 24.31 21.95 -6.25
N GLU M 137 25.60 22.26 -6.22
CA GLU M 137 26.09 23.52 -6.78
C GLU M 137 25.82 23.61 -8.29
N ILE M 138 26.06 22.52 -9.02
CA ILE M 138 25.76 22.51 -10.46
C ILE M 138 24.27 22.75 -10.70
N ALA M 139 23.41 22.09 -9.91
CA ALA M 139 21.97 22.28 -10.10
C ALA M 139 21.55 23.70 -9.74
N ALA M 140 22.11 24.26 -8.67
CA ALA M 140 21.77 25.62 -8.29
C ALA M 140 22.19 26.61 -9.37
N ASN M 141 23.41 26.47 -9.88
CA ASN M 141 23.87 27.37 -10.95
C ASN M 141 22.97 27.25 -12.17
N HIS M 142 22.56 26.03 -12.50
CA HIS M 142 21.70 25.83 -13.67
C HIS M 142 20.34 26.53 -13.49
N ILE M 143 19.71 26.34 -12.32
CA ILE M 143 18.39 26.95 -12.17
C ILE M 143 18.50 28.46 -12.05
N LEU M 144 19.60 28.97 -11.50
CA LEU M 144 19.78 30.42 -11.46
C LEU M 144 19.99 31.00 -12.86
N LYS M 145 20.76 30.30 -13.71
CA LYS M 145 20.90 30.75 -15.10
C LYS M 145 19.57 30.67 -15.84
N THR M 146 18.79 29.63 -15.58
CA THR M 146 17.44 29.55 -16.18
C THR M 146 16.58 30.73 -15.77
N ARG M 147 16.60 31.11 -14.48
CA ARG M 147 15.83 32.27 -14.07
C ARG M 147 16.30 33.54 -14.80
N GLU M 148 17.61 33.73 -14.93
CA GLU M 148 18.09 34.92 -15.62
C GLU M 148 17.64 34.95 -17.07
N LYS M 149 17.67 33.79 -17.74
CA LYS M 149 17.20 33.68 -19.12
C LYS M 149 15.73 34.05 -19.23
N LEU M 150 14.89 33.50 -18.35
CA LEU M 150 13.46 33.86 -18.35
C LEU M 150 13.25 35.34 -18.08
N ASN M 151 13.97 35.91 -17.13
CA ASN M 151 13.73 37.32 -16.77
C ASN M 151 14.13 38.23 -17.90
N ARG M 152 15.23 37.90 -18.55
CA ARG M 152 15.70 38.71 -19.67
C ARG M 152 14.68 38.74 -20.80
N ILE M 153 14.12 37.58 -21.15
CA ILE M 153 13.09 37.54 -22.19
C ILE M 153 11.82 38.25 -21.73
N LEU M 154 11.38 38.02 -20.48
CA LEU M 154 10.19 38.73 -20.03
C LEU M 154 10.41 40.23 -20.05
N SER M 155 11.62 40.68 -19.73
CA SER M 155 11.92 42.11 -19.80
C SER M 155 11.75 42.64 -21.22
N GLU M 156 12.28 41.91 -22.20
CA GLU M 156 12.14 42.30 -23.60
C GLU M 156 10.68 42.28 -24.04
N ARG M 157 9.90 41.29 -23.60
CA ARG M 157 8.54 41.20 -24.11
C ARG M 157 7.55 42.11 -23.39
N THR M 158 7.85 42.53 -22.16
CA THR M 158 6.93 43.39 -21.41
C THR M 158 7.36 44.85 -21.39
N GLY M 159 8.64 45.13 -21.67
CA GLY M 159 9.18 46.46 -21.43
C GLY M 159 9.54 46.77 -19.98
N GLN M 160 9.36 45.84 -19.04
CA GLN M 160 9.81 46.10 -17.67
C GLN M 160 11.30 45.81 -17.55
N SER M 161 11.94 46.46 -16.58
CA SER M 161 13.37 46.18 -16.38
C SER M 161 13.55 44.78 -15.78
N ILE M 162 14.75 44.22 -15.97
CA ILE M 162 15.04 42.91 -15.38
C ILE M 162 14.94 42.97 -13.86
N GLU M 163 15.36 44.09 -13.26
CA GLU M 163 15.30 44.20 -11.80
C GLU M 163 13.86 44.19 -11.31
N LYS M 164 12.95 44.83 -12.03
CA LYS M 164 11.56 44.80 -11.61
C LYS M 164 10.96 43.39 -11.77
N ILE M 165 11.28 42.71 -12.87
CA ILE M 165 10.77 41.35 -13.05
C ILE M 165 11.30 40.44 -11.94
N GLN M 166 12.58 40.58 -11.59
CA GLN M 166 13.16 39.80 -10.49
C GLN M 166 12.41 40.06 -9.19
N GLN M 167 12.17 41.33 -8.86
CA GLN M 167 11.43 41.63 -7.63
C GLN M 167 10.01 41.07 -7.69
N ASP M 168 9.35 41.21 -8.84
CA ASP M 168 7.94 40.84 -8.94
C ASP M 168 7.72 39.33 -9.07
N THR M 169 8.77 38.54 -9.27
CA THR M 169 8.62 37.10 -9.35
C THR M 169 9.23 36.39 -8.15
N ASP M 170 9.76 37.14 -7.18
CA ASP M 170 10.40 36.50 -6.02
C ASP M 170 9.42 35.56 -5.31
N ARG M 171 8.17 35.99 -5.15
CA ARG M 171 7.06 35.19 -4.67
C ARG M 171 6.01 35.11 -5.77
N ASP M 172 5.11 34.14 -5.67
CA ASP M 172 4.03 34.01 -6.64
C ASP M 172 3.25 35.32 -6.72
N ASN M 173 2.99 35.76 -7.95
CA ASN M 173 2.39 37.08 -8.17
C ASN M 173 1.19 36.87 -9.09
N PHE M 174 -0.03 37.01 -8.55
CA PHE M 174 -1.27 36.79 -9.32
C PHE M 174 -1.75 38.13 -9.88
N LEU M 175 -2.00 38.18 -11.18
CA LEU M 175 -2.46 39.42 -11.84
C LEU M 175 -3.82 39.19 -12.45
N THR M 176 -4.69 40.21 -12.38
CA THR M 176 -5.90 40.19 -13.21
C THR M 176 -5.51 40.46 -14.67
N ALA M 177 -6.47 40.23 -15.58
CA ALA M 177 -6.21 40.55 -16.98
C ALA M 177 -5.85 42.02 -17.16
N ALA M 178 -6.58 42.93 -16.48
CA ALA M 178 -6.25 44.36 -16.59
C ALA M 178 -4.85 44.64 -16.07
N GLU M 179 -4.46 44.02 -14.95
CA GLU M 179 -3.09 44.22 -14.44
C GLU M 179 -2.06 43.62 -15.40
N ALA M 180 -2.37 42.48 -16.01
CA ALA M 180 -1.42 41.90 -16.95
C ALA M 180 -1.21 42.83 -18.14
N LYS M 181 -2.27 43.51 -18.57
CA LYS M 181 -2.11 44.48 -19.66
C LYS M 181 -1.24 45.66 -19.21
N GLU M 182 -1.52 46.19 -18.02
CA GLU M 182 -0.69 47.29 -17.51
C GLU M 182 0.76 46.86 -17.37
N TYR M 183 0.99 45.59 -17.04
CA TYR M 183 2.34 45.09 -16.86
C TYR M 183 3.08 44.91 -18.17
N GLY M 184 2.36 44.75 -19.28
CA GLY M 184 2.98 44.46 -20.57
C GLY M 184 3.01 42.99 -20.94
N LEU M 185 2.38 42.11 -20.14
CA LEU M 185 2.34 40.68 -20.50
C LEU M 185 1.37 40.41 -21.65
N ILE M 186 0.31 41.22 -21.76
CA ILE M 186 -0.62 41.14 -22.88
C ILE M 186 -0.79 42.56 -23.41
N ASP M 187 -1.38 42.66 -24.59
CA ASP M 187 -1.66 43.94 -25.23
C ASP M 187 -3.08 44.43 -25.00
N GLU M 188 -4.06 43.54 -24.86
CA GLU M 188 -5.44 43.98 -24.74
C GLU M 188 -6.22 42.97 -23.91
N VAL M 189 -7.16 43.48 -23.13
CA VAL M 189 -8.20 42.63 -22.54
C VAL M 189 -9.31 42.52 -23.57
N MET M 190 -9.65 41.31 -23.97
CA MET M 190 -10.66 41.10 -25.00
C MET M 190 -12.05 41.29 -24.42
N GLU M 191 -12.77 42.28 -24.90
CA GLU M 191 -14.12 42.53 -24.40
C GLU M 191 -15.15 41.87 -25.31
N PRO M 192 -16.37 41.66 -24.79
CA PRO M 192 -17.34 40.81 -25.47
C PRO M 192 -17.78 41.28 -26.87
N ILE N 4 -1.59 14.39 -30.65
CA ILE N 4 -3.02 14.21 -30.40
C ILE N 4 -3.93 14.58 -31.63
N PRO N 5 -3.82 15.78 -32.21
CA PRO N 5 -4.83 16.19 -33.19
C PRO N 5 -4.70 15.46 -34.52
N THR N 6 -5.80 15.43 -35.25
CA THR N 6 -5.89 14.79 -36.56
C THR N 6 -5.94 15.86 -37.67
N VAL N 7 -5.43 15.47 -38.85
CA VAL N 7 -5.29 16.33 -40.02
C VAL N 7 -6.04 15.78 -41.24
N TYR N 18 -4.56 11.64 -40.75
CA TYR N 18 -3.30 11.47 -40.04
C TYR N 18 -3.40 12.09 -38.64
N ASP N 19 -2.74 11.48 -37.66
CA ASP N 19 -2.38 12.29 -36.49
C ASP N 19 -1.29 13.31 -36.90
N ILE N 20 -1.03 14.30 -36.05
CA ILE N 20 -0.12 15.39 -36.45
C ILE N 20 1.28 14.83 -36.76
N TYR N 21 1.74 13.81 -36.01
CA TYR N 21 3.10 13.30 -36.24
C TYR N 21 3.18 12.55 -37.56
N SER N 22 2.14 11.78 -37.88
CA SER N 22 2.10 11.08 -39.17
C SER N 22 2.11 12.08 -40.31
N ARG N 23 1.41 13.20 -40.12
CA ARG N 23 1.40 14.23 -41.16
C ARG N 23 2.79 14.82 -41.36
N LEU N 24 3.53 15.09 -40.27
CA LEU N 24 4.90 15.58 -40.42
C LEU N 24 5.80 14.53 -41.05
N LEU N 25 5.59 13.26 -40.71
CA LEU N 25 6.44 12.21 -41.29
C LEU N 25 6.32 12.15 -42.81
N LYS N 26 5.14 12.48 -43.34
CA LYS N 26 4.98 12.60 -44.78
C LYS N 26 5.94 13.62 -45.40
N ASP N 27 6.33 14.65 -44.65
CA ASP N 27 7.33 15.63 -45.08
C ASP N 27 8.75 15.31 -44.56
N ARG N 28 8.97 14.07 -44.16
CA ARG N 28 10.28 13.56 -43.75
C ARG N 28 10.76 14.18 -42.45
N ILE N 29 9.83 14.52 -41.57
CA ILE N 29 10.14 15.08 -40.25
C ILE N 29 9.83 14.02 -39.21
N ILE N 30 10.80 13.73 -38.34
CA ILE N 30 10.64 12.79 -37.23
C ILE N 30 10.76 13.60 -35.93
N MET N 31 9.84 13.39 -35.00
CA MET N 31 9.82 14.19 -33.78
C MET N 31 10.26 13.28 -32.63
N LEU N 32 11.43 13.54 -32.06
CA LEU N 32 11.88 12.80 -30.87
C LEU N 32 11.63 13.73 -29.68
N GLY N 33 10.57 13.45 -28.92
CA GLY N 33 10.14 14.37 -27.90
C GLY N 33 9.92 13.68 -26.56
N SER N 34 10.73 12.68 -26.23
CA SER N 34 10.52 11.95 -24.98
C SER N 34 11.85 11.34 -24.55
N GLN N 35 11.81 10.67 -23.40
CA GLN N 35 12.91 9.78 -23.02
C GLN N 35 13.11 8.71 -24.09
N ILE N 36 14.36 8.28 -24.25
CA ILE N 36 14.72 7.30 -25.27
C ILE N 36 14.72 5.92 -24.62
N ASP N 37 13.71 5.12 -24.88
CA ASP N 37 13.72 3.73 -24.43
C ASP N 37 13.62 2.85 -25.66
N ASP N 38 13.52 1.54 -25.46
CA ASP N 38 13.55 0.62 -26.59
C ASP N 38 12.34 0.83 -27.52
N ASN N 39 11.17 1.16 -26.97
CA ASN N 39 10.00 1.39 -27.81
C ASN N 39 10.17 2.63 -28.68
N VAL N 40 10.69 3.70 -28.08
CA VAL N 40 10.94 4.93 -28.85
C VAL N 40 11.98 4.68 -29.93
N ALA N 41 13.08 4.00 -29.58
CA ALA N 41 14.10 3.70 -30.59
C ALA N 41 13.55 2.84 -31.70
N ASN N 42 12.72 1.86 -31.34
CA ASN N 42 12.17 0.99 -32.37
C ASN N 42 11.35 1.79 -33.36
N SER N 43 10.57 2.75 -32.85
CA SER N 43 9.74 3.58 -33.71
C SER N 43 10.59 4.53 -34.56
N ILE N 44 11.60 5.17 -33.96
CA ILE N 44 12.45 6.11 -34.71
C ILE N 44 13.22 5.37 -35.79
N VAL N 45 13.80 4.21 -35.45
CA VAL N 45 14.53 3.43 -36.44
C VAL N 45 13.60 3.05 -37.60
N SER N 46 12.40 2.59 -37.27
CA SER N 46 11.45 2.20 -38.32
C SER N 46 11.10 3.38 -39.22
N GLN N 47 10.93 4.58 -38.62
CA GLN N 47 10.65 5.77 -39.44
C GLN N 47 11.83 6.12 -40.34
N LEU N 48 13.06 6.01 -39.82
CA LEU N 48 14.24 6.28 -40.65
C LEU N 48 14.34 5.29 -41.81
N LEU N 49 14.11 4.00 -41.55
CA LEU N 49 14.19 3.01 -42.63
C LEU N 49 13.09 3.25 -43.66
N PHE N 50 11.89 3.57 -43.18
CA PHE N 50 10.79 3.87 -44.09
C PHE N 50 11.13 5.08 -44.97
N LEU N 51 11.65 6.16 -44.38
CA LEU N 51 11.94 7.35 -45.17
C LEU N 51 13.04 7.07 -46.19
N GLN N 52 14.07 6.31 -45.82
CA GLN N 52 15.10 5.94 -46.79
C GLN N 52 14.50 5.15 -47.95
N ALA N 53 13.60 4.21 -47.65
CA ALA N 53 12.97 3.41 -48.69
C ALA N 53 12.10 4.26 -49.60
N GLN N 54 11.46 5.31 -49.07
CA GLN N 54 10.67 6.21 -49.91
C GLN N 54 11.55 7.04 -50.82
N ASP N 55 12.68 7.52 -50.32
CA ASP N 55 13.56 8.34 -51.15
C ASP N 55 14.94 8.33 -50.51
N SER N 56 15.92 7.77 -51.19
CA SER N 56 17.21 7.59 -50.56
C SER N 56 18.10 8.82 -50.67
N GLU N 57 17.64 9.88 -51.34
CA GLU N 57 18.46 11.06 -51.52
C GLU N 57 18.02 12.28 -50.71
N LYS N 58 16.73 12.43 -50.43
CA LYS N 58 16.23 13.64 -49.79
C LYS N 58 16.57 13.61 -48.30
N ASP N 59 16.90 14.75 -47.73
CA ASP N 59 17.30 14.48 -46.36
C ASP N 59 16.07 14.44 -45.44
N ILE N 60 16.38 14.08 -44.19
CA ILE N 60 15.42 13.80 -43.15
C ILE N 60 15.68 14.82 -42.05
N TYR N 61 14.62 15.23 -41.33
CA TYR N 61 14.75 16.21 -40.27
C TYR N 61 14.34 15.54 -38.95
N LEU N 62 15.26 15.50 -38.00
CA LEU N 62 15.02 14.86 -36.69
C LEU N 62 15.02 15.97 -35.64
N TYR N 63 13.84 16.29 -35.12
CA TYR N 63 13.73 17.23 -34.01
C TYR N 63 13.97 16.50 -32.69
N ILE N 64 14.75 17.11 -31.81
CA ILE N 64 15.14 16.44 -30.56
C ILE N 64 14.78 17.33 -29.39
N ASN N 65 13.89 16.85 -28.54
CA ASN N 65 13.65 17.43 -27.23
C ASN N 65 13.61 16.23 -26.29
N SER N 66 14.74 15.90 -25.66
CA SER N 66 14.79 14.58 -24.98
C SER N 66 15.75 14.68 -23.81
N PRO N 67 15.37 14.15 -22.63
CA PRO N 67 16.32 14.09 -21.50
C PRO N 67 17.30 12.95 -21.62
N GLY N 68 17.23 12.14 -22.67
CA GLY N 68 18.12 10.99 -22.76
C GLY N 68 17.37 9.71 -22.52
N GLY N 69 18.06 8.67 -22.08
CA GLY N 69 17.40 7.40 -21.82
C GLY N 69 18.39 6.26 -21.93
N SER N 70 17.96 5.15 -22.53
CA SER N 70 18.79 3.95 -22.59
C SER N 70 19.95 4.14 -23.56
N VAL N 71 21.17 3.76 -23.13
CA VAL N 71 22.32 3.94 -24.03
C VAL N 71 22.20 3.02 -25.24
N THR N 72 21.71 1.79 -25.06
CA THR N 72 21.64 0.89 -26.21
C THR N 72 20.51 1.31 -27.15
N ALA N 73 19.39 1.79 -26.59
CA ALA N 73 18.35 2.33 -27.47
C ALA N 73 18.88 3.54 -28.23
N GLY N 74 19.65 4.40 -27.57
CA GLY N 74 20.26 5.53 -28.27
C GLY N 74 21.19 5.09 -29.37
N PHE N 75 21.99 4.04 -29.13
CA PHE N 75 22.88 3.58 -30.19
C PHE N 75 22.14 2.91 -31.33
N ALA N 76 20.97 2.31 -31.07
CA ALA N 76 20.19 1.81 -32.20
C ALA N 76 19.83 2.95 -33.15
N ILE N 77 19.43 4.09 -32.59
CA ILE N 77 19.10 5.25 -33.44
C ILE N 77 20.37 5.80 -34.08
N TYR N 78 21.44 5.95 -33.28
CA TYR N 78 22.69 6.50 -33.81
C TYR N 78 23.20 5.69 -35.02
N ASP N 79 23.28 4.37 -34.88
CA ASP N 79 23.82 3.55 -35.97
C ASP N 79 22.90 3.57 -37.19
N THR N 80 21.59 3.67 -36.98
CA THR N 80 20.68 3.72 -38.12
C THR N 80 20.88 5.03 -38.89
N ILE N 81 21.02 6.15 -38.16
CA ILE N 81 21.34 7.42 -38.80
C ILE N 81 22.60 7.29 -39.64
N GLN N 82 23.66 6.71 -39.08
CA GLN N 82 24.90 6.63 -39.85
C GLN N 82 24.78 5.64 -41.00
N HIS N 83 23.89 4.67 -40.88
CA HIS N 83 23.83 3.62 -41.89
C HIS N 83 23.09 4.07 -43.16
N ILE N 84 22.01 4.82 -43.02
CA ILE N 84 21.13 5.08 -44.15
C ILE N 84 21.79 6.11 -45.08
N LYS N 85 21.33 6.14 -46.33
CA LYS N 85 21.90 7.04 -47.34
C LYS N 85 21.52 8.51 -47.14
N PRO N 86 20.26 8.87 -46.88
CA PRO N 86 19.93 10.30 -46.69
C PRO N 86 20.71 10.94 -45.55
N ASP N 87 21.01 12.21 -45.70
CA ASP N 87 21.44 13.03 -44.56
C ASP N 87 20.31 13.16 -43.55
N VAL N 88 20.66 13.13 -42.27
CA VAL N 88 19.68 13.38 -41.21
C VAL N 88 20.09 14.69 -40.54
N GLN N 89 19.28 15.73 -40.73
CA GLN N 89 19.52 16.97 -40.01
C GLN N 89 18.99 16.80 -38.59
N THR N 90 19.67 17.38 -37.62
CA THR N 90 19.17 17.31 -36.24
C THR N 90 18.92 18.72 -35.74
N ILE N 91 17.80 18.90 -35.03
CA ILE N 91 17.39 20.23 -34.58
C ILE N 91 16.98 20.10 -33.12
N CYS N 92 17.74 20.70 -32.23
CA CYS N 92 17.43 20.66 -30.80
C CYS N 92 16.46 21.79 -30.45
N ILE N 93 15.32 21.44 -29.88
CA ILE N 93 14.40 22.41 -29.27
C ILE N 93 14.20 22.01 -27.81
N GLY N 94 14.21 22.99 -26.91
CA GLY N 94 13.98 22.65 -25.51
C GLY N 94 15.26 22.15 -24.84
N MET N 95 15.51 20.85 -24.93
CA MET N 95 16.66 20.27 -24.24
C MET N 95 17.11 19.02 -24.99
N ALA N 96 18.42 18.83 -25.12
CA ALA N 96 18.96 17.54 -25.56
C ALA N 96 19.99 17.17 -24.52
N ALA N 97 19.69 16.18 -23.69
CA ALA N 97 20.56 15.82 -22.57
C ALA N 97 20.98 14.38 -22.73
N SER N 98 22.22 14.08 -22.31
CA SER N 98 22.66 12.67 -22.23
C SER N 98 22.56 12.04 -23.61
N MET N 99 21.92 10.88 -23.79
CA MET N 99 21.86 10.31 -25.15
C MET N 99 21.12 11.24 -26.12
N GLY N 100 20.29 12.15 -25.63
CA GLY N 100 19.70 13.16 -26.52
C GLY N 100 20.75 14.08 -27.13
N SER N 101 21.72 14.55 -26.32
CA SER N 101 22.77 15.38 -26.92
C SER N 101 23.70 14.56 -27.78
N PHE N 102 23.87 13.27 -27.46
CA PHE N 102 24.65 12.41 -28.33
C PHE N 102 24.01 12.29 -29.71
N LEU N 103 22.68 12.12 -29.77
CA LEU N 103 22.01 12.03 -31.06
C LEU N 103 22.01 13.39 -31.78
N LEU N 104 21.90 14.48 -31.04
CA LEU N 104 22.03 15.81 -31.66
C LEU N 104 23.35 15.94 -32.40
N ALA N 105 24.45 15.56 -31.73
CA ALA N 105 25.78 15.63 -32.34
C ALA N 105 25.97 14.65 -33.49
N ALA N 106 25.07 13.68 -33.62
CA ALA N 106 25.18 12.63 -34.63
C ALA N 106 24.59 13.03 -35.99
N GLY N 107 23.92 14.18 -36.08
CA GLY N 107 23.33 14.59 -37.35
C GLY N 107 24.39 14.83 -38.42
N ALA N 108 23.94 14.94 -39.66
CA ALA N 108 24.87 15.17 -40.78
C ALA N 108 25.71 16.43 -40.52
N LYS N 109 27.00 16.31 -40.76
CA LYS N 109 27.90 17.43 -40.48
C LYS N 109 27.50 18.65 -41.33
N GLY N 110 27.42 19.82 -40.68
CA GLY N 110 26.84 21.01 -41.28
C GLY N 110 25.34 21.14 -41.11
N LYS N 111 24.65 20.09 -40.68
CA LYS N 111 23.19 20.15 -40.57
C LYS N 111 22.72 19.81 -39.16
N ARG N 112 23.49 20.19 -38.15
CA ARG N 112 23.12 20.04 -36.73
C ARG N 112 22.84 21.42 -36.18
N PHE N 113 21.64 21.60 -35.63
CA PHE N 113 21.15 22.91 -35.21
C PHE N 113 20.57 22.86 -33.81
N ALA N 114 20.55 24.02 -33.17
CA ALA N 114 19.74 24.22 -31.97
C ALA N 114 19.07 25.58 -32.07
N LEU N 115 17.85 25.67 -31.54
CA LEU N 115 17.19 26.96 -31.42
C LEU N 115 17.85 27.74 -30.28
N PRO N 116 17.71 29.08 -30.28
CA PRO N 116 18.60 29.92 -29.43
C PRO N 116 18.49 29.67 -27.95
N ASN N 117 17.31 29.29 -27.44
CA ASN N 117 17.14 29.07 -26.01
C ASN N 117 17.13 27.60 -25.66
N ALA N 118 17.44 26.72 -26.61
CA ALA N 118 17.52 25.29 -26.32
C ALA N 118 18.73 25.02 -25.44
N GLU N 119 18.64 23.98 -24.63
CA GLU N 119 19.76 23.61 -23.75
C GLU N 119 20.33 22.27 -24.19
N VAL N 120 21.63 22.12 -24.02
CA VAL N 120 22.32 20.88 -24.34
C VAL N 120 23.07 20.47 -23.08
N MET N 121 22.93 19.20 -22.67
CA MET N 121 23.63 18.74 -21.48
C MET N 121 24.39 17.46 -21.82
N ILE N 122 25.66 17.41 -21.41
CA ILE N 122 26.49 16.22 -21.62
C ILE N 122 26.94 15.71 -20.26
N HIS N 123 27.12 14.39 -20.15
CA HIS N 123 27.47 13.82 -18.85
C HIS N 123 28.05 12.43 -19.10
N GLN N 124 28.43 11.75 -18.02
CA GLN N 124 28.90 10.39 -18.22
C GLN N 124 27.75 9.41 -17.99
N PRO N 125 27.91 8.16 -18.44
CA PRO N 125 26.85 7.17 -18.27
C PRO N 125 26.52 6.93 -16.80
N LEU N 126 25.27 6.52 -16.57
CA LEU N 126 24.72 6.15 -15.26
C LEU N 126 24.26 4.71 -15.33
N GLY N 127 24.36 4.00 -14.23
CA GLY N 127 23.91 2.63 -14.25
C GLY N 127 23.91 2.07 -12.84
N GLY N 128 23.86 0.76 -12.76
CA GLY N 128 23.79 0.15 -11.44
C GLY N 128 24.26 -1.27 -11.55
N ALA N 129 24.62 -1.85 -10.41
CA ALA N 129 25.04 -3.24 -10.40
C ALA N 129 24.84 -3.76 -8.98
N GLN N 130 24.39 -5.01 -8.85
CA GLN N 130 24.24 -5.66 -7.55
C GLN N 130 24.64 -7.11 -7.71
N GLY N 131 25.21 -7.68 -6.66
CA GLY N 131 25.50 -9.10 -6.72
C GLY N 131 26.89 -9.41 -6.18
N GLN N 132 27.49 -10.49 -6.66
CA GLN N 132 28.82 -10.86 -6.20
C GLN N 132 29.86 -9.87 -6.69
N ALA N 133 31.00 -9.83 -6.00
CA ALA N 133 32.11 -8.99 -6.44
C ALA N 133 32.43 -9.19 -7.92
N THR N 134 32.48 -10.44 -8.37
CA THR N 134 32.76 -10.75 -9.78
C THR N 134 31.75 -10.10 -10.71
N GLU N 135 30.47 -10.11 -10.33
CA GLU N 135 29.43 -9.51 -11.17
C GLU N 135 29.51 -8.00 -11.16
N ILE N 136 29.84 -7.42 -10.02
CA ILE N 136 30.00 -5.96 -9.96
C ILE N 136 31.16 -5.54 -10.85
N GLU N 137 32.24 -6.32 -10.84
CA GLU N 137 33.39 -6.04 -11.71
C GLU N 137 33.01 -6.08 -13.19
N ILE N 138 32.23 -7.10 -13.57
CA ILE N 138 31.77 -7.21 -14.97
C ILE N 138 30.93 -5.99 -15.33
N ALA N 139 30.02 -5.57 -14.44
CA ALA N 139 29.18 -4.40 -14.75
C ALA N 139 30.02 -3.13 -14.81
N ALA N 140 31.00 -2.97 -13.91
CA ALA N 140 31.85 -1.78 -13.95
C ALA N 140 32.66 -1.73 -15.25
N ASN N 141 33.27 -2.86 -15.63
CA ASN N 141 34.02 -2.88 -16.88
C ASN N 141 33.14 -2.54 -18.06
N HIS N 142 31.90 -3.05 -18.06
CA HIS N 142 30.99 -2.77 -19.17
C HIS N 142 30.65 -1.29 -19.25
N ILE N 143 30.31 -0.66 -18.11
CA ILE N 143 29.91 0.74 -18.21
C ILE N 143 31.12 1.62 -18.51
N LEU N 144 32.31 1.21 -18.06
CA LEU N 144 33.51 1.98 -18.42
C LEU N 144 33.81 1.88 -19.92
N LYS N 145 33.66 0.68 -20.50
CA LYS N 145 33.82 0.54 -21.94
C LYS N 145 32.77 1.35 -22.70
N THR N 146 31.54 1.35 -22.21
CA THR N 146 30.49 2.18 -22.82
C THR N 146 30.87 3.66 -22.80
N ARG N 147 31.40 4.15 -21.67
CA ARG N 147 31.82 5.54 -21.63
C ARG N 147 32.92 5.82 -22.66
N GLU N 148 33.90 4.91 -22.77
CA GLU N 148 34.98 5.13 -23.75
C GLU N 148 34.43 5.18 -25.17
N LYS N 149 33.48 4.29 -25.48
CA LYS N 149 32.85 4.29 -26.80
C LYS N 149 32.14 5.61 -27.08
N LEU N 150 31.34 6.09 -26.12
CA LEU N 150 30.67 7.38 -26.29
C LEU N 150 31.67 8.51 -26.46
N ASN N 151 32.74 8.53 -25.66
CA ASN N 151 33.67 9.65 -25.73
C ASN N 151 34.42 9.67 -27.05
N ARG N 152 34.78 8.50 -27.53
CA ARG N 152 35.47 8.40 -28.80
C ARG N 152 34.61 8.95 -29.94
N ILE N 153 33.34 8.57 -29.98
CA ILE N 153 32.45 9.10 -31.02
C ILE N 153 32.23 10.59 -30.84
N LEU N 154 32.00 11.06 -29.61
CA LEU N 154 31.82 12.50 -29.42
C LEU N 154 33.06 13.26 -29.86
N SER N 155 34.25 12.69 -29.60
CA SER N 155 35.49 13.32 -30.06
C SER N 155 35.50 13.48 -31.57
N GLU N 156 35.14 12.40 -32.28
CA GLU N 156 35.08 12.45 -33.75
C GLU N 156 34.03 13.45 -34.23
N ARG N 157 32.87 13.52 -33.57
CA ARG N 157 31.83 14.39 -34.11
C ARG N 157 31.99 15.85 -33.71
N THR N 158 32.72 16.15 -32.64
CA THR N 158 32.88 17.54 -32.20
C THR N 158 34.24 18.11 -32.57
N GLY N 159 35.23 17.28 -32.85
CA GLY N 159 36.60 17.73 -32.96
C GLY N 159 37.32 17.97 -31.65
N GLN N 160 36.69 17.74 -30.49
CA GLN N 160 37.42 17.85 -29.23
C GLN N 160 38.21 16.57 -28.96
N SER N 161 39.28 16.69 -28.17
CA SER N 161 40.03 15.49 -27.83
C SER N 161 39.23 14.62 -26.86
N ILE N 162 39.56 13.33 -26.83
CA ILE N 162 38.90 12.42 -25.88
C ILE N 162 39.16 12.87 -24.45
N GLU N 163 40.36 13.37 -24.16
CA GLU N 163 40.66 13.81 -22.80
C GLU N 163 39.81 15.00 -22.38
N LYS N 164 39.55 15.91 -23.31
CA LYS N 164 38.69 17.04 -22.97
C LYS N 164 37.24 16.60 -22.75
N ILE N 165 36.75 15.69 -23.61
CA ILE N 165 35.38 15.19 -23.42
C ILE N 165 35.26 14.47 -22.08
N GLN N 166 36.26 13.67 -21.73
CA GLN N 166 36.26 12.99 -20.43
C GLN N 166 36.19 14.00 -19.29
N GLN N 167 37.03 15.04 -19.33
CA GLN N 167 36.99 16.05 -18.27
C GLN N 167 35.65 16.77 -18.24
N ASP N 168 35.11 17.10 -19.42
CA ASP N 168 33.90 17.90 -19.48
C ASP N 168 32.63 17.13 -19.20
N THR N 169 32.69 15.80 -19.11
CA THR N 169 31.50 15.00 -18.79
C THR N 169 31.61 14.37 -17.41
N ASP N 170 32.67 14.63 -16.66
CA ASP N 170 32.83 14.02 -15.34
C ASP N 170 31.63 14.33 -14.45
N ARG N 171 31.16 15.57 -14.49
CA ARG N 171 29.94 16.03 -13.85
C ARG N 171 29.00 16.53 -14.94
N ASP N 172 27.70 16.63 -14.62
CA ASP N 172 26.73 17.16 -15.57
C ASP N 172 27.16 18.54 -16.05
N ASN N 173 27.11 18.73 -17.37
CA ASN N 173 27.64 19.95 -17.97
C ASN N 173 26.54 20.54 -18.85
N PHE N 174 25.95 21.67 -18.43
CA PHE N 174 24.85 22.30 -19.17
C PHE N 174 25.41 23.36 -20.11
N LEU N 175 25.05 23.31 -21.38
CA LEU N 175 25.54 24.27 -22.37
C LEU N 175 24.38 25.03 -22.97
N THR N 176 24.58 26.33 -23.23
CA THR N 176 23.63 27.05 -24.08
C THR N 176 23.80 26.60 -25.54
N ALA N 177 22.85 27.00 -26.39
CA ALA N 177 23.01 26.68 -27.82
C ALA N 177 24.29 27.28 -28.37
N ALA N 178 24.60 28.54 -28.02
CA ALA N 178 25.84 29.15 -28.49
C ALA N 178 27.07 28.38 -28.00
N GLU N 179 27.06 27.94 -26.73
CA GLU N 179 28.20 27.15 -26.25
C GLU N 179 28.26 25.79 -26.93
N ALA N 180 27.11 25.19 -27.22
CA ALA N 180 27.13 23.90 -27.92
C ALA N 180 27.73 24.05 -29.32
N LYS N 181 27.47 25.19 -29.97
CA LYS N 181 28.09 25.43 -31.28
C LYS N 181 29.60 25.60 -31.12
N GLU N 182 30.03 26.40 -30.15
CA GLU N 182 31.47 26.56 -29.91
C GLU N 182 32.13 25.23 -29.59
N TYR N 183 31.40 24.34 -28.92
CA TYR N 183 31.95 23.05 -28.54
C TYR N 183 32.06 22.10 -29.71
N GLY N 184 31.27 22.31 -30.76
CA GLY N 184 31.23 21.38 -31.88
C GLY N 184 30.11 20.35 -31.83
N LEU N 185 29.19 20.46 -30.85
CA LEU N 185 28.05 19.54 -30.80
C LEU N 185 27.01 19.86 -31.88
N ILE N 186 26.89 21.13 -32.25
CA ILE N 186 26.04 21.55 -33.36
C ILE N 186 26.87 22.43 -34.27
N ASP N 187 26.34 22.68 -35.46
CA ASP N 187 26.99 23.54 -36.44
C ASP N 187 26.47 24.96 -36.43
N GLU N 188 25.20 25.19 -36.09
CA GLU N 188 24.64 26.53 -36.17
C GLU N 188 23.53 26.69 -35.14
N VAL N 189 23.44 27.87 -34.55
CA VAL N 189 22.24 28.27 -33.82
C VAL N 189 21.26 28.82 -34.84
N MET N 190 20.07 28.23 -34.90
CA MET N 190 19.06 28.64 -35.88
C MET N 190 18.39 29.93 -35.44
N GLU N 191 18.58 30.99 -36.21
CA GLU N 191 17.97 32.26 -35.86
C GLU N 191 16.64 32.45 -36.60
N PRO N 192 15.78 33.35 -36.10
CA PRO N 192 14.40 33.42 -36.58
C PRO N 192 14.21 33.74 -38.07
C ACT O . -27.72 -0.68 25.48
O ACT O . -27.57 0.18 24.63
OXT ACT O . -27.58 -0.44 26.71
CH3 ACT O . -28.07 -2.04 25.01
B01 A1II0 P . -24.37 -1.80 21.86
C02 A1II0 P . -24.08 -3.10 21.13
C03 A1II0 P . -24.89 -4.08 21.82
C04 A1II0 P . -25.69 -3.39 22.95
C06 A1II0 P . -24.82 -5.40 21.38
C07 A1II0 P . -23.96 -5.77 20.27
C08 A1II0 P . -23.18 -4.78 19.61
C09 A1II0 P . -23.25 -3.46 20.05
F10 A1II0 P . -23.91 -7.04 19.86
O05 A1II0 P . -25.27 -1.98 22.97
O11 A1II0 P . -24.06 -0.67 21.23
C ACT Q . -16.41 -27.38 19.58
O ACT Q . -17.02 -26.50 18.99
OXT ACT Q . -16.42 -27.47 20.83
CH3 ACT Q . -15.64 -28.35 18.77
B01 A1II0 R . -13.59 -24.61 16.43
C02 A1II0 R . -12.46 -24.99 15.49
C03 A1II0 R . -12.21 -26.39 15.80
C04 A1II0 R . -13.19 -26.86 16.90
C06 A1II0 R . -11.18 -27.02 15.09
C07 A1II0 R . -10.42 -26.32 14.11
C08 A1II0 R . -10.69 -24.94 13.82
C09 A1II0 R . -11.72 -24.30 14.51
F10 A1II0 R . -9.46 -26.95 13.43
O05 A1II0 R . -13.97 -25.68 17.31
O11 A1II0 R . -14.29 -23.51 16.13
C ACT S . 10.80 -34.27 10.00
O ACT S . 9.71 -33.98 9.50
OXT ACT S . 10.91 -34.67 11.17
CH3 ACT S . 11.99 -34.10 9.14
B01 A1II0 T . 10.48 -29.60 8.07
C02 A1II0 T . 11.48 -28.77 7.28
C03 A1II0 T . 12.70 -29.56 7.31
C04 A1II0 T . 12.44 -30.87 8.10
C06 A1II0 T . 13.83 -29.03 6.67
C07 A1II0 T . 13.77 -27.76 6.02
C08 A1II0 T . 12.56 -27.01 5.99
C09 A1II0 T . 11.43 -27.53 6.62
F10 A1II0 T . 14.85 -27.28 5.41
O05 A1II0 T . 11.07 -30.80 8.60
O11 A1II0 T . 9.19 -29.32 7.89
C ACT U . 33.54 -16.44 3.85
O ACT U . 32.60 -16.92 3.25
OXT ACT U . 33.98 -16.94 4.90
CH3 ACT U . 34.18 -15.23 3.25
B01 A1II0 V . 29.77 -13.21 2.93
C02 A1II0 V . 29.77 -11.74 2.52
C03 A1II0 V . 31.17 -11.37 2.60
C04 A1II0 V . 32.01 -12.59 3.03
C06 A1II0 V . 31.49 -10.04 2.30
C07 A1II0 V . 30.47 -9.10 1.93
C08 A1II0 V . 29.11 -9.51 1.86
C09 A1II0 V . 28.78 -10.83 2.15
F10 A1II0 V . 30.80 -7.84 1.62
O05 A1II0 V . 31.07 -13.69 3.30
O11 A1II0 V . 28.69 -13.93 2.61
C ACT W . 34.78 13.08 6.00
O ACT W . 34.49 12.25 5.14
OXT ACT W . 35.49 12.79 6.98
CH3 ACT W . 34.25 14.46 5.82
B01 A1II0 X . 29.82 12.55 5.15
C02 A1II0 X . 28.70 13.57 5.09
C03 A1II0 X . 29.32 14.81 5.50
C04 A1II0 X . 30.83 14.56 5.79
C06 A1II0 X . 28.52 15.95 5.56
C07 A1II0 X . 27.13 15.88 5.23
C08 A1II0 X . 26.53 14.65 4.82
C09 A1II0 X . 27.34 13.52 4.75
F10 A1II0 X . 26.38 16.98 5.28
O05 A1II0 X . 31.05 13.12 5.63
O11 A1II0 X . 29.65 11.40 4.48
C ACT Y . 13.41 31.61 14.75
O ACT Y . 13.80 31.11 13.70
OXT ACT Y . 14.14 31.68 15.76
CH3 ACT Y . 12.02 32.13 14.78
B01 A1II0 Z . 10.51 27.87 12.97
C02 A1II0 Z . 9.00 27.70 12.92
C03 A1II0 Z . 8.49 28.83 13.69
C04 A1II0 Z . 9.69 29.69 14.18
C06 A1II0 Z . 7.11 28.94 13.85
C07 A1II0 Z . 6.23 27.96 13.28
C08 A1II0 Z . 6.74 26.87 12.52
C09 A1II0 Z . 8.12 26.75 12.35
F10 A1II0 Z . 4.90 28.09 13.43
O05 A1II0 Z . 10.91 28.99 13.76
O11 A1II0 Z . 11.21 27.21 12.05
C ACT AA . -14.26 25.47 23.35
O ACT AA . -13.69 25.72 22.30
OXT ACT AA . -13.79 25.78 24.46
CH3 ACT AA . -15.58 24.80 23.25
B01 A1II0 BA . -13.53 21.48 20.34
C02 A1II0 BA . -14.41 20.29 20.00
C03 A1II0 BA . -15.55 20.44 20.89
C04 A1II0 BA . -15.36 21.72 21.75
C06 A1II0 BA . -16.55 19.47 20.83
C07 A1II0 BA . -16.45 18.37 19.92
C08 A1II0 BA . -15.33 18.24 19.04
C09 A1II0 BA . -14.33 19.22 19.09
F10 A1II0 BA . -17.42 17.45 19.86
O05 A1II0 BA . -14.05 22.28 21.40
O11 A1II0 BA . -12.60 21.82 19.42
C ACT CA . 22.23 -16.66 -24.96
O ACT CA . 22.62 -15.83 -24.14
OXT ACT CA . 22.22 -16.42 -26.19
CH3 ACT CA . 21.75 -17.96 -24.44
B01 A1II0 DA . 18.89 -15.56 -21.31
C02 A1II0 DA . 17.92 -16.43 -20.54
C03 A1II0 DA . 18.02 -17.72 -21.19
C04 A1II0 DA . 19.06 -17.64 -22.35
C06 A1II0 DA . 17.21 -18.75 -20.70
C07 A1II0 DA . 16.32 -18.53 -19.60
C08 A1II0 DA . 16.25 -17.25 -18.97
C09 A1II0 DA . 17.06 -16.22 -19.46
F10 A1II0 DA . 15.56 -19.52 -19.15
O05 A1II0 DA . 19.51 -16.25 -22.42
O11 A1II0 DA . 19.30 -14.42 -20.72
C ACT EA . -2.13 -32.20 -18.36
O ACT EA . -1.14 -31.79 -17.78
OXT ACT EA . -2.17 -32.32 -19.60
CH3 ACT EA . -3.30 -32.57 -17.52
B01 A1II0 FA . -2.94 -28.25 -15.31
C02 A1II0 FA . -4.09 -27.92 -14.37
C03 A1II0 FA . -5.07 -28.95 -14.64
C04 A1II0 FA . -4.51 -29.92 -15.72
C06 A1II0 FA . -6.27 -28.90 -13.93
C07 A1II0 FA . -6.52 -27.86 -12.97
C08 A1II0 FA . -5.53 -26.86 -12.72
C09 A1II0 FA . -4.34 -26.91 -13.42
F10 A1II0 FA . -7.67 -27.84 -12.29
O05 A1II0 FA . -3.22 -29.38 -16.15
O11 A1II0 FA . -1.75 -27.70 -15.03
C ACT GA . -28.47 -22.92 -8.75
O ACT GA . -27.40 -23.27 -8.25
OXT ACT GA . -28.80 -23.22 -9.91
CH3 ACT GA . -29.37 -22.08 -7.90
B01 A1II0 HA . -25.58 -19.16 -6.95
C02 A1II0 HA . -25.94 -17.89 -6.20
C03 A1II0 HA . -27.40 -17.87 -6.22
C04 A1II0 HA . -27.92 -19.12 -6.96
C06 A1II0 HA . -28.03 -16.78 -5.61
C07 A1II0 HA . -27.26 -15.74 -4.99
C08 A1II0 HA . -25.84 -15.79 -4.98
C09 A1II0 HA . -25.21 -16.88 -5.58
F10 A1II0 HA . -27.88 -14.72 -4.39
O05 A1II0 HA . -26.75 -19.84 -7.47
O11 A1II0 HA . -24.36 -19.65 -6.78
C ACT IA . -37.09 4.84 -3.57
O ACT IA . -36.58 3.92 -2.92
OXT ACT IA . -37.74 4.64 -4.61
CH3 ACT IA . -36.92 6.22 -3.02
B01 A1II0 JA . -32.14 5.35 -2.71
C02 A1II0 JA . -31.30 6.57 -2.35
C03 A1II0 JA . -32.23 7.68 -2.45
C04 A1II0 JA . -33.63 7.14 -2.86
C06 A1II0 JA . -31.73 8.96 -2.20
C07 A1II0 JA . -30.36 9.16 -1.85
C08 A1II0 JA . -29.46 8.05 -1.75
C09 A1II0 JA . -29.95 6.77 -1.99
F10 A1II0 JA . -29.90 10.39 -1.60
O05 A1II0 JA . -33.48 5.70 -3.07
O11 A1II0 JA . -31.66 4.15 -2.33
C ACT KA . -21.28 29.72 -6.71
O ACT KA . -21.49 28.90 -5.84
OXT ACT KA . -22.03 29.85 -7.71
CH3 ACT KA . -20.07 30.56 -6.56
B01 A1II0 LA . -17.47 26.52 -5.77
C02 A1II0 LA . -15.96 26.75 -5.72
C03 A1II0 LA . -15.79 28.11 -6.16
C04 A1II0 LA . -17.17 28.73 -6.47
C06 A1II0 LA . -14.48 28.61 -6.24
C07 A1II0 LA . -13.36 27.78 -5.88
C08 A1II0 LA . -13.56 26.43 -5.43
C09 A1II0 LA . -14.86 25.95 -5.36
F10 A1II0 LA . -12.12 28.27 -5.94
O05 A1II0 LA . -18.16 27.67 -6.29
O11 A1II0 LA . -17.95 25.50 -5.07
C ACT MA . 6.74 33.26 -15.60
O ACT MA . 6.15 33.09 -14.54
OXT ACT MA . 6.17 33.70 -16.61
CH3 ACT MA . 8.19 32.94 -15.63
B01 A1II0 NA . 7.14 28.59 -13.70
C02 A1II0 NA . 8.31 27.62 -13.65
C03 A1II0 NA . 9.35 28.28 -14.43
C04 A1II0 NA . 8.81 29.64 -14.95
C06 A1II0 NA . 10.56 27.61 -14.58
C07 A1II0 NA . 10.77 26.32 -13.98
C08 A1II0 NA . 9.74 25.70 -13.20
C09 A1II0 NA . 8.54 26.37 -13.04
F10 A1II0 NA . 11.95 25.70 -14.12
O05 A1II0 NA . 7.42 29.73 -14.53
O11 A1II0 NA . 6.19 28.44 -12.77
C ACT OA . 26.34 12.69 -23.82
O ACT OA . 26.02 13.26 -22.79
OXT ACT OA . 26.11 13.18 -24.95
CH3 ACT OA . 27.04 11.39 -23.69
B01 A1II0 PA . 23.51 9.92 -20.68
C02 A1II0 PA . 23.58 8.45 -20.30
C03 A1II0 PA . 24.58 7.90 -21.19
C04 A1II0 PA . 25.14 9.03 -22.09
C06 A1II0 PA . 24.85 6.53 -21.09
C07 A1II0 PA . 24.16 5.71 -20.15
C08 A1II0 PA . 23.17 6.28 -19.28
C09 A1II0 PA . 22.90 7.64 -19.37
F10 A1II0 PA . 24.44 4.41 -20.05
O05 A1II0 PA . 24.38 10.24 -21.78
O11 A1II0 PA . 22.95 10.75 -19.80
#